data_6SO9
#
_entry.id   6SO9
#
loop_
_entity.id
_entity.type
_entity.pdbx_description
1 polymer AUCUUA
2 polymer 'RNA-binding protein 20'
#
loop_
_entity_poly.entity_id
_entity_poly.type
_entity_poly.pdbx_seq_one_letter_code
_entity_poly.pdbx_strand_id
1 'polyribonucleotide' (ADN)UCUUA B
2 'polypeptide(L)'
;GAMAQRKGAGRVVHICNLPEGSCTENDVINLGLPFGKVTNYILMKSTNQAFLEMAYTEAAQAMVQYYQEKPAIINGEKLL
IRMSTRYKELQLKKPGKNVAAIIQDIHSQRER
;
A
#
loop_
_chem_comp.id
_chem_comp.type
_chem_comp.name
_chem_comp.formula
A RNA linking ADENOSINE-5'-MONOPHOSPHATE 'C10 H14 N5 O7 P'
ADN non-polymer ADENOSINE 'C10 H13 N5 O4'
C RNA linking CYTIDINE-5'-MONOPHOSPHATE 'C9 H14 N3 O8 P'
U RNA linking URIDINE-5'-MONOPHOSPHATE 'C9 H13 N2 O9 P'
#
# COMPACT_ATOMS: atom_id res chain seq x y z
O5' ADN A 1 -8.50 -10.23 0.61
C5' ADN A 1 -7.34 -11.04 0.74
C4' ADN A 1 -7.28 -11.70 2.10
O4' ADN A 1 -8.21 -11.03 2.99
C3' ADN A 1 -7.68 -13.17 2.12
O3' ADN A 1 -6.94 -13.90 3.09
C2' ADN A 1 -9.17 -13.13 2.48
O2' ADN A 1 -9.58 -14.29 3.17
C1' ADN A 1 -9.20 -11.93 3.43
N9 ADN A 1 -10.49 -11.25 3.44
C8 ADN A 1 -10.93 -10.30 2.56
N7 ADN A 1 -12.15 -9.88 2.80
C5 ADN A 1 -12.53 -10.59 3.94
C6 ADN A 1 -13.71 -10.58 4.69
N6 ADN A 1 -14.76 -9.82 4.42
N1 ADN A 1 -13.76 -11.42 5.77
C2 ADN A 1 -12.70 -12.18 6.04
N3 ADN A 1 -11.53 -12.26 5.39
C4 ADN A 1 -11.51 -11.44 4.34
HO5' ADN A 1 -9.22 -10.79 0.33
H5'1 ADN A 1 -6.45 -10.41 0.61
H5'2 ADN A 1 -7.34 -11.80 -0.02
H4' ADN A 1 -6.25 -11.66 2.44
H3' ADN A 1 -7.49 -13.66 1.17
H2' ADN A 1 -9.77 -12.94 1.59
HO2' ADN A 1 -9.86 -14.01 4.05
H1' ADN A 1 -8.96 -12.21 4.45
H8 ADN A 1 -10.33 -9.94 1.73
HN61 ADN A 1 -14.75 -9.20 3.63
HN62 ADN A 1 -15.58 -9.87 5.02
H2 ADN A 1 -12.80 -12.82 6.91
N GLY B 1 -22.96 5.70 4.90
CA GLY B 1 -21.48 5.61 4.98
C GLY B 1 -21.01 4.83 6.17
N ALA B 2 -19.74 4.41 6.15
CA ALA B 2 -19.12 3.68 7.26
C ALA B 2 -19.81 2.33 7.50
N MET B 3 -20.58 1.88 6.51
CA MET B 3 -21.27 0.60 6.60
C MET B 3 -20.31 -0.52 6.28
N ALA B 4 -19.55 -0.35 5.21
CA ALA B 4 -18.56 -1.32 4.81
C ALA B 4 -17.24 -1.04 5.51
N GLN B 5 -17.21 -1.34 6.82
CA GLN B 5 -16.05 -1.12 7.67
C GLN B 5 -15.83 0.37 7.96
N ARG B 6 -15.20 0.66 9.08
CA ARG B 6 -14.95 2.03 9.51
C ARG B 6 -13.67 2.56 8.88
N LYS B 7 -13.65 2.66 7.56
CA LYS B 7 -12.49 3.15 6.85
C LYS B 7 -12.63 4.65 6.59
N GLY B 8 -12.72 5.41 7.66
CA GLY B 8 -12.81 6.86 7.56
C GLY B 8 -11.91 7.53 8.55
N ALA B 9 -12.25 7.40 9.83
CA ALA B 9 -11.39 7.85 10.91
C ALA B 9 -10.41 6.74 11.25
N GLY B 10 -9.53 6.46 10.32
CA GLY B 10 -8.67 5.32 10.43
C GLY B 10 -8.88 4.37 9.28
N ARG B 11 -7.81 4.07 8.55
CA ARG B 11 -7.91 3.11 7.46
C ARG B 11 -6.76 2.13 7.51
N VAL B 12 -7.07 0.85 7.34
CA VAL B 12 -6.05 -0.14 7.11
C VAL B 12 -6.23 -0.75 5.72
N VAL B 13 -5.21 -0.63 4.91
CA VAL B 13 -5.20 -1.25 3.60
C VAL B 13 -4.03 -2.21 3.54
N HIS B 14 -4.30 -3.48 3.31
CA HIS B 14 -3.28 -4.50 3.38
C HIS B 14 -2.86 -4.95 2.00
N ILE B 15 -1.55 -4.97 1.79
CA ILE B 15 -0.99 -5.44 0.54
C ILE B 15 -0.27 -6.75 0.80
N CYS B 16 -0.35 -7.69 -0.11
CA CYS B 16 0.26 -8.97 0.11
C CYS B 16 0.86 -9.53 -1.17
N ASN B 17 1.68 -10.56 -0.99
CA ASN B 17 2.36 -11.28 -2.07
C ASN B 17 3.67 -10.61 -2.40
N LEU B 18 4.23 -9.94 -1.40
CA LEU B 18 5.52 -9.28 -1.53
C LEU B 18 6.61 -10.25 -1.10
N PRO B 19 7.59 -10.54 -1.96
CA PRO B 19 8.65 -11.48 -1.64
C PRO B 19 9.67 -10.89 -0.66
N GLU B 20 10.04 -11.68 0.34
CA GLU B 20 11.08 -11.28 1.27
C GLU B 20 12.41 -11.15 0.53
N GLY B 21 13.08 -10.02 0.71
CA GLY B 21 14.25 -9.74 -0.09
C GLY B 21 13.88 -8.92 -1.30
N SER B 22 12.61 -8.55 -1.37
CA SER B 22 12.08 -7.78 -2.47
C SER B 22 10.93 -6.88 -2.00
N CYS B 23 10.74 -6.84 -0.68
CA CYS B 23 9.72 -5.97 -0.08
C CYS B 23 10.34 -4.62 0.21
N THR B 24 10.33 -3.74 -0.77
CA THR B 24 10.94 -2.45 -0.57
C THR B 24 9.88 -1.42 -0.22
N GLU B 25 10.25 -0.46 0.60
CA GLU B 25 9.32 0.56 1.07
C GLU B 25 8.90 1.47 -0.07
N ASN B 26 9.85 1.71 -0.95
CA ASN B 26 9.66 2.63 -2.04
C ASN B 26 8.60 2.10 -3.02
N ASP B 27 8.71 0.82 -3.39
CA ASP B 27 7.86 0.25 -4.45
C ASP B 27 6.42 0.07 -4.00
N VAL B 28 6.26 -0.39 -2.77
CA VAL B 28 4.94 -0.58 -2.17
C VAL B 28 4.20 0.77 -2.16
N ILE B 29 4.91 1.78 -1.71
CA ILE B 29 4.39 3.14 -1.74
C ILE B 29 4.25 3.65 -3.18
N ASN B 30 5.13 3.20 -4.08
CA ASN B 30 5.04 3.58 -5.49
C ASN B 30 3.70 3.19 -6.07
N LEU B 31 3.10 2.15 -5.51
CA LEU B 31 1.75 1.78 -5.91
C LEU B 31 0.75 2.74 -5.28
N GLY B 32 0.99 3.06 -4.00
CA GLY B 32 0.08 3.95 -3.28
C GLY B 32 0.01 5.38 -3.79
N LEU B 33 1.16 6.03 -3.95
CA LEU B 33 1.21 7.48 -4.19
C LEU B 33 0.46 7.95 -5.44
N PRO B 34 0.61 7.29 -6.61
CA PRO B 34 -0.05 7.73 -7.84
C PRO B 34 -1.58 7.75 -7.75
N PHE B 35 -2.16 6.94 -6.88
CA PHE B 35 -3.61 6.94 -6.70
C PHE B 35 -4.01 7.78 -5.49
N GLY B 36 -3.05 8.09 -4.64
CA GLY B 36 -3.32 8.88 -3.45
C GLY B 36 -2.10 9.04 -2.57
N LYS B 37 -2.04 10.12 -1.81
CA LYS B 37 -0.88 10.38 -0.97
C LYS B 37 -0.77 9.36 0.14
N VAL B 38 0.41 8.78 0.28
CA VAL B 38 0.69 7.77 1.30
C VAL B 38 1.10 8.43 2.61
N THR B 39 0.29 8.24 3.64
CA THR B 39 0.56 8.81 4.94
C THR B 39 1.34 7.83 5.83
N ASN B 40 1.02 6.55 5.69
CA ASN B 40 1.65 5.51 6.51
C ASN B 40 1.84 4.25 5.69
N TYR B 41 2.81 3.44 6.10
CA TYR B 41 3.09 2.18 5.42
C TYR B 41 3.88 1.26 6.36
N ILE B 42 3.71 -0.04 6.18
CA ILE B 42 4.34 -1.02 7.06
C ILE B 42 4.72 -2.22 6.23
N LEU B 43 5.97 -2.61 6.22
CA LEU B 43 6.38 -3.75 5.42
C LEU B 43 6.70 -4.92 6.31
N MET B 44 6.00 -6.04 6.12
CA MET B 44 6.24 -7.19 6.96
C MET B 44 6.93 -8.25 6.12
N LYS B 45 8.23 -8.09 6.00
CA LYS B 45 9.08 -9.04 5.28
C LYS B 45 8.90 -10.46 5.78
N SER B 46 8.52 -10.62 7.04
CA SER B 46 8.44 -11.93 7.65
C SER B 46 7.28 -12.74 7.07
N THR B 47 6.13 -12.11 6.88
CA THR B 47 4.95 -12.79 6.39
C THR B 47 4.73 -12.59 4.88
N ASN B 48 5.69 -11.92 4.24
CA ASN B 48 5.60 -11.61 2.80
C ASN B 48 4.36 -10.75 2.54
N GLN B 49 4.09 -9.83 3.46
CA GLN B 49 2.90 -9.01 3.42
C GLN B 49 3.23 -7.59 3.86
N ALA B 50 2.33 -6.65 3.63
CA ALA B 50 2.59 -5.26 3.98
C ALA B 50 1.29 -4.47 4.14
N PHE B 51 1.41 -3.31 4.74
CA PHE B 51 0.28 -2.40 4.91
C PHE B 51 0.56 -1.07 4.24
N LEU B 52 -0.46 -0.48 3.65
CA LEU B 52 -0.34 0.81 2.98
C LEU B 52 -1.49 1.72 3.39
N GLU B 53 -1.16 2.83 4.02
CA GLU B 53 -2.15 3.80 4.46
C GLU B 53 -2.17 4.99 3.50
N MET B 54 -3.36 5.43 3.16
CA MET B 54 -3.56 6.40 2.10
C MET B 54 -4.29 7.62 2.65
N ALA B 55 -4.26 8.72 1.93
CA ALA B 55 -4.82 9.97 2.46
C ALA B 55 -6.34 9.89 2.60
N TYR B 56 -6.98 9.29 1.61
CA TYR B 56 -8.42 9.15 1.60
C TYR B 56 -8.83 7.73 1.26
N THR B 57 -9.95 7.31 1.84
CA THR B 57 -10.49 5.97 1.63
C THR B 57 -10.78 5.71 0.16
N GLU B 58 -11.06 6.79 -0.58
CA GLU B 58 -11.31 6.71 -2.01
C GLU B 58 -10.10 6.14 -2.76
N ALA B 59 -8.91 6.40 -2.24
CA ALA B 59 -7.69 5.92 -2.87
C ALA B 59 -7.56 4.42 -2.64
N ALA B 60 -7.95 3.97 -1.45
CA ALA B 60 -7.83 2.58 -1.07
C ALA B 60 -8.70 1.71 -1.95
N GLN B 61 -9.93 2.14 -2.17
CA GLN B 61 -10.86 1.39 -2.99
C GLN B 61 -10.41 1.42 -4.45
N ALA B 62 -9.90 2.58 -4.87
CA ALA B 62 -9.47 2.76 -6.26
C ALA B 62 -8.33 1.81 -6.61
N MET B 63 -7.36 1.69 -5.71
CA MET B 63 -6.23 0.80 -5.93
C MET B 63 -6.69 -0.64 -5.98
N VAL B 64 -7.56 -1.02 -5.04
CA VAL B 64 -8.08 -2.38 -5.00
C VAL B 64 -8.80 -2.71 -6.31
N GLN B 65 -9.64 -1.79 -6.76
CA GLN B 65 -10.40 -2.00 -8.01
C GLN B 65 -9.45 -2.14 -9.19
N TYR B 66 -8.38 -1.36 -9.18
CA TYR B 66 -7.41 -1.38 -10.27
C TYR B 66 -6.65 -2.69 -10.29
N TYR B 67 -6.07 -3.06 -9.16
CA TYR B 67 -5.24 -4.25 -9.06
C TYR B 67 -6.04 -5.55 -9.13
N GLN B 68 -7.35 -5.44 -8.99
CA GLN B 68 -8.22 -6.60 -9.22
C GLN B 68 -8.20 -6.98 -10.69
N GLU B 69 -8.26 -5.97 -11.56
CA GLU B 69 -8.24 -6.22 -12.99
C GLU B 69 -6.83 -6.18 -13.54
N LYS B 70 -6.00 -5.28 -13.03
CA LYS B 70 -4.60 -5.21 -13.41
C LYS B 70 -3.72 -5.20 -12.15
N PRO B 71 -3.28 -6.39 -11.70
CA PRO B 71 -2.48 -6.51 -10.49
C PRO B 71 -1.07 -5.94 -10.65
N ALA B 72 -0.42 -5.65 -9.53
CA ALA B 72 0.96 -5.19 -9.57
C ALA B 72 1.88 -6.39 -9.45
N ILE B 73 2.83 -6.51 -10.36
CA ILE B 73 3.68 -7.68 -10.42
C ILE B 73 5.04 -7.40 -9.81
N ILE B 74 5.39 -8.17 -8.79
CA ILE B 74 6.69 -8.10 -8.15
C ILE B 74 7.32 -9.48 -8.12
N ASN B 75 8.45 -9.62 -8.81
CA ASN B 75 9.16 -10.91 -8.89
C ASN B 75 8.25 -11.96 -9.50
N GLY B 76 7.38 -11.53 -10.40
CA GLY B 76 6.48 -12.45 -11.07
C GLY B 76 5.29 -12.83 -10.21
N GLU B 77 5.15 -12.20 -9.05
CA GLU B 77 4.03 -12.47 -8.17
C GLU B 77 3.07 -11.30 -8.17
N LYS B 78 1.80 -11.59 -8.43
CA LYS B 78 0.75 -10.57 -8.45
C LYS B 78 0.45 -10.09 -7.04
N LEU B 79 0.56 -8.80 -6.81
CA LEU B 79 0.25 -8.22 -5.51
C LEU B 79 -1.26 -8.08 -5.32
N LEU B 80 -1.73 -8.40 -4.13
CA LEU B 80 -3.13 -8.27 -3.81
C LEU B 80 -3.33 -7.17 -2.76
N ILE B 81 -3.96 -6.08 -3.15
CA ILE B 81 -4.29 -5.01 -2.22
C ILE B 81 -5.75 -5.12 -1.80
N ARG B 82 -5.99 -5.10 -0.49
CA ARG B 82 -7.34 -5.27 0.06
C ARG B 82 -7.51 -4.46 1.33
N MET B 83 -8.75 -4.19 1.69
CA MET B 83 -9.03 -3.50 2.95
C MET B 83 -9.03 -4.51 4.08
N SER B 84 -8.28 -4.23 5.14
CA SER B 84 -8.15 -5.17 6.24
C SER B 84 -9.44 -5.30 7.02
N THR B 85 -9.80 -6.53 7.33
CA THR B 85 -11.02 -6.83 8.05
C THR B 85 -10.79 -6.84 9.56
N ARG B 86 -9.53 -6.84 9.98
CA ARG B 86 -9.20 -7.02 11.38
C ARG B 86 -8.82 -5.70 12.07
N TYR B 87 -8.22 -4.79 11.33
CA TYR B 87 -7.72 -3.56 11.92
C TYR B 87 -8.31 -2.31 11.28
N LYS B 88 -8.42 -1.24 12.07
CA LYS B 88 -9.02 -0.01 11.61
C LYS B 88 -7.99 1.08 11.40
N GLU B 89 -6.84 0.98 12.07
CA GLU B 89 -5.83 2.02 11.96
C GLU B 89 -4.42 1.43 11.93
N LEU B 90 -3.52 2.13 11.26
CA LEU B 90 -2.12 1.75 11.21
C LEU B 90 -1.26 2.71 12.02
N GLN B 91 -0.50 2.15 12.94
CA GLN B 91 0.41 2.93 13.75
C GLN B 91 1.86 2.56 13.44
N LEU B 92 2.68 3.54 13.08
CA LEU B 92 4.07 3.28 12.72
C LEU B 92 4.91 2.98 13.94
N LYS B 93 5.14 1.70 14.21
CA LYS B 93 6.04 1.27 15.26
C LYS B 93 7.48 1.37 14.75
N LYS B 94 7.61 1.31 13.44
CA LYS B 94 8.89 1.46 12.78
C LYS B 94 8.86 2.70 11.90
N PRO B 95 9.87 3.57 12.00
CA PRO B 95 9.94 4.81 11.22
C PRO B 95 10.24 4.56 9.75
N GLY B 96 10.09 5.60 8.95
CA GLY B 96 10.32 5.50 7.53
C GLY B 96 10.88 6.78 6.96
N LYS B 97 11.26 6.74 5.70
CA LYS B 97 11.80 7.90 5.02
C LYS B 97 10.65 8.80 4.54
N ASN B 98 11.00 9.99 4.07
CA ASN B 98 10.02 10.91 3.51
C ASN B 98 9.29 10.29 2.33
N VAL B 99 7.98 10.23 2.43
CA VAL B 99 7.15 9.59 1.41
C VAL B 99 6.98 10.50 0.18
N ALA B 100 7.08 11.81 0.38
CA ALA B 100 7.01 12.76 -0.73
C ALA B 100 8.16 12.53 -1.71
N ALA B 101 9.31 12.17 -1.16
CA ALA B 101 10.48 11.86 -1.98
C ALA B 101 10.21 10.63 -2.83
N ILE B 102 9.33 9.78 -2.35
CA ILE B 102 8.95 8.57 -3.07
C ILE B 102 8.12 8.94 -4.29
N ILE B 103 7.37 10.04 -4.19
CA ILE B 103 6.65 10.59 -5.34
C ILE B 103 7.65 10.98 -6.42
N GLN B 104 8.74 11.61 -6.01
CA GLN B 104 9.81 11.96 -6.94
C GLN B 104 10.43 10.70 -7.54
N ASP B 105 10.47 9.64 -6.75
CA ASP B 105 10.98 8.35 -7.21
C ASP B 105 10.09 7.77 -8.29
N ILE B 106 8.77 7.88 -8.10
CA ILE B 106 7.81 7.39 -9.09
C ILE B 106 7.95 8.15 -10.40
N HIS B 107 8.03 9.47 -10.30
CA HIS B 107 8.21 10.32 -11.47
C HIS B 107 9.54 10.02 -12.16
N SER B 108 10.55 9.67 -11.37
CA SER B 108 11.85 9.32 -11.90
C SER B 108 11.80 8.00 -12.67
N GLN B 109 10.82 7.16 -12.30
CA GLN B 109 10.56 5.88 -12.97
C GLN B 109 11.70 4.89 -12.75
N ARG B 110 12.80 5.11 -13.45
CA ARG B 110 13.99 4.29 -13.30
C ARG B 110 15.20 5.18 -13.05
N GLU B 111 15.11 5.96 -11.97
CA GLU B 111 16.17 6.89 -11.58
C GLU B 111 16.47 7.89 -12.71
N ARG B 112 15.47 8.69 -13.05
CA ARG B 112 15.65 9.74 -14.05
C ARG B 112 16.41 10.91 -13.43
O5' ADN A 1 -8.33 -10.80 1.74
C5' ADN A 1 -8.53 -12.18 1.42
C4' ADN A 1 -8.45 -13.05 2.67
O4' ADN A 1 -9.15 -12.37 3.74
C3' ADN A 1 -9.11 -14.42 2.55
O3' ADN A 1 -8.40 -15.40 3.29
C2' ADN A 1 -10.50 -14.19 3.12
O2' ADN A 1 -11.06 -15.36 3.68
C1' ADN A 1 -10.19 -13.19 4.22
N9 ADN A 1 -11.32 -12.35 4.60
C8 ADN A 1 -11.81 -11.26 3.93
N7 ADN A 1 -12.85 -10.71 4.50
C5 ADN A 1 -13.07 -11.50 5.62
C6 ADN A 1 -14.03 -11.44 6.65
N6 ADN A 1 -14.99 -10.51 6.72
N1 ADN A 1 -13.96 -12.37 7.63
C2 ADN A 1 -12.99 -13.30 7.56
N3 ADN A 1 -12.04 -13.45 6.65
C4 ADN A 1 -12.13 -12.50 5.70
HO5' ADN A 1 -8.82 -10.62 2.53
H5'1 ADN A 1 -7.76 -12.51 0.71
H5'2 ADN A 1 -9.50 -12.31 0.96
H4' ADN A 1 -7.39 -13.22 2.87
H3' ADN A 1 -9.13 -14.78 1.52
H2' ADN A 1 -11.15 -13.75 2.36
HO2' ADN A 1 -11.27 -15.16 4.59
H1' ADN A 1 -9.82 -13.67 5.12
H8 ADN A 1 -11.36 -10.89 3.02
HN61 ADN A 1 -15.06 -9.81 6.00
HN62 ADN A 1 -15.65 -10.53 7.47
H2 ADN A 1 -12.99 -14.02 8.37
N GLY B 1 -16.28 -10.85 2.47
CA GLY B 1 -15.50 -9.76 3.11
C GLY B 1 -15.93 -8.40 2.61
N ALA B 2 -16.60 -7.64 3.47
CA ALA B 2 -17.10 -6.33 3.09
C ALA B 2 -16.05 -5.25 3.31
N MET B 3 -15.73 -4.53 2.23
CA MET B 3 -14.73 -3.47 2.29
C MET B 3 -15.38 -2.13 2.54
N ALA B 4 -16.71 -2.10 2.51
CA ALA B 4 -17.46 -0.88 2.78
C ALA B 4 -17.44 -0.56 4.27
N GLN B 5 -16.29 -0.13 4.74
CA GLN B 5 -16.10 0.19 6.15
C GLN B 5 -15.99 1.70 6.33
N ARG B 6 -15.75 2.14 7.55
CA ARG B 6 -15.55 3.56 7.84
C ARG B 6 -14.37 4.10 7.03
N LYS B 7 -13.16 3.67 7.40
CA LYS B 7 -11.93 4.10 6.74
C LYS B 7 -11.83 5.62 6.71
N GLY B 8 -12.02 6.23 7.87
CA GLY B 8 -11.88 7.68 7.99
C GLY B 8 -10.91 8.05 9.08
N ALA B 9 -11.36 8.01 10.33
CA ALA B 9 -10.51 8.26 11.48
C ALA B 9 -9.73 7.00 11.83
N GLY B 10 -8.92 6.55 10.88
CA GLY B 10 -8.25 5.28 11.00
C GLY B 10 -8.49 4.46 9.75
N ARG B 11 -7.46 4.30 8.94
CA ARG B 11 -7.60 3.51 7.73
C ARG B 11 -6.49 2.48 7.63
N VAL B 12 -6.84 1.25 7.37
CA VAL B 12 -5.88 0.22 7.04
C VAL B 12 -6.12 -0.32 5.64
N VAL B 13 -5.10 -0.27 4.81
CA VAL B 13 -5.13 -0.91 3.51
C VAL B 13 -3.99 -1.91 3.46
N HIS B 14 -4.29 -3.19 3.25
CA HIS B 14 -3.26 -4.22 3.34
C HIS B 14 -2.84 -4.71 1.96
N ILE B 15 -1.54 -4.80 1.76
CA ILE B 15 -0.99 -5.30 0.52
C ILE B 15 -0.34 -6.65 0.78
N CYS B 16 -0.50 -7.57 -0.14
CA CYS B 16 -0.01 -8.91 0.07
C CYS B 16 0.72 -9.44 -1.15
N ASN B 17 1.52 -10.47 -0.93
CA ASN B 17 2.19 -11.24 -1.98
C ASN B 17 3.50 -10.58 -2.39
N LEU B 18 4.11 -9.87 -1.45
CA LEU B 18 5.37 -9.22 -1.72
C LEU B 18 6.49 -10.23 -1.55
N PRO B 19 7.35 -10.41 -2.57
CA PRO B 19 8.42 -11.40 -2.50
C PRO B 19 9.48 -10.99 -1.48
N GLU B 20 9.91 -11.94 -0.67
CA GLU B 20 10.96 -11.72 0.30
C GLU B 20 12.27 -11.42 -0.43
N GLY B 21 13.00 -10.42 0.04
CA GLY B 21 14.18 -9.99 -0.69
C GLY B 21 13.79 -9.00 -1.77
N SER B 22 12.52 -8.64 -1.80
CA SER B 22 11.98 -7.76 -2.83
C SER B 22 10.95 -6.82 -2.20
N CYS B 23 10.80 -6.91 -0.88
CA CYS B 23 9.85 -6.10 -0.16
C CYS B 23 10.50 -4.79 0.26
N THR B 24 10.45 -3.81 -0.62
CA THR B 24 11.05 -2.52 -0.29
C THR B 24 9.94 -1.52 -0.04
N GLU B 25 10.24 -0.52 0.77
CA GLU B 25 9.27 0.52 1.07
C GLU B 25 8.95 1.29 -0.20
N ASN B 26 9.95 1.42 -1.06
CA ASN B 26 9.80 2.14 -2.30
C ASN B 26 8.77 1.49 -3.21
N ASP B 27 8.84 0.17 -3.41
CA ASP B 27 7.98 -0.50 -4.39
C ASP B 27 6.52 -0.45 -3.95
N VAL B 28 6.32 -0.76 -2.69
CA VAL B 28 4.99 -0.85 -2.11
C VAL B 28 4.28 0.52 -2.17
N ILE B 29 4.99 1.54 -1.74
CA ILE B 29 4.47 2.90 -1.79
C ILE B 29 4.37 3.40 -3.24
N ASN B 30 5.31 2.97 -4.10
CA ASN B 30 5.25 3.35 -5.52
C ASN B 30 3.95 2.88 -6.14
N LEU B 31 3.36 1.83 -5.58
CA LEU B 31 2.04 1.40 -6.02
C LEU B 31 0.98 2.36 -5.47
N GLY B 32 1.15 2.75 -4.21
CA GLY B 32 0.19 3.66 -3.58
C GLY B 32 0.12 5.07 -4.16
N LEU B 33 1.26 5.71 -4.28
CA LEU B 33 1.32 7.15 -4.57
C LEU B 33 0.65 7.57 -5.90
N PRO B 34 0.85 6.85 -7.01
CA PRO B 34 0.23 7.23 -8.30
C PRO B 34 -1.30 7.26 -8.26
N PHE B 35 -1.91 6.54 -7.32
CA PHE B 35 -3.37 6.54 -7.21
C PHE B 35 -3.85 7.40 -6.04
N GLY B 36 -2.96 7.74 -5.13
CA GLY B 36 -3.35 8.48 -3.95
C GLY B 36 -2.17 8.92 -3.12
N LYS B 37 -2.43 9.59 -2.02
CA LYS B 37 -1.36 10.11 -1.18
C LYS B 37 -1.09 9.14 -0.03
N VAL B 38 0.15 8.68 0.05
CA VAL B 38 0.56 7.76 1.10
C VAL B 38 1.04 8.51 2.33
N THR B 39 0.33 8.37 3.43
CA THR B 39 0.71 9.02 4.68
C THR B 39 1.52 8.09 5.59
N ASN B 40 1.14 6.82 5.59
CA ASN B 40 1.78 5.82 6.44
C ASN B 40 1.91 4.52 5.69
N TYR B 41 2.82 3.67 6.14
CA TYR B 41 3.07 2.39 5.52
C TYR B 41 3.83 1.49 6.47
N ILE B 42 3.64 0.20 6.33
CA ILE B 42 4.30 -0.79 7.18
C ILE B 42 4.63 -1.99 6.33
N LEU B 43 5.86 -2.43 6.31
CA LEU B 43 6.17 -3.57 5.49
C LEU B 43 6.40 -4.79 6.35
N MET B 44 5.74 -5.89 6.03
CA MET B 44 5.88 -7.09 6.83
C MET B 44 6.75 -8.07 6.08
N LYS B 45 8.06 -7.83 6.17
CA LYS B 45 9.06 -8.71 5.56
C LYS B 45 8.90 -10.16 6.00
N SER B 46 8.39 -10.38 7.20
CA SER B 46 8.30 -11.73 7.74
C SER B 46 7.26 -12.58 7.01
N THR B 47 6.10 -12.01 6.73
CA THR B 47 5.00 -12.76 6.14
C THR B 47 4.84 -12.49 4.65
N ASN B 48 5.78 -11.76 4.07
CA ASN B 48 5.73 -11.38 2.66
C ASN B 48 4.46 -10.56 2.37
N GLN B 49 4.13 -9.70 3.32
CA GLN B 49 2.92 -8.88 3.28
C GLN B 49 3.24 -7.47 3.72
N ALA B 50 2.31 -6.53 3.55
CA ALA B 50 2.55 -5.16 3.97
C ALA B 50 1.26 -4.37 4.17
N PHE B 51 1.41 -3.21 4.82
CA PHE B 51 0.31 -2.28 5.01
C PHE B 51 0.60 -0.95 4.33
N LEU B 52 -0.42 -0.35 3.77
CA LEU B 52 -0.30 0.92 3.08
C LEU B 52 -1.42 1.85 3.51
N GLU B 53 -1.07 2.98 4.11
CA GLU B 53 -2.06 3.95 4.53
C GLU B 53 -2.16 5.08 3.51
N MET B 54 -3.37 5.27 3.01
CA MET B 54 -3.62 6.28 2.00
C MET B 54 -4.41 7.42 2.64
N ALA B 55 -4.44 8.58 2.00
CA ALA B 55 -5.04 9.76 2.61
C ALA B 55 -6.52 9.55 2.93
N TYR B 56 -7.24 8.97 1.97
CA TYR B 56 -8.68 8.80 2.12
C TYR B 56 -9.12 7.43 1.61
N THR B 57 -10.33 7.03 2.02
CA THR B 57 -10.89 5.74 1.64
C THR B 57 -11.04 5.66 0.11
N GLU B 58 -11.22 6.82 -0.52
CA GLU B 58 -11.39 6.91 -1.96
C GLU B 58 -10.15 6.40 -2.69
N ALA B 59 -8.99 6.60 -2.09
CA ALA B 59 -7.73 6.16 -2.67
C ALA B 59 -7.63 4.65 -2.54
N ALA B 60 -8.02 4.15 -1.37
CA ALA B 60 -7.90 2.74 -1.07
C ALA B 60 -8.80 1.90 -1.96
N GLN B 61 -10.03 2.34 -2.13
CA GLN B 61 -10.98 1.60 -2.95
C GLN B 61 -10.56 1.62 -4.41
N ALA B 62 -10.03 2.76 -4.85
CA ALA B 62 -9.59 2.92 -6.22
C ALA B 62 -8.47 1.93 -6.55
N MET B 63 -7.51 1.82 -5.64
CA MET B 63 -6.37 0.94 -5.85
C MET B 63 -6.81 -0.52 -5.81
N VAL B 64 -7.70 -0.85 -4.88
CA VAL B 64 -8.22 -2.21 -4.80
C VAL B 64 -8.92 -2.58 -6.10
N GLN B 65 -9.75 -1.68 -6.59
CA GLN B 65 -10.47 -1.90 -7.86
C GLN B 65 -9.49 -2.07 -9.01
N TYR B 66 -8.41 -1.30 -8.99
CA TYR B 66 -7.41 -1.37 -10.04
C TYR B 66 -6.62 -2.68 -9.96
N TYR B 67 -6.06 -2.96 -8.79
CA TYR B 67 -5.15 -4.10 -8.61
C TYR B 67 -5.87 -5.44 -8.58
N GLN B 68 -7.18 -5.43 -8.41
CA GLN B 68 -7.95 -6.66 -8.52
C GLN B 68 -8.06 -7.09 -9.98
N GLU B 69 -8.28 -6.10 -10.85
CA GLU B 69 -8.40 -6.38 -12.27
C GLU B 69 -7.01 -6.37 -12.94
N LYS B 70 -6.14 -5.47 -12.49
CA LYS B 70 -4.77 -5.41 -12.97
C LYS B 70 -3.81 -5.41 -11.77
N PRO B 71 -3.43 -6.59 -11.28
CA PRO B 71 -2.52 -6.71 -10.13
C PRO B 71 -1.13 -6.16 -10.43
N ALA B 72 -0.39 -5.85 -9.38
CA ALA B 72 0.94 -5.30 -9.54
C ALA B 72 1.96 -6.41 -9.56
N ILE B 73 2.90 -6.35 -10.49
CA ILE B 73 3.87 -7.41 -10.66
C ILE B 73 5.22 -7.02 -10.07
N ILE B 74 5.67 -7.77 -9.08
CA ILE B 74 7.00 -7.60 -8.53
C ILE B 74 7.74 -8.93 -8.56
N ASN B 75 8.77 -9.00 -9.40
CA ASN B 75 9.58 -10.21 -9.56
C ASN B 75 8.70 -11.44 -9.79
N GLY B 76 7.70 -11.24 -10.64
CA GLY B 76 6.83 -12.32 -11.03
C GLY B 76 5.70 -12.59 -10.06
N GLU B 77 5.60 -11.83 -8.99
CA GLU B 77 4.50 -12.02 -8.04
C GLU B 77 3.40 -10.97 -8.26
N LYS B 78 2.18 -11.46 -8.46
CA LYS B 78 1.01 -10.59 -8.50
C LYS B 78 0.65 -10.12 -7.10
N LEU B 79 0.76 -8.82 -6.87
CA LEU B 79 0.47 -8.25 -5.56
C LEU B 79 -1.02 -7.99 -5.37
N LEU B 80 -1.50 -8.26 -4.17
CA LEU B 80 -2.91 -8.08 -3.86
C LEU B 80 -3.12 -6.94 -2.87
N ILE B 81 -3.72 -5.86 -3.32
CA ILE B 81 -4.05 -4.74 -2.43
C ILE B 81 -5.55 -4.77 -2.09
N ARG B 82 -5.86 -4.88 -0.80
CA ARG B 82 -7.25 -4.98 -0.34
C ARG B 82 -7.42 -4.29 1.01
N MET B 83 -8.66 -4.05 1.39
CA MET B 83 -8.95 -3.40 2.66
C MET B 83 -8.92 -4.41 3.80
N SER B 84 -8.58 -3.93 4.98
CA SER B 84 -8.43 -4.78 6.15
C SER B 84 -9.77 -5.04 6.83
N THR B 85 -10.06 -6.31 7.09
CA THR B 85 -11.26 -6.68 7.82
C THR B 85 -10.99 -6.79 9.33
N ARG B 86 -9.72 -6.88 9.71
CA ARG B 86 -9.39 -7.17 11.12
C ARG B 86 -8.92 -5.93 11.88
N TYR B 87 -8.30 -4.98 11.20
CA TYR B 87 -7.76 -3.79 11.85
C TYR B 87 -8.28 -2.50 11.24
N LYS B 88 -8.47 -1.49 12.09
CA LYS B 88 -8.97 -0.19 11.65
C LYS B 88 -7.90 0.89 11.68
N GLU B 89 -6.75 0.62 12.29
CA GLU B 89 -5.75 1.66 12.46
C GLU B 89 -4.35 1.11 12.29
N LEU B 90 -3.45 1.98 11.81
CA LEU B 90 -2.05 1.63 11.66
C LEU B 90 -1.19 2.47 12.59
N GLN B 91 -0.45 1.79 13.45
CA GLN B 91 0.44 2.45 14.38
C GLN B 91 1.89 2.15 14.01
N LEU B 92 2.68 3.19 13.79
CA LEU B 92 4.06 3.03 13.37
C LEU B 92 4.96 2.63 14.53
N LYS B 93 5.13 1.33 14.72
CA LYS B 93 6.09 0.82 15.71
C LYS B 93 7.50 1.19 15.27
N LYS B 94 7.70 1.23 13.96
CA LYS B 94 9.00 1.59 13.39
C LYS B 94 8.87 2.91 12.66
N PRO B 95 9.91 3.77 12.74
CA PRO B 95 9.93 5.05 12.05
C PRO B 95 9.95 4.88 10.54
N GLY B 96 9.51 5.91 9.83
CA GLY B 96 9.43 5.84 8.39
C GLY B 96 10.23 6.92 7.73
N LYS B 97 10.18 6.93 6.43
CA LYS B 97 10.88 7.90 5.61
C LYS B 97 9.88 8.89 5.02
N ASN B 98 10.36 10.03 4.54
CA ASN B 98 9.54 10.95 3.78
C ASN B 98 8.96 10.26 2.55
N VAL B 99 7.65 10.23 2.47
CA VAL B 99 6.95 9.53 1.40
C VAL B 99 6.81 10.42 0.16
N ALA B 100 6.80 11.73 0.38
CA ALA B 100 6.76 12.68 -0.74
C ALA B 100 7.98 12.49 -1.65
N ALA B 101 9.10 12.12 -1.03
CA ALA B 101 10.32 11.83 -1.78
C ALA B 101 10.11 10.60 -2.66
N ILE B 102 9.25 9.70 -2.18
CA ILE B 102 8.95 8.48 -2.92
C ILE B 102 8.11 8.82 -4.17
N ILE B 103 7.33 9.89 -4.07
CA ILE B 103 6.63 10.43 -5.23
C ILE B 103 7.63 10.86 -6.29
N GLN B 104 8.72 11.46 -5.83
CA GLN B 104 9.80 11.88 -6.70
C GLN B 104 10.46 10.66 -7.36
N ASP B 105 10.44 9.54 -6.64
CA ASP B 105 10.98 8.28 -7.17
C ASP B 105 10.16 7.82 -8.37
N ILE B 106 8.84 7.89 -8.23
CA ILE B 106 7.92 7.51 -9.30
C ILE B 106 8.08 8.45 -10.49
N HIS B 107 8.19 9.75 -10.18
CA HIS B 107 8.35 10.77 -11.21
C HIS B 107 9.66 10.61 -11.97
N SER B 108 10.71 10.23 -11.25
CA SER B 108 12.01 9.95 -11.86
C SER B 108 11.95 8.67 -12.68
N GLN B 109 11.00 7.81 -12.32
CA GLN B 109 10.78 6.51 -12.97
C GLN B 109 11.86 5.52 -12.55
N ARG B 110 11.58 4.25 -12.78
CA ARG B 110 12.52 3.19 -12.44
C ARG B 110 12.65 2.24 -13.62
N GLU B 111 13.57 2.57 -14.51
CA GLU B 111 13.79 1.77 -15.72
C GLU B 111 15.23 1.33 -15.81
N ARG B 112 15.46 0.17 -16.41
CA ARG B 112 16.81 -0.34 -16.59
C ARG B 112 16.99 -0.76 -18.05
O5' ADN A 1 -9.60 -15.49 -0.20
C5' ADN A 1 -8.19 -15.30 -0.01
C4' ADN A 1 -7.86 -14.97 1.43
O4' ADN A 1 -9.07 -14.45 2.06
C3' ADN A 1 -7.41 -16.15 2.28
O3' ADN A 1 -6.36 -15.76 3.16
C2' ADN A 1 -8.65 -16.55 3.06
O2' ADN A 1 -8.35 -17.09 4.32
C1' ADN A 1 -9.33 -15.20 3.24
N9 ADN A 1 -10.78 -15.27 3.42
C8 ADN A 1 -11.74 -15.31 2.44
N7 ADN A 1 -12.96 -15.34 2.90
C5 ADN A 1 -12.80 -15.31 4.28
C6 ADN A 1 -13.73 -15.32 5.33
N6 ADN A 1 -15.04 -15.36 5.16
N1 ADN A 1 -13.24 -15.28 6.60
C2 ADN A 1 -11.91 -15.25 6.77
N3 ADN A 1 -10.94 -15.24 5.85
C4 ADN A 1 -11.46 -15.27 4.61
HO5' ADN A 1 -9.82 -16.36 0.14
H5'1 ADN A 1 -7.84 -14.49 -0.66
H5'2 ADN A 1 -7.67 -16.21 -0.29
H4' ADN A 1 -7.04 -14.25 1.41
H3' ADN A 1 -7.01 -16.96 1.67
H2' ADN A 1 -9.28 -17.22 2.45
HO2' ADN A 1 -9.14 -17.52 4.65
H1' ADN A 1 -8.91 -14.63 4.07
H8 ADN A 1 -11.49 -15.33 1.40
HN61 ADN A 1 -15.43 -15.37 4.23
HN62 ADN A 1 -15.66 -15.35 5.96
H2 ADN A 1 -11.57 -15.22 7.80
N GLY B 1 -15.94 -4.28 -1.05
CA GLY B 1 -14.79 -4.02 -0.14
C GLY B 1 -14.98 -4.64 1.22
N ALA B 2 -14.16 -4.25 2.18
CA ALA B 2 -14.25 -4.77 3.53
C ALA B 2 -15.34 -4.05 4.31
N MET B 3 -16.41 -4.77 4.63
CA MET B 3 -17.53 -4.18 5.36
C MET B 3 -17.28 -4.25 6.87
N ALA B 4 -18.09 -3.52 7.61
CA ALA B 4 -17.99 -3.45 9.09
C ALA B 4 -16.69 -2.80 9.53
N GLN B 5 -16.04 -2.10 8.61
CA GLN B 5 -14.79 -1.42 8.90
C GLN B 5 -15.01 0.09 8.95
N ARG B 6 -14.01 0.80 9.47
CA ARG B 6 -14.10 2.24 9.60
C ARG B 6 -13.15 2.91 8.63
N LYS B 7 -13.54 4.08 8.15
CA LYS B 7 -12.73 4.81 7.18
C LYS B 7 -12.51 6.26 7.65
N GLY B 8 -13.34 6.70 8.58
CA GLY B 8 -13.27 8.07 9.06
C GLY B 8 -12.01 8.33 9.86
N ALA B 9 -11.97 7.82 11.08
CA ALA B 9 -10.82 8.02 11.95
C ALA B 9 -9.88 6.82 11.89
N GLY B 10 -9.48 6.46 10.68
CA GLY B 10 -8.59 5.33 10.50
C GLY B 10 -8.93 4.52 9.27
N ARG B 11 -7.91 4.13 8.52
CA ARG B 11 -8.12 3.22 7.40
C ARG B 11 -6.96 2.24 7.32
N VAL B 12 -7.28 0.98 7.14
CA VAL B 12 -6.25 -0.03 6.94
C VAL B 12 -6.37 -0.67 5.57
N VAL B 13 -5.31 -0.56 4.79
CA VAL B 13 -5.25 -1.21 3.49
C VAL B 13 -4.05 -2.15 3.49
N HIS B 14 -4.28 -3.43 3.26
CA HIS B 14 -3.21 -4.42 3.33
C HIS B 14 -2.80 -4.86 1.94
N ILE B 15 -1.51 -4.93 1.72
CA ILE B 15 -0.95 -5.38 0.46
C ILE B 15 -0.28 -6.73 0.68
N CYS B 16 -0.46 -7.65 -0.25
CA CYS B 16 -0.01 -9.00 -0.04
C CYS B 16 0.77 -9.53 -1.23
N ASN B 17 1.59 -10.54 -0.98
CA ASN B 17 2.32 -11.28 -2.02
C ASN B 17 3.59 -10.55 -2.41
N LEU B 18 4.15 -9.83 -1.45
CA LEU B 18 5.40 -9.14 -1.67
C LEU B 18 6.53 -10.10 -1.40
N PRO B 19 7.44 -10.31 -2.36
CA PRO B 19 8.54 -11.25 -2.17
C PRO B 19 9.56 -10.71 -1.18
N GLU B 20 9.95 -11.54 -0.22
CA GLU B 20 10.96 -11.15 0.75
C GLU B 20 12.30 -10.98 0.05
N GLY B 21 13.03 -9.95 0.42
CA GLY B 21 14.25 -9.62 -0.29
C GLY B 21 13.96 -8.72 -1.45
N SER B 22 12.68 -8.33 -1.57
CA SER B 22 12.23 -7.49 -2.65
C SER B 22 11.08 -6.60 -2.16
N CYS B 23 10.85 -6.63 -0.86
CA CYS B 23 9.81 -5.83 -0.24
C CYS B 23 10.40 -4.48 0.15
N THR B 24 10.43 -3.54 -0.77
CA THR B 24 11.01 -2.26 -0.47
C THR B 24 9.90 -1.30 -0.09
N GLU B 25 10.22 -0.32 0.74
CA GLU B 25 9.26 0.70 1.10
C GLU B 25 8.88 1.50 -0.13
N ASN B 26 9.86 1.66 -1.01
CA ASN B 26 9.70 2.46 -2.19
C ASN B 26 8.67 1.84 -3.15
N ASP B 27 8.77 0.54 -3.42
CA ASP B 27 7.92 -0.10 -4.45
C ASP B 27 6.47 -0.17 -4.00
N VAL B 28 6.29 -0.58 -2.76
CA VAL B 28 4.95 -0.75 -2.18
C VAL B 28 4.21 0.59 -2.20
N ILE B 29 4.88 1.62 -1.74
CA ILE B 29 4.34 2.96 -1.77
C ILE B 29 4.24 3.49 -3.20
N ASN B 30 5.15 3.09 -4.08
CA ASN B 30 5.07 3.47 -5.50
C ASN B 30 3.76 3.00 -6.07
N LEU B 31 3.18 1.95 -5.49
CA LEU B 31 1.86 1.51 -5.89
C LEU B 31 0.81 2.46 -5.33
N GLY B 32 1.00 2.85 -4.08
CA GLY B 32 0.04 3.74 -3.41
C GLY B 32 -0.01 5.17 -3.95
N LEU B 33 1.14 5.82 -4.01
CA LEU B 33 1.19 7.26 -4.27
C LEU B 33 0.49 7.72 -5.55
N PRO B 34 0.68 7.04 -6.71
CA PRO B 34 0.07 7.47 -7.97
C PRO B 34 -1.45 7.46 -7.94
N PHE B 35 -2.05 6.69 -7.04
CA PHE B 35 -3.50 6.70 -6.90
C PHE B 35 -3.96 7.57 -5.73
N GLY B 36 -3.03 7.91 -4.85
CA GLY B 36 -3.38 8.73 -3.69
C GLY B 36 -2.21 8.91 -2.74
N LYS B 37 -2.27 9.96 -1.94
CA LYS B 37 -1.21 10.27 -1.00
C LYS B 37 -1.07 9.21 0.08
N VAL B 38 0.15 8.75 0.28
CA VAL B 38 0.48 7.79 1.32
C VAL B 38 0.96 8.52 2.57
N THR B 39 0.21 8.39 3.65
CA THR B 39 0.59 9.04 4.90
C THR B 39 1.39 8.09 5.80
N ASN B 40 1.02 6.81 5.77
CA ASN B 40 1.72 5.78 6.55
C ASN B 40 1.77 4.48 5.76
N TYR B 41 2.67 3.61 6.19
CA TYR B 41 2.85 2.32 5.55
C TYR B 41 3.60 1.38 6.48
N ILE B 42 3.41 0.09 6.31
CA ILE B 42 4.05 -0.89 7.17
C ILE B 42 4.46 -2.07 6.29
N LEU B 43 5.72 -2.43 6.28
CA LEU B 43 6.13 -3.53 5.45
C LEU B 43 6.44 -4.75 6.30
N MET B 44 5.80 -5.87 6.01
CA MET B 44 6.00 -7.06 6.82
C MET B 44 6.83 -8.04 6.00
N LYS B 45 8.13 -7.81 6.00
CA LYS B 45 9.08 -8.69 5.33
C LYS B 45 8.95 -10.15 5.79
N SER B 46 8.51 -10.34 7.02
CA SER B 46 8.46 -11.68 7.60
C SER B 46 7.39 -12.55 6.94
N THR B 47 6.21 -11.98 6.70
CA THR B 47 5.09 -12.75 6.17
C THR B 47 4.86 -12.52 4.68
N ASN B 48 5.79 -11.81 4.03
CA ASN B 48 5.64 -11.45 2.61
C ASN B 48 4.37 -10.63 2.40
N GLN B 49 4.11 -9.74 3.35
CA GLN B 49 2.89 -8.94 3.36
C GLN B 49 3.21 -7.51 3.76
N ALA B 50 2.27 -6.59 3.57
CA ALA B 50 2.49 -5.22 3.96
C ALA B 50 1.17 -4.46 4.14
N PHE B 51 1.27 -3.29 4.76
CA PHE B 51 0.15 -2.39 4.92
C PHE B 51 0.44 -1.05 4.28
N LEU B 52 -0.59 -0.42 3.76
CA LEU B 52 -0.46 0.87 3.11
C LEU B 52 -1.57 1.80 3.58
N GLU B 53 -1.20 2.91 4.20
CA GLU B 53 -2.19 3.88 4.67
C GLU B 53 -2.32 5.02 3.69
N MET B 54 -3.52 5.20 3.21
CA MET B 54 -3.82 6.21 2.21
C MET B 54 -4.61 7.34 2.86
N ALA B 55 -4.38 8.55 2.36
CA ALA B 55 -4.90 9.76 2.98
C ALA B 55 -6.42 9.80 2.97
N TYR B 56 -7.03 9.09 2.05
CA TYR B 56 -8.49 9.07 1.93
C TYR B 56 -8.98 7.70 1.49
N THR B 57 -10.24 7.42 1.80
CA THR B 57 -10.86 6.14 1.47
C THR B 57 -11.03 6.01 -0.04
N GLU B 58 -11.14 7.16 -0.72
CA GLU B 58 -11.27 7.20 -2.16
C GLU B 58 -10.08 6.53 -2.83
N ALA B 59 -8.92 6.66 -2.21
CA ALA B 59 -7.69 6.11 -2.76
C ALA B 59 -7.67 4.60 -2.60
N ALA B 60 -8.09 4.13 -1.43
CA ALA B 60 -8.02 2.71 -1.09
C ALA B 60 -8.86 1.87 -2.04
N GLN B 61 -10.09 2.32 -2.31
CA GLN B 61 -10.98 1.54 -3.16
C GLN B 61 -10.47 1.54 -4.59
N ALA B 62 -9.90 2.65 -5.03
CA ALA B 62 -9.42 2.80 -6.39
C ALA B 62 -8.25 1.86 -6.64
N MET B 63 -7.33 1.77 -5.69
CA MET B 63 -6.17 0.91 -5.83
C MET B 63 -6.58 -0.56 -5.80
N VAL B 64 -7.46 -0.91 -4.85
CA VAL B 64 -7.93 -2.28 -4.73
C VAL B 64 -8.62 -2.71 -6.02
N GLN B 65 -9.53 -1.88 -6.51
CA GLN B 65 -10.26 -2.18 -7.75
C GLN B 65 -9.32 -2.29 -8.93
N TYR B 66 -8.29 -1.47 -8.94
CA TYR B 66 -7.32 -1.47 -10.02
C TYR B 66 -6.55 -2.78 -10.03
N TYR B 67 -5.98 -3.14 -8.89
CA TYR B 67 -5.15 -4.34 -8.79
C TYR B 67 -5.97 -5.63 -8.75
N GLN B 68 -7.28 -5.51 -8.55
CA GLN B 68 -8.16 -6.67 -8.70
C GLN B 68 -8.25 -7.06 -10.16
N GLU B 69 -8.37 -6.06 -11.03
CA GLU B 69 -8.43 -6.31 -12.46
C GLU B 69 -7.03 -6.37 -13.08
N LYS B 70 -6.14 -5.51 -12.62
CA LYS B 70 -4.76 -5.46 -13.09
C LYS B 70 -3.80 -5.41 -11.91
N PRO B 71 -3.42 -6.58 -11.37
CA PRO B 71 -2.54 -6.66 -10.21
C PRO B 71 -1.14 -6.11 -10.50
N ALA B 72 -0.41 -5.77 -9.44
CA ALA B 72 0.95 -5.28 -9.59
C ALA B 72 1.92 -6.44 -9.52
N ILE B 73 2.84 -6.51 -10.46
CA ILE B 73 3.73 -7.65 -10.55
C ILE B 73 5.15 -7.30 -10.11
N ILE B 74 5.62 -8.01 -9.11
CA ILE B 74 6.99 -7.86 -8.61
C ILE B 74 7.68 -9.21 -8.66
N ASN B 75 8.74 -9.31 -9.45
CA ASN B 75 9.48 -10.57 -9.65
C ASN B 75 8.55 -11.62 -10.22
N GLY B 76 7.59 -11.19 -11.04
CA GLY B 76 6.65 -12.09 -11.64
C GLY B 76 5.51 -12.47 -10.71
N GLU B 77 5.51 -11.90 -9.50
CA GLU B 77 4.49 -12.23 -8.52
C GLU B 77 3.44 -11.11 -8.43
N LYS B 78 2.18 -11.49 -8.58
CA LYS B 78 1.06 -10.55 -8.50
C LYS B 78 0.79 -10.12 -7.06
N LEU B 79 0.78 -8.82 -6.83
CA LEU B 79 0.49 -8.26 -5.52
C LEU B 79 -1.00 -8.06 -5.34
N LEU B 80 -1.48 -8.34 -4.13
CA LEU B 80 -2.90 -8.21 -3.83
C LEU B 80 -3.14 -7.06 -2.83
N ILE B 81 -3.76 -5.99 -3.27
CA ILE B 81 -4.11 -4.90 -2.38
C ILE B 81 -5.60 -4.98 -2.01
N ARG B 82 -5.89 -5.00 -0.71
CA ARG B 82 -7.26 -5.12 -0.22
C ARG B 82 -7.41 -4.36 1.10
N MET B 83 -8.65 -4.11 1.49
CA MET B 83 -8.94 -3.45 2.75
C MET B 83 -8.92 -4.49 3.87
N SER B 84 -8.37 -4.13 5.02
CA SER B 84 -8.18 -5.09 6.09
C SER B 84 -9.41 -5.20 6.99
N THR B 85 -9.76 -6.43 7.32
CA THR B 85 -10.96 -6.72 8.07
C THR B 85 -10.72 -6.75 9.58
N ARG B 86 -9.47 -6.80 10.00
CA ARG B 86 -9.15 -7.04 11.41
C ARG B 86 -8.77 -5.76 12.17
N TYR B 87 -8.21 -4.79 11.46
CA TYR B 87 -7.78 -3.54 12.10
C TYR B 87 -8.35 -2.33 11.38
N LYS B 88 -8.58 -1.27 12.15
CA LYS B 88 -9.12 -0.02 11.61
C LYS B 88 -8.10 1.12 11.62
N GLU B 89 -6.94 0.90 12.22
CA GLU B 89 -5.93 1.96 12.30
C GLU B 89 -4.53 1.38 12.14
N LEU B 90 -3.65 2.19 11.59
CA LEU B 90 -2.25 1.83 11.43
C LEU B 90 -1.35 2.76 12.21
N GLN B 91 -0.58 2.21 13.13
CA GLN B 91 0.37 2.98 13.90
C GLN B 91 1.78 2.56 13.54
N LEU B 92 2.64 3.52 13.24
CA LEU B 92 4.01 3.21 12.87
C LEU B 92 4.85 2.92 14.10
N LYS B 93 4.97 1.63 14.42
CA LYS B 93 5.81 1.18 15.53
C LYS B 93 7.27 1.19 15.08
N LYS B 94 7.47 1.08 13.78
CA LYS B 94 8.79 1.22 13.17
C LYS B 94 8.75 2.36 12.16
N PRO B 95 9.69 3.32 12.29
CA PRO B 95 9.76 4.48 11.40
C PRO B 95 10.15 4.11 9.98
N GLY B 96 9.94 5.04 9.05
CA GLY B 96 10.22 4.79 7.66
C GLY B 96 10.90 5.95 6.99
N LYS B 97 11.15 5.80 5.72
CA LYS B 97 11.74 6.84 4.89
C LYS B 97 10.67 7.86 4.50
N ASN B 98 11.07 9.05 4.08
CA ASN B 98 10.11 10.06 3.64
C ASN B 98 9.37 9.59 2.40
N VAL B 99 8.05 9.64 2.47
CA VAL B 99 7.19 9.18 1.39
C VAL B 99 7.16 10.19 0.23
N ALA B 100 7.51 11.44 0.52
CA ALA B 100 7.58 12.47 -0.51
C ALA B 100 8.69 12.14 -1.51
N ALA B 101 9.79 11.60 -0.99
CA ALA B 101 10.90 11.17 -1.83
C ALA B 101 10.45 10.05 -2.74
N ILE B 102 9.48 9.28 -2.27
CA ILE B 102 8.96 8.16 -3.02
C ILE B 102 8.15 8.67 -4.22
N ILE B 103 7.50 9.81 -4.03
CA ILE B 103 6.79 10.47 -5.12
C ILE B 103 7.79 10.83 -6.23
N GLN B 104 8.94 11.35 -5.83
CA GLN B 104 9.98 11.71 -6.79
C GLN B 104 10.50 10.46 -7.51
N ASP B 105 10.45 9.34 -6.81
CA ASP B 105 10.87 8.05 -7.37
C ASP B 105 9.91 7.59 -8.45
N ILE B 106 8.63 7.91 -8.27
CA ILE B 106 7.61 7.56 -9.25
C ILE B 106 7.74 8.45 -10.49
N HIS B 107 7.99 9.74 -10.26
CA HIS B 107 8.13 10.71 -11.35
C HIS B 107 9.40 10.47 -12.15
N SER B 108 10.45 10.01 -11.48
CA SER B 108 11.67 9.60 -12.16
C SER B 108 11.41 8.30 -12.93
N GLN B 109 10.36 7.60 -12.48
CA GLN B 109 9.83 6.40 -13.15
C GLN B 109 10.64 5.16 -12.79
N ARG B 110 11.59 5.32 -11.87
CA ARG B 110 12.41 4.22 -11.40
C ARG B 110 13.19 3.57 -12.55
N GLU B 111 13.77 2.41 -12.28
CA GLU B 111 14.53 1.69 -13.28
C GLU B 111 14.36 0.19 -13.05
N ARG B 112 13.22 -0.33 -13.48
CA ARG B 112 12.89 -1.74 -13.32
C ARG B 112 13.88 -2.62 -14.06
O5' ADN A 1 -6.61 -13.75 -2.46
C5' ADN A 1 -7.69 -14.22 -1.66
C4' ADN A 1 -7.40 -15.59 -1.08
O4' ADN A 1 -6.40 -16.23 -1.92
C3' ADN A 1 -6.83 -15.58 0.33
O3' ADN A 1 -7.41 -16.62 1.12
C2' ADN A 1 -5.33 -15.79 0.13
O2' ADN A 1 -4.75 -16.53 1.19
C1' ADN A 1 -5.28 -16.60 -1.15
N9 ADN A 1 -4.07 -16.35 -1.92
C8 ADN A 1 -3.95 -15.68 -3.11
N7 ADN A 1 -2.72 -15.56 -3.54
C5 ADN A 1 -1.98 -16.21 -2.57
C6 ADN A 1 -0.59 -16.44 -2.44
N6 ADN A 1 0.31 -16.02 -3.33
N1 ADN A 1 -0.16 -17.11 -1.35
C2 ADN A 1 -1.08 -17.53 -0.47
N3 ADN A 1 -2.40 -17.38 -0.48
C4 ADN A 1 -2.78 -16.70 -1.57
HO5' ADN A 1 -5.89 -14.36 -2.36
H5'1 ADN A 1 -8.60 -14.26 -2.26
H5'2 ADN A 1 -7.86 -13.53 -0.83
H4' ADN A 1 -8.34 -16.13 -1.04
H3' ADN A 1 -7.05 -14.66 0.85
H2' ADN A 1 -4.84 -14.82 0.00
HO2' ADN A 1 -3.87 -16.19 1.33
H1' ADN A 1 -5.36 -17.68 -0.97
H8 ADN A 1 -4.80 -15.26 -3.64
HN61 ADN A 1 0.01 -15.52 -4.15
HN62 ADN A 1 1.29 -16.21 -3.19
H2 ADN A 1 -0.68 -18.07 0.40
N GLY B 1 -14.29 -13.72 2.76
CA GLY B 1 -14.86 -12.39 2.41
C GLY B 1 -14.11 -11.27 3.10
N ALA B 2 -14.45 -10.03 2.76
CA ALA B 2 -13.79 -8.89 3.35
C ALA B 2 -14.80 -7.86 3.85
N MET B 3 -15.51 -7.23 2.91
CA MET B 3 -16.47 -6.16 3.22
C MET B 3 -15.74 -4.90 3.69
N ALA B 4 -16.07 -3.78 3.05
CA ALA B 4 -15.46 -2.50 3.40
C ALA B 4 -15.98 -2.01 4.75
N GLN B 5 -15.18 -2.18 5.78
CA GLN B 5 -15.50 -1.71 7.11
C GLN B 5 -15.35 -0.20 7.21
N ARG B 6 -15.55 0.35 8.40
CA ARG B 6 -15.37 1.78 8.63
C ARG B 6 -13.94 2.18 8.27
N LYS B 7 -13.82 3.10 7.33
CA LYS B 7 -12.51 3.56 6.86
C LYS B 7 -12.55 5.06 6.62
N GLY B 8 -13.08 5.78 7.60
CA GLY B 8 -13.20 7.23 7.48
C GLY B 8 -11.91 7.94 7.82
N ALA B 9 -11.59 7.98 9.09
CA ALA B 9 -10.35 8.59 9.55
C ALA B 9 -9.33 7.50 9.88
N GLY B 10 -9.85 6.32 10.13
CA GLY B 10 -9.02 5.17 10.42
C GLY B 10 -9.08 4.18 9.28
N ARG B 11 -8.02 4.09 8.50
CA ARG B 11 -8.00 3.19 7.37
C ARG B 11 -6.83 2.23 7.45
N VAL B 12 -7.11 0.96 7.22
CA VAL B 12 -6.07 -0.02 6.98
C VAL B 12 -6.25 -0.62 5.60
N VAL B 13 -5.23 -0.49 4.77
CA VAL B 13 -5.24 -1.12 3.46
C VAL B 13 -4.07 -2.07 3.40
N HIS B 14 -4.34 -3.34 3.16
CA HIS B 14 -3.32 -4.37 3.25
C HIS B 14 -2.91 -4.84 1.86
N ILE B 15 -1.62 -4.89 1.64
CA ILE B 15 -1.07 -5.36 0.39
C ILE B 15 -0.37 -6.68 0.65
N CYS B 16 -0.55 -7.64 -0.23
CA CYS B 16 -0.01 -8.96 0.00
C CYS B 16 0.67 -9.52 -1.23
N ASN B 17 1.48 -10.55 -1.00
CA ASN B 17 2.16 -11.32 -2.05
C ASN B 17 3.47 -10.66 -2.44
N LEU B 18 4.07 -9.97 -1.47
CA LEU B 18 5.36 -9.32 -1.70
C LEU B 18 6.47 -10.34 -1.50
N PRO B 19 7.32 -10.53 -2.51
CA PRO B 19 8.42 -11.48 -2.40
C PRO B 19 9.49 -10.98 -1.43
N GLU B 20 9.93 -11.86 -0.55
CA GLU B 20 10.96 -11.53 0.43
C GLU B 20 12.28 -11.31 -0.29
N GLY B 21 13.02 -10.28 0.12
CA GLY B 21 14.19 -9.91 -0.63
C GLY B 21 13.84 -8.93 -1.71
N SER B 22 12.58 -8.53 -1.72
CA SER B 22 12.03 -7.68 -2.76
C SER B 22 10.91 -6.81 -2.18
N CYS B 23 10.74 -6.88 -0.86
CA CYS B 23 9.72 -6.10 -0.18
C CYS B 23 10.30 -4.77 0.22
N THR B 24 10.30 -3.80 -0.68
CA THR B 24 10.87 -2.51 -0.37
C THR B 24 9.74 -1.56 -0.01
N GLU B 25 10.04 -0.58 0.81
CA GLU B 25 9.06 0.43 1.16
C GLU B 25 8.72 1.25 -0.07
N ASN B 26 9.75 1.43 -0.90
CA ASN B 26 9.63 2.25 -2.09
C ASN B 26 8.62 1.67 -3.06
N ASP B 27 8.71 0.37 -3.37
CA ASP B 27 7.86 -0.23 -4.42
C ASP B 27 6.41 -0.29 -3.98
N VAL B 28 6.21 -0.69 -2.74
CA VAL B 28 4.88 -0.81 -2.16
C VAL B 28 4.16 0.55 -2.19
N ILE B 29 4.89 1.56 -1.75
CA ILE B 29 4.39 2.92 -1.78
C ILE B 29 4.28 3.43 -3.23
N ASN B 30 5.17 3.00 -4.11
CA ASN B 30 5.11 3.39 -5.53
C ASN B 30 3.79 2.97 -6.12
N LEU B 31 3.19 1.93 -5.58
CA LEU B 31 1.86 1.54 -6.01
C LEU B 31 0.82 2.48 -5.40
N GLY B 32 1.02 2.83 -4.14
CA GLY B 32 0.09 3.72 -3.45
C GLY B 32 0.02 5.14 -4.00
N LEU B 33 1.15 5.79 -4.14
CA LEU B 33 1.20 7.24 -4.42
C LEU B 33 0.44 7.66 -5.68
N PRO B 34 0.60 6.99 -6.83
CA PRO B 34 -0.02 7.42 -8.09
C PRO B 34 -1.55 7.53 -8.02
N PHE B 35 -2.18 6.76 -7.13
CA PHE B 35 -3.64 6.82 -6.98
C PHE B 35 -4.03 7.68 -5.78
N GLY B 36 -3.08 7.94 -4.90
CA GLY B 36 -3.35 8.74 -3.73
C GLY B 36 -2.14 8.87 -2.84
N LYS B 37 -2.08 9.95 -2.06
CA LYS B 37 -0.94 10.22 -1.20
C LYS B 37 -0.82 9.18 -0.10
N VAL B 38 0.37 8.64 0.07
CA VAL B 38 0.65 7.68 1.12
C VAL B 38 1.09 8.39 2.39
N THR B 39 0.29 8.27 3.44
CA THR B 39 0.61 8.90 4.70
C THR B 39 1.37 7.95 5.62
N ASN B 40 1.02 6.68 5.55
CA ASN B 40 1.68 5.65 6.36
C ASN B 40 1.83 4.36 5.57
N TYR B 41 2.75 3.52 6.01
CA TYR B 41 3.04 2.26 5.34
C TYR B 41 3.76 1.34 6.31
N ILE B 42 3.60 0.04 6.14
CA ILE B 42 4.18 -0.95 7.04
C ILE B 42 4.57 -2.17 6.21
N LEU B 43 5.80 -2.62 6.30
CA LEU B 43 6.22 -3.76 5.51
C LEU B 43 6.35 -5.00 6.37
N MET B 44 5.67 -6.07 6.00
CA MET B 44 5.74 -7.28 6.79
C MET B 44 6.53 -8.32 6.01
N LYS B 45 7.85 -8.17 6.09
CA LYS B 45 8.78 -9.12 5.49
C LYS B 45 8.54 -10.56 5.93
N SER B 46 8.02 -10.75 7.14
CA SER B 46 7.88 -12.07 7.71
C SER B 46 6.81 -12.89 6.98
N THR B 47 5.67 -12.28 6.70
CA THR B 47 4.54 -12.98 6.11
C THR B 47 4.40 -12.69 4.62
N ASN B 48 5.38 -12.00 4.04
CA ASN B 48 5.32 -11.59 2.63
C ASN B 48 4.11 -10.69 2.38
N GLN B 49 3.86 -9.82 3.34
CA GLN B 49 2.68 -8.96 3.33
C GLN B 49 3.08 -7.55 3.71
N ALA B 50 2.20 -6.58 3.53
CA ALA B 50 2.46 -5.21 3.93
C ALA B 50 1.17 -4.41 4.11
N PHE B 51 1.28 -3.27 4.75
CA PHE B 51 0.15 -2.36 4.92
C PHE B 51 0.45 -1.02 4.27
N LEU B 52 -0.57 -0.40 3.71
CA LEU B 52 -0.43 0.88 3.04
C LEU B 52 -1.57 1.80 3.46
N GLU B 53 -1.21 2.93 4.06
CA GLU B 53 -2.19 3.92 4.45
C GLU B 53 -2.22 5.07 3.44
N MET B 54 -3.42 5.48 3.09
CA MET B 54 -3.62 6.40 2.00
C MET B 54 -4.32 7.65 2.50
N ALA B 55 -4.32 8.72 1.72
CA ALA B 55 -4.89 9.99 2.17
C ALA B 55 -6.37 9.86 2.53
N TYR B 56 -7.12 9.15 1.71
CA TYR B 56 -8.55 8.99 1.91
C TYR B 56 -9.02 7.61 1.50
N THR B 57 -10.21 7.24 1.96
CA THR B 57 -10.81 5.94 1.64
C THR B 57 -11.06 5.81 0.14
N GLU B 58 -11.25 6.95 -0.52
CA GLU B 58 -11.43 6.99 -1.97
C GLU B 58 -10.19 6.46 -2.69
N ALA B 59 -9.04 6.68 -2.09
CA ALA B 59 -7.79 6.22 -2.67
C ALA B 59 -7.69 4.71 -2.56
N ALA B 60 -8.10 4.19 -1.40
CA ALA B 60 -8.03 2.77 -1.12
C ALA B 60 -8.95 1.99 -2.06
N GLN B 61 -10.17 2.49 -2.23
CA GLN B 61 -11.15 1.79 -3.04
C GLN B 61 -10.71 1.76 -4.50
N ALA B 62 -10.07 2.83 -4.95
CA ALA B 62 -9.59 2.93 -6.32
C ALA B 62 -8.46 1.94 -6.56
N MET B 63 -7.52 1.87 -5.63
CA MET B 63 -6.37 0.98 -5.77
C MET B 63 -6.80 -0.48 -5.67
N VAL B 64 -7.65 -0.79 -4.69
CA VAL B 64 -8.09 -2.15 -4.49
C VAL B 64 -8.78 -2.70 -5.74
N GLN B 65 -9.68 -1.90 -6.32
CA GLN B 65 -10.38 -2.30 -7.54
C GLN B 65 -9.39 -2.48 -8.68
N TYR B 66 -8.37 -1.62 -8.73
CA TYR B 66 -7.40 -1.66 -9.81
C TYR B 66 -6.55 -2.92 -9.74
N TYR B 67 -5.96 -3.16 -8.58
CA TYR B 67 -5.02 -4.27 -8.42
C TYR B 67 -5.72 -5.63 -8.30
N GLN B 68 -7.02 -5.63 -8.08
CA GLN B 68 -7.78 -6.89 -8.10
C GLN B 68 -7.87 -7.42 -9.53
N GLU B 69 -8.15 -6.53 -10.46
CA GLU B 69 -8.27 -6.91 -11.86
C GLU B 69 -6.94 -6.80 -12.59
N LYS B 70 -6.16 -5.77 -12.26
CA LYS B 70 -4.84 -5.60 -12.84
C LYS B 70 -3.81 -5.50 -11.71
N PRO B 71 -3.36 -6.64 -11.18
CA PRO B 71 -2.40 -6.68 -10.06
C PRO B 71 -1.03 -6.12 -10.46
N ALA B 72 -0.25 -5.74 -9.47
CA ALA B 72 1.07 -5.18 -9.71
C ALA B 72 2.11 -6.28 -9.70
N ILE B 73 3.06 -6.23 -10.61
CA ILE B 73 4.04 -7.28 -10.72
C ILE B 73 5.38 -6.83 -10.15
N ILE B 74 5.84 -7.53 -9.13
CA ILE B 74 7.17 -7.31 -8.58
C ILE B 74 7.97 -8.60 -8.65
N ASN B 75 8.99 -8.61 -9.52
CA ASN B 75 9.85 -9.76 -9.69
C ASN B 75 9.02 -11.03 -9.93
N GLY B 76 8.02 -10.87 -10.77
CA GLY B 76 7.17 -11.98 -11.17
C GLY B 76 6.01 -12.27 -10.22
N GLU B 77 5.92 -11.53 -9.12
CA GLU B 77 4.84 -11.76 -8.17
C GLU B 77 3.73 -10.74 -8.33
N LYS B 78 2.51 -11.23 -8.51
CA LYS B 78 1.31 -10.39 -8.56
C LYS B 78 0.93 -9.93 -7.16
N LEU B 79 0.92 -8.63 -6.96
CA LEU B 79 0.57 -8.05 -5.68
C LEU B 79 -0.91 -7.75 -5.59
N LEU B 80 -1.51 -8.07 -4.45
CA LEU B 80 -2.92 -7.84 -4.24
C LEU B 80 -3.14 -6.79 -3.15
N ILE B 81 -3.84 -5.71 -3.49
CA ILE B 81 -4.16 -4.67 -2.52
C ILE B 81 -5.64 -4.73 -2.14
N ARG B 82 -5.91 -4.90 -0.86
CA ARG B 82 -7.29 -5.02 -0.36
C ARG B 82 -7.41 -4.41 1.03
N MET B 83 -8.64 -4.21 1.50
CA MET B 83 -8.87 -3.59 2.80
C MET B 83 -8.72 -4.63 3.91
N SER B 84 -8.31 -4.16 5.09
CA SER B 84 -8.10 -5.07 6.22
C SER B 84 -9.39 -5.31 6.99
N THR B 85 -9.60 -6.56 7.34
CA THR B 85 -10.76 -6.98 8.10
C THR B 85 -10.51 -6.92 9.60
N ARG B 86 -9.23 -6.94 9.99
CA ARG B 86 -8.87 -7.07 11.39
C ARG B 86 -8.44 -5.75 12.02
N TYR B 87 -7.86 -4.86 11.23
CA TYR B 87 -7.34 -3.61 11.77
C TYR B 87 -8.07 -2.40 11.23
N LYS B 88 -8.28 -1.42 12.09
CA LYS B 88 -8.92 -0.17 11.72
C LYS B 88 -7.94 0.99 11.70
N GLU B 89 -6.75 0.80 12.27
CA GLU B 89 -5.75 1.86 12.30
C GLU B 89 -4.34 1.30 12.13
N LEU B 90 -3.48 2.12 11.56
CA LEU B 90 -2.06 1.80 11.42
C LEU B 90 -1.22 2.82 12.15
N GLN B 91 -0.42 2.37 13.11
CA GLN B 91 0.51 3.26 13.76
C GLN B 91 1.94 2.84 13.43
N LEU B 92 2.77 3.81 13.14
CA LEU B 92 4.14 3.53 12.74
C LEU B 92 5.02 3.24 13.94
N LYS B 93 5.24 1.96 14.20
CA LYS B 93 6.14 1.54 15.27
C LYS B 93 7.57 1.47 14.75
N LYS B 94 7.72 1.58 13.45
CA LYS B 94 9.03 1.63 12.82
C LYS B 94 9.21 2.98 12.13
N PRO B 95 10.45 3.47 12.02
CA PRO B 95 10.76 4.77 11.41
C PRO B 95 10.30 4.88 9.96
N GLY B 96 9.85 6.06 9.58
CA GLY B 96 9.36 6.26 8.24
C GLY B 96 10.20 7.26 7.46
N LYS B 97 10.67 6.82 6.31
CA LYS B 97 11.37 7.69 5.37
C LYS B 97 10.34 8.61 4.73
N ASN B 98 10.76 9.82 4.34
CA ASN B 98 9.85 10.77 3.71
C ASN B 98 9.22 10.18 2.46
N VAL B 99 7.90 10.11 2.45
CA VAL B 99 7.16 9.48 1.37
C VAL B 99 7.00 10.42 0.17
N ALA B 100 7.09 11.73 0.41
CA ALA B 100 7.06 12.69 -0.69
C ALA B 100 8.27 12.48 -1.60
N ALA B 101 9.38 12.09 -1.00
CA ALA B 101 10.58 11.74 -1.75
C ALA B 101 10.33 10.51 -2.62
N ILE B 102 9.41 9.67 -2.16
CA ILE B 102 9.02 8.48 -2.90
C ILE B 102 8.21 8.88 -4.13
N ILE B 103 7.46 9.99 -4.01
CA ILE B 103 6.75 10.55 -5.16
C ILE B 103 7.76 10.94 -6.24
N GLN B 104 8.85 11.57 -5.82
CA GLN B 104 9.91 11.97 -6.75
C GLN B 104 10.54 10.73 -7.37
N ASP B 105 10.53 9.65 -6.58
CA ASP B 105 11.08 8.37 -7.00
C ASP B 105 10.24 7.80 -8.14
N ILE B 106 8.92 7.90 -7.99
CA ILE B 106 7.98 7.42 -9.01
C ILE B 106 8.14 8.21 -10.31
N HIS B 107 8.35 9.52 -10.18
CA HIS B 107 8.56 10.37 -11.34
C HIS B 107 9.85 9.98 -12.07
N SER B 108 10.79 9.43 -11.31
CA SER B 108 12.03 8.92 -11.88
C SER B 108 11.77 7.58 -12.58
N GLN B 109 10.73 6.89 -12.13
CA GLN B 109 10.36 5.59 -12.67
C GLN B 109 9.34 5.73 -13.79
N ARG B 110 8.98 4.59 -14.37
CA ARG B 110 7.89 4.52 -15.34
C ARG B 110 7.07 3.27 -15.06
N GLU B 111 6.04 3.41 -14.23
CA GLU B 111 5.21 2.29 -13.81
C GLU B 111 4.50 1.65 -15.00
N ARG B 112 4.34 0.34 -14.93
CA ARG B 112 3.67 -0.40 -15.98
C ARG B 112 2.66 -1.36 -15.36
O5' ADN A 1 -8.36 -14.95 -0.78
C5' ADN A 1 -7.27 -14.15 -0.32
C4' ADN A 1 -7.67 -12.69 -0.17
O4' ADN A 1 -8.16 -12.23 -1.45
C3' ADN A 1 -8.81 -12.43 0.81
O3' ADN A 1 -8.69 -11.15 1.41
C2' ADN A 1 -10.05 -12.52 -0.07
O2' ADN A 1 -11.11 -11.74 0.43
C1' ADN A 1 -9.54 -11.90 -1.37
N9 ADN A 1 -10.20 -12.40 -2.56
C8 ADN A 1 -9.70 -13.27 -3.50
N7 ADN A 1 -10.53 -13.56 -4.46
C5 ADN A 1 -11.67 -12.82 -4.15
C6 ADN A 1 -12.92 -12.69 -4.77
N6 ADN A 1 -13.24 -13.32 -5.90
N1 ADN A 1 -13.83 -11.88 -4.20
C2 ADN A 1 -13.50 -11.25 -3.06
N3 ADN A 1 -12.36 -11.29 -2.37
C4 ADN A 1 -11.48 -12.11 -2.98
HO5' ADN A 1 -7.98 -15.69 -1.25
H5'1 ADN A 1 -6.44 -14.22 -1.02
H5'2 ADN A 1 -6.94 -14.51 0.66
H4' ADN A 1 -6.81 -12.15 0.20
H3' ADN A 1 -8.82 -13.16 1.62
H2' ADN A 1 -10.33 -13.57 -0.22
HO2' ADN A 1 -11.60 -11.40 -0.32
H1' ADN A 1 -9.61 -10.81 -1.36
H8 ADN A 1 -8.70 -13.68 -3.44
HN61 ADN A 1 -12.57 -13.93 -6.36
HN62 ADN A 1 -14.16 -13.19 -6.31
H2 ADN A 1 -14.28 -10.61 -2.64
N GLY B 1 -13.87 -5.59 12.28
CA GLY B 1 -13.86 -4.46 11.32
C GLY B 1 -14.46 -4.84 9.98
N ALA B 2 -15.13 -5.98 9.93
CA ALA B 2 -15.80 -6.44 8.73
C ALA B 2 -17.25 -6.01 8.73
N MET B 3 -18.00 -6.43 7.71
CA MET B 3 -19.40 -6.04 7.55
C MET B 3 -19.50 -4.53 7.42
N ALA B 4 -19.40 -4.05 6.18
CA ALA B 4 -19.24 -2.63 5.89
C ALA B 4 -17.91 -2.17 6.47
N GLN B 5 -16.83 -2.53 5.77
CA GLN B 5 -15.47 -2.28 6.25
C GLN B 5 -15.27 -0.82 6.62
N ARG B 6 -15.02 -0.60 7.90
CA ARG B 6 -14.86 0.75 8.44
C ARG B 6 -13.55 1.34 7.96
N LYS B 7 -13.64 2.35 7.10
CA LYS B 7 -12.46 2.99 6.52
C LYS B 7 -12.70 4.50 6.43
N GLY B 8 -13.40 5.03 7.42
CA GLY B 8 -13.74 6.45 7.42
C GLY B 8 -12.74 7.27 8.20
N ALA B 9 -12.81 7.20 9.51
CA ALA B 9 -11.90 7.94 10.38
C ALA B 9 -10.58 7.19 10.53
N GLY B 10 -10.59 5.96 10.08
CA GLY B 10 -9.40 5.13 10.11
C GLY B 10 -9.38 4.19 8.94
N ARG B 11 -8.22 4.00 8.33
CA ARG B 11 -8.14 3.06 7.22
C ARG B 11 -6.98 2.09 7.42
N VAL B 12 -7.26 0.82 7.19
CA VAL B 12 -6.22 -0.17 7.04
C VAL B 12 -6.30 -0.79 5.65
N VAL B 13 -5.24 -0.66 4.88
CA VAL B 13 -5.19 -1.28 3.57
C VAL B 13 -3.99 -2.22 3.55
N HIS B 14 -4.21 -3.50 3.30
CA HIS B 14 -3.13 -4.47 3.35
C HIS B 14 -2.75 -4.89 1.94
N ILE B 15 -1.45 -4.93 1.68
CA ILE B 15 -0.93 -5.37 0.42
C ILE B 15 -0.20 -6.69 0.64
N CYS B 16 -0.40 -7.64 -0.26
CA CYS B 16 0.14 -8.96 -0.04
C CYS B 16 0.80 -9.50 -1.31
N ASN B 17 1.62 -10.53 -1.11
CA ASN B 17 2.29 -11.27 -2.19
C ASN B 17 3.59 -10.59 -2.56
N LEU B 18 4.17 -9.90 -1.59
CA LEU B 18 5.45 -9.23 -1.79
C LEU B 18 6.58 -10.23 -1.56
N PRO B 19 7.47 -10.41 -2.54
CA PRO B 19 8.55 -11.39 -2.42
C PRO B 19 9.57 -10.97 -1.37
N GLU B 20 9.99 -11.94 -0.56
CA GLU B 20 11.00 -11.73 0.46
C GLU B 20 12.33 -11.38 -0.20
N GLY B 21 13.00 -10.35 0.30
CA GLY B 21 14.20 -9.88 -0.36
C GLY B 21 13.87 -8.88 -1.44
N SER B 22 12.61 -8.52 -1.53
CA SER B 22 12.13 -7.64 -2.58
C SER B 22 10.96 -6.79 -2.09
N CYS B 23 10.77 -6.81 -0.77
CA CYS B 23 9.73 -6.01 -0.14
C CYS B 23 10.31 -4.65 0.23
N THR B 24 10.26 -3.71 -0.69
CA THR B 24 10.83 -2.40 -0.41
C THR B 24 9.71 -1.44 -0.08
N GLU B 25 10.02 -0.42 0.72
CA GLU B 25 9.05 0.60 1.05
C GLU B 25 8.73 1.38 -0.20
N ASN B 26 9.74 1.53 -1.04
CA ASN B 26 9.61 2.31 -2.26
C ASN B 26 8.58 1.71 -3.20
N ASP B 27 8.65 0.40 -3.46
CA ASP B 27 7.79 -0.22 -4.48
C ASP B 27 6.33 -0.25 -4.02
N VAL B 28 6.14 -0.65 -2.78
CA VAL B 28 4.81 -0.76 -2.19
C VAL B 28 4.12 0.60 -2.19
N ILE B 29 4.83 1.60 -1.75
CA ILE B 29 4.35 2.97 -1.77
C ILE B 29 4.23 3.49 -3.20
N ASN B 30 5.12 3.06 -4.08
CA ASN B 30 5.06 3.45 -5.50
C ASN B 30 3.73 3.04 -6.10
N LEU B 31 3.12 2.00 -5.55
CA LEU B 31 1.78 1.63 -5.97
C LEU B 31 0.76 2.61 -5.37
N GLY B 32 0.97 2.94 -4.10
CA GLY B 32 0.05 3.84 -3.41
C GLY B 32 0.02 5.26 -3.95
N LEU B 33 1.17 5.89 -4.06
CA LEU B 33 1.26 7.33 -4.32
C LEU B 33 0.53 7.80 -5.59
N PRO B 34 0.69 7.14 -6.75
CA PRO B 34 0.05 7.59 -8.00
C PRO B 34 -1.48 7.64 -7.93
N PHE B 35 -2.08 6.83 -7.06
CA PHE B 35 -3.53 6.85 -6.90
C PHE B 35 -3.95 7.70 -5.71
N GLY B 36 -3.00 8.00 -4.84
CA GLY B 36 -3.29 8.78 -3.65
C GLY B 36 -2.08 8.94 -2.76
N LYS B 37 -2.04 10.03 -2.02
CA LYS B 37 -0.89 10.32 -1.17
C LYS B 37 -0.77 9.30 -0.05
N VAL B 38 0.42 8.73 0.09
CA VAL B 38 0.69 7.76 1.13
C VAL B 38 1.12 8.46 2.41
N THR B 39 0.31 8.34 3.44
CA THR B 39 0.61 8.97 4.71
C THR B 39 1.33 8.02 5.65
N ASN B 40 0.98 6.74 5.57
CA ASN B 40 1.60 5.73 6.42
C ASN B 40 1.76 4.43 5.64
N TYR B 41 2.70 3.61 6.07
CA TYR B 41 2.97 2.34 5.41
C TYR B 41 3.72 1.42 6.36
N ILE B 42 3.58 0.13 6.17
CA ILE B 42 4.17 -0.86 7.05
C ILE B 42 4.60 -2.05 6.20
N LEU B 43 5.85 -2.43 6.28
CA LEU B 43 6.30 -3.57 5.50
C LEU B 43 6.52 -4.76 6.40
N MET B 44 5.90 -5.87 6.07
CA MET B 44 6.06 -7.06 6.89
C MET B 44 6.91 -8.06 6.12
N LYS B 45 8.21 -7.81 6.14
CA LYS B 45 9.19 -8.70 5.52
C LYS B 45 9.06 -10.13 6.01
N SER B 46 8.62 -10.32 7.23
CA SER B 46 8.60 -11.64 7.84
C SER B 46 7.55 -12.54 7.17
N THR B 47 6.38 -11.98 6.88
CA THR B 47 5.29 -12.77 6.32
C THR B 47 5.12 -12.51 4.82
N ASN B 48 6.05 -11.74 4.25
CA ASN B 48 6.00 -11.36 2.84
C ASN B 48 4.71 -10.59 2.56
N GLN B 49 4.34 -9.74 3.51
CA GLN B 49 3.11 -8.97 3.46
C GLN B 49 3.40 -7.53 3.79
N ALA B 50 2.45 -6.62 3.57
CA ALA B 50 2.66 -5.23 3.93
C ALA B 50 1.32 -4.48 4.08
N PHE B 51 1.39 -3.31 4.71
CA PHE B 51 0.23 -2.43 4.82
C PHE B 51 0.52 -1.09 4.18
N LEU B 52 -0.52 -0.45 3.67
CA LEU B 52 -0.40 0.83 3.00
C LEU B 52 -1.54 1.75 3.43
N GLU B 53 -1.19 2.87 4.05
CA GLU B 53 -2.18 3.85 4.46
C GLU B 53 -2.20 5.03 3.50
N MET B 54 -3.39 5.46 3.15
CA MET B 54 -3.59 6.43 2.10
C MET B 54 -4.29 7.66 2.66
N ALA B 55 -4.27 8.76 1.93
CA ALA B 55 -4.85 10.01 2.44
C ALA B 55 -6.34 9.85 2.77
N TYR B 56 -7.08 9.21 1.88
CA TYR B 56 -8.51 9.02 2.08
C TYR B 56 -8.98 7.66 1.59
N THR B 57 -10.16 7.26 2.05
CA THR B 57 -10.77 5.98 1.68
C THR B 57 -10.97 5.88 0.16
N GLU B 58 -11.15 7.03 -0.48
CA GLU B 58 -11.35 7.09 -1.93
C GLU B 58 -10.14 6.51 -2.67
N ALA B 59 -8.97 6.68 -2.09
CA ALA B 59 -7.75 6.17 -2.69
C ALA B 59 -7.69 4.67 -2.54
N ALA B 60 -8.06 4.18 -1.35
CA ALA B 60 -7.98 2.77 -1.05
C ALA B 60 -8.90 1.96 -1.95
N GLN B 61 -10.12 2.44 -2.12
CA GLN B 61 -11.11 1.74 -2.92
C GLN B 61 -10.69 1.75 -4.39
N ALA B 62 -10.09 2.86 -4.82
CA ALA B 62 -9.61 2.98 -6.19
C ALA B 62 -8.48 1.99 -6.46
N MET B 63 -7.54 1.90 -5.53
CA MET B 63 -6.39 1.02 -5.70
C MET B 63 -6.80 -0.45 -5.61
N VAL B 64 -7.62 -0.78 -4.63
CA VAL B 64 -8.06 -2.16 -4.43
C VAL B 64 -8.79 -2.66 -5.68
N GLN B 65 -9.71 -1.86 -6.20
CA GLN B 65 -10.44 -2.23 -7.42
C GLN B 65 -9.48 -2.38 -8.59
N TYR B 66 -8.49 -1.49 -8.65
CA TYR B 66 -7.55 -1.49 -9.77
C TYR B 66 -6.67 -2.72 -9.73
N TYR B 67 -6.04 -2.98 -8.59
CA TYR B 67 -5.10 -4.08 -8.45
C TYR B 67 -5.78 -5.43 -8.37
N GLN B 68 -7.09 -5.44 -8.15
CA GLN B 68 -7.85 -6.68 -8.24
C GLN B 68 -7.95 -7.11 -9.70
N GLU B 69 -8.20 -6.15 -10.57
CA GLU B 69 -8.33 -6.43 -12.00
C GLU B 69 -6.96 -6.41 -12.68
N LYS B 70 -6.10 -5.48 -12.26
CA LYS B 70 -4.75 -5.38 -12.80
C LYS B 70 -3.75 -5.31 -11.65
N PRO B 71 -3.32 -6.47 -11.14
CA PRO B 71 -2.37 -6.55 -10.03
C PRO B 71 -0.99 -6.03 -10.40
N ALA B 72 -0.20 -5.70 -9.39
CA ALA B 72 1.14 -5.19 -9.63
C ALA B 72 2.13 -6.34 -9.63
N ILE B 73 3.02 -6.34 -10.59
CA ILE B 73 3.95 -7.45 -10.76
C ILE B 73 5.32 -7.12 -10.17
N ILE B 74 5.73 -7.91 -9.19
CA ILE B 74 7.07 -7.80 -8.63
C ILE B 74 7.74 -9.17 -8.68
N ASN B 75 8.80 -9.29 -9.49
CA ASN B 75 9.50 -10.55 -9.69
C ASN B 75 8.55 -11.62 -10.21
N GLY B 76 7.60 -11.17 -11.02
CA GLY B 76 6.64 -12.08 -11.60
C GLY B 76 5.50 -12.44 -10.65
N GLU B 77 5.48 -11.81 -9.49
CA GLU B 77 4.44 -12.07 -8.51
C GLU B 77 3.38 -10.98 -8.54
N LYS B 78 2.13 -11.39 -8.71
CA LYS B 78 1.01 -10.47 -8.71
C LYS B 78 0.67 -10.01 -7.29
N LEU B 79 0.83 -8.72 -7.03
CA LEU B 79 0.53 -8.15 -5.74
C LEU B 79 -0.97 -7.89 -5.60
N LEU B 80 -1.50 -8.25 -4.44
CA LEU B 80 -2.92 -8.07 -4.17
C LEU B 80 -3.12 -7.04 -3.08
N ILE B 81 -3.80 -5.95 -3.41
CA ILE B 81 -4.15 -4.93 -2.42
C ILE B 81 -5.60 -5.11 -1.97
N ARG B 82 -5.80 -5.16 -0.66
CA ARG B 82 -7.12 -5.46 -0.10
C ARG B 82 -7.37 -4.64 1.16
N MET B 83 -8.64 -4.38 1.46
CA MET B 83 -9.00 -3.68 2.69
C MET B 83 -9.07 -4.66 3.84
N SER B 84 -8.44 -4.31 4.96
CA SER B 84 -8.37 -5.21 6.10
C SER B 84 -9.67 -5.25 6.89
N THR B 85 -10.04 -6.46 7.28
CA THR B 85 -11.26 -6.71 8.04
C THR B 85 -10.99 -6.70 9.55
N ARG B 86 -9.71 -6.79 9.92
CA ARG B 86 -9.36 -7.01 11.31
C ARG B 86 -8.93 -5.74 12.03
N TYR B 87 -8.39 -4.79 11.28
CA TYR B 87 -7.95 -3.53 11.87
C TYR B 87 -8.67 -2.34 11.25
N LYS B 88 -8.73 -1.26 12.03
CA LYS B 88 -9.41 -0.05 11.62
C LYS B 88 -8.41 1.05 11.31
N GLU B 89 -7.25 1.00 11.95
CA GLU B 89 -6.26 2.05 11.80
C GLU B 89 -4.85 1.45 11.79
N LEU B 90 -3.96 2.11 11.07
CA LEU B 90 -2.56 1.70 11.00
C LEU B 90 -1.71 2.55 11.91
N GLN B 91 -0.96 1.90 12.78
CA GLN B 91 -0.04 2.60 13.66
C GLN B 91 1.39 2.24 13.30
N LEU B 92 2.27 3.23 13.30
CA LEU B 92 3.66 3.00 12.92
C LEU B 92 4.48 2.55 14.12
N LYS B 93 4.54 1.24 14.33
CA LYS B 93 5.44 0.67 15.32
C LYS B 93 6.88 0.89 14.86
N LYS B 94 7.05 0.99 13.55
CA LYS B 94 8.33 1.32 12.95
C LYS B 94 8.18 2.65 12.22
N PRO B 95 9.16 3.55 12.39
CA PRO B 95 9.11 4.90 11.80
C PRO B 95 9.08 4.88 10.28
N GLY B 96 8.73 6.01 9.71
CA GLY B 96 8.61 6.11 8.28
C GLY B 96 9.41 7.26 7.72
N LYS B 97 10.16 6.99 6.66
CA LYS B 97 10.94 8.01 5.99
C LYS B 97 10.00 8.92 5.18
N ASN B 98 10.50 10.05 4.73
CA ASN B 98 9.71 10.97 3.91
C ASN B 98 9.20 10.27 2.66
N VAL B 99 7.87 10.24 2.52
CA VAL B 99 7.22 9.52 1.45
C VAL B 99 7.11 10.40 0.19
N ALA B 100 7.28 11.70 0.36
CA ALA B 100 7.27 12.62 -0.79
C ALA B 100 8.45 12.34 -1.72
N ALA B 101 9.57 11.94 -1.14
CA ALA B 101 10.73 11.55 -1.92
C ALA B 101 10.42 10.33 -2.77
N ILE B 102 9.50 9.51 -2.27
CA ILE B 102 9.09 8.32 -2.98
C ILE B 102 8.27 8.70 -4.21
N ILE B 103 7.55 9.82 -4.11
CA ILE B 103 6.85 10.40 -5.26
C ILE B 103 7.86 10.73 -6.35
N GLN B 104 8.99 11.29 -5.93
CA GLN B 104 10.06 11.61 -6.87
C GLN B 104 10.64 10.34 -7.49
N ASP B 105 10.58 9.25 -6.73
CA ASP B 105 11.03 7.95 -7.22
C ASP B 105 10.13 7.45 -8.34
N ILE B 106 8.82 7.62 -8.17
CA ILE B 106 7.84 7.21 -9.17
C ILE B 106 8.03 8.00 -10.46
N HIS B 107 8.17 9.31 -10.29
CA HIS B 107 8.33 10.22 -11.44
C HIS B 107 9.61 9.91 -12.19
N SER B 108 10.65 9.51 -11.47
CA SER B 108 11.91 9.14 -12.09
C SER B 108 11.82 7.77 -12.76
N GLN B 109 10.98 6.91 -12.17
CA GLN B 109 10.77 5.53 -12.64
C GLN B 109 11.99 4.66 -12.37
N ARG B 110 11.83 3.37 -12.57
CA ARG B 110 12.94 2.43 -12.42
C ARG B 110 13.01 1.54 -13.66
N GLU B 111 14.18 1.48 -14.27
CA GLU B 111 14.37 0.69 -15.49
C GLU B 111 14.55 -0.79 -15.15
N ARG B 112 13.48 -1.39 -14.63
CA ARG B 112 13.49 -2.79 -14.21
C ARG B 112 14.49 -3.01 -13.08
O5' ADN A 1 -9.49 -14.23 0.13
C5' ADN A 1 -8.28 -14.88 0.54
C4' ADN A 1 -7.82 -14.39 1.89
O4' ADN A 1 -8.02 -12.95 1.92
C3' ADN A 1 -8.59 -14.92 3.09
O3' ADN A 1 -7.77 -14.98 4.24
C2' ADN A 1 -9.72 -13.92 3.25
O2' ADN A 1 -10.16 -13.85 4.59
C1' ADN A 1 -9.00 -12.62 2.90
N9 ADN A 1 -9.88 -11.60 2.32
C8 ADN A 1 -11.01 -11.81 1.59
N7 ADN A 1 -11.61 -10.71 1.20
C5 ADN A 1 -10.81 -9.71 1.72
C6 ADN A 1 -10.89 -8.31 1.65
N6 ADN A 1 -11.86 -7.66 1.02
N1 ADN A 1 -9.94 -7.59 2.28
C2 ADN A 1 -8.96 -8.25 2.93
N3 ADN A 1 -8.76 -9.56 3.06
C4 ADN A 1 -9.74 -10.25 2.42
HO5' ADN A 1 -10.21 -14.84 0.28
H5'1 ADN A 1 -7.50 -14.70 -0.20
H5'2 ADN A 1 -8.45 -15.95 0.60
H4' ADN A 1 -6.78 -14.68 2.01
H3' ADN A 1 -8.95 -15.94 2.91
H2' ADN A 1 -10.52 -14.14 2.55
HO2' ADN A 1 -9.38 -13.83 5.15
H1' ADN A 1 -8.49 -12.19 3.75
H8 ADN A 1 -11.37 -12.80 1.34
HN61 ADN A 1 -12.59 -8.17 0.54
HN62 ADN A 1 -11.88 -6.64 1.01
H2 ADN A 1 -8.21 -7.62 3.41
N GLY B 1 -16.42 -1.11 1.01
CA GLY B 1 -16.77 -1.64 2.35
C GLY B 1 -18.14 -1.18 2.80
N ALA B 2 -18.16 -0.25 3.77
CA ALA B 2 -19.39 0.37 4.28
C ALA B 2 -20.24 -0.59 5.12
N MET B 3 -20.52 -1.77 4.59
CA MET B 3 -21.39 -2.73 5.25
C MET B 3 -20.86 -3.12 6.62
N ALA B 4 -19.72 -3.78 6.65
CA ALA B 4 -19.11 -4.20 7.91
C ALA B 4 -17.69 -3.68 8.01
N GLN B 5 -17.37 -2.70 7.18
CA GLN B 5 -16.05 -2.11 7.15
C GLN B 5 -16.10 -0.61 7.39
N ARG B 6 -15.43 -0.18 8.44
CA ARG B 6 -15.31 1.24 8.74
C ARG B 6 -13.96 1.74 8.25
N LYS B 7 -13.97 2.49 7.16
CA LYS B 7 -12.75 2.98 6.54
C LYS B 7 -12.93 4.41 6.07
N GLY B 8 -13.41 5.27 6.96
CA GLY B 8 -13.62 6.67 6.62
C GLY B 8 -12.69 7.59 7.38
N ALA B 9 -12.75 7.52 8.70
CA ALA B 9 -11.89 8.34 9.55
C ALA B 9 -10.57 7.64 9.84
N GLY B 10 -10.57 6.35 9.56
CA GLY B 10 -9.38 5.54 9.72
C GLY B 10 -9.37 4.40 8.73
N ARG B 11 -8.28 4.26 7.99
CA ARG B 11 -8.22 3.24 6.97
C ARG B 11 -7.01 2.34 7.13
N VAL B 12 -7.26 1.05 7.04
CA VAL B 12 -6.21 0.06 6.97
C VAL B 12 -6.29 -0.68 5.64
N VAL B 13 -5.23 -0.61 4.87
CA VAL B 13 -5.18 -1.29 3.59
C VAL B 13 -4.02 -2.26 3.60
N HIS B 14 -4.28 -3.54 3.38
CA HIS B 14 -3.23 -4.55 3.47
C HIS B 14 -2.82 -5.00 2.08
N ILE B 15 -1.52 -5.01 1.86
CA ILE B 15 -0.95 -5.46 0.61
C ILE B 15 -0.21 -6.77 0.85
N CYS B 16 -0.34 -7.70 -0.06
CA CYS B 16 0.25 -9.01 0.13
C CYS B 16 0.84 -9.55 -1.15
N ASN B 17 1.67 -10.58 -0.98
CA ASN B 17 2.31 -11.32 -2.08
C ASN B 17 3.60 -10.63 -2.49
N LEU B 18 4.20 -9.93 -1.53
CA LEU B 18 5.45 -9.25 -1.75
C LEU B 18 6.59 -10.21 -1.48
N PRO B 19 7.50 -10.43 -2.45
CA PRO B 19 8.62 -11.34 -2.25
C PRO B 19 9.66 -10.76 -1.31
N GLU B 20 10.14 -11.58 -0.38
CA GLU B 20 11.19 -11.17 0.53
C GLU B 20 12.46 -10.90 -0.24
N GLY B 21 13.18 -9.83 0.12
CA GLY B 21 14.30 -9.42 -0.69
C GLY B 21 13.86 -8.48 -1.78
N SER B 22 12.59 -8.14 -1.77
CA SER B 22 11.99 -7.30 -2.80
C SER B 22 10.80 -6.53 -2.24
N CYS B 23 10.60 -6.62 -0.94
CA CYS B 23 9.57 -5.87 -0.26
C CYS B 23 10.13 -4.53 0.14
N THR B 24 10.23 -3.62 -0.81
CA THR B 24 10.85 -2.35 -0.51
C THR B 24 9.78 -1.34 -0.16
N GLU B 25 10.14 -0.36 0.64
CA GLU B 25 9.21 0.70 0.98
C GLU B 25 8.87 1.47 -0.28
N ASN B 26 9.84 1.56 -1.16
CA ASN B 26 9.68 2.33 -2.38
C ASN B 26 8.61 1.72 -3.27
N ASP B 27 8.67 0.41 -3.53
CA ASP B 27 7.79 -0.21 -4.52
C ASP B 27 6.35 -0.26 -4.03
N VAL B 28 6.19 -0.64 -2.78
CA VAL B 28 4.88 -0.77 -2.16
C VAL B 28 4.18 0.60 -2.17
N ILE B 29 4.90 1.60 -1.74
CA ILE B 29 4.41 2.97 -1.76
C ILE B 29 4.26 3.50 -3.20
N ASN B 30 5.13 3.07 -4.11
CA ASN B 30 5.02 3.47 -5.52
C ASN B 30 3.68 3.06 -6.08
N LEU B 31 3.11 2.02 -5.52
CA LEU B 31 1.77 1.61 -5.90
C LEU B 31 0.75 2.55 -5.25
N GLY B 32 0.98 2.89 -3.99
CA GLY B 32 0.06 3.75 -3.27
C GLY B 32 -0.02 5.19 -3.77
N LEU B 33 1.12 5.85 -3.90
CA LEU B 33 1.16 7.29 -4.13
C LEU B 33 0.40 7.77 -5.37
N PRO B 34 0.58 7.14 -6.55
CA PRO B 34 -0.08 7.57 -7.78
C PRO B 34 -1.61 7.54 -7.71
N PHE B 35 -2.17 6.70 -6.84
CA PHE B 35 -3.62 6.65 -6.68
C PHE B 35 -4.07 7.45 -5.46
N GLY B 36 -3.12 7.77 -4.58
CA GLY B 36 -3.45 8.52 -3.38
C GLY B 36 -2.25 8.76 -2.49
N LYS B 37 -2.29 9.84 -1.72
CA LYS B 37 -1.19 10.20 -0.85
C LYS B 37 -0.99 9.17 0.26
N VAL B 38 0.22 8.63 0.33
CA VAL B 38 0.59 7.67 1.35
C VAL B 38 1.04 8.39 2.62
N THR B 39 0.28 8.22 3.68
CA THR B 39 0.64 8.83 4.96
C THR B 39 1.44 7.87 5.82
N ASN B 40 1.11 6.59 5.75
CA ASN B 40 1.82 5.57 6.51
C ASN B 40 1.95 4.29 5.71
N TYR B 41 2.86 3.43 6.12
CA TYR B 41 3.11 2.15 5.47
C TYR B 41 3.86 1.23 6.41
N ILE B 42 3.69 -0.06 6.25
CA ILE B 42 4.31 -1.03 7.15
C ILE B 42 4.77 -2.22 6.31
N LEU B 43 6.05 -2.55 6.37
CA LEU B 43 6.55 -3.63 5.55
C LEU B 43 6.87 -4.85 6.38
N MET B 44 6.23 -5.97 6.08
CA MET B 44 6.50 -7.18 6.83
C MET B 44 7.24 -8.16 5.94
N LYS B 45 8.54 -7.96 5.85
CA LYS B 45 9.42 -8.88 5.14
C LYS B 45 9.27 -10.32 5.62
N SER B 46 8.89 -10.49 6.88
CA SER B 46 8.82 -11.80 7.49
C SER B 46 7.67 -12.64 6.92
N THR B 47 6.53 -12.01 6.69
CA THR B 47 5.35 -12.73 6.20
C THR B 47 5.11 -12.51 4.71
N ASN B 48 6.02 -11.78 4.06
CA ASN B 48 5.88 -11.41 2.65
C ASN B 48 4.59 -10.62 2.44
N GLN B 49 4.29 -9.75 3.39
CA GLN B 49 3.07 -8.96 3.37
C GLN B 49 3.38 -7.54 3.86
N ALA B 50 2.46 -6.61 3.63
CA ALA B 50 2.70 -5.22 4.02
C ALA B 50 1.39 -4.45 4.18
N PHE B 51 1.47 -3.28 4.80
CA PHE B 51 0.33 -2.38 4.96
C PHE B 51 0.58 -1.05 4.28
N LEU B 52 -0.49 -0.43 3.81
CA LEU B 52 -0.41 0.85 3.14
C LEU B 52 -1.53 1.78 3.63
N GLU B 53 -1.14 2.90 4.20
CA GLU B 53 -2.11 3.88 4.69
C GLU B 53 -2.26 5.03 3.69
N MET B 54 -3.49 5.28 3.31
CA MET B 54 -3.80 6.27 2.30
C MET B 54 -4.61 7.41 2.92
N ALA B 55 -4.45 8.61 2.37
CA ALA B 55 -5.02 9.81 2.97
C ALA B 55 -6.52 9.91 2.74
N TYR B 56 -7.02 9.13 1.78
CA TYR B 56 -8.43 9.14 1.45
C TYR B 56 -8.91 7.74 1.12
N THR B 57 -10.14 7.44 1.49
CA THR B 57 -10.72 6.12 1.28
C THR B 57 -10.93 5.88 -0.22
N GLU B 58 -11.11 6.97 -0.97
CA GLU B 58 -11.22 6.91 -2.42
C GLU B 58 -10.00 6.26 -3.02
N ALA B 59 -8.85 6.45 -2.38
CA ALA B 59 -7.60 5.91 -2.88
C ALA B 59 -7.56 4.41 -2.67
N ALA B 60 -7.99 3.97 -1.49
CA ALA B 60 -7.93 2.57 -1.12
C ALA B 60 -8.79 1.71 -2.03
N GLN B 61 -10.02 2.16 -2.26
CA GLN B 61 -10.93 1.41 -3.11
C GLN B 61 -10.49 1.45 -4.56
N ALA B 62 -9.95 2.60 -4.98
CA ALA B 62 -9.47 2.75 -6.35
C ALA B 62 -8.32 1.78 -6.63
N MET B 63 -7.39 1.68 -5.69
CA MET B 63 -6.26 0.76 -5.86
C MET B 63 -6.75 -0.67 -5.89
N VAL B 64 -7.65 -1.02 -4.97
CA VAL B 64 -8.22 -2.36 -4.93
C VAL B 64 -8.91 -2.67 -6.26
N GLN B 65 -9.72 -1.73 -6.74
CA GLN B 65 -10.44 -1.92 -7.99
C GLN B 65 -9.46 -2.09 -9.16
N TYR B 66 -8.39 -1.31 -9.13
CA TYR B 66 -7.40 -1.37 -10.20
C TYR B 66 -6.65 -2.69 -10.17
N TYR B 67 -6.09 -3.04 -9.01
CA TYR B 67 -5.27 -4.24 -8.88
C TYR B 67 -6.10 -5.53 -8.93
N GLN B 68 -7.41 -5.41 -8.79
CA GLN B 68 -8.29 -6.55 -9.04
C GLN B 68 -8.28 -6.87 -10.53
N GLU B 69 -8.31 -5.85 -11.36
CA GLU B 69 -8.31 -6.01 -12.80
C GLU B 69 -6.88 -6.12 -13.33
N LYS B 70 -5.98 -5.33 -12.77
CA LYS B 70 -4.57 -5.38 -13.12
C LYS B 70 -3.72 -5.34 -11.87
N PRO B 71 -3.39 -6.51 -11.30
CA PRO B 71 -2.53 -6.59 -10.12
C PRO B 71 -1.12 -6.08 -10.42
N ALA B 72 -0.39 -5.74 -9.37
CA ALA B 72 0.98 -5.28 -9.53
C ALA B 72 1.93 -6.46 -9.46
N ILE B 73 2.81 -6.58 -10.43
CA ILE B 73 3.67 -7.75 -10.52
C ILE B 73 5.08 -7.45 -10.03
N ILE B 74 5.51 -8.21 -9.03
CA ILE B 74 6.87 -8.10 -8.50
C ILE B 74 7.52 -9.48 -8.48
N ASN B 75 8.55 -9.66 -9.29
CA ASN B 75 9.27 -10.94 -9.41
C ASN B 75 8.32 -12.05 -9.81
N GLY B 76 7.33 -11.69 -10.62
CA GLY B 76 6.40 -12.67 -11.14
C GLY B 76 5.25 -12.96 -10.18
N GLU B 77 5.19 -12.27 -9.06
CA GLU B 77 4.10 -12.46 -8.13
C GLU B 77 3.14 -11.27 -8.16
N LYS B 78 1.86 -11.57 -8.38
CA LYS B 78 0.82 -10.56 -8.40
C LYS B 78 0.48 -10.09 -6.99
N LEU B 79 0.62 -8.79 -6.76
CA LEU B 79 0.36 -8.21 -5.47
C LEU B 79 -1.14 -7.98 -5.27
N LEU B 80 -1.62 -8.30 -4.09
CA LEU B 80 -3.03 -8.15 -3.78
C LEU B 80 -3.22 -7.05 -2.73
N ILE B 81 -3.85 -5.96 -3.14
CA ILE B 81 -4.16 -4.85 -2.24
C ILE B 81 -5.65 -4.86 -1.91
N ARG B 82 -5.98 -5.02 -0.63
CA ARG B 82 -7.37 -5.02 -0.18
C ARG B 82 -7.49 -4.40 1.22
N MET B 83 -8.72 -4.09 1.61
CA MET B 83 -8.96 -3.41 2.88
C MET B 83 -8.95 -4.41 4.02
N SER B 84 -8.19 -4.13 5.06
CA SER B 84 -8.06 -5.05 6.18
C SER B 84 -9.35 -5.13 6.99
N THR B 85 -9.71 -6.35 7.34
CA THR B 85 -10.94 -6.62 8.07
C THR B 85 -10.72 -6.57 9.58
N ARG B 86 -9.47 -6.53 10.01
CA ARG B 86 -9.14 -6.66 11.42
C ARG B 86 -8.82 -5.31 12.08
N TYR B 87 -8.30 -4.37 11.30
CA TYR B 87 -7.84 -3.10 11.86
C TYR B 87 -8.49 -1.90 11.19
N LYS B 88 -8.70 -0.85 11.97
CA LYS B 88 -9.27 0.39 11.47
C LYS B 88 -8.23 1.52 11.46
N GLU B 89 -7.06 1.28 12.03
CA GLU B 89 -6.01 2.29 12.01
C GLU B 89 -4.64 1.64 11.83
N LEU B 90 -3.74 2.37 11.18
CA LEU B 90 -2.36 1.93 11.03
C LEU B 90 -1.43 2.77 11.91
N GLN B 91 -0.71 2.07 12.79
CA GLN B 91 0.18 2.71 13.73
C GLN B 91 1.63 2.36 13.41
N LEU B 92 2.44 3.38 13.11
CA LEU B 92 3.84 3.16 12.81
C LEU B 92 4.66 2.97 14.07
N LYS B 93 4.58 1.76 14.62
CA LYS B 93 5.36 1.41 15.80
C LYS B 93 6.83 1.30 15.42
N LYS B 94 7.08 1.13 14.13
CA LYS B 94 8.42 1.20 13.59
C LYS B 94 8.49 2.35 12.57
N PRO B 95 9.50 3.21 12.69
CA PRO B 95 9.61 4.43 11.89
C PRO B 95 9.89 4.16 10.41
N GLY B 96 9.71 5.20 9.60
CA GLY B 96 9.94 5.08 8.19
C GLY B 96 10.51 6.35 7.62
N LYS B 97 10.99 6.26 6.39
CA LYS B 97 11.58 7.40 5.70
C LYS B 97 10.50 8.28 5.09
N ASN B 98 10.86 9.48 4.68
CA ASN B 98 9.95 10.42 4.04
C ASN B 98 9.33 9.83 2.77
N VAL B 99 8.01 9.96 2.66
CA VAL B 99 7.26 9.37 1.56
C VAL B 99 7.18 10.31 0.35
N ALA B 100 7.31 11.61 0.58
CA ALA B 100 7.28 12.59 -0.51
C ALA B 100 8.42 12.33 -1.49
N ALA B 101 9.57 11.94 -0.96
CA ALA B 101 10.72 11.58 -1.78
C ALA B 101 10.38 10.40 -2.68
N ILE B 102 9.46 9.57 -2.21
CA ILE B 102 9.01 8.40 -2.96
C ILE B 102 8.16 8.85 -4.15
N ILE B 103 7.42 9.95 -3.97
CA ILE B 103 6.64 10.52 -5.08
C ILE B 103 7.57 10.90 -6.22
N GLN B 104 8.68 11.54 -5.87
CA GLN B 104 9.68 11.92 -6.85
C GLN B 104 10.36 10.67 -7.41
N ASP B 105 10.44 9.64 -6.59
CA ASP B 105 11.00 8.37 -7.00
C ASP B 105 10.13 7.74 -8.10
N ILE B 106 8.82 7.84 -7.92
CA ILE B 106 7.86 7.38 -8.93
C ILE B 106 8.06 8.16 -10.23
N HIS B 107 8.22 9.47 -10.07
CA HIS B 107 8.46 10.34 -11.23
C HIS B 107 9.79 9.99 -11.91
N SER B 108 10.70 9.42 -11.15
CA SER B 108 11.96 8.93 -11.70
C SER B 108 11.75 7.63 -12.46
N GLN B 109 10.71 6.88 -12.09
CA GLN B 109 10.41 5.61 -12.72
C GLN B 109 9.49 5.79 -13.91
N ARG B 110 10.09 5.88 -15.10
CA ARG B 110 9.36 6.07 -16.35
C ARG B 110 8.60 7.39 -16.37
N GLU B 111 7.92 7.67 -17.49
CA GLU B 111 7.16 8.90 -17.66
C GLU B 111 8.02 10.13 -17.43
N ARG B 112 9.20 10.13 -18.03
CA ARG B 112 10.12 11.23 -17.85
C ARG B 112 10.07 12.16 -19.06
O5' ADN A 1 -6.09 -15.08 -1.12
C5' ADN A 1 -6.81 -15.44 0.06
C4' ADN A 1 -6.22 -16.66 0.74
O4' ADN A 1 -5.12 -17.14 -0.07
C3' ADN A 1 -5.65 -16.41 2.13
O3' ADN A 1 -6.00 -17.46 3.03
C2' ADN A 1 -4.15 -16.34 1.93
O2' ADN A 1 -3.43 -16.87 3.03
C1' ADN A 1 -3.95 -17.27 0.73
N9 ADN A 1 -2.78 -16.94 -0.06
C8 ADN A 1 -2.73 -16.33 -1.30
N7 ADN A 1 -1.51 -16.13 -1.73
C5 ADN A 1 -0.70 -16.64 -0.73
C6 ADN A 1 0.70 -16.73 -0.60
N6 ADN A 1 1.56 -16.29 -1.51
N1 ADN A 1 1.18 -17.29 0.53
C2 ADN A 1 0.31 -17.73 1.46
N3 ADN A 1 -1.01 -17.71 1.43
C4 ADN A 1 -1.47 -17.14 0.31
HO5' ADN A 1 -5.58 -15.85 -1.38
H5'1 ADN A 1 -7.84 -15.66 -0.21
H5'2 ADN A 1 -6.80 -14.61 0.76
H4' ADN A 1 -7.02 -17.38 0.85
H3' ADN A 1 -6.05 -15.50 2.57
H2' ADN A 1 -3.85 -15.32 1.68
HO2' ADN A 1 -3.54 -16.25 3.76
H1' ADN A 1 -3.88 -18.32 1.02
H8 ADN A 1 -3.61 -16.05 -1.84
HN61 ADN A 1 1.22 -15.87 -2.36
HN62 ADN A 1 2.55 -16.38 -1.34
H2 ADN A 1 0.76 -18.18 2.34
N GLY B 1 -18.71 8.36 10.15
CA GLY B 1 -19.35 7.22 10.85
C GLY B 1 -18.41 6.03 10.93
N ALA B 2 -18.96 4.87 11.27
CA ALA B 2 -18.17 3.66 11.35
C ALA B 2 -18.84 2.53 10.57
N MET B 3 -19.74 2.92 9.67
CA MET B 3 -20.47 1.95 8.86
C MET B 3 -19.72 1.65 7.58
N ALA B 4 -20.10 0.56 6.91
CA ALA B 4 -19.50 0.16 5.64
C ALA B 4 -17.99 -0.05 5.79
N GLN B 5 -17.59 -0.52 6.97
CA GLN B 5 -16.18 -0.71 7.31
C GLN B 5 -15.46 0.64 7.41
N ARG B 6 -15.04 0.97 8.63
CA ARG B 6 -14.38 2.25 8.92
C ARG B 6 -13.30 2.61 7.91
N LYS B 7 -13.48 3.75 7.24
CA LYS B 7 -12.48 4.26 6.30
C LYS B 7 -12.33 5.76 6.45
N GLY B 8 -12.72 6.28 7.61
CA GLY B 8 -12.58 7.69 7.88
C GLY B 8 -11.34 7.98 8.70
N ALA B 9 -11.53 8.18 9.99
CA ALA B 9 -10.41 8.42 10.91
C ALA B 9 -9.80 7.10 11.35
N GLY B 10 -9.40 6.31 10.37
CA GLY B 10 -8.84 5.00 10.64
C GLY B 10 -9.01 4.08 9.45
N ARG B 11 -7.98 3.97 8.65
CA ARG B 11 -8.03 3.08 7.49
C ARG B 11 -6.89 2.09 7.53
N VAL B 12 -7.21 0.83 7.30
CA VAL B 12 -6.18 -0.18 7.08
C VAL B 12 -6.34 -0.78 5.69
N VAL B 13 -5.31 -0.66 4.88
CA VAL B 13 -5.29 -1.27 3.57
C VAL B 13 -4.11 -2.23 3.52
N HIS B 14 -4.35 -3.49 3.25
CA HIS B 14 -3.31 -4.49 3.33
C HIS B 14 -2.87 -4.91 1.94
N ILE B 15 -1.57 -4.96 1.76
CA ILE B 15 -0.98 -5.39 0.51
C ILE B 15 -0.30 -6.74 0.74
N CYS B 16 -0.47 -7.65 -0.18
CA CYS B 16 0.01 -9.00 0.02
C CYS B 16 0.78 -9.50 -1.19
N ASN B 17 1.61 -10.51 -0.95
CA ASN B 17 2.34 -11.24 -2.00
C ASN B 17 3.62 -10.52 -2.38
N LEU B 18 4.18 -9.81 -1.42
CA LEU B 18 5.44 -9.11 -1.64
C LEU B 18 6.59 -10.08 -1.39
N PRO B 19 7.48 -10.28 -2.37
CA PRO B 19 8.62 -11.17 -2.21
C PRO B 19 9.70 -10.55 -1.35
N GLU B 20 10.24 -11.32 -0.41
CA GLU B 20 11.35 -10.88 0.42
C GLU B 20 12.58 -10.68 -0.45
N GLY B 21 13.33 -9.62 -0.18
CA GLY B 21 14.40 -9.24 -1.07
C GLY B 21 13.91 -8.28 -2.12
N SER B 22 12.64 -7.88 -1.98
CA SER B 22 11.98 -7.05 -2.96
C SER B 22 10.82 -6.29 -2.31
N CYS B 23 10.66 -6.49 -1.01
CA CYS B 23 9.64 -5.78 -0.25
C CYS B 23 10.22 -4.45 0.19
N THR B 24 10.25 -3.49 -0.70
CA THR B 24 10.81 -2.21 -0.36
C THR B 24 9.69 -1.27 0.04
N GLU B 25 9.98 -0.33 0.91
CA GLU B 25 9.01 0.67 1.30
C GLU B 25 8.68 1.53 0.09
N ASN B 26 9.69 1.73 -0.73
CA ASN B 26 9.57 2.59 -1.90
C ASN B 26 8.58 1.99 -2.90
N ASP B 27 8.69 0.69 -3.21
CA ASP B 27 7.83 0.07 -4.25
C ASP B 27 6.39 -0.02 -3.80
N VAL B 28 6.22 -0.45 -2.55
CA VAL B 28 4.90 -0.60 -1.95
C VAL B 28 4.17 0.75 -1.95
N ILE B 29 4.90 1.78 -1.55
CA ILE B 29 4.39 3.14 -1.59
C ILE B 29 4.24 3.62 -3.04
N ASN B 30 5.10 3.15 -3.94
CA ASN B 30 4.98 3.50 -5.36
C ASN B 30 3.63 3.08 -5.88
N LEU B 31 3.05 2.05 -5.28
CA LEU B 31 1.70 1.66 -5.64
C LEU B 31 0.71 2.65 -5.03
N GLY B 32 0.97 3.04 -3.78
CA GLY B 32 0.09 3.97 -3.08
C GLY B 32 0.02 5.38 -3.64
N LEU B 33 1.16 6.02 -3.82
CA LEU B 33 1.21 7.45 -4.10
C LEU B 33 0.44 7.89 -5.36
N PRO B 34 0.56 7.19 -6.52
CA PRO B 34 -0.11 7.60 -7.76
C PRO B 34 -1.63 7.67 -7.65
N PHE B 35 -2.21 6.90 -6.73
CA PHE B 35 -3.67 6.94 -6.54
C PHE B 35 -4.04 7.81 -5.34
N GLY B 36 -3.07 8.11 -4.49
CA GLY B 36 -3.33 8.94 -3.33
C GLY B 36 -2.10 9.12 -2.46
N LYS B 37 -2.08 10.18 -1.67
CA LYS B 37 -0.94 10.45 -0.81
C LYS B 37 -0.80 9.39 0.28
N VAL B 38 0.38 8.81 0.38
CA VAL B 38 0.67 7.80 1.38
C VAL B 38 1.04 8.46 2.70
N THR B 39 0.22 8.25 3.72
CA THR B 39 0.48 8.81 5.03
C THR B 39 1.24 7.82 5.91
N ASN B 40 0.93 6.54 5.76
CA ASN B 40 1.60 5.51 6.56
C ASN B 40 1.79 4.24 5.76
N TYR B 41 2.74 3.42 6.19
CA TYR B 41 3.03 2.16 5.53
C TYR B 41 3.82 1.25 6.47
N ILE B 42 3.65 -0.05 6.31
CA ILE B 42 4.28 -1.03 7.19
C ILE B 42 4.66 -2.25 6.38
N LEU B 43 5.92 -2.63 6.42
CA LEU B 43 6.36 -3.76 5.62
C LEU B 43 6.61 -4.98 6.49
N MET B 44 5.92 -6.08 6.22
CA MET B 44 6.15 -7.29 6.99
C MET B 44 6.84 -8.31 6.11
N LYS B 45 8.16 -8.16 6.01
CA LYS B 45 9.01 -9.09 5.29
C LYS B 45 8.82 -10.54 5.74
N SER B 46 8.45 -10.74 6.99
CA SER B 46 8.37 -12.08 7.55
C SER B 46 7.24 -12.88 6.91
N THR B 47 6.10 -12.23 6.69
CA THR B 47 4.93 -12.90 6.14
C THR B 47 4.79 -12.63 4.65
N ASN B 48 5.73 -11.89 4.09
CA ASN B 48 5.69 -11.46 2.68
C ASN B 48 4.42 -10.63 2.43
N GLN B 49 4.10 -9.78 3.39
CA GLN B 49 2.89 -8.98 3.36
C GLN B 49 3.19 -7.57 3.87
N ALA B 50 2.30 -6.62 3.64
CA ALA B 50 2.53 -5.25 4.06
C ALA B 50 1.23 -4.45 4.21
N PHE B 51 1.33 -3.30 4.85
CA PHE B 51 0.20 -2.39 5.02
C PHE B 51 0.48 -1.05 4.35
N LEU B 52 -0.56 -0.44 3.81
CA LEU B 52 -0.44 0.83 3.13
C LEU B 52 -1.60 1.75 3.54
N GLU B 53 -1.26 2.89 4.13
CA GLU B 53 -2.25 3.87 4.54
C GLU B 53 -2.31 5.02 3.54
N MET B 54 -3.51 5.42 3.20
CA MET B 54 -3.74 6.37 2.14
C MET B 54 -4.54 7.55 2.68
N ALA B 55 -4.33 8.73 2.12
CA ALA B 55 -4.90 9.95 2.68
C ALA B 55 -6.40 10.01 2.45
N TYR B 56 -6.89 9.19 1.54
CA TYR B 56 -8.31 9.19 1.20
C TYR B 56 -8.77 7.75 0.96
N THR B 57 -10.01 7.48 1.37
CA THR B 57 -10.60 6.17 1.16
C THR B 57 -10.82 5.92 -0.33
N GLU B 58 -10.99 7.02 -1.08
CA GLU B 58 -11.13 6.97 -2.52
C GLU B 58 -9.91 6.30 -3.15
N ALA B 59 -8.75 6.49 -2.52
CA ALA B 59 -7.51 5.95 -3.03
C ALA B 59 -7.48 4.45 -2.79
N ALA B 60 -7.90 4.04 -1.61
CA ALA B 60 -7.85 2.64 -1.23
C ALA B 60 -8.74 1.80 -2.12
N GLN B 61 -9.95 2.27 -2.36
CA GLN B 61 -10.90 1.54 -3.18
C GLN B 61 -10.44 1.55 -4.64
N ALA B 62 -9.85 2.65 -5.06
CA ALA B 62 -9.38 2.78 -6.44
C ALA B 62 -8.27 1.77 -6.73
N MET B 63 -7.34 1.64 -5.79
CA MET B 63 -6.22 0.71 -5.94
C MET B 63 -6.74 -0.71 -5.97
N VAL B 64 -7.62 -1.04 -5.03
CA VAL B 64 -8.17 -2.39 -4.96
C VAL B 64 -8.88 -2.74 -6.26
N GLN B 65 -9.73 -1.85 -6.74
CA GLN B 65 -10.48 -2.08 -7.97
C GLN B 65 -9.52 -2.25 -9.15
N TYR B 66 -8.45 -1.46 -9.15
CA TYR B 66 -7.48 -1.52 -10.23
C TYR B 66 -6.71 -2.83 -10.19
N TYR B 67 -6.14 -3.16 -9.03
CA TYR B 67 -5.33 -4.37 -8.90
C TYR B 67 -6.17 -5.65 -8.89
N GLN B 68 -7.49 -5.53 -8.73
CA GLN B 68 -8.36 -6.68 -8.90
C GLN B 68 -8.31 -7.15 -10.36
N GLU B 69 -8.32 -6.18 -11.26
CA GLU B 69 -8.27 -6.47 -12.69
C GLU B 69 -6.84 -6.49 -13.22
N LYS B 70 -6.01 -5.55 -12.74
CA LYS B 70 -4.61 -5.49 -13.15
C LYS B 70 -3.71 -5.41 -11.92
N PRO B 71 -3.35 -6.55 -11.33
CA PRO B 71 -2.50 -6.60 -10.14
C PRO B 71 -1.09 -6.10 -10.42
N ALA B 72 -0.37 -5.73 -9.37
CA ALA B 72 0.99 -5.23 -9.53
C ALA B 72 1.97 -6.39 -9.44
N ILE B 73 2.87 -6.48 -10.41
CA ILE B 73 3.75 -7.64 -10.49
C ILE B 73 5.17 -7.30 -10.04
N ILE B 74 5.63 -8.03 -9.02
CA ILE B 74 7.00 -7.90 -8.52
C ILE B 74 7.68 -9.27 -8.54
N ASN B 75 8.70 -9.40 -9.38
CA ASN B 75 9.42 -10.67 -9.55
C ASN B 75 8.45 -11.76 -10.00
N GLY B 76 7.45 -11.37 -10.77
CA GLY B 76 6.48 -12.31 -11.28
C GLY B 76 5.37 -12.61 -10.30
N GLU B 77 5.37 -11.94 -9.14
CA GLU B 77 4.35 -12.17 -8.14
C GLU B 77 3.31 -11.06 -8.18
N LYS B 78 2.05 -11.45 -8.33
CA LYS B 78 0.94 -10.51 -8.35
C LYS B 78 0.60 -10.01 -6.94
N LEU B 79 0.78 -8.72 -6.72
CA LEU B 79 0.49 -8.11 -5.44
C LEU B 79 -1.00 -7.87 -5.28
N LEU B 80 -1.51 -8.19 -4.11
CA LEU B 80 -2.93 -8.03 -3.85
C LEU B 80 -3.17 -6.93 -2.82
N ILE B 81 -3.75 -5.82 -3.25
CA ILE B 81 -4.10 -4.73 -2.35
C ILE B 81 -5.59 -4.77 -2.03
N ARG B 82 -5.93 -4.94 -0.76
CA ARG B 82 -7.33 -5.02 -0.34
C ARG B 82 -7.51 -4.42 1.05
N MET B 83 -8.75 -4.17 1.42
CA MET B 83 -9.08 -3.55 2.70
C MET B 83 -9.05 -4.58 3.81
N SER B 84 -8.59 -4.18 5.00
CA SER B 84 -8.38 -5.12 6.08
C SER B 84 -9.57 -5.23 7.02
N THR B 85 -9.86 -6.47 7.40
CA THR B 85 -11.01 -6.78 8.26
C THR B 85 -10.65 -6.79 9.74
N ARG B 86 -9.36 -6.88 10.05
CA ARG B 86 -8.95 -7.17 11.42
C ARG B 86 -8.53 -5.91 12.18
N TYR B 87 -8.01 -4.93 11.46
CA TYR B 87 -7.54 -3.70 12.09
C TYR B 87 -8.21 -2.46 11.50
N LYS B 88 -8.37 -1.45 12.34
CA LYS B 88 -8.99 -0.20 11.93
C LYS B 88 -7.98 0.94 11.83
N GLU B 89 -6.79 0.74 12.38
CA GLU B 89 -5.78 1.81 12.38
C GLU B 89 -4.39 1.25 12.16
N LEU B 90 -3.52 2.08 11.58
CA LEU B 90 -2.13 1.72 11.37
C LEU B 90 -1.22 2.63 12.17
N GLN B 91 -0.40 2.03 13.02
CA GLN B 91 0.56 2.77 13.83
C GLN B 91 1.98 2.44 13.38
N LEU B 92 2.80 3.45 13.20
CA LEU B 92 4.17 3.23 12.76
C LEU B 92 5.08 2.88 13.94
N LYS B 93 5.22 1.58 14.18
CA LYS B 93 6.14 1.10 15.21
C LYS B 93 7.58 1.17 14.72
N LYS B 94 7.73 1.28 13.40
CA LYS B 94 9.03 1.41 12.78
C LYS B 94 9.09 2.69 11.97
N PRO B 95 10.26 3.37 11.98
CA PRO B 95 10.42 4.63 11.26
C PRO B 95 10.50 4.45 9.76
N GLY B 96 10.23 5.53 9.05
CA GLY B 96 10.27 5.52 7.61
C GLY B 96 10.92 6.77 7.09
N LYS B 97 11.15 6.83 5.80
CA LYS B 97 11.77 8.01 5.21
C LYS B 97 10.70 8.92 4.62
N ASN B 98 11.12 10.06 4.10
CA ASN B 98 10.20 10.98 3.43
C ASN B 98 9.47 10.30 2.28
N VAL B 99 8.15 10.29 2.35
CA VAL B 99 7.32 9.62 1.37
C VAL B 99 7.16 10.49 0.11
N ALA B 100 7.39 11.79 0.25
CA ALA B 100 7.34 12.70 -0.88
C ALA B 100 8.47 12.41 -1.87
N ALA B 101 9.62 12.02 -1.33
CA ALA B 101 10.76 11.65 -2.15
C ALA B 101 10.44 10.42 -2.99
N ILE B 102 9.52 9.61 -2.46
CA ILE B 102 9.06 8.42 -3.15
C ILE B 102 8.22 8.82 -4.36
N ILE B 103 7.53 9.95 -4.26
CA ILE B 103 6.81 10.51 -5.41
C ILE B 103 7.81 10.82 -6.52
N GLN B 104 8.96 11.35 -6.13
CA GLN B 104 10.04 11.61 -7.09
C GLN B 104 10.52 10.30 -7.72
N ASP B 105 10.50 9.24 -6.93
CA ASP B 105 10.89 7.91 -7.41
C ASP B 105 9.92 7.41 -8.46
N ILE B 106 8.63 7.59 -8.19
CA ILE B 106 7.59 7.20 -9.13
C ILE B 106 7.74 7.96 -10.45
N HIS B 107 7.97 9.26 -10.35
CA HIS B 107 8.17 10.10 -11.53
C HIS B 107 9.42 9.65 -12.28
N SER B 108 10.39 9.14 -11.56
CA SER B 108 11.63 8.64 -12.14
C SER B 108 11.39 7.30 -12.85
N GLN B 109 10.36 6.58 -12.43
CA GLN B 109 10.07 5.27 -12.99
C GLN B 109 9.07 5.37 -14.14
N ARG B 110 9.61 5.37 -15.36
CA ARG B 110 8.80 5.42 -16.56
C ARG B 110 9.10 4.21 -17.43
N GLU B 111 8.24 3.20 -17.34
CA GLU B 111 8.47 1.94 -18.06
C GLU B 111 8.04 2.06 -19.52
N ARG B 112 8.48 3.14 -20.17
CA ARG B 112 8.20 3.38 -21.58
C ARG B 112 8.97 4.60 -22.04
O5' ADN A 1 -6.46 -18.15 -2.34
C5' ADN A 1 -6.79 -17.11 -1.41
C4' ADN A 1 -6.67 -17.57 0.01
O4' ADN A 1 -5.72 -18.68 0.06
C3' ADN A 1 -6.13 -16.54 0.99
O3' ADN A 1 -6.67 -16.73 2.30
C2' ADN A 1 -4.62 -16.79 0.98
O2' ADN A 1 -4.02 -16.41 2.20
C1' ADN A 1 -4.60 -18.30 0.84
N9 ADN A 1 -3.38 -18.80 0.18
C8 ADN A 1 -3.08 -18.74 -1.15
N7 ADN A 1 -1.92 -19.27 -1.46
C5 ADN A 1 -1.43 -19.72 -0.23
C6 ADN A 1 -0.24 -20.37 0.12
N6 ADN A 1 0.71 -20.70 -0.74
N1 ADN A 1 -0.06 -20.66 1.43
C2 ADN A 1 -1.02 -20.33 2.31
N3 ADN A 1 -2.18 -19.72 2.09
C4 ADN A 1 -2.33 -19.44 0.79
HO5' ADN A 1 -6.53 -18.99 -1.87
H5'1 ADN A 1 -7.81 -16.79 -1.60
H5'2 ADN A 1 -6.13 -16.26 -1.56
H4' ADN A 1 -7.66 -17.85 0.36
H3' ADN A 1 -6.40 -15.52 0.70
H2' ADN A 1 -4.17 -16.29 0.12
HO2' ADN A 1 -4.18 -15.47 2.33
H1' ADN A 1 -4.69 -18.81 1.80
H8 ADN A 1 -3.75 -18.31 -1.88
HN61 ADN A 1 0.60 -20.48 -1.73
HN62 ADN A 1 1.54 -21.16 -0.42
H2 ADN A 1 -0.81 -20.60 3.35
N GLY B 1 -17.56 -9.73 7.94
CA GLY B 1 -18.06 -8.35 8.15
C GLY B 1 -17.90 -7.50 6.90
N ALA B 2 -18.86 -6.61 6.68
CA ALA B 2 -18.84 -5.71 5.55
C ALA B 2 -19.71 -4.50 5.83
N MET B 3 -19.38 -3.37 5.19
CA MET B 3 -20.11 -2.10 5.34
C MET B 3 -19.85 -1.44 6.69
N ALA B 4 -19.90 -2.23 7.76
CA ALA B 4 -19.67 -1.73 9.11
C ALA B 4 -18.18 -1.59 9.39
N GLN B 5 -17.43 -1.28 8.35
CA GLN B 5 -15.99 -1.09 8.44
C GLN B 5 -15.70 0.40 8.52
N ARG B 6 -14.79 0.78 9.41
CA ARG B 6 -14.43 2.17 9.56
C ARG B 6 -13.50 2.59 8.44
N LYS B 7 -13.93 3.58 7.67
CA LYS B 7 -13.14 4.08 6.55
C LYS B 7 -13.19 5.60 6.52
N GLY B 8 -13.49 6.19 7.67
CA GLY B 8 -13.56 7.63 7.77
C GLY B 8 -12.19 8.25 7.85
N ALA B 9 -11.65 8.31 9.06
CA ALA B 9 -10.31 8.85 9.28
C ALA B 9 -9.32 7.72 9.53
N GLY B 10 -9.85 6.51 9.59
CA GLY B 10 -9.04 5.35 9.80
C GLY B 10 -9.23 4.32 8.71
N ARG B 11 -8.35 4.32 7.72
CA ARG B 11 -8.40 3.29 6.70
C ARG B 11 -7.20 2.37 6.85
N VAL B 12 -7.46 1.08 6.78
CA VAL B 12 -6.39 0.11 6.74
C VAL B 12 -6.42 -0.67 5.44
N VAL B 13 -5.33 -0.61 4.71
CA VAL B 13 -5.23 -1.31 3.44
C VAL B 13 -4.04 -2.25 3.51
N HIS B 14 -4.28 -3.54 3.33
CA HIS B 14 -3.23 -4.54 3.45
C HIS B 14 -2.81 -5.03 2.07
N ILE B 15 -1.52 -5.10 1.86
CA ILE B 15 -0.97 -5.59 0.61
C ILE B 15 -0.28 -6.92 0.87
N CYS B 16 -0.37 -7.83 -0.07
CA CYS B 16 0.22 -9.14 0.12
C CYS B 16 0.87 -9.64 -1.17
N ASN B 17 1.71 -10.66 -1.01
CA ASN B 17 2.36 -11.38 -2.11
C ASN B 17 3.66 -10.69 -2.50
N LEU B 18 4.25 -10.00 -1.54
CA LEU B 18 5.53 -9.34 -1.75
C LEU B 18 6.65 -10.35 -1.54
N PRO B 19 7.53 -10.53 -2.54
CA PRO B 19 8.63 -11.49 -2.42
C PRO B 19 9.70 -10.99 -1.46
N GLU B 20 10.16 -11.88 -0.59
CA GLU B 20 11.22 -11.57 0.35
C GLU B 20 12.52 -11.28 -0.39
N GLY B 21 13.25 -10.28 0.05
CA GLY B 21 14.43 -9.86 -0.69
C GLY B 21 14.04 -8.88 -1.78
N SER B 22 12.77 -8.51 -1.78
CA SER B 22 12.21 -7.66 -2.82
C SER B 22 11.06 -6.83 -2.26
N CYS B 23 10.88 -6.91 -0.94
CA CYS B 23 9.84 -6.14 -0.27
C CYS B 23 10.40 -4.79 0.11
N THR B 24 10.35 -3.83 -0.80
CA THR B 24 10.90 -2.53 -0.50
C THR B 24 9.78 -1.60 -0.12
N GLU B 25 10.09 -0.61 0.69
CA GLU B 25 9.12 0.41 1.05
C GLU B 25 8.79 1.22 -0.20
N ASN B 26 9.82 1.36 -1.04
CA ASN B 26 9.72 2.16 -2.25
C ASN B 26 8.67 1.61 -3.21
N ASP B 27 8.69 0.31 -3.50
CA ASP B 27 7.78 -0.26 -4.52
C ASP B 27 6.35 -0.26 -4.03
N VAL B 28 6.20 -0.66 -2.78
CA VAL B 28 4.88 -0.75 -2.15
C VAL B 28 4.21 0.63 -2.13
N ILE B 29 4.98 1.62 -1.71
CA ILE B 29 4.51 3.00 -1.72
C ILE B 29 4.36 3.52 -3.15
N ASN B 30 5.22 3.09 -4.07
CA ASN B 30 5.09 3.50 -5.47
C ASN B 30 3.75 3.12 -6.02
N LEU B 31 3.14 2.08 -5.47
CA LEU B 31 1.78 1.73 -5.84
C LEU B 31 0.79 2.68 -5.20
N GLY B 32 1.04 3.00 -3.92
CA GLY B 32 0.17 3.91 -3.17
C GLY B 32 0.05 5.32 -3.73
N LEU B 33 1.19 5.94 -4.01
CA LEU B 33 1.23 7.37 -4.32
C LEU B 33 0.48 7.80 -5.60
N PRO B 34 0.56 7.05 -6.71
CA PRO B 34 -0.12 7.44 -7.95
C PRO B 34 -1.65 7.54 -7.81
N PHE B 35 -2.24 6.78 -6.87
CA PHE B 35 -3.69 6.82 -6.69
C PHE B 35 -4.08 7.71 -5.51
N GLY B 36 -3.11 8.05 -4.67
CA GLY B 36 -3.40 8.85 -3.49
C GLY B 36 -2.15 9.21 -2.72
N LYS B 37 -2.32 9.85 -1.57
CA LYS B 37 -1.17 10.26 -0.79
C LYS B 37 -0.86 9.22 0.27
N VAL B 38 0.36 8.70 0.27
CA VAL B 38 0.78 7.74 1.27
C VAL B 38 1.25 8.45 2.52
N THR B 39 0.51 8.28 3.59
CA THR B 39 0.88 8.87 4.86
C THR B 39 1.65 7.89 5.73
N ASN B 40 1.28 6.61 5.63
CA ASN B 40 1.91 5.57 6.43
C ASN B 40 2.06 4.30 5.61
N TYR B 41 2.98 3.46 6.03
CA TYR B 41 3.26 2.21 5.36
C TYR B 41 3.96 1.26 6.31
N ILE B 42 3.78 -0.04 6.11
CA ILE B 42 4.32 -1.04 7.02
C ILE B 42 4.75 -2.24 6.19
N LEU B 43 5.99 -2.65 6.29
CA LEU B 43 6.44 -3.79 5.50
C LEU B 43 6.63 -4.99 6.38
N MET B 44 5.80 -6.01 6.18
CA MET B 44 5.88 -7.19 7.04
C MET B 44 6.71 -8.24 6.33
N LYS B 45 8.01 -8.06 6.41
CA LYS B 45 8.97 -8.99 5.84
C LYS B 45 8.77 -10.43 6.31
N SER B 46 8.24 -10.61 7.51
CA SER B 46 8.11 -11.94 8.08
C SER B 46 7.05 -12.76 7.33
N THR B 47 5.94 -12.11 6.98
CA THR B 47 4.84 -12.80 6.33
C THR B 47 4.80 -12.55 4.82
N ASN B 48 5.81 -11.85 4.30
CA ASN B 48 5.85 -11.47 2.89
C ASN B 48 4.61 -10.65 2.53
N GLN B 49 4.24 -9.76 3.46
CA GLN B 49 3.03 -8.96 3.34
C GLN B 49 3.34 -7.54 3.78
N ALA B 50 2.43 -6.60 3.56
CA ALA B 50 2.67 -5.22 3.94
C ALA B 50 1.36 -4.44 4.09
N PHE B 51 1.45 -3.27 4.73
CA PHE B 51 0.30 -2.35 4.84
C PHE B 51 0.63 -1.03 4.17
N LEU B 52 -0.41 -0.38 3.64
CA LEU B 52 -0.27 0.88 2.95
C LEU B 52 -1.39 1.83 3.34
N GLU B 53 -1.04 2.96 3.92
CA GLU B 53 -2.03 3.93 4.36
C GLU B 53 -2.18 5.05 3.35
N MET B 54 -3.43 5.36 3.03
CA MET B 54 -3.77 6.33 2.01
C MET B 54 -4.58 7.46 2.63
N ALA B 55 -4.35 8.68 2.13
CA ALA B 55 -4.87 9.89 2.77
C ALA B 55 -6.38 9.99 2.70
N TYR B 56 -6.99 9.28 1.75
CA TYR B 56 -8.44 9.28 1.62
C TYR B 56 -8.92 7.88 1.26
N THR B 57 -10.16 7.59 1.66
CA THR B 57 -10.75 6.28 1.44
C THR B 57 -10.95 6.02 -0.06
N GLU B 58 -11.10 7.09 -0.82
CA GLU B 58 -11.20 7.02 -2.28
C GLU B 58 -9.99 6.31 -2.87
N ALA B 59 -8.83 6.50 -2.24
CA ALA B 59 -7.60 5.95 -2.75
C ALA B 59 -7.55 4.45 -2.54
N ALA B 60 -7.98 4.02 -1.36
CA ALA B 60 -7.94 2.62 -0.97
C ALA B 60 -8.79 1.76 -1.90
N GLN B 61 -10.00 2.22 -2.19
CA GLN B 61 -10.90 1.48 -3.06
C GLN B 61 -10.36 1.44 -4.48
N ALA B 62 -9.74 2.54 -4.90
CA ALA B 62 -9.14 2.62 -6.23
C ALA B 62 -8.02 1.58 -6.38
N MET B 63 -7.24 1.40 -5.31
CA MET B 63 -6.16 0.42 -5.30
C MET B 63 -6.75 -0.97 -5.51
N VAL B 64 -7.78 -1.29 -4.73
CA VAL B 64 -8.39 -2.60 -4.78
C VAL B 64 -9.01 -2.86 -6.14
N GLN B 65 -9.77 -1.89 -6.64
CA GLN B 65 -10.44 -2.05 -7.93
C GLN B 65 -9.44 -2.23 -9.05
N TYR B 66 -8.33 -1.48 -8.98
CA TYR B 66 -7.32 -1.54 -10.03
C TYR B 66 -6.60 -2.88 -10.01
N TYR B 67 -6.07 -3.26 -8.84
CA TYR B 67 -5.23 -4.46 -8.74
C TYR B 67 -6.04 -5.76 -8.74
N GLN B 68 -7.35 -5.65 -8.58
CA GLN B 68 -8.22 -6.81 -8.78
C GLN B 68 -8.30 -7.15 -10.26
N GLU B 69 -8.39 -6.12 -11.09
CA GLU B 69 -8.45 -6.31 -12.54
C GLU B 69 -7.05 -6.38 -13.14
N LYS B 70 -6.14 -5.55 -12.64
CA LYS B 70 -4.76 -5.54 -13.08
C LYS B 70 -3.83 -5.42 -11.87
N PRO B 71 -3.40 -6.56 -11.31
CA PRO B 71 -2.52 -6.58 -10.13
C PRO B 71 -1.13 -6.04 -10.44
N ALA B 72 -0.39 -5.68 -9.39
CA ALA B 72 0.95 -5.15 -9.56
C ALA B 72 1.95 -6.28 -9.54
N ILE B 73 2.82 -6.32 -10.55
CA ILE B 73 3.73 -7.44 -10.72
C ILE B 73 5.10 -7.13 -10.16
N ILE B 74 5.53 -7.92 -9.18
CA ILE B 74 6.88 -7.83 -8.65
C ILE B 74 7.57 -9.18 -8.78
N ASN B 75 8.59 -9.25 -9.63
CA ASN B 75 9.34 -10.49 -9.87
C ASN B 75 8.40 -11.59 -10.35
N GLY B 76 7.39 -11.18 -11.09
CA GLY B 76 6.41 -12.12 -11.62
C GLY B 76 5.30 -12.45 -10.63
N GLU B 77 5.32 -11.81 -9.47
CA GLU B 77 4.30 -12.08 -8.46
C GLU B 77 3.26 -10.96 -8.45
N LYS B 78 2.00 -11.34 -8.59
CA LYS B 78 0.88 -10.41 -8.52
C LYS B 78 0.63 -9.97 -7.10
N LEU B 79 0.78 -8.68 -6.84
CA LEU B 79 0.49 -8.13 -5.53
C LEU B 79 -1.01 -7.93 -5.36
N LEU B 80 -1.52 -8.35 -4.22
CA LEU B 80 -2.94 -8.25 -3.95
C LEU B 80 -3.20 -7.22 -2.86
N ILE B 81 -3.82 -6.12 -3.24
CA ILE B 81 -4.15 -5.05 -2.30
C ILE B 81 -5.62 -5.13 -1.91
N ARG B 82 -5.89 -5.18 -0.61
CA ARG B 82 -7.25 -5.34 -0.09
C ARG B 82 -7.40 -4.57 1.21
N MET B 83 -8.63 -4.27 1.58
CA MET B 83 -8.89 -3.55 2.82
C MET B 83 -8.89 -4.53 3.99
N SER B 84 -8.46 -4.07 5.16
CA SER B 84 -8.31 -4.96 6.30
C SER B 84 -9.61 -5.08 7.09
N THR B 85 -9.91 -6.30 7.48
CA THR B 85 -11.08 -6.59 8.28
C THR B 85 -10.75 -6.53 9.77
N ARG B 86 -9.45 -6.51 10.09
CA ARG B 86 -9.01 -6.67 11.47
C ARG B 86 -8.58 -5.35 12.09
N TYR B 87 -8.12 -4.42 11.26
CA TYR B 87 -7.62 -3.14 11.76
C TYR B 87 -8.42 -1.98 11.20
N LYS B 88 -8.67 -0.97 12.05
CA LYS B 88 -9.32 0.25 11.62
C LYS B 88 -8.33 1.41 11.60
N GLU B 89 -7.13 1.16 12.13
CA GLU B 89 -6.11 2.18 12.15
C GLU B 89 -4.73 1.54 11.99
N LEU B 90 -3.83 2.29 11.37
CA LEU B 90 -2.45 1.85 11.23
C LEU B 90 -1.54 2.61 12.18
N GLN B 91 -0.76 1.86 12.94
CA GLN B 91 0.21 2.45 13.84
C GLN B 91 1.62 2.14 13.36
N LEU B 92 2.46 3.17 13.31
CA LEU B 92 3.83 3.01 12.85
C LEU B 92 4.73 2.54 13.98
N LYS B 93 5.05 1.25 13.98
CA LYS B 93 6.09 0.73 14.86
C LYS B 93 7.44 1.33 14.46
N LYS B 94 7.53 1.69 13.19
CA LYS B 94 8.71 2.32 12.63
C LYS B 94 8.37 3.75 12.23
N PRO B 95 9.25 4.71 12.57
CA PRO B 95 8.99 6.15 12.38
C PRO B 95 8.71 6.53 10.93
N GLY B 96 9.19 5.72 10.00
CA GLY B 96 8.98 5.98 8.60
C GLY B 96 9.95 7.00 8.05
N LYS B 97 10.06 7.03 6.74
CA LYS B 97 10.89 8.01 6.05
C LYS B 97 9.99 8.94 5.24
N ASN B 98 10.52 10.04 4.77
CA ASN B 98 9.75 10.96 3.93
C ASN B 98 9.22 10.25 2.68
N VAL B 99 7.90 10.28 2.54
CA VAL B 99 7.24 9.58 1.45
C VAL B 99 7.07 10.51 0.23
N ALA B 100 7.12 11.82 0.47
CA ALA B 100 7.04 12.80 -0.62
C ALA B 100 8.21 12.60 -1.59
N ALA B 101 9.37 12.24 -1.05
CA ALA B 101 10.54 11.96 -1.86
C ALA B 101 10.29 10.73 -2.74
N ILE B 102 9.42 9.85 -2.27
CA ILE B 102 9.07 8.65 -3.01
C ILE B 102 8.20 9.04 -4.23
N ILE B 103 7.44 10.13 -4.08
CA ILE B 103 6.70 10.69 -5.21
C ILE B 103 7.68 11.12 -6.29
N GLN B 104 8.76 11.78 -5.88
CA GLN B 104 9.81 12.21 -6.81
C GLN B 104 10.45 10.99 -7.46
N ASP B 105 10.51 9.90 -6.70
CA ASP B 105 11.06 8.64 -7.19
C ASP B 105 10.17 8.07 -8.30
N ILE B 106 8.86 8.11 -8.08
CA ILE B 106 7.89 7.66 -9.08
C ILE B 106 7.97 8.51 -10.34
N HIS B 107 8.23 9.79 -10.16
CA HIS B 107 8.40 10.69 -11.30
C HIS B 107 9.61 10.30 -12.12
N SER B 108 10.65 9.82 -11.46
CA SER B 108 11.86 9.37 -12.14
C SER B 108 11.63 8.01 -12.80
N GLN B 109 10.87 7.15 -12.13
CA GLN B 109 10.58 5.82 -12.64
C GLN B 109 9.13 5.45 -12.35
N ARG B 110 8.30 5.47 -13.38
CA ARG B 110 6.91 5.07 -13.23
C ARG B 110 6.78 3.57 -13.42
N GLU B 111 5.89 2.95 -12.65
CA GLU B 111 5.75 1.50 -12.67
C GLU B 111 4.62 1.07 -13.61
N ARG B 112 4.72 -0.16 -14.11
CA ARG B 112 3.70 -0.74 -14.97
C ARG B 112 4.12 -2.15 -15.40
O5' ADN A 1 -9.98 -11.13 0.26
C5' ADN A 1 -9.34 -11.44 1.49
C4' ADN A 1 -9.39 -12.92 1.79
O4' ADN A 1 -9.53 -13.64 0.53
C3' ADN A 1 -8.14 -13.50 2.45
O3' ADN A 1 -8.48 -14.57 3.32
C2' ADN A 1 -7.32 -13.99 1.26
O2' ADN A 1 -6.49 -15.08 1.61
C1' ADN A 1 -8.42 -14.48 0.32
N9 ADN A 1 -8.05 -14.43 -1.09
C8 ADN A 1 -8.49 -13.55 -2.04
N7 ADN A 1 -7.99 -13.74 -3.23
C5 ADN A 1 -7.17 -14.84 -3.06
C6 ADN A 1 -6.35 -15.56 -3.95
N6 ADN A 1 -6.23 -15.26 -5.24
N1 ADN A 1 -5.65 -16.60 -3.47
C2 ADN A 1 -5.77 -16.90 -2.17
N3 ADN A 1 -6.50 -16.31 -1.23
C4 ADN A 1 -7.18 -15.28 -1.75
HO5' ADN A 1 -10.40 -11.94 -0.05
H5'1 ADN A 1 -9.84 -10.90 2.30
H5'2 ADN A 1 -8.30 -11.12 1.46
H4' ADN A 1 -10.21 -13.09 2.48
H3' ADN A 1 -7.62 -12.76 3.05
H2' ADN A 1 -6.75 -13.16 0.82
HO2' ADN A 1 -7.05 -15.74 2.03
H1' ADN A 1 -8.74 -15.49 0.56
H8 ADN A 1 -9.19 -12.75 -1.81
HN61 ADN A 1 -6.74 -14.48 -5.63
HN62 ADN A 1 -5.62 -15.81 -5.84
H2 ADN A 1 -5.18 -17.76 -1.83
N GLY B 1 -16.08 6.84 4.05
CA GLY B 1 -16.42 6.45 5.44
C GLY B 1 -17.90 6.22 5.61
N ALA B 2 -18.28 5.72 6.79
CA ALA B 2 -19.68 5.48 7.13
C ALA B 2 -20.34 4.51 6.16
N MET B 3 -19.60 3.47 5.78
CA MET B 3 -20.11 2.45 4.88
C MET B 3 -19.80 1.06 5.43
N ALA B 4 -18.51 0.77 5.56
CA ALA B 4 -18.08 -0.53 6.06
C ALA B 4 -16.67 -0.46 6.62
N GLN B 5 -16.42 -1.26 7.65
CA GLN B 5 -15.07 -1.44 8.21
C GLN B 5 -14.56 -0.16 8.89
N ARG B 6 -15.42 0.85 8.96
CA ARG B 6 -15.10 2.13 9.58
C ARG B 6 -13.96 2.82 8.85
N LYS B 7 -13.88 2.60 7.54
CA LYS B 7 -12.79 3.15 6.74
C LYS B 7 -13.06 4.60 6.39
N GLY B 8 -13.03 5.45 7.41
CA GLY B 8 -13.15 6.87 7.22
C GLY B 8 -12.11 7.60 8.03
N ALA B 9 -12.38 7.77 9.31
CA ALA B 9 -11.40 8.31 10.24
C ALA B 9 -10.56 7.16 10.78
N GLY B 10 -9.80 6.54 9.90
CA GLY B 10 -9.04 5.36 10.24
C GLY B 10 -9.13 4.32 9.15
N ARG B 11 -8.03 4.07 8.46
CA ARG B 11 -8.04 3.10 7.38
C ARG B 11 -6.85 2.14 7.48
N VAL B 12 -7.14 0.87 7.31
CA VAL B 12 -6.11 -0.11 7.07
C VAL B 12 -6.29 -0.75 5.70
N VAL B 13 -5.28 -0.63 4.86
CA VAL B 13 -5.31 -1.25 3.55
C VAL B 13 -4.13 -2.21 3.48
N HIS B 14 -4.41 -3.48 3.24
CA HIS B 14 -3.39 -4.51 3.34
C HIS B 14 -2.96 -4.97 1.95
N ILE B 15 -1.66 -5.04 1.76
CA ILE B 15 -1.07 -5.51 0.53
C ILE B 15 -0.34 -6.80 0.81
N CYS B 16 -0.39 -7.75 -0.09
CA CYS B 16 0.26 -9.03 0.14
C CYS B 16 0.87 -9.58 -1.13
N ASN B 17 1.71 -10.60 -0.95
CA ASN B 17 2.36 -11.33 -2.05
C ASN B 17 3.66 -10.63 -2.43
N LEU B 18 4.25 -9.96 -1.44
CA LEU B 18 5.52 -9.30 -1.64
C LEU B 18 6.62 -10.29 -1.29
N PRO B 19 7.54 -10.58 -2.21
CA PRO B 19 8.62 -11.52 -1.93
C PRO B 19 9.62 -10.93 -0.95
N GLU B 20 10.00 -11.71 0.06
CA GLU B 20 11.01 -11.28 1.02
C GLU B 20 12.34 -11.12 0.32
N GLY B 21 12.97 -9.98 0.53
CA GLY B 21 14.17 -9.67 -0.23
C GLY B 21 13.84 -8.80 -1.42
N SER B 22 12.57 -8.43 -1.52
CA SER B 22 12.09 -7.59 -2.60
C SER B 22 10.97 -6.69 -2.11
N CYS B 23 10.76 -6.70 -0.80
CA CYS B 23 9.72 -5.89 -0.20
C CYS B 23 10.30 -4.52 0.15
N THR B 24 10.32 -3.63 -0.82
CA THR B 24 10.90 -2.33 -0.57
C THR B 24 9.80 -1.36 -0.21
N GLU B 25 10.14 -0.36 0.57
CA GLU B 25 9.21 0.68 0.94
C GLU B 25 8.84 1.47 -0.30
N ASN B 26 9.81 1.61 -1.19
CA ASN B 26 9.63 2.38 -2.39
C ASN B 26 8.60 1.76 -3.31
N ASP B 27 8.68 0.45 -3.59
CA ASP B 27 7.81 -0.17 -4.60
C ASP B 27 6.35 -0.22 -4.12
N VAL B 28 6.19 -0.62 -2.87
CA VAL B 28 4.87 -0.75 -2.26
C VAL B 28 4.15 0.61 -2.26
N ILE B 29 4.87 1.63 -1.82
CA ILE B 29 4.36 2.97 -1.83
C ILE B 29 4.23 3.52 -3.27
N ASN B 30 5.13 3.10 -4.17
CA ASN B 30 5.03 3.51 -5.58
C ASN B 30 3.69 3.08 -6.15
N LEU B 31 3.13 2.02 -5.59
CA LEU B 31 1.81 1.59 -5.99
C LEU B 31 0.76 2.51 -5.40
N GLY B 32 0.97 2.90 -4.13
CA GLY B 32 0.03 3.78 -3.46
C GLY B 32 -0.02 5.22 -3.99
N LEU B 33 1.12 5.87 -4.05
CA LEU B 33 1.17 7.33 -4.29
C LEU B 33 0.43 7.80 -5.55
N PRO B 34 0.60 7.14 -6.72
CA PRO B 34 -0.05 7.57 -7.97
C PRO B 34 -1.58 7.55 -7.88
N PHE B 35 -2.14 6.72 -7.01
CA PHE B 35 -3.59 6.68 -6.83
C PHE B 35 -4.02 7.49 -5.62
N GLY B 36 -3.08 7.82 -4.76
CA GLY B 36 -3.39 8.58 -3.57
C GLY B 36 -2.17 8.79 -2.68
N LYS B 37 -2.15 9.88 -1.94
CA LYS B 37 -1.01 10.18 -1.09
C LYS B 37 -0.88 9.16 0.04
N VAL B 38 0.31 8.62 0.17
CA VAL B 38 0.61 7.64 1.21
C VAL B 38 1.02 8.34 2.49
N THR B 39 0.20 8.20 3.53
CA THR B 39 0.48 8.82 4.81
C THR B 39 1.23 7.87 5.74
N ASN B 40 0.91 6.59 5.64
CA ASN B 40 1.55 5.57 6.48
C ASN B 40 1.73 4.30 5.69
N TYR B 41 2.72 3.51 6.06
CA TYR B 41 2.99 2.26 5.40
C TYR B 41 3.74 1.34 6.35
N ILE B 42 3.57 0.03 6.18
CA ILE B 42 4.21 -0.95 7.05
C ILE B 42 4.63 -2.14 6.22
N LEU B 43 5.89 -2.51 6.25
CA LEU B 43 6.35 -3.60 5.42
C LEU B 43 6.65 -4.84 6.25
N MET B 44 5.97 -5.93 5.96
CA MET B 44 6.26 -7.17 6.67
C MET B 44 6.91 -8.16 5.71
N LYS B 45 8.20 -7.99 5.51
CA LYS B 45 9.00 -8.93 4.72
C LYS B 45 8.85 -10.36 5.22
N SER B 46 8.59 -10.52 6.52
CA SER B 46 8.59 -11.83 7.14
C SER B 46 7.40 -12.66 6.64
N THR B 47 6.23 -12.04 6.55
CA THR B 47 5.02 -12.73 6.15
C THR B 47 4.71 -12.52 4.68
N ASN B 48 5.61 -11.84 3.97
CA ASN B 48 5.42 -11.50 2.56
C ASN B 48 4.16 -10.65 2.38
N GLN B 49 3.96 -9.75 3.32
CA GLN B 49 2.76 -8.92 3.36
C GLN B 49 3.13 -7.50 3.80
N ALA B 50 2.24 -6.55 3.58
CA ALA B 50 2.50 -5.18 3.95
C ALA B 50 1.21 -4.39 4.12
N PHE B 51 1.32 -3.22 4.74
CA PHE B 51 0.18 -2.33 4.93
C PHE B 51 0.43 -0.98 4.27
N LEU B 52 -0.63 -0.38 3.76
CA LEU B 52 -0.54 0.89 3.08
C LEU B 52 -1.69 1.81 3.49
N GLU B 53 -1.35 2.94 4.09
CA GLU B 53 -2.35 3.93 4.48
C GLU B 53 -2.32 5.10 3.50
N MET B 54 -3.50 5.54 3.12
CA MET B 54 -3.64 6.52 2.06
C MET B 54 -4.36 7.75 2.59
N ALA B 55 -4.31 8.86 1.89
CA ALA B 55 -4.84 10.11 2.43
C ALA B 55 -6.35 10.02 2.66
N TYR B 56 -7.05 9.44 1.70
CA TYR B 56 -8.50 9.34 1.78
C TYR B 56 -8.95 7.91 1.46
N THR B 57 -10.16 7.58 1.92
CA THR B 57 -10.70 6.24 1.71
C THR B 57 -10.98 6.00 0.23
N GLU B 58 -11.23 7.09 -0.50
CA GLU B 58 -11.43 7.04 -1.94
C GLU B 58 -10.23 6.42 -2.64
N ALA B 59 -9.06 6.64 -2.08
CA ALA B 59 -7.82 6.15 -2.67
C ALA B 59 -7.72 4.65 -2.49
N ALA B 60 -8.07 4.17 -1.30
CA ALA B 60 -7.95 2.77 -0.96
C ALA B 60 -8.83 1.92 -1.85
N GLN B 61 -10.07 2.33 -2.02
CA GLN B 61 -11.02 1.57 -2.82
C GLN B 61 -10.64 1.61 -4.29
N ALA B 62 -10.11 2.76 -4.73
CA ALA B 62 -9.68 2.91 -6.11
C ALA B 62 -8.52 1.99 -6.43
N MET B 63 -7.56 1.90 -5.52
CA MET B 63 -6.40 1.04 -5.72
C MET B 63 -6.81 -0.42 -5.70
N VAL B 64 -7.67 -0.78 -4.75
CA VAL B 64 -8.12 -2.16 -4.65
C VAL B 64 -8.80 -2.58 -5.94
N GLN B 65 -9.69 -1.73 -6.44
CA GLN B 65 -10.39 -2.02 -7.69
C GLN B 65 -9.42 -2.14 -8.86
N TYR B 66 -8.38 -1.31 -8.84
CA TYR B 66 -7.37 -1.35 -9.89
C TYR B 66 -6.57 -2.65 -9.83
N TYR B 67 -6.02 -2.95 -8.66
CA TYR B 67 -5.16 -4.13 -8.50
C TYR B 67 -5.95 -5.43 -8.47
N GLN B 68 -7.26 -5.35 -8.30
CA GLN B 68 -8.12 -6.52 -8.47
C GLN B 68 -8.09 -6.96 -9.94
N GLU B 69 -8.16 -5.98 -10.82
CA GLU B 69 -8.19 -6.24 -12.26
C GLU B 69 -6.79 -6.26 -12.86
N LYS B 70 -5.93 -5.36 -12.41
CA LYS B 70 -4.55 -5.31 -12.88
C LYS B 70 -3.59 -5.26 -11.70
N PRO B 71 -3.20 -6.43 -11.18
CA PRO B 71 -2.28 -6.53 -10.05
C PRO B 71 -0.86 -6.14 -10.45
N ALA B 72 -0.04 -5.82 -9.45
CA ALA B 72 1.34 -5.45 -9.68
C ALA B 72 2.22 -6.69 -9.57
N ILE B 73 3.16 -6.86 -10.48
CA ILE B 73 3.97 -8.06 -10.50
C ILE B 73 5.37 -7.79 -9.99
N ILE B 74 5.78 -8.54 -8.98
CA ILE B 74 7.13 -8.43 -8.43
C ILE B 74 7.77 -9.81 -8.33
N ASN B 75 8.83 -10.03 -9.12
CA ASN B 75 9.54 -11.31 -9.16
C ASN B 75 8.58 -12.46 -9.49
N GLY B 76 7.60 -12.16 -10.33
CA GLY B 76 6.65 -13.16 -10.75
C GLY B 76 5.47 -13.33 -9.81
N GLU B 77 5.44 -12.54 -8.74
CA GLU B 77 4.34 -12.59 -7.80
C GLU B 77 3.42 -11.40 -8.01
N LYS B 78 2.14 -11.67 -8.24
CA LYS B 78 1.14 -10.62 -8.33
C LYS B 78 0.73 -10.12 -6.96
N LEU B 79 0.89 -8.83 -6.74
CA LEU B 79 0.59 -8.20 -5.47
C LEU B 79 -0.90 -7.97 -5.32
N LEU B 80 -1.41 -8.24 -4.14
CA LEU B 80 -2.83 -8.10 -3.88
C LEU B 80 -3.09 -6.97 -2.88
N ILE B 81 -3.70 -5.90 -3.35
CA ILE B 81 -4.06 -4.78 -2.48
C ILE B 81 -5.56 -4.83 -2.17
N ARG B 82 -5.90 -4.97 -0.90
CA ARG B 82 -7.30 -5.03 -0.47
C ARG B 82 -7.44 -4.38 0.90
N MET B 83 -8.68 -4.10 1.30
CA MET B 83 -8.93 -3.46 2.59
C MET B 83 -8.88 -4.49 3.71
N SER B 84 -8.21 -4.14 4.80
CA SER B 84 -8.09 -5.06 5.92
C SER B 84 -9.40 -5.18 6.68
N THR B 85 -9.73 -6.43 7.00
CA THR B 85 -10.93 -6.74 7.76
C THR B 85 -10.65 -6.77 9.26
N ARG B 86 -9.37 -6.80 9.63
CA ARG B 86 -8.98 -7.07 11.00
C ARG B 86 -8.62 -5.80 11.77
N TYR B 87 -8.10 -4.80 11.06
CA TYR B 87 -7.67 -3.57 11.72
C TYR B 87 -8.27 -2.34 11.07
N LYS B 88 -8.53 -1.32 11.88
CA LYS B 88 -9.11 -0.07 11.41
C LYS B 88 -8.11 1.09 11.42
N GLU B 89 -6.95 0.90 12.04
CA GLU B 89 -5.96 1.97 12.06
C GLU B 89 -4.54 1.40 11.96
N LEU B 90 -3.65 2.19 11.35
CA LEU B 90 -2.25 1.82 11.24
C LEU B 90 -1.38 2.71 12.11
N GLN B 91 -0.58 2.10 12.95
CA GLN B 91 0.36 2.82 13.80
C GLN B 91 1.79 2.50 13.40
N LEU B 92 2.64 3.52 13.35
CA LEU B 92 4.04 3.33 13.02
C LEU B 92 4.87 3.07 14.27
N LYS B 93 5.12 1.80 14.54
CA LYS B 93 6.01 1.40 15.63
C LYS B 93 7.45 1.52 15.17
N LYS B 94 7.62 1.60 13.86
CA LYS B 94 8.92 1.71 13.23
C LYS B 94 8.99 2.99 12.41
N PRO B 95 10.06 3.78 12.57
CA PRO B 95 10.26 5.00 11.79
C PRO B 95 10.49 4.69 10.32
N GLY B 96 10.12 5.61 9.45
CA GLY B 96 10.22 5.39 8.03
C GLY B 96 10.88 6.55 7.33
N LYS B 97 10.95 6.45 6.03
CA LYS B 97 11.52 7.50 5.20
C LYS B 97 10.42 8.44 4.76
N ASN B 98 10.78 9.66 4.40
CA ASN B 98 9.80 10.60 3.84
C ASN B 98 9.18 10.04 2.58
N VAL B 99 7.87 9.89 2.61
CA VAL B 99 7.13 9.32 1.50
C VAL B 99 7.03 10.32 0.34
N ALA B 100 7.23 11.60 0.62
CA ALA B 100 7.26 12.63 -0.42
C ALA B 100 8.39 12.36 -1.41
N ALA B 101 9.53 11.90 -0.90
CA ALA B 101 10.66 11.54 -1.73
C ALA B 101 10.31 10.40 -2.66
N ILE B 102 9.38 9.55 -2.22
CA ILE B 102 8.93 8.42 -3.00
C ILE B 102 8.10 8.90 -4.18
N ILE B 103 7.40 10.03 -4.00
CA ILE B 103 6.69 10.67 -5.09
C ILE B 103 7.67 11.08 -6.19
N GLN B 104 8.80 11.64 -5.77
CA GLN B 104 9.85 12.03 -6.71
C GLN B 104 10.38 10.78 -7.41
N ASP B 105 10.41 9.68 -6.66
CA ASP B 105 10.92 8.41 -7.14
C ASP B 105 10.05 7.87 -8.27
N ILE B 106 8.73 7.92 -8.09
CA ILE B 106 7.79 7.44 -9.10
C ILE B 106 7.96 8.22 -10.40
N HIS B 107 8.04 9.54 -10.28
CA HIS B 107 8.21 10.40 -11.44
C HIS B 107 9.57 10.18 -12.10
N SER B 108 10.57 9.82 -11.30
CA SER B 108 11.89 9.53 -11.82
C SER B 108 11.89 8.21 -12.58
N GLN B 109 11.10 7.25 -12.08
CA GLN B 109 10.92 5.94 -12.70
C GLN B 109 12.15 5.05 -12.55
N ARG B 110 13.33 5.64 -12.76
CA ARG B 110 14.58 4.92 -12.64
C ARG B 110 15.00 4.85 -11.18
N GLU B 111 15.28 3.65 -10.71
CA GLU B 111 15.78 3.45 -9.36
C GLU B 111 17.21 3.97 -9.26
N ARG B 112 17.39 5.11 -8.60
CA ARG B 112 18.70 5.73 -8.48
C ARG B 112 19.21 5.61 -7.06
O5' ADN A 1 -4.93 -16.48 -0.34
C5' ADN A 1 -5.97 -16.87 0.56
C4' ADN A 1 -5.53 -17.97 1.49
O4' ADN A 1 -4.44 -18.70 0.87
C3' ADN A 1 -4.97 -17.49 2.83
O3' ADN A 1 -5.29 -18.41 3.87
C2' ADN A 1 -3.47 -17.41 2.59
O2' ADN A 1 -2.74 -17.66 3.78
C1' ADN A 1 -3.25 -18.58 1.62
N9 ADN A 1 -2.13 -18.37 0.71
C8 ADN A 1 -2.19 -17.96 -0.60
N7 ADN A 1 -1.02 -17.83 -1.16
C5 ADN A 1 -0.13 -18.19 -0.17
C6 ADN A 1 1.27 -18.28 -0.13
N6 ADN A 1 2.06 -17.98 -1.17
N1 ADN A 1 1.85 -18.68 1.03
C2 ADN A 1 1.07 -18.97 2.07
N3 ADN A 1 -0.26 -18.92 2.17
C4 ADN A 1 -0.80 -18.53 0.99
HO5' ADN A 1 -5.18 -16.80 -1.21
H5'1 ADN A 1 -6.83 -17.23 -0.02
H5'2 ADN A 1 -6.29 -16.01 1.15
H4' ADN A 1 -6.39 -18.58 1.72
H3' ADN A 1 -5.40 -16.53 3.13
H2' ADN A 1 -3.21 -16.46 2.14
HO2' ADN A 1 -3.08 -18.49 4.15
H1' ADN A 1 -3.10 -19.52 2.14
H8 ADN A 1 -3.13 -17.75 -1.11
HN61 ADN A 1 1.65 -17.67 -2.04
HN62 ADN A 1 3.06 -18.05 -1.08
H2 ADN A 1 1.59 -19.28 2.97
N GLY B 1 -21.79 -2.23 14.38
CA GLY B 1 -20.92 -2.35 13.19
C GLY B 1 -20.47 -3.79 12.97
N ALA B 2 -19.15 -3.99 12.98
CA ALA B 2 -18.54 -5.33 12.87
C ALA B 2 -18.63 -5.90 11.45
N MET B 3 -19.81 -5.84 10.85
CA MET B 3 -20.03 -6.37 9.50
C MET B 3 -19.15 -5.64 8.49
N ALA B 4 -19.34 -4.34 8.39
CA ALA B 4 -18.51 -3.50 7.55
C ALA B 4 -17.54 -2.72 8.40
N GLN B 5 -16.26 -3.02 8.27
CA GLN B 5 -15.24 -2.38 9.09
C GLN B 5 -15.11 -0.90 8.74
N ARG B 6 -15.10 -0.08 9.78
CA ARG B 6 -15.04 1.37 9.62
C ARG B 6 -13.78 1.80 8.87
N LYS B 7 -13.97 2.63 7.86
CA LYS B 7 -12.87 3.15 7.07
C LYS B 7 -12.99 4.67 6.98
N GLY B 8 -13.31 5.30 8.10
CA GLY B 8 -13.46 6.74 8.13
C GLY B 8 -12.42 7.39 9.01
N ALA B 9 -12.61 7.29 10.31
CA ALA B 9 -11.66 7.83 11.27
C ALA B 9 -10.65 6.76 11.67
N GLY B 10 -9.93 6.28 10.67
CA GLY B 10 -9.04 5.16 10.86
C GLY B 10 -9.19 4.15 9.77
N ARG B 11 -8.15 3.96 8.96
CA ARG B 11 -8.23 2.98 7.89
C ARG B 11 -6.98 2.13 7.83
N VAL B 12 -7.20 0.85 7.63
CA VAL B 12 -6.12 -0.07 7.32
C VAL B 12 -6.30 -0.66 5.93
N VAL B 13 -5.31 -0.50 5.10
CA VAL B 13 -5.30 -1.12 3.78
C VAL B 13 -4.09 -2.02 3.69
N HIS B 14 -4.31 -3.30 3.45
CA HIS B 14 -3.24 -4.29 3.51
C HIS B 14 -2.86 -4.76 2.12
N ILE B 15 -1.58 -4.80 1.88
CA ILE B 15 -1.04 -5.29 0.62
C ILE B 15 -0.33 -6.60 0.89
N CYS B 16 -0.48 -7.55 -0.02
CA CYS B 16 0.10 -8.86 0.20
C CYS B 16 0.66 -9.43 -1.09
N ASN B 17 1.44 -10.50 -0.93
CA ASN B 17 2.07 -11.25 -2.02
C ASN B 17 3.38 -10.60 -2.41
N LEU B 18 4.01 -9.97 -1.42
CA LEU B 18 5.32 -9.37 -1.62
C LEU B 18 6.38 -10.39 -1.28
N PRO B 19 7.29 -10.69 -2.21
CA PRO B 19 8.34 -11.69 -1.98
C PRO B 19 9.35 -11.19 -0.96
N GLU B 20 9.72 -12.06 -0.02
CA GLU B 20 10.74 -11.74 0.97
C GLU B 20 12.07 -11.54 0.27
N GLY B 21 12.76 -10.46 0.60
CA GLY B 21 13.98 -10.12 -0.11
C GLY B 21 13.67 -9.23 -1.30
N SER B 22 12.40 -8.90 -1.43
CA SER B 22 11.91 -8.10 -2.54
C SER B 22 10.85 -7.13 -2.04
N CYS B 23 10.67 -7.09 -0.73
CA CYS B 23 9.68 -6.23 -0.10
C CYS B 23 10.32 -4.89 0.19
N THR B 24 10.24 -3.98 -0.77
CA THR B 24 10.83 -2.67 -0.58
C THR B 24 9.74 -1.67 -0.27
N GLU B 25 10.09 -0.66 0.50
CA GLU B 25 9.14 0.36 0.89
C GLU B 25 8.76 1.20 -0.32
N ASN B 26 9.73 1.40 -1.20
CA ASN B 26 9.55 2.27 -2.35
C ASN B 26 8.48 1.71 -3.28
N ASP B 27 8.56 0.43 -3.63
CA ASP B 27 7.67 -0.13 -4.65
C ASP B 27 6.22 -0.21 -4.15
N VAL B 28 6.09 -0.59 -2.89
CA VAL B 28 4.78 -0.71 -2.25
C VAL B 28 4.08 0.65 -2.24
N ILE B 29 4.82 1.66 -1.81
CA ILE B 29 4.32 3.03 -1.82
C ILE B 29 4.15 3.55 -3.25
N ASN B 30 5.01 3.12 -4.16
CA ASN B 30 4.88 3.50 -5.57
C ASN B 30 3.54 3.06 -6.11
N LEU B 31 2.97 2.02 -5.53
CA LEU B 31 1.63 1.63 -5.89
C LEU B 31 0.63 2.61 -5.28
N GLY B 32 0.87 2.98 -4.03
CA GLY B 32 -0.02 3.89 -3.33
C GLY B 32 -0.09 5.31 -3.88
N LEU B 33 1.07 5.95 -4.03
CA LEU B 33 1.12 7.39 -4.29
C LEU B 33 0.37 7.85 -5.55
N PRO B 34 0.55 7.20 -6.71
CA PRO B 34 -0.08 7.64 -7.97
C PRO B 34 -1.61 7.66 -7.91
N PHE B 35 -2.20 6.87 -7.02
CA PHE B 35 -3.65 6.88 -6.86
C PHE B 35 -4.07 7.71 -5.64
N GLY B 36 -3.13 8.00 -4.77
CA GLY B 36 -3.42 8.80 -3.59
C GLY B 36 -2.22 8.96 -2.69
N LYS B 37 -2.21 10.03 -1.89
CA LYS B 37 -1.08 10.32 -1.02
C LYS B 37 -0.92 9.25 0.06
N VAL B 38 0.28 8.73 0.15
CA VAL B 38 0.65 7.76 1.16
C VAL B 38 1.14 8.46 2.42
N THR B 39 0.41 8.29 3.50
CA THR B 39 0.77 8.91 4.77
C THR B 39 1.58 7.95 5.64
N ASN B 40 1.24 6.68 5.58
CA ASN B 40 1.95 5.66 6.36
C ASN B 40 2.06 4.36 5.57
N TYR B 41 2.99 3.52 5.99
CA TYR B 41 3.25 2.25 5.34
C TYR B 41 4.01 1.33 6.28
N ILE B 42 3.83 0.03 6.12
CA ILE B 42 4.45 -0.95 6.99
C ILE B 42 4.82 -2.16 6.16
N LEU B 43 6.05 -2.60 6.23
CA LEU B 43 6.45 -3.76 5.45
C LEU B 43 6.62 -4.97 6.36
N MET B 44 5.86 -6.01 6.11
CA MET B 44 5.94 -7.20 6.95
C MET B 44 6.75 -8.25 6.19
N LYS B 45 8.06 -8.09 6.26
CA LYS B 45 8.99 -9.01 5.64
C LYS B 45 8.78 -10.46 6.06
N SER B 46 8.28 -10.68 7.26
CA SER B 46 8.17 -12.02 7.80
C SER B 46 7.08 -12.82 7.08
N THR B 47 5.92 -12.21 6.87
CA THR B 47 4.78 -12.90 6.29
C THR B 47 4.61 -12.61 4.80
N ASN B 48 5.59 -11.93 4.20
CA ASN B 48 5.51 -11.55 2.79
C ASN B 48 4.29 -10.66 2.54
N GLN B 49 4.03 -9.77 3.50
CA GLN B 49 2.86 -8.92 3.47
C GLN B 49 3.24 -7.49 3.84
N ALA B 50 2.35 -6.53 3.64
CA ALA B 50 2.63 -5.15 3.99
C ALA B 50 1.34 -4.34 4.17
N PHE B 51 1.49 -3.17 4.76
CA PHE B 51 0.36 -2.25 4.95
C PHE B 51 0.63 -0.92 4.25
N LEU B 52 -0.43 -0.34 3.69
CA LEU B 52 -0.33 0.93 3.01
C LEU B 52 -1.44 1.87 3.48
N GLU B 53 -1.05 3.00 4.05
CA GLU B 53 -2.02 3.98 4.53
C GLU B 53 -2.14 5.12 3.55
N MET B 54 -3.37 5.35 3.12
CA MET B 54 -3.67 6.38 2.14
C MET B 54 -4.44 7.50 2.82
N ALA B 55 -4.35 8.70 2.26
CA ALA B 55 -4.87 9.90 2.93
C ALA B 55 -6.39 9.94 2.89
N TYR B 56 -6.97 9.27 1.90
CA TYR B 56 -8.42 9.24 1.75
C TYR B 56 -8.87 7.83 1.35
N THR B 57 -10.08 7.48 1.77
CA THR B 57 -10.63 6.15 1.50
C THR B 57 -10.91 5.98 0.01
N GLU B 58 -11.15 7.10 -0.67
CA GLU B 58 -11.38 7.10 -2.11
C GLU B 58 -10.21 6.45 -2.85
N ALA B 59 -9.01 6.60 -2.32
CA ALA B 59 -7.82 6.10 -2.97
C ALA B 59 -7.75 4.58 -2.87
N ALA B 60 -8.11 4.04 -1.71
CA ALA B 60 -7.97 2.62 -1.45
C ALA B 60 -8.89 1.79 -2.34
N GLN B 61 -10.13 2.23 -2.45
CA GLN B 61 -11.09 1.50 -3.27
C GLN B 61 -10.70 1.57 -4.74
N ALA B 62 -10.15 2.72 -5.14
CA ALA B 62 -9.65 2.89 -6.50
C ALA B 62 -8.50 1.93 -6.79
N MET B 63 -7.57 1.83 -5.83
CA MET B 63 -6.42 0.94 -5.98
C MET B 63 -6.85 -0.51 -6.01
N VAL B 64 -7.73 -0.90 -5.09
CA VAL B 64 -8.19 -2.28 -5.01
C VAL B 64 -8.83 -2.70 -6.33
N GLN B 65 -9.71 -1.85 -6.86
CA GLN B 65 -10.36 -2.13 -8.13
C GLN B 65 -9.34 -2.26 -9.25
N TYR B 66 -8.32 -1.42 -9.19
CA TYR B 66 -7.28 -1.41 -10.21
C TYR B 66 -6.45 -2.69 -10.14
N TYR B 67 -5.93 -2.99 -8.96
CA TYR B 67 -5.02 -4.12 -8.77
C TYR B 67 -5.76 -5.47 -8.78
N GLN B 68 -7.07 -5.44 -8.66
CA GLN B 68 -7.84 -6.66 -8.85
C GLN B 68 -7.89 -7.03 -10.33
N GLU B 69 -8.08 -6.02 -11.17
CA GLU B 69 -8.13 -6.24 -12.61
C GLU B 69 -6.72 -6.25 -13.20
N LYS B 70 -5.87 -5.37 -12.71
CA LYS B 70 -4.47 -5.30 -13.11
C LYS B 70 -3.56 -5.25 -11.89
N PRO B 71 -3.12 -6.41 -11.41
CA PRO B 71 -2.23 -6.49 -10.24
C PRO B 71 -0.82 -6.00 -10.54
N ALA B 72 -0.08 -5.69 -9.49
CA ALA B 72 1.29 -5.24 -9.64
C ALA B 72 2.23 -6.43 -9.57
N ILE B 73 3.20 -6.48 -10.47
CA ILE B 73 4.09 -7.63 -10.55
C ILE B 73 5.41 -7.34 -9.84
N ILE B 74 5.75 -8.19 -8.89
CA ILE B 74 7.04 -8.11 -8.22
C ILE B 74 7.71 -9.47 -8.20
N ASN B 75 8.81 -9.59 -8.94
CA ASN B 75 9.59 -10.83 -8.99
C ASN B 75 8.74 -11.99 -9.45
N GLY B 76 7.80 -11.69 -10.33
CA GLY B 76 6.95 -12.71 -10.90
C GLY B 76 5.72 -13.03 -10.05
N GLU B 77 5.50 -12.28 -8.97
CA GLU B 77 4.32 -12.48 -8.15
C GLU B 77 3.40 -11.26 -8.22
N LYS B 78 2.13 -11.52 -8.52
CA LYS B 78 1.10 -10.47 -8.55
C LYS B 78 0.74 -10.02 -7.15
N LEU B 79 0.81 -8.72 -6.89
CA LEU B 79 0.50 -8.17 -5.59
C LEU B 79 -1.00 -7.97 -5.41
N LEU B 80 -1.49 -8.28 -4.22
CA LEU B 80 -2.90 -8.14 -3.90
C LEU B 80 -3.13 -7.06 -2.85
N ILE B 81 -3.80 -5.98 -3.24
CA ILE B 81 -4.15 -4.92 -2.31
C ILE B 81 -5.60 -5.06 -1.87
N ARG B 82 -5.84 -5.05 -0.56
CA ARG B 82 -7.17 -5.24 0.00
C ARG B 82 -7.34 -4.42 1.28
N MET B 83 -8.59 -4.16 1.65
CA MET B 83 -8.87 -3.46 2.89
C MET B 83 -8.86 -4.44 4.06
N SER B 84 -8.12 -4.12 5.11
CA SER B 84 -7.99 -5.02 6.25
C SER B 84 -9.31 -5.21 6.97
N THR B 85 -9.65 -6.46 7.19
CA THR B 85 -10.86 -6.83 7.89
C THR B 85 -10.64 -6.94 9.39
N ARG B 86 -9.38 -6.94 9.83
CA ARG B 86 -9.07 -7.17 11.23
C ARG B 86 -8.69 -5.91 11.98
N TYR B 87 -8.07 -4.95 11.30
CA TYR B 87 -7.57 -3.75 11.98
C TYR B 87 -8.20 -2.47 11.44
N LYS B 88 -8.38 -1.50 12.33
CA LYS B 88 -8.99 -0.22 11.97
C LYS B 88 -7.98 0.92 11.99
N GLU B 89 -6.76 0.67 12.46
CA GLU B 89 -5.78 1.74 12.55
C GLU B 89 -4.36 1.22 12.26
N LEU B 90 -3.52 2.11 11.74
CA LEU B 90 -2.13 1.80 11.49
C LEU B 90 -1.22 2.62 12.39
N GLN B 91 -0.39 1.93 13.16
CA GLN B 91 0.56 2.60 14.03
C GLN B 91 1.99 2.30 13.58
N LEU B 92 2.77 3.34 13.32
CA LEU B 92 4.15 3.17 12.89
C LEU B 92 5.06 2.84 14.06
N LYS B 93 5.26 1.55 14.30
CA LYS B 93 6.19 1.10 15.32
C LYS B 93 7.63 1.38 14.88
N LYS B 94 7.81 1.49 13.58
CA LYS B 94 9.09 1.81 12.99
C LYS B 94 9.01 3.16 12.29
N PRO B 95 10.07 3.97 12.38
CA PRO B 95 10.13 5.27 11.71
C PRO B 95 10.20 5.10 10.19
N GLY B 96 9.78 6.13 9.46
CA GLY B 96 9.74 6.02 8.03
C GLY B 96 10.36 7.22 7.35
N LYS B 97 10.95 6.97 6.20
CA LYS B 97 11.51 8.02 5.36
C LYS B 97 10.39 8.87 4.78
N ASN B 98 10.72 10.08 4.35
CA ASN B 98 9.75 10.98 3.74
C ASN B 98 9.15 10.36 2.48
N VAL B 99 7.84 10.22 2.47
CA VAL B 99 7.14 9.58 1.37
C VAL B 99 7.02 10.52 0.17
N ALA B 100 7.11 11.82 0.41
CA ALA B 100 7.10 12.80 -0.67
C ALA B 100 8.27 12.59 -1.62
N ALA B 101 9.39 12.12 -1.06
CA ALA B 101 10.56 11.79 -1.87
C ALA B 101 10.25 10.62 -2.79
N ILE B 102 9.34 9.77 -2.35
CA ILE B 102 8.92 8.61 -3.12
C ILE B 102 8.07 9.06 -4.31
N ILE B 103 7.35 10.17 -4.13
CA ILE B 103 6.61 10.80 -5.23
C ILE B 103 7.58 11.21 -6.33
N GLN B 104 8.69 11.81 -5.92
CA GLN B 104 9.75 12.21 -6.85
C GLN B 104 10.33 10.98 -7.53
N ASP B 105 10.31 9.87 -6.80
CA ASP B 105 10.86 8.60 -7.27
C ASP B 105 9.98 8.00 -8.37
N ILE B 106 8.68 8.00 -8.14
CA ILE B 106 7.72 7.49 -9.10
C ILE B 106 7.79 8.27 -10.41
N HIS B 107 7.79 9.58 -10.28
CA HIS B 107 7.80 10.47 -11.44
C HIS B 107 9.08 10.33 -12.25
N SER B 108 10.21 10.14 -11.57
CA SER B 108 11.49 10.02 -12.25
C SER B 108 11.63 8.65 -12.91
N GLN B 109 11.08 7.63 -12.25
CA GLN B 109 11.03 6.26 -12.77
C GLN B 109 12.41 5.63 -12.88
N ARG B 110 13.11 5.93 -13.97
CA ARG B 110 14.39 5.28 -14.26
C ARG B 110 15.54 6.12 -13.73
N GLU B 111 15.30 6.76 -12.60
CA GLU B 111 16.30 7.58 -11.93
C GLU B 111 16.64 6.94 -10.59
N ARG B 112 17.18 5.74 -10.66
CA ARG B 112 17.43 4.92 -9.48
C ARG B 112 18.73 5.35 -8.80
O5' ADN A 1 -9.15 -12.11 6.37
C5' ADN A 1 -10.08 -12.13 5.28
C4' ADN A 1 -9.80 -13.28 4.33
O4' ADN A 1 -10.86 -13.34 3.36
C3' ADN A 1 -8.50 -13.16 3.53
O3' ADN A 1 -7.90 -14.44 3.32
C2' ADN A 1 -8.96 -12.54 2.22
O2' ADN A 1 -8.13 -12.91 1.14
C1' ADN A 1 -10.32 -13.19 2.05
N9 ADN A 1 -11.26 -12.41 1.24
C8 ADN A 1 -12.08 -11.39 1.67
N7 ADN A 1 -12.82 -10.89 0.71
C5 ADN A 1 -12.47 -11.62 -0.41
C6 ADN A 1 -12.90 -11.57 -1.75
N6 ADN A 1 -13.82 -10.72 -2.20
N1 ADN A 1 -12.34 -12.44 -2.62
C2 ADN A 1 -11.43 -13.30 -2.17
N3 ADN A 1 -10.94 -13.45 -0.94
C4 ADN A 1 -11.51 -12.57 -0.10
HO5' ADN A 1 -9.63 -11.81 7.15
H5'1 ADN A 1 -10.02 -11.20 4.73
H5'2 ADN A 1 -11.09 -12.26 5.67
H4' ADN A 1 -9.71 -14.19 4.94
H3' ADN A 1 -7.75 -12.56 4.05
H2' ADN A 1 -9.04 -11.45 2.32
HO2' ADN A 1 -7.98 -13.86 1.21
H1' ADN A 1 -10.26 -14.19 1.63
H8 ADN A 1 -12.11 -11.05 2.68
HN61 ADN A 1 -14.25 -10.06 -1.56
HN62 ADN A 1 -14.09 -10.72 -3.17
H2 ADN A 1 -11.01 -13.97 -2.92
N GLY B 1 -22.18 -1.17 -2.88
CA GLY B 1 -22.26 -0.51 -1.56
C GLY B 1 -21.72 -1.39 -0.46
N ALA B 2 -20.84 -0.84 0.37
CA ALA B 2 -20.24 -1.60 1.45
C ALA B 2 -21.01 -1.42 2.73
N MET B 3 -21.69 -2.47 3.18
CA MET B 3 -22.40 -2.45 4.44
C MET B 3 -21.42 -2.62 5.59
N ALA B 4 -20.47 -3.54 5.40
CA ALA B 4 -19.40 -3.73 6.35
C ALA B 4 -18.15 -3.04 5.83
N GLN B 5 -17.12 -2.92 6.68
CA GLN B 5 -15.89 -2.21 6.34
C GLN B 5 -16.17 -0.74 6.09
N ARG B 6 -15.85 0.07 7.08
CA ARG B 6 -16.11 1.50 7.02
C ARG B 6 -14.94 2.23 6.39
N LYS B 7 -13.79 2.18 7.05
CA LYS B 7 -12.56 2.75 6.52
C LYS B 7 -12.73 4.24 6.19
N GLY B 8 -13.26 4.98 7.16
CA GLY B 8 -13.39 6.41 7.00
C GLY B 8 -12.43 7.15 7.90
N ALA B 9 -12.81 7.27 9.17
CA ALA B 9 -11.91 7.82 10.18
C ALA B 9 -11.06 6.70 10.76
N GLY B 10 -9.90 6.50 10.16
CA GLY B 10 -9.09 5.35 10.48
C GLY B 10 -9.15 4.35 9.34
N ARG B 11 -8.14 4.35 8.49
CA ARG B 11 -8.15 3.42 7.37
C ARG B 11 -6.96 2.49 7.42
N VAL B 12 -7.23 1.21 7.22
CA VAL B 12 -6.18 0.23 7.03
C VAL B 12 -6.31 -0.42 5.67
N VAL B 13 -5.25 -0.34 4.88
CA VAL B 13 -5.22 -1.02 3.61
C VAL B 13 -4.05 -2.00 3.64
N HIS B 14 -4.33 -3.27 3.43
CA HIS B 14 -3.32 -4.30 3.53
C HIS B 14 -2.91 -4.79 2.15
N ILE B 15 -1.62 -4.84 1.92
CA ILE B 15 -1.08 -5.32 0.67
C ILE B 15 -0.41 -6.66 0.92
N CYS B 16 -0.58 -7.60 0.01
CA CYS B 16 -0.05 -8.92 0.21
C CYS B 16 0.56 -9.47 -1.06
N ASN B 17 1.35 -10.52 -0.88
CA ASN B 17 1.97 -11.27 -1.99
C ASN B 17 3.24 -10.57 -2.45
N LEU B 18 3.86 -9.85 -1.52
CA LEU B 18 5.12 -9.19 -1.79
C LEU B 18 6.24 -10.20 -1.62
N PRO B 19 7.10 -10.39 -2.63
CA PRO B 19 8.17 -11.36 -2.53
C PRO B 19 9.32 -10.88 -1.65
N GLU B 20 9.78 -11.77 -0.78
CA GLU B 20 10.92 -11.50 0.07
C GLU B 20 12.17 -11.32 -0.78
N GLY B 21 13.01 -10.37 -0.41
CA GLY B 21 14.14 -10.02 -1.24
C GLY B 21 13.77 -8.93 -2.22
N SER B 22 12.55 -8.43 -2.09
CA SER B 22 12.02 -7.47 -3.03
C SER B 22 10.91 -6.65 -2.38
N CYS B 23 10.75 -6.80 -1.07
CA CYS B 23 9.74 -6.04 -0.34
C CYS B 23 10.34 -4.73 0.13
N THR B 24 10.40 -3.75 -0.75
CA THR B 24 10.99 -2.49 -0.38
C THR B 24 9.89 -1.47 -0.14
N GLU B 25 10.18 -0.49 0.70
CA GLU B 25 9.22 0.55 1.02
C GLU B 25 8.88 1.33 -0.24
N ASN B 26 9.88 1.46 -1.10
CA ASN B 26 9.72 2.21 -2.34
C ASN B 26 8.66 1.59 -3.23
N ASP B 27 8.72 0.28 -3.46
CA ASP B 27 7.84 -0.35 -4.46
C ASP B 27 6.39 -0.34 -3.99
N VAL B 28 6.22 -0.71 -2.74
CA VAL B 28 4.90 -0.81 -2.13
C VAL B 28 4.20 0.55 -2.16
N ILE B 29 4.93 1.57 -1.74
CA ILE B 29 4.43 2.92 -1.77
C ILE B 29 4.29 3.46 -3.21
N ASN B 30 5.19 3.04 -4.10
CA ASN B 30 5.10 3.46 -5.51
C ASN B 30 3.78 3.03 -6.11
N LEU B 31 3.20 1.96 -5.58
CA LEU B 31 1.87 1.58 -5.99
C LEU B 31 0.83 2.51 -5.38
N GLY B 32 1.04 2.83 -4.10
CA GLY B 32 0.12 3.72 -3.39
C GLY B 32 0.05 5.14 -3.92
N LEU B 33 1.19 5.78 -4.07
CA LEU B 33 1.25 7.23 -4.35
C LEU B 33 0.46 7.68 -5.60
N PRO B 34 0.58 6.98 -6.74
CA PRO B 34 -0.11 7.39 -7.98
C PRO B 34 -1.63 7.42 -7.85
N PHE B 35 -2.20 6.62 -6.94
CA PHE B 35 -3.64 6.60 -6.76
C PHE B 35 -4.05 7.42 -5.53
N GLY B 36 -3.07 7.86 -4.76
CA GLY B 36 -3.36 8.63 -3.56
C GLY B 36 -2.15 8.82 -2.69
N LYS B 37 -2.12 9.92 -1.95
CA LYS B 37 -0.98 10.23 -1.09
C LYS B 37 -0.84 9.21 0.03
N VAL B 38 0.37 8.66 0.16
CA VAL B 38 0.68 7.72 1.21
C VAL B 38 1.15 8.45 2.47
N THR B 39 0.38 8.33 3.54
CA THR B 39 0.72 8.97 4.80
C THR B 39 1.46 8.03 5.73
N ASN B 40 1.07 6.76 5.71
CA ASN B 40 1.65 5.75 6.58
C ASN B 40 1.80 4.45 5.81
N TYR B 41 2.74 3.63 6.22
CA TYR B 41 2.98 2.36 5.58
C TYR B 41 3.73 1.43 6.53
N ILE B 42 3.54 0.13 6.37
CA ILE B 42 4.18 -0.86 7.21
C ILE B 42 4.53 -2.05 6.34
N LEU B 43 5.78 -2.43 6.27
CA LEU B 43 6.13 -3.57 5.44
C LEU B 43 6.53 -4.74 6.31
N MET B 44 5.91 -5.88 6.10
CA MET B 44 6.25 -7.04 6.90
C MET B 44 6.99 -8.04 6.04
N LYS B 45 8.28 -7.81 5.91
CA LYS B 45 9.16 -8.72 5.18
C LYS B 45 9.05 -10.17 5.66
N SER B 46 8.68 -10.35 6.92
CA SER B 46 8.64 -11.69 7.50
C SER B 46 7.50 -12.53 6.90
N THR B 47 6.33 -11.92 6.76
CA THR B 47 5.15 -12.62 6.28
C THR B 47 4.91 -12.36 4.80
N ASN B 48 5.82 -11.60 4.19
CA ASN B 48 5.70 -11.22 2.78
C ASN B 48 4.38 -10.47 2.54
N GLN B 49 4.03 -9.64 3.50
CA GLN B 49 2.78 -8.89 3.47
C GLN B 49 3.06 -7.48 3.99
N ALA B 50 2.16 -6.55 3.75
CA ALA B 50 2.41 -5.17 4.11
C ALA B 50 1.12 -4.37 4.28
N PHE B 51 1.25 -3.19 4.88
CA PHE B 51 0.14 -2.26 5.03
C PHE B 51 0.45 -0.92 4.38
N LEU B 52 -0.59 -0.30 3.86
CA LEU B 52 -0.46 0.98 3.17
C LEU B 52 -1.59 1.91 3.58
N GLU B 53 -1.24 3.06 4.15
CA GLU B 53 -2.23 4.05 4.54
C GLU B 53 -2.32 5.14 3.50
N MET B 54 -3.54 5.42 3.08
CA MET B 54 -3.80 6.39 2.03
C MET B 54 -4.60 7.55 2.61
N ALA B 55 -4.51 8.71 1.96
CA ALA B 55 -5.04 9.94 2.51
C ALA B 55 -6.56 9.99 2.46
N TYR B 56 -7.15 9.16 1.63
CA TYR B 56 -8.61 9.13 1.49
C TYR B 56 -9.09 7.70 1.24
N THR B 57 -10.34 7.44 1.58
CA THR B 57 -10.94 6.13 1.39
C THR B 57 -11.09 5.84 -0.11
N GLU B 58 -11.24 6.92 -0.89
CA GLU B 58 -11.33 6.83 -2.34
C GLU B 58 -10.08 6.19 -2.93
N ALA B 59 -8.95 6.43 -2.28
CA ALA B 59 -7.68 5.92 -2.76
C ALA B 59 -7.60 4.42 -2.52
N ALA B 60 -8.08 4.01 -1.35
CA ALA B 60 -8.02 2.60 -0.96
C ALA B 60 -8.87 1.75 -1.87
N GLN B 61 -10.09 2.21 -2.14
CA GLN B 61 -11.01 1.47 -2.99
C GLN B 61 -10.51 1.45 -4.43
N ALA B 62 -9.92 2.57 -4.87
CA ALA B 62 -9.45 2.70 -6.24
C ALA B 62 -8.32 1.71 -6.51
N MET B 63 -7.37 1.61 -5.60
CA MET B 63 -6.22 0.73 -5.78
C MET B 63 -6.65 -0.73 -5.76
N VAL B 64 -7.53 -1.08 -4.81
CA VAL B 64 -8.02 -2.44 -4.70
C VAL B 64 -8.73 -2.85 -6.00
N GLN B 65 -9.62 -1.98 -6.48
CA GLN B 65 -10.37 -2.25 -7.71
C GLN B 65 -9.43 -2.38 -8.90
N TYR B 66 -8.38 -1.56 -8.91
CA TYR B 66 -7.44 -1.57 -10.00
C TYR B 66 -6.65 -2.87 -10.02
N TYR B 67 -6.06 -3.23 -8.88
CA TYR B 67 -5.20 -4.41 -8.79
C TYR B 67 -5.99 -5.72 -8.75
N GLN B 68 -7.30 -5.64 -8.52
CA GLN B 68 -8.14 -6.83 -8.65
C GLN B 68 -8.21 -7.25 -10.11
N GLU B 69 -8.36 -6.27 -10.99
CA GLU B 69 -8.44 -6.54 -12.41
C GLU B 69 -7.07 -6.47 -13.09
N LYS B 70 -6.23 -5.54 -12.65
CA LYS B 70 -4.86 -5.43 -13.13
C LYS B 70 -3.88 -5.39 -11.95
N PRO B 71 -3.49 -6.56 -11.41
CA PRO B 71 -2.58 -6.64 -10.27
C PRO B 71 -1.19 -6.09 -10.59
N ALA B 72 -0.44 -5.75 -9.54
CA ALA B 72 0.92 -5.25 -9.73
C ALA B 72 1.90 -6.41 -9.71
N ILE B 73 2.83 -6.40 -10.65
CA ILE B 73 3.74 -7.51 -10.79
C ILE B 73 5.13 -7.17 -10.26
N ILE B 74 5.58 -7.94 -9.28
CA ILE B 74 6.93 -7.82 -8.76
C ILE B 74 7.64 -9.16 -8.85
N ASN B 75 8.66 -9.24 -9.71
CA ASN B 75 9.41 -10.48 -9.94
C ASN B 75 8.48 -11.59 -10.42
N GLY B 76 7.49 -11.20 -11.19
CA GLY B 76 6.54 -12.15 -11.73
C GLY B 76 5.48 -12.58 -10.74
N GLU B 77 5.48 -11.97 -9.56
CA GLU B 77 4.48 -12.28 -8.56
C GLU B 77 3.45 -11.16 -8.47
N LYS B 78 2.19 -11.55 -8.61
CA LYS B 78 1.08 -10.59 -8.57
C LYS B 78 0.78 -10.13 -7.15
N LEU B 79 0.78 -8.82 -6.96
CA LEU B 79 0.51 -8.24 -5.66
C LEU B 79 -0.99 -7.99 -5.49
N LEU B 80 -1.50 -8.28 -4.30
CA LEU B 80 -2.90 -8.05 -4.00
C LEU B 80 -3.07 -6.96 -2.95
N ILE B 81 -3.70 -5.86 -3.33
CA ILE B 81 -4.02 -4.80 -2.39
C ILE B 81 -5.50 -4.87 -1.99
N ARG B 82 -5.75 -4.90 -0.69
CA ARG B 82 -7.11 -5.04 -0.17
C ARG B 82 -7.27 -4.28 1.15
N MET B 83 -8.51 -4.08 1.56
CA MET B 83 -8.78 -3.43 2.85
C MET B 83 -8.69 -4.45 3.96
N SER B 84 -8.14 -4.06 5.10
CA SER B 84 -7.97 -4.99 6.21
C SER B 84 -9.29 -5.16 6.96
N THR B 85 -9.59 -6.40 7.27
CA THR B 85 -10.81 -6.75 7.97
C THR B 85 -10.60 -6.73 9.48
N ARG B 86 -9.33 -6.79 9.90
CA ARG B 86 -9.00 -7.02 11.30
C ARG B 86 -8.55 -5.72 12.00
N TYR B 87 -7.99 -4.80 11.23
CA TYR B 87 -7.48 -3.55 11.80
C TYR B 87 -8.23 -2.34 11.25
N LYS B 88 -8.42 -1.35 12.12
CA LYS B 88 -9.09 -0.11 11.75
C LYS B 88 -8.10 1.04 11.62
N GLU B 89 -6.96 0.94 12.30
CA GLU B 89 -5.96 1.99 12.21
C GLU B 89 -4.55 1.42 12.20
N LEU B 90 -3.65 2.11 11.52
CA LEU B 90 -2.26 1.69 11.41
C LEU B 90 -1.38 2.48 12.37
N GLN B 91 -0.69 1.75 13.24
CA GLN B 91 0.23 2.36 14.19
C GLN B 91 1.66 2.19 13.71
N LEU B 92 2.33 3.30 13.44
CA LEU B 92 3.73 3.25 13.03
C LEU B 92 4.63 2.99 14.24
N LYS B 93 4.98 1.73 14.46
CA LYS B 93 5.91 1.38 15.53
C LYS B 93 7.34 1.60 15.05
N LYS B 94 7.49 1.67 13.75
CA LYS B 94 8.81 1.87 13.14
C LYS B 94 8.85 3.22 12.43
N PRO B 95 10.04 3.82 12.34
CA PRO B 95 10.23 5.12 11.66
C PRO B 95 9.98 5.01 10.16
N GLY B 96 9.49 6.09 9.57
CA GLY B 96 9.18 6.08 8.16
C GLY B 96 9.92 7.17 7.41
N LYS B 97 10.58 6.77 6.34
CA LYS B 97 11.26 7.69 5.44
C LYS B 97 10.23 8.65 4.85
N ASN B 98 10.65 9.86 4.51
CA ASN B 98 9.76 10.82 3.87
C ASN B 98 9.17 10.24 2.59
N VAL B 99 7.85 10.16 2.56
CA VAL B 99 7.14 9.50 1.47
C VAL B 99 7.00 10.43 0.26
N ALA B 100 7.12 11.74 0.49
CA ALA B 100 7.11 12.70 -0.62
C ALA B 100 8.30 12.46 -1.54
N ALA B 101 9.42 12.07 -0.94
CA ALA B 101 10.60 11.72 -1.70
C ALA B 101 10.36 10.47 -2.53
N ILE B 102 9.46 9.62 -2.06
CA ILE B 102 9.09 8.41 -2.79
C ILE B 102 8.30 8.78 -4.04
N ILE B 103 7.56 9.89 -3.97
CA ILE B 103 6.91 10.45 -5.14
C ILE B 103 7.97 10.86 -6.16
N GLN B 104 9.07 11.39 -5.67
CA GLN B 104 10.19 11.77 -6.53
C GLN B 104 10.81 10.52 -7.16
N ASP B 105 10.76 9.42 -6.42
CA ASP B 105 11.24 8.13 -6.92
C ASP B 105 10.36 7.65 -8.07
N ILE B 106 9.06 7.89 -7.96
CA ILE B 106 8.11 7.57 -9.02
C ILE B 106 8.36 8.45 -10.23
N HIS B 107 8.75 9.70 -9.97
CA HIS B 107 9.02 10.64 -11.04
C HIS B 107 10.19 10.17 -11.89
N SER B 108 11.17 9.55 -11.26
CA SER B 108 12.29 8.98 -11.98
C SER B 108 11.90 7.67 -12.68
N GLN B 109 11.04 6.88 -12.04
CA GLN B 109 10.63 5.60 -12.61
C GLN B 109 9.13 5.35 -12.43
N ARG B 110 8.38 5.53 -13.51
CA ARG B 110 6.95 5.19 -13.52
C ARG B 110 6.76 3.71 -13.84
N GLU B 111 5.66 3.15 -13.34
CA GLU B 111 5.34 1.74 -13.51
C GLU B 111 6.49 0.87 -13.03
N ARG B 112 6.57 0.68 -11.72
CA ARG B 112 7.66 -0.07 -11.11
C ARG B 112 7.71 -1.50 -11.66
O5' ADN A 1 -8.85 -11.12 0.39
C5' ADN A 1 -8.48 -12.51 0.46
C4' ADN A 1 -7.54 -12.77 1.62
O4' ADN A 1 -7.90 -11.87 2.70
C3' ADN A 1 -7.62 -14.17 2.21
O3' ADN A 1 -6.36 -14.58 2.72
C2' ADN A 1 -8.66 -14.02 3.33
O2' ADN A 1 -8.43 -14.95 4.37
C1' ADN A 1 -8.35 -12.61 3.81
N9 ADN A 1 -9.50 -11.94 4.40
C8 ADN A 1 -10.35 -11.05 3.78
N7 ADN A 1 -11.31 -10.61 4.56
C5 ADN A 1 -11.07 -11.24 5.77
C6 ADN A 1 -11.74 -11.20 7.01
N6 ADN A 1 -12.82 -10.45 7.25
N1 ADN A 1 -11.25 -11.96 8.01
C2 ADN A 1 -10.16 -12.71 7.78
N3 ADN A 1 -9.45 -12.83 6.67
C4 ADN A 1 -9.96 -12.06 5.69
HO5' ADN A 1 -8.86 -10.79 1.29
H5'1 ADN A 1 -7.98 -12.79 -0.47
H5'2 ADN A 1 -9.37 -13.11 0.58
H4' ADN A 1 -6.53 -12.63 1.25
H3' ADN A 1 -7.90 -14.91 1.46
H2' ADN A 1 -9.66 -14.08 2.91
HO2' ADN A 1 -9.11 -14.78 5.04
H1' ADN A 1 -7.55 -12.59 4.55
H8 ADN A 1 -10.23 -10.75 2.76
HN61 ADN A 1 -13.20 -9.87 6.50
HN62 ADN A 1 -13.25 -10.46 8.16
H2 ADN A 1 -9.81 -13.29 8.64
N GLY B 1 -23.08 -2.79 5.41
CA GLY B 1 -21.95 -3.66 5.03
C GLY B 1 -21.51 -3.40 3.60
N ALA B 2 -20.43 -4.08 3.18
CA ALA B 2 -19.86 -3.93 1.84
C ALA B 2 -19.27 -2.53 1.64
N MET B 3 -20.14 -1.55 1.40
CA MET B 3 -19.70 -0.17 1.24
C MET B 3 -19.92 0.59 2.53
N ALA B 4 -19.59 1.88 2.54
CA ALA B 4 -19.72 2.71 3.74
C ALA B 4 -18.89 2.15 4.88
N GLN B 5 -17.66 1.78 4.55
CA GLN B 5 -16.75 1.17 5.51
C GLN B 5 -16.22 2.23 6.48
N ARG B 6 -15.75 1.78 7.64
CA ARG B 6 -15.29 2.67 8.69
C ARG B 6 -13.84 3.08 8.45
N LYS B 7 -13.58 3.60 7.27
CA LYS B 7 -12.25 4.05 6.90
C LYS B 7 -12.26 5.57 6.68
N GLY B 8 -13.27 6.23 7.24
CA GLY B 8 -13.43 7.65 7.03
C GLY B 8 -12.74 8.49 8.08
N ALA B 9 -11.52 8.10 8.40
CA ALA B 9 -10.70 8.79 9.40
C ALA B 9 -9.33 8.16 9.44
N GLY B 10 -9.37 6.85 9.43
CA GLY B 10 -8.19 6.04 9.34
C GLY B 10 -8.40 4.92 8.36
N ARG B 11 -7.36 4.48 7.68
CA ARG B 11 -7.52 3.37 6.75
C ARG B 11 -6.40 2.36 6.92
N VAL B 12 -6.77 1.10 6.92
CA VAL B 12 -5.80 0.02 6.86
C VAL B 12 -6.00 -0.74 5.57
N VAL B 13 -4.98 -0.74 4.73
CA VAL B 13 -5.03 -1.44 3.47
C VAL B 13 -3.89 -2.44 3.46
N HIS B 14 -4.19 -3.71 3.26
CA HIS B 14 -3.19 -4.75 3.37
C HIS B 14 -2.80 -5.23 1.98
N ILE B 15 -1.51 -5.25 1.74
CA ILE B 15 -0.96 -5.70 0.49
C ILE B 15 -0.22 -7.01 0.73
N CYS B 16 -0.35 -7.95 -0.17
CA CYS B 16 0.29 -9.23 0.01
C CYS B 16 0.91 -9.73 -1.27
N ASN B 17 1.76 -10.75 -1.11
CA ASN B 17 2.42 -11.44 -2.22
C ASN B 17 3.69 -10.72 -2.61
N LEU B 18 4.24 -10.01 -1.64
CA LEU B 18 5.51 -9.33 -1.81
C LEU B 18 6.63 -10.31 -1.53
N PRO B 19 7.57 -10.49 -2.46
CA PRO B 19 8.69 -11.40 -2.26
C PRO B 19 9.71 -10.82 -1.29
N GLU B 20 10.15 -11.63 -0.33
CA GLU B 20 11.16 -11.21 0.62
C GLU B 20 12.47 -10.94 -0.12
N GLY B 21 13.16 -9.87 0.26
CA GLY B 21 14.33 -9.47 -0.48
C GLY B 21 13.95 -8.55 -1.62
N SER B 22 12.66 -8.22 -1.68
CA SER B 22 12.12 -7.44 -2.78
C SER B 22 10.96 -6.59 -2.29
N CYS B 23 10.69 -6.65 -0.99
CA CYS B 23 9.62 -5.87 -0.39
C CYS B 23 10.19 -4.53 0.02
N THR B 24 10.24 -3.58 -0.88
CA THR B 24 10.81 -2.29 -0.55
C THR B 24 9.68 -1.34 -0.19
N GLU B 25 9.99 -0.38 0.66
CA GLU B 25 9.02 0.65 1.01
C GLU B 25 8.71 1.47 -0.23
N ASN B 26 9.72 1.62 -1.06
CA ASN B 26 9.60 2.37 -2.29
C ASN B 26 8.57 1.76 -3.23
N ASP B 27 8.66 0.45 -3.49
CA ASP B 27 7.78 -0.18 -4.50
C ASP B 27 6.34 -0.20 -4.03
N VAL B 28 6.16 -0.60 -2.78
CA VAL B 28 4.84 -0.73 -2.18
C VAL B 28 4.12 0.62 -2.20
N ILE B 29 4.83 1.65 -1.75
CA ILE B 29 4.31 3.00 -1.76
C ILE B 29 4.18 3.55 -3.19
N ASN B 30 5.11 3.17 -4.06
CA ASN B 30 5.06 3.62 -5.47
C ASN B 30 3.76 3.19 -6.11
N LEU B 31 3.18 2.11 -5.62
CA LEU B 31 1.86 1.71 -6.08
C LEU B 31 0.81 2.60 -5.44
N GLY B 32 0.98 2.89 -4.14
CA GLY B 32 0.04 3.73 -3.42
C GLY B 32 -0.06 5.17 -3.91
N LEU B 33 1.06 5.84 -4.04
CA LEU B 33 1.09 7.28 -4.29
C LEU B 33 0.29 7.74 -5.53
N PRO B 34 0.43 7.06 -6.69
CA PRO B 34 -0.26 7.48 -7.92
C PRO B 34 -1.79 7.51 -7.81
N PHE B 35 -2.36 6.72 -6.90
CA PHE B 35 -3.81 6.72 -6.72
C PHE B 35 -4.22 7.59 -5.52
N GLY B 36 -3.23 7.98 -4.72
CA GLY B 36 -3.50 8.77 -3.54
C GLY B 36 -2.29 8.90 -2.65
N LYS B 37 -2.24 9.97 -1.85
CA LYS B 37 -1.11 10.22 -0.98
C LYS B 37 -1.00 9.15 0.11
N VAL B 38 0.20 8.62 0.29
CA VAL B 38 0.48 7.63 1.31
C VAL B 38 0.91 8.30 2.61
N THR B 39 0.12 8.11 3.67
CA THR B 39 0.45 8.66 4.96
C THR B 39 1.18 7.66 5.85
N ASN B 40 0.82 6.39 5.72
CA ASN B 40 1.40 5.34 6.56
C ASN B 40 1.64 4.08 5.74
N TYR B 41 2.65 3.32 6.13
CA TYR B 41 2.99 2.08 5.45
C TYR B 41 3.78 1.18 6.38
N ILE B 42 3.66 -0.12 6.18
CA ILE B 42 4.27 -1.12 7.06
C ILE B 42 4.71 -2.29 6.22
N LEU B 43 5.98 -2.66 6.28
CA LEU B 43 6.47 -3.77 5.49
C LEU B 43 6.76 -4.97 6.36
N MET B 44 6.08 -6.07 6.14
CA MET B 44 6.35 -7.25 6.93
C MET B 44 7.05 -8.30 6.08
N LYS B 45 8.36 -8.14 5.97
CA LYS B 45 9.21 -9.09 5.27
C LYS B 45 9.03 -10.52 5.80
N SER B 46 8.62 -10.66 7.06
CA SER B 46 8.51 -11.96 7.68
C SER B 46 7.37 -12.77 7.06
N THR B 47 6.23 -12.11 6.86
CA THR B 47 5.05 -12.78 6.34
C THR B 47 4.87 -12.56 4.84
N ASN B 48 5.83 -11.85 4.23
CA ASN B 48 5.77 -11.51 2.80
C ASN B 48 4.50 -10.72 2.51
N GLN B 49 4.16 -9.83 3.45
CA GLN B 49 2.95 -9.04 3.39
C GLN B 49 3.27 -7.63 3.86
N ALA B 50 2.38 -6.69 3.58
CA ALA B 50 2.63 -5.31 3.96
C ALA B 50 1.33 -4.51 4.07
N PHE B 51 1.41 -3.35 4.70
CA PHE B 51 0.27 -2.47 4.83
C PHE B 51 0.55 -1.12 4.20
N LEU B 52 -0.50 -0.49 3.69
CA LEU B 52 -0.39 0.79 3.02
C LEU B 52 -1.62 1.65 3.35
N GLU B 53 -1.40 2.79 3.99
CA GLU B 53 -2.51 3.71 4.24
C GLU B 53 -2.47 4.86 3.26
N MET B 54 -3.63 5.12 2.68
CA MET B 54 -3.80 6.24 1.80
C MET B 54 -4.53 7.35 2.54
N ALA B 55 -4.21 8.58 2.20
CA ALA B 55 -4.71 9.75 2.94
C ALA B 55 -6.21 9.91 2.77
N TYR B 56 -6.75 9.23 1.78
CA TYR B 56 -8.16 9.31 1.46
C TYR B 56 -8.67 7.91 1.12
N THR B 57 -9.86 7.59 1.62
CA THR B 57 -10.44 6.26 1.42
C THR B 57 -10.72 6.01 -0.06
N GLU B 58 -10.93 7.09 -0.82
CA GLU B 58 -11.11 7.02 -2.27
C GLU B 58 -9.92 6.32 -2.94
N ALA B 59 -8.74 6.52 -2.38
CA ALA B 59 -7.53 5.98 -2.96
C ALA B 59 -7.45 4.47 -2.74
N ALA B 60 -7.81 4.04 -1.54
CA ALA B 60 -7.73 2.63 -1.17
C ALA B 60 -8.69 1.80 -2.00
N GLN B 61 -9.92 2.28 -2.14
CA GLN B 61 -10.94 1.57 -2.89
C GLN B 61 -10.61 1.56 -4.37
N ALA B 62 -10.02 2.66 -4.86
CA ALA B 62 -9.61 2.75 -6.25
C ALA B 62 -8.55 1.71 -6.58
N MET B 63 -7.60 1.54 -5.65
CA MET B 63 -6.52 0.58 -5.85
C MET B 63 -7.06 -0.84 -5.89
N VAL B 64 -7.97 -1.16 -4.99
CA VAL B 64 -8.55 -2.49 -4.94
C VAL B 64 -9.22 -2.80 -6.28
N GLN B 65 -10.01 -1.86 -6.77
CA GLN B 65 -10.70 -2.03 -8.05
C GLN B 65 -9.70 -2.23 -9.18
N TYR B 66 -8.62 -1.48 -9.14
CA TYR B 66 -7.59 -1.56 -10.15
C TYR B 66 -6.84 -2.89 -10.07
N TYR B 67 -6.36 -3.24 -8.88
CA TYR B 67 -5.56 -4.44 -8.70
C TYR B 67 -6.38 -5.73 -8.69
N GLN B 68 -7.69 -5.61 -8.56
CA GLN B 68 -8.57 -6.75 -8.75
C GLN B 68 -8.56 -7.13 -10.23
N GLU B 69 -8.58 -6.11 -11.09
CA GLU B 69 -8.57 -6.33 -12.53
C GLU B 69 -7.14 -6.49 -13.05
N LYS B 70 -6.21 -5.72 -12.50
CA LYS B 70 -4.80 -5.80 -12.87
C LYS B 70 -3.92 -5.72 -11.64
N PRO B 71 -3.50 -6.86 -11.09
CA PRO B 71 -2.59 -6.90 -9.95
C PRO B 71 -1.20 -6.37 -10.32
N ALA B 72 -0.43 -5.98 -9.31
CA ALA B 72 0.89 -5.42 -9.55
C ALA B 72 1.94 -6.51 -9.55
N ILE B 73 2.85 -6.47 -10.50
CA ILE B 73 3.82 -7.53 -10.67
C ILE B 73 5.16 -7.15 -10.08
N ILE B 74 5.60 -7.90 -9.09
CA ILE B 74 6.93 -7.75 -8.52
C ILE B 74 7.68 -9.07 -8.55
N ASN B 75 8.72 -9.14 -9.37
CA ASN B 75 9.54 -10.34 -9.47
C ASN B 75 8.70 -11.53 -9.88
N GLY B 76 7.72 -11.26 -10.74
CA GLY B 76 6.83 -12.28 -11.23
C GLY B 76 5.67 -12.56 -10.30
N GLU B 77 5.62 -11.88 -9.17
CA GLU B 77 4.55 -12.09 -8.20
C GLU B 77 3.49 -11.02 -8.30
N LYS B 78 2.26 -11.46 -8.47
CA LYS B 78 1.12 -10.56 -8.54
C LYS B 78 0.65 -10.14 -7.15
N LEU B 79 0.79 -8.84 -6.87
CA LEU B 79 0.46 -8.29 -5.57
C LEU B 79 -1.05 -8.08 -5.43
N LEU B 80 -1.55 -8.35 -4.24
CA LEU B 80 -2.95 -8.15 -3.94
C LEU B 80 -3.13 -7.02 -2.93
N ILE B 81 -3.71 -5.91 -3.38
CA ILE B 81 -4.02 -4.80 -2.48
C ILE B 81 -5.51 -4.81 -2.13
N ARG B 82 -5.82 -4.98 -0.85
CA ARG B 82 -7.20 -5.02 -0.38
C ARG B 82 -7.28 -4.40 1.01
N MET B 83 -8.49 -4.10 1.47
CA MET B 83 -8.67 -3.43 2.74
C MET B 83 -8.60 -4.44 3.88
N SER B 84 -8.15 -3.99 5.03
CA SER B 84 -8.00 -4.88 6.18
C SER B 84 -9.23 -4.84 7.07
N THR B 85 -9.65 -6.02 7.47
CA THR B 85 -10.91 -6.22 8.16
C THR B 85 -10.76 -6.11 9.68
N ARG B 86 -9.52 -6.06 10.16
CA ARG B 86 -9.28 -6.15 11.60
C ARG B 86 -8.96 -4.79 12.22
N TYR B 87 -8.38 -3.89 11.44
CA TYR B 87 -7.90 -2.62 11.98
C TYR B 87 -8.44 -1.43 11.20
N LYS B 88 -8.45 -0.28 11.87
CA LYS B 88 -8.87 0.97 11.25
C LYS B 88 -7.69 1.90 11.01
N GLU B 89 -6.58 1.70 11.73
CA GLU B 89 -5.44 2.59 11.58
C GLU B 89 -4.11 1.82 11.65
N LEU B 90 -3.11 2.35 10.95
CA LEU B 90 -1.77 1.79 10.97
C LEU B 90 -0.91 2.47 12.03
N GLN B 91 -0.32 1.66 12.90
CA GLN B 91 0.54 2.17 13.96
C GLN B 91 2.00 2.11 13.50
N LEU B 92 2.58 3.27 13.27
CA LEU B 92 3.96 3.36 12.80
C LEU B 92 4.94 3.07 13.92
N LYS B 93 5.26 1.80 14.09
CA LYS B 93 6.25 1.37 15.08
C LYS B 93 7.65 1.66 14.58
N LYS B 94 7.79 1.93 13.30
CA LYS B 94 9.09 2.15 12.68
C LYS B 94 9.21 3.60 12.21
N PRO B 95 10.46 4.10 12.11
CA PRO B 95 10.73 5.48 11.68
C PRO B 95 10.47 5.71 10.20
N GLY B 96 9.20 5.58 9.80
CA GLY B 96 8.78 5.82 8.44
C GLY B 96 9.34 7.10 7.88
N LYS B 97 10.21 6.98 6.90
CA LYS B 97 10.82 8.13 6.24
C LYS B 97 9.77 8.95 5.50
N ASN B 98 10.16 10.15 5.08
CA ASN B 98 9.25 11.06 4.39
C ASN B 98 8.77 10.45 3.08
N VAL B 99 7.46 10.29 2.97
CA VAL B 99 6.86 9.59 1.84
C VAL B 99 6.82 10.49 0.59
N ALA B 100 6.94 11.79 0.80
CA ALA B 100 6.99 12.74 -0.31
C ALA B 100 8.19 12.46 -1.23
N ALA B 101 9.30 12.02 -0.63
CA ALA B 101 10.49 11.69 -1.38
C ALA B 101 10.23 10.50 -2.29
N ILE B 102 9.30 9.64 -1.87
CA ILE B 102 8.94 8.47 -2.63
C ILE B 102 8.16 8.87 -3.89
N ILE B 103 7.41 9.97 -3.78
CA ILE B 103 6.76 10.57 -4.95
C ILE B 103 7.81 11.01 -5.96
N GLN B 104 8.90 11.55 -5.45
CA GLN B 104 10.02 11.96 -6.30
C GLN B 104 10.63 10.74 -6.99
N ASP B 105 10.61 9.63 -6.26
CA ASP B 105 11.11 8.35 -6.78
C ASP B 105 10.24 7.89 -7.93
N ILE B 106 8.94 8.05 -7.80
CA ILE B 106 8.01 7.69 -8.87
C ILE B 106 8.26 8.54 -10.10
N HIS B 107 8.64 9.79 -9.87
CA HIS B 107 8.89 10.72 -10.97
C HIS B 107 10.06 10.26 -11.81
N SER B 108 11.10 9.73 -11.15
CA SER B 108 12.25 9.18 -11.86
C SER B 108 11.92 7.83 -12.48
N GLN B 109 11.08 7.06 -11.80
CA GLN B 109 10.66 5.75 -12.30
C GLN B 109 9.75 5.91 -13.51
N ARG B 110 8.93 6.95 -13.52
CA ARG B 110 7.98 7.19 -14.61
C ARG B 110 7.00 6.02 -14.72
N GLU B 111 6.21 5.82 -13.67
CA GLU B 111 5.28 4.72 -13.60
C GLU B 111 4.08 4.97 -14.51
N ARG B 112 3.44 3.89 -14.94
CA ARG B 112 2.32 3.97 -15.87
C ARG B 112 1.02 3.84 -15.08
O5' ADN A 1 -11.54 -13.09 1.36
C5' ADN A 1 -10.60 -13.63 2.29
C4' ADN A 1 -10.15 -15.02 1.88
O4' ADN A 1 -10.69 -15.31 0.55
C3' ADN A 1 -8.64 -15.20 1.74
O3' ADN A 1 -8.25 -16.51 2.13
C2' ADN A 1 -8.38 -14.96 0.26
O2' ADN A 1 -7.25 -15.69 -0.20
C1' ADN A 1 -9.64 -15.57 -0.35
N9 ADN A 1 -10.00 -15.01 -1.65
C8 ADN A 1 -10.96 -14.08 -1.94
N7 ADN A 1 -11.03 -13.76 -3.20
C5 ADN A 1 -10.04 -14.53 -3.80
C6 ADN A 1 -9.61 -14.64 -5.13
N6 ADN A 1 -10.13 -13.95 -6.15
N1 ADN A 1 -8.59 -15.50 -5.39
C2 ADN A 1 -8.06 -16.19 -4.37
N3 ADN A 1 -8.39 -16.17 -3.08
C4 ADN A 1 -9.40 -15.30 -2.86
HO5' ADN A 1 -11.92 -13.82 0.87
H5'1 ADN A 1 -11.06 -13.69 3.28
H5'2 ADN A 1 -9.72 -12.98 2.35
H4' ADN A 1 -10.48 -15.71 2.65
H3' ADN A 1 -8.08 -14.51 2.38
H2' ADN A 1 -8.31 -13.89 0.05
HO2' ADN A 1 -7.24 -16.52 0.28
H1' ADN A 1 -9.57 -16.65 -0.45
H8 ADN A 1 -11.60 -13.66 -1.18
HN61 ADN A 1 -10.88 -13.29 -5.97
HN62 ADN A 1 -9.77 -14.07 -7.08
H2 ADN A 1 -7.25 -16.86 -4.64
N GLY B 1 -17.75 4.28 -0.70
CA GLY B 1 -18.90 3.65 0.01
C GLY B 1 -18.75 3.72 1.51
N ALA B 2 -19.36 4.74 2.11
CA ALA B 2 -19.29 4.95 3.55
C ALA B 2 -20.04 3.85 4.31
N MET B 3 -20.93 3.15 3.61
CA MET B 3 -21.71 2.09 4.22
C MET B 3 -20.91 0.79 4.28
N ALA B 4 -19.75 0.77 3.64
CA ALA B 4 -18.95 -0.43 3.57
C ALA B 4 -17.58 -0.22 4.20
N GLN B 5 -17.31 -0.98 5.27
CA GLN B 5 -16.03 -0.92 5.98
C GLN B 5 -15.88 0.38 6.79
N ARG B 6 -15.32 0.25 7.99
CA ARG B 6 -15.03 1.40 8.82
C ARG B 6 -13.74 2.06 8.36
N LYS B 7 -13.87 3.00 7.42
CA LYS B 7 -12.71 3.66 6.84
C LYS B 7 -12.82 5.17 6.94
N GLY B 8 -13.51 5.63 7.99
CA GLY B 8 -13.62 7.04 8.25
C GLY B 8 -12.78 7.43 9.45
N ALA B 9 -11.89 8.40 9.26
CA ALA B 9 -10.95 8.82 10.30
C ALA B 9 -10.08 7.64 10.73
N GLY B 10 -9.41 7.04 9.75
CA GLY B 10 -8.62 5.86 9.99
C GLY B 10 -8.81 4.84 8.90
N ARG B 11 -7.73 4.46 8.24
CA ARG B 11 -7.81 3.46 7.18
C ARG B 11 -6.65 2.49 7.24
N VAL B 12 -6.96 1.21 7.12
CA VAL B 12 -5.94 0.19 6.89
C VAL B 12 -6.18 -0.50 5.56
N VAL B 13 -5.18 -0.48 4.71
CA VAL B 13 -5.23 -1.17 3.43
C VAL B 13 -4.11 -2.18 3.41
N HIS B 14 -4.42 -3.45 3.20
CA HIS B 14 -3.42 -4.50 3.34
C HIS B 14 -2.99 -5.00 1.97
N ILE B 15 -1.68 -5.11 1.80
CA ILE B 15 -1.10 -5.60 0.57
C ILE B 15 -0.47 -6.96 0.83
N CYS B 16 -0.64 -7.86 -0.11
CA CYS B 16 -0.12 -9.20 0.06
C CYS B 16 0.60 -9.66 -1.20
N ASN B 17 1.44 -10.68 -1.04
CA ASN B 17 2.13 -11.36 -2.14
C ASN B 17 3.38 -10.60 -2.53
N LEU B 18 3.96 -9.93 -1.56
CA LEU B 18 5.23 -9.24 -1.74
C LEU B 18 6.35 -10.23 -1.45
N PRO B 19 7.28 -10.44 -2.39
CA PRO B 19 8.36 -11.41 -2.19
C PRO B 19 9.42 -10.88 -1.22
N GLU B 20 9.84 -11.72 -0.28
CA GLU B 20 10.89 -11.37 0.66
C GLU B 20 12.20 -11.20 -0.08
N GLY B 21 12.89 -10.10 0.18
CA GLY B 21 14.07 -9.77 -0.59
C GLY B 21 13.73 -8.84 -1.73
N SER B 22 12.47 -8.45 -1.80
CA SER B 22 11.97 -7.59 -2.87
C SER B 22 10.91 -6.65 -2.30
N CYS B 23 10.68 -6.75 -1.00
CA CYS B 23 9.68 -5.94 -0.34
C CYS B 23 10.31 -4.64 0.13
N THR B 24 10.35 -3.64 -0.72
CA THR B 24 10.96 -2.39 -0.34
C THR B 24 9.85 -1.41 0.00
N GLU B 25 10.15 -0.46 0.87
CA GLU B 25 9.19 0.56 1.23
C GLU B 25 8.86 1.39 0.01
N ASN B 26 9.86 1.57 -0.83
CA ASN B 26 9.73 2.39 -2.01
C ASN B 26 8.69 1.82 -2.97
N ASP B 27 8.77 0.51 -3.27
CA ASP B 27 7.90 -0.10 -4.29
C ASP B 27 6.45 -0.16 -3.83
N VAL B 28 6.27 -0.59 -2.59
CA VAL B 28 4.94 -0.72 -2.00
C VAL B 28 4.25 0.64 -1.99
N ILE B 29 4.98 1.66 -1.57
CA ILE B 29 4.50 3.02 -1.60
C ILE B 29 4.33 3.52 -3.05
N ASN B 30 5.20 3.06 -3.95
CA ASN B 30 5.09 3.45 -5.37
C ASN B 30 3.73 3.06 -5.91
N LEU B 31 3.13 2.02 -5.37
CA LEU B 31 1.78 1.66 -5.75
C LEU B 31 0.78 2.61 -5.09
N GLY B 32 1.03 2.93 -3.83
CA GLY B 32 0.15 3.83 -3.09
C GLY B 32 0.02 5.24 -3.66
N LEU B 33 1.16 5.87 -3.91
CA LEU B 33 1.18 7.31 -4.21
C LEU B 33 0.38 7.73 -5.47
N PRO B 34 0.47 7.00 -6.60
CA PRO B 34 -0.24 7.38 -7.84
C PRO B 34 -1.76 7.50 -7.67
N PHE B 35 -2.34 6.77 -6.72
CA PHE B 35 -3.77 6.85 -6.48
C PHE B 35 -4.07 7.74 -5.27
N GLY B 36 -3.06 7.99 -4.45
CA GLY B 36 -3.26 8.83 -3.29
C GLY B 36 -1.99 8.99 -2.47
N LYS B 37 -1.90 10.07 -1.72
CA LYS B 37 -0.72 10.34 -0.91
C LYS B 37 -0.58 9.30 0.22
N VAL B 38 0.61 8.76 0.36
CA VAL B 38 0.89 7.79 1.40
C VAL B 38 1.32 8.50 2.68
N THR B 39 0.51 8.35 3.71
CA THR B 39 0.82 8.94 5.00
C THR B 39 1.44 7.93 5.95
N ASN B 40 1.03 6.68 5.84
CA ASN B 40 1.61 5.60 6.65
C ASN B 40 1.73 4.34 5.83
N TYR B 41 2.63 3.46 6.25
CA TYR B 41 2.86 2.20 5.59
C TYR B 41 3.60 1.28 6.55
N ILE B 42 3.41 -0.02 6.40
CA ILE B 42 4.07 -1.01 7.23
C ILE B 42 4.42 -2.20 6.37
N LEU B 43 5.67 -2.58 6.29
CA LEU B 43 6.02 -3.71 5.45
C LEU B 43 6.44 -4.88 6.30
N MET B 44 5.84 -6.03 6.10
CA MET B 44 6.22 -7.19 6.87
C MET B 44 6.96 -8.15 5.96
N LYS B 45 8.25 -7.89 5.80
CA LYS B 45 9.13 -8.73 5.00
C LYS B 45 9.06 -10.19 5.45
N SER B 46 8.77 -10.41 6.72
CA SER B 46 8.79 -11.75 7.28
C SER B 46 7.62 -12.61 6.75
N THR B 47 6.44 -11.99 6.65
CA THR B 47 5.24 -12.72 6.25
C THR B 47 4.93 -12.53 4.77
N ASN B 48 5.81 -11.82 4.07
CA ASN B 48 5.62 -11.51 2.65
C ASN B 48 4.31 -10.74 2.45
N GLN B 49 4.02 -9.84 3.39
CA GLN B 49 2.77 -9.07 3.39
C GLN B 49 3.05 -7.66 3.89
N ALA B 50 2.12 -6.74 3.66
CA ALA B 50 2.35 -5.35 4.04
C ALA B 50 1.05 -4.57 4.23
N PHE B 51 1.19 -3.40 4.84
CA PHE B 51 0.10 -2.46 5.02
C PHE B 51 0.43 -1.13 4.36
N LEU B 52 -0.55 -0.53 3.71
CA LEU B 52 -0.34 0.74 3.03
C LEU B 52 -1.49 1.69 3.34
N GLU B 53 -1.15 2.82 3.94
CA GLU B 53 -2.15 3.81 4.31
C GLU B 53 -2.18 4.95 3.31
N MET B 54 -3.35 5.16 2.73
CA MET B 54 -3.57 6.24 1.80
C MET B 54 -4.30 7.37 2.51
N ALA B 55 -4.20 8.57 1.97
CA ALA B 55 -4.71 9.77 2.63
C ALA B 55 -6.23 9.87 2.50
N TYR B 56 -6.79 9.12 1.57
CA TYR B 56 -8.23 9.10 1.36
C TYR B 56 -8.71 7.68 1.06
N THR B 57 -9.95 7.40 1.45
CA THR B 57 -10.54 6.08 1.23
C THR B 57 -10.78 5.85 -0.27
N GLU B 58 -10.95 6.95 -1.01
CA GLU B 58 -11.10 6.90 -2.46
C GLU B 58 -9.88 6.23 -3.09
N ALA B 59 -8.72 6.41 -2.46
CA ALA B 59 -7.49 5.85 -2.96
C ALA B 59 -7.47 4.35 -2.69
N ALA B 60 -7.92 3.97 -1.50
CA ALA B 60 -7.87 2.58 -1.07
C ALA B 60 -8.74 1.69 -1.93
N GLN B 61 -9.95 2.15 -2.22
CA GLN B 61 -10.85 1.39 -3.08
C GLN B 61 -10.33 1.36 -4.50
N ALA B 62 -9.71 2.46 -4.93
CA ALA B 62 -9.13 2.55 -6.25
C ALA B 62 -8.02 1.51 -6.41
N MET B 63 -7.25 1.32 -5.34
CA MET B 63 -6.21 0.29 -5.33
C MET B 63 -6.82 -1.07 -5.57
N VAL B 64 -7.86 -1.37 -4.81
CA VAL B 64 -8.49 -2.68 -4.86
C VAL B 64 -9.09 -2.92 -6.23
N GLN B 65 -9.86 -1.95 -6.72
CA GLN B 65 -10.52 -2.08 -8.01
C GLN B 65 -9.49 -2.23 -9.12
N TYR B 66 -8.39 -1.50 -9.01
CA TYR B 66 -7.36 -1.53 -10.03
C TYR B 66 -6.63 -2.87 -10.05
N TYR B 67 -6.10 -3.28 -8.90
CA TYR B 67 -5.27 -4.48 -8.82
C TYR B 67 -6.08 -5.78 -8.83
N GLN B 68 -7.38 -5.70 -8.62
CA GLN B 68 -8.24 -6.88 -8.79
C GLN B 68 -8.27 -7.27 -10.26
N GLU B 69 -8.39 -6.27 -11.12
CA GLU B 69 -8.45 -6.50 -12.56
C GLU B 69 -7.05 -6.44 -13.18
N LYS B 70 -6.22 -5.52 -12.71
CA LYS B 70 -4.85 -5.39 -13.19
C LYS B 70 -3.88 -5.39 -12.00
N PRO B 71 -3.47 -6.56 -11.53
CA PRO B 71 -2.58 -6.68 -10.37
C PRO B 71 -1.19 -6.12 -10.64
N ALA B 72 -0.46 -5.78 -9.57
CA ALA B 72 0.90 -5.28 -9.72
C ALA B 72 1.88 -6.43 -9.64
N ILE B 73 2.85 -6.46 -10.53
CA ILE B 73 3.78 -7.57 -10.61
C ILE B 73 5.14 -7.21 -10.00
N ILE B 74 5.55 -7.95 -8.98
CA ILE B 74 6.87 -7.80 -8.39
C ILE B 74 7.57 -9.16 -8.38
N ASN B 75 8.65 -9.27 -9.14
CA ASN B 75 9.42 -10.51 -9.22
C ASN B 75 8.54 -11.64 -9.71
N GLY B 76 7.60 -11.30 -10.58
CA GLY B 76 6.71 -12.29 -11.14
C GLY B 76 5.49 -12.57 -10.28
N GLU B 77 5.39 -11.92 -9.13
CA GLU B 77 4.27 -12.14 -8.23
C GLU B 77 3.23 -11.04 -8.36
N LYS B 78 1.99 -11.45 -8.59
CA LYS B 78 0.86 -10.53 -8.61
C LYS B 78 0.50 -10.08 -7.20
N LEU B 79 0.70 -8.81 -6.93
CA LEU B 79 0.42 -8.25 -5.62
C LEU B 79 -1.07 -8.07 -5.41
N LEU B 80 -1.52 -8.35 -4.20
CA LEU B 80 -2.92 -8.23 -3.86
C LEU B 80 -3.13 -7.09 -2.86
N ILE B 81 -3.77 -6.02 -3.30
CA ILE B 81 -4.10 -4.92 -2.40
C ILE B 81 -5.60 -4.91 -2.11
N ARG B 82 -5.95 -5.08 -0.84
CA ARG B 82 -7.34 -5.12 -0.41
C ARG B 82 -7.48 -4.48 0.95
N MET B 83 -8.70 -4.20 1.37
CA MET B 83 -8.94 -3.52 2.64
C MET B 83 -8.78 -4.48 3.80
N SER B 84 -8.38 -3.96 4.95
CA SER B 84 -8.19 -4.79 6.13
C SER B 84 -9.48 -4.95 6.90
N THR B 85 -9.74 -6.18 7.29
CA THR B 85 -10.91 -6.51 8.09
C THR B 85 -10.59 -6.44 9.58
N ARG B 86 -9.30 -6.43 9.90
CA ARG B 86 -8.86 -6.60 11.28
C ARG B 86 -8.44 -5.28 11.94
N TYR B 87 -7.95 -4.34 11.14
CA TYR B 87 -7.46 -3.07 11.68
C TYR B 87 -8.09 -1.87 10.99
N LYS B 88 -8.34 -0.81 11.76
CA LYS B 88 -8.86 0.44 11.22
C LYS B 88 -7.81 1.53 11.23
N GLU B 89 -6.69 1.30 11.89
CA GLU B 89 -5.66 2.32 11.98
C GLU B 89 -4.26 1.69 11.94
N LEU B 90 -3.31 2.43 11.40
CA LEU B 90 -1.92 1.99 11.37
C LEU B 90 -1.10 2.66 12.45
N GLN B 91 -0.49 1.84 13.29
CA GLN B 91 0.41 2.32 14.33
C GLN B 91 1.86 2.11 13.91
N LEU B 92 2.56 3.19 13.62
CA LEU B 92 3.94 3.10 13.18
C LEU B 92 4.89 2.83 14.35
N LYS B 93 5.35 1.59 14.45
CA LYS B 93 6.39 1.26 15.41
C LYS B 93 7.75 1.62 14.84
N LYS B 94 7.80 1.75 13.52
CA LYS B 94 9.03 2.06 12.81
C LYS B 94 8.91 3.42 12.12
N PRO B 95 10.01 4.17 12.06
CA PRO B 95 10.04 5.49 11.40
C PRO B 95 9.72 5.39 9.91
N GLY B 96 9.15 6.45 9.38
CA GLY B 96 8.74 6.47 8.00
C GLY B 96 9.58 7.41 7.17
N LYS B 97 9.78 8.61 7.70
CA LYS B 97 10.53 9.68 7.03
C LYS B 97 9.66 10.30 5.94
N ASN B 98 10.22 11.22 5.19
CA ASN B 98 9.49 11.86 4.08
C ASN B 98 9.10 10.83 3.02
N VAL B 99 7.79 10.73 2.77
CA VAL B 99 7.27 9.82 1.76
C VAL B 99 7.05 10.55 0.43
N ALA B 100 6.92 11.87 0.50
CA ALA B 100 6.77 12.70 -0.70
C ALA B 100 7.98 12.54 -1.63
N ALA B 101 9.12 12.23 -1.04
CA ALA B 101 10.33 11.98 -1.82
C ALA B 101 10.16 10.74 -2.69
N ILE B 102 9.31 9.83 -2.23
CA ILE B 102 9.01 8.62 -2.97
C ILE B 102 8.14 8.96 -4.19
N ILE B 103 7.34 10.02 -4.08
CA ILE B 103 6.57 10.53 -5.22
C ILE B 103 7.53 10.96 -6.32
N GLN B 104 8.58 11.65 -5.93
CA GLN B 104 9.60 12.09 -6.88
C GLN B 104 10.33 10.88 -7.45
N ASP B 105 10.43 9.84 -6.63
CA ASP B 105 11.06 8.59 -7.03
C ASP B 105 10.24 7.93 -8.13
N ILE B 106 8.92 7.91 -7.95
CA ILE B 106 8.00 7.38 -8.94
C ILE B 106 8.14 8.14 -10.26
N HIS B 107 8.16 9.46 -10.17
CA HIS B 107 8.28 10.31 -11.36
C HIS B 107 9.60 10.08 -12.08
N SER B 108 10.62 9.69 -11.34
CA SER B 108 11.92 9.40 -11.91
C SER B 108 11.90 8.09 -12.69
N GLN B 109 11.13 7.13 -12.18
CA GLN B 109 11.01 5.82 -12.82
C GLN B 109 9.95 5.85 -13.92
N ARG B 110 8.91 6.65 -13.70
CA ARG B 110 7.76 6.72 -14.62
C ARG B 110 7.07 5.36 -14.66
N GLU B 111 6.53 4.95 -13.52
CA GLU B 111 5.94 3.63 -13.37
C GLU B 111 4.46 3.63 -13.76
N ARG B 112 4.19 3.82 -15.04
CA ARG B 112 2.84 3.73 -15.60
C ARG B 112 1.93 4.82 -15.05
O5' ADN A 1 -10.97 -13.23 1.12
C5' ADN A 1 -10.60 -13.64 2.44
C4' ADN A 1 -9.98 -15.03 2.43
O4' ADN A 1 -9.75 -15.42 1.05
C3' ADN A 1 -8.63 -15.15 3.12
O3' ADN A 1 -8.47 -16.43 3.71
C2' ADN A 1 -7.64 -14.92 1.98
O2' ADN A 1 -6.41 -15.57 2.21
C1' ADN A 1 -8.36 -15.59 0.82
N9 ADN A 1 -8.03 -15.03 -0.49
C8 ADN A 1 -8.77 -14.13 -1.21
N7 ADN A 1 -8.21 -13.79 -2.36
C5 ADN A 1 -7.04 -14.53 -2.38
C6 ADN A 1 -6.00 -14.63 -3.32
N6 ADN A 1 -5.99 -13.94 -4.47
N1 ADN A 1 -4.97 -15.45 -3.05
C2 ADN A 1 -4.99 -16.13 -1.88
N3 ADN A 1 -5.90 -16.12 -0.92
C4 ADN A 1 -6.92 -15.29 -1.23
HO5' ADN A 1 -11.57 -13.88 0.77
H5'1 ADN A 1 -11.48 -13.64 3.07
H5'2 ADN A 1 -9.87 -12.94 2.84
H4' ADN A 1 -10.66 -15.69 2.96
H3' ADN A 1 -8.53 -14.42 3.93
H2' ADN A 1 -7.51 -13.85 1.80
HO2' ADN A 1 -6.04 -15.23 3.03
H1' ADN A 1 -8.18 -16.66 0.79
H8 ADN A 1 -9.72 -13.74 -0.88
HN61 ADN A 1 -6.75 -13.32 -4.70
HN62 ADN A 1 -5.21 -14.05 -5.11
H2 ADN A 1 -4.13 -16.77 -1.71
N GLY B 1 -19.51 -6.43 12.30
CA GLY B 1 -18.92 -7.74 11.93
C GLY B 1 -17.83 -7.60 10.88
N ALA B 2 -17.47 -8.71 10.25
CA ALA B 2 -16.42 -8.70 9.24
C ALA B 2 -17.00 -8.29 7.88
N MET B 3 -17.59 -7.11 7.86
CA MET B 3 -18.20 -6.56 6.66
C MET B 3 -18.52 -5.09 6.90
N ALA B 4 -18.36 -4.26 5.87
CA ALA B 4 -18.57 -2.82 6.00
C ALA B 4 -17.70 -2.26 7.12
N GLN B 5 -16.40 -2.47 6.99
CA GLN B 5 -15.44 -2.06 8.01
C GLN B 5 -15.41 -0.55 8.14
N ARG B 6 -15.45 -0.07 9.37
CA ARG B 6 -15.38 1.35 9.66
C ARG B 6 -13.96 1.86 9.42
N LYS B 7 -13.83 2.81 8.51
CA LYS B 7 -12.54 3.41 8.20
C LYS B 7 -12.61 4.92 8.31
N GLY B 8 -13.27 5.40 9.37
CA GLY B 8 -13.41 6.83 9.57
C GLY B 8 -12.25 7.43 10.33
N ALA B 9 -12.13 7.08 11.61
CA ALA B 9 -11.02 7.54 12.44
C ALA B 9 -9.90 6.51 12.43
N GLY B 10 -9.39 6.24 11.24
CA GLY B 10 -8.40 5.21 11.07
C GLY B 10 -8.72 4.33 9.89
N ARG B 11 -7.74 4.11 9.02
CA ARG B 11 -7.95 3.20 7.91
C ARG B 11 -6.78 2.24 7.78
N VAL B 12 -7.11 0.98 7.54
CA VAL B 12 -6.10 -0.02 7.23
C VAL B 12 -6.31 -0.57 5.84
N VAL B 13 -5.30 -0.45 5.00
CA VAL B 13 -5.30 -1.06 3.69
C VAL B 13 -4.13 -2.04 3.66
N HIS B 14 -4.40 -3.31 3.41
CA HIS B 14 -3.39 -4.34 3.53
C HIS B 14 -2.96 -4.82 2.15
N ILE B 15 -1.67 -4.90 1.96
CA ILE B 15 -1.10 -5.38 0.72
C ILE B 15 -0.43 -6.73 0.97
N CYS B 16 -0.60 -7.65 0.06
CA CYS B 16 -0.07 -8.99 0.24
C CYS B 16 0.63 -9.47 -1.01
N ASN B 17 1.47 -10.49 -0.83
CA ASN B 17 2.12 -11.21 -1.92
C ASN B 17 3.42 -10.53 -2.31
N LEU B 18 4.01 -9.85 -1.33
CA LEU B 18 5.28 -9.19 -1.54
C LEU B 18 6.40 -10.16 -1.21
N PRO B 19 7.31 -10.42 -2.14
CA PRO B 19 8.38 -11.40 -1.91
C PRO B 19 9.42 -10.87 -0.93
N GLU B 20 9.80 -11.72 0.02
CA GLU B 20 10.87 -11.40 0.95
C GLU B 20 12.18 -11.26 0.20
N GLY B 21 12.90 -10.18 0.45
CA GLY B 21 14.07 -9.88 -0.34
C GLY B 21 13.70 -8.97 -1.49
N SER B 22 12.44 -8.56 -1.51
CA SER B 22 11.91 -7.72 -2.57
C SER B 22 10.80 -6.82 -2.03
N CYS B 23 10.63 -6.83 -0.70
CA CYS B 23 9.63 -6.00 -0.07
C CYS B 23 10.28 -4.68 0.31
N THR B 24 10.35 -3.76 -0.64
CA THR B 24 10.97 -2.49 -0.37
C THR B 24 9.90 -1.49 -0.02
N GLU B 25 10.25 -0.50 0.78
CA GLU B 25 9.32 0.55 1.13
C GLU B 25 8.98 1.35 -0.10
N ASN B 26 9.98 1.49 -0.96
CA ASN B 26 9.85 2.30 -2.15
C ASN B 26 8.81 1.72 -3.11
N ASP B 27 8.88 0.42 -3.40
CA ASP B 27 8.00 -0.19 -4.43
C ASP B 27 6.55 -0.23 -3.97
N VAL B 28 6.37 -0.63 -2.71
CA VAL B 28 5.04 -0.74 -2.11
C VAL B 28 4.34 0.62 -2.14
N ILE B 29 5.07 1.64 -1.73
CA ILE B 29 4.58 3.00 -1.79
C ILE B 29 4.43 3.47 -3.24
N ASN B 30 5.31 3.00 -4.14
CA ASN B 30 5.20 3.34 -5.55
C ASN B 30 3.85 2.91 -6.10
N LEU B 31 3.25 1.90 -5.49
CA LEU B 31 1.91 1.52 -5.85
C LEU B 31 0.90 2.51 -5.26
N GLY B 32 1.13 2.89 -4.01
CA GLY B 32 0.23 3.79 -3.31
C GLY B 32 0.15 5.21 -3.87
N LEU B 33 1.29 5.84 -4.07
CA LEU B 33 1.33 7.28 -4.36
C LEU B 33 0.65 7.71 -5.67
N PRO B 34 0.78 6.98 -6.78
CA PRO B 34 0.16 7.38 -8.05
C PRO B 34 -1.37 7.40 -7.98
N PHE B 35 -1.97 6.60 -7.10
CA PHE B 35 -3.43 6.59 -6.97
C PHE B 35 -3.89 7.40 -5.76
N GLY B 36 -2.98 7.72 -4.86
CA GLY B 36 -3.36 8.41 -3.64
C GLY B 36 -2.17 8.88 -2.85
N LYS B 37 -2.41 9.53 -1.73
CA LYS B 37 -1.32 10.06 -0.92
C LYS B 37 -0.96 9.05 0.17
N VAL B 38 0.29 8.62 0.20
CA VAL B 38 0.75 7.70 1.22
C VAL B 38 1.26 8.46 2.43
N THR B 39 0.57 8.29 3.55
CA THR B 39 1.00 8.91 4.79
C THR B 39 1.71 7.92 5.71
N ASN B 40 1.26 6.67 5.70
CA ASN B 40 1.82 5.63 6.54
C ASN B 40 1.91 4.32 5.78
N TYR B 41 2.86 3.49 6.16
CA TYR B 41 3.11 2.23 5.48
C TYR B 41 3.92 1.32 6.40
N ILE B 42 3.74 0.01 6.24
CA ILE B 42 4.37 -0.97 7.11
C ILE B 42 4.74 -2.17 6.27
N LEU B 43 5.98 -2.60 6.31
CA LEU B 43 6.40 -3.71 5.48
C LEU B 43 6.63 -4.96 6.32
N MET B 44 5.89 -6.02 6.03
CA MET B 44 6.07 -7.25 6.80
C MET B 44 6.73 -8.30 5.93
N LYS B 45 8.04 -8.18 5.83
CA LYS B 45 8.89 -9.15 5.18
C LYS B 45 8.68 -10.56 5.70
N SER B 46 8.27 -10.69 6.96
CA SER B 46 8.15 -11.99 7.59
C SER B 46 7.01 -12.80 6.98
N THR B 47 5.88 -12.14 6.78
CA THR B 47 4.69 -12.81 6.25
C THR B 47 4.51 -12.57 4.75
N ASN B 48 5.48 -11.89 4.13
CA ASN B 48 5.41 -11.52 2.71
C ASN B 48 4.18 -10.65 2.46
N GLN B 49 3.92 -9.75 3.41
CA GLN B 49 2.74 -8.90 3.39
C GLN B 49 3.12 -7.49 3.84
N ALA B 50 2.23 -6.52 3.65
CA ALA B 50 2.52 -5.16 4.05
C ALA B 50 1.24 -4.33 4.24
N PHE B 51 1.39 -3.17 4.86
CA PHE B 51 0.27 -2.26 5.07
C PHE B 51 0.52 -0.92 4.37
N LEU B 52 -0.56 -0.31 3.90
CA LEU B 52 -0.47 0.96 3.20
C LEU B 52 -1.60 1.88 3.64
N GLU B 53 -1.24 3.04 4.18
CA GLU B 53 -2.21 4.05 4.57
C GLU B 53 -2.29 5.13 3.52
N MET B 54 -3.48 5.34 2.99
CA MET B 54 -3.71 6.31 1.95
C MET B 54 -4.55 7.44 2.53
N ALA B 55 -4.35 8.67 2.06
CA ALA B 55 -4.93 9.84 2.73
C ALA B 55 -6.44 9.74 2.81
N TYR B 56 -7.06 9.36 1.70
CA TYR B 56 -8.50 9.26 1.64
C TYR B 56 -8.95 7.86 1.27
N THR B 57 -10.17 7.52 1.67
CA THR B 57 -10.75 6.20 1.42
C THR B 57 -10.95 5.98 -0.07
N GLU B 58 -11.13 7.09 -0.80
CA GLU B 58 -11.28 7.08 -2.24
C GLU B 58 -10.07 6.43 -2.91
N ALA B 59 -8.91 6.57 -2.30
CA ALA B 59 -7.68 6.04 -2.86
C ALA B 59 -7.67 4.52 -2.74
N ALA B 60 -8.06 4.01 -1.58
CA ALA B 60 -8.02 2.59 -1.31
C ALA B 60 -8.94 1.81 -2.24
N GLN B 61 -10.15 2.33 -2.43
CA GLN B 61 -11.12 1.66 -3.28
C GLN B 61 -10.64 1.63 -4.73
N ALA B 62 -10.05 2.73 -5.17
CA ALA B 62 -9.57 2.86 -6.54
C ALA B 62 -8.43 1.87 -6.81
N MET B 63 -7.50 1.77 -5.86
CA MET B 63 -6.36 0.88 -6.02
C MET B 63 -6.80 -0.57 -6.03
N VAL B 64 -7.65 -0.95 -5.06
CA VAL B 64 -8.12 -2.33 -4.98
C VAL B 64 -8.82 -2.73 -6.27
N GLN B 65 -9.70 -1.88 -6.77
CA GLN B 65 -10.42 -2.15 -8.01
C GLN B 65 -9.45 -2.27 -9.19
N TYR B 66 -8.41 -1.45 -9.16
CA TYR B 66 -7.41 -1.48 -10.23
C TYR B 66 -6.64 -2.79 -10.19
N TYR B 67 -6.13 -3.13 -9.01
CA TYR B 67 -5.34 -4.35 -8.85
C TYR B 67 -6.18 -5.62 -8.89
N GLN B 68 -7.50 -5.48 -8.80
CA GLN B 68 -8.39 -6.61 -9.04
C GLN B 68 -8.33 -7.00 -10.51
N GLU B 69 -8.34 -6.00 -11.38
CA GLU B 69 -8.25 -6.24 -12.82
C GLU B 69 -6.79 -6.35 -13.27
N LYS B 70 -5.93 -5.53 -12.69
CA LYS B 70 -4.50 -5.59 -12.97
C LYS B 70 -3.70 -5.51 -11.69
N PRO B 71 -3.32 -6.65 -11.10
CA PRO B 71 -2.46 -6.68 -9.93
C PRO B 71 -1.05 -6.22 -10.27
N ALA B 72 -0.28 -5.85 -9.26
CA ALA B 72 1.05 -5.31 -9.50
C ALA B 72 2.07 -6.44 -9.51
N ILE B 73 2.97 -6.38 -10.46
CA ILE B 73 3.90 -7.47 -10.68
C ILE B 73 5.28 -7.17 -10.09
N ILE B 74 5.70 -7.99 -9.14
CA ILE B 74 7.03 -7.90 -8.55
C ILE B 74 7.70 -9.27 -8.64
N ASN B 75 8.77 -9.36 -9.43
CA ASN B 75 9.47 -10.63 -9.69
C ASN B 75 8.52 -11.63 -10.31
N GLY B 76 7.58 -11.13 -11.10
CA GLY B 76 6.62 -11.98 -11.75
C GLY B 76 5.52 -12.45 -10.81
N GLU B 77 5.50 -11.91 -9.60
CA GLU B 77 4.49 -12.28 -8.62
C GLU B 77 3.45 -11.16 -8.47
N LYS B 78 2.18 -11.53 -8.61
CA LYS B 78 1.09 -10.56 -8.52
C LYS B 78 0.82 -10.14 -7.09
N LEU B 79 0.81 -8.83 -6.86
CA LEU B 79 0.54 -8.26 -5.54
C LEU B 79 -0.96 -8.03 -5.36
N LEU B 80 -1.46 -8.36 -4.18
CA LEU B 80 -2.88 -8.21 -3.89
C LEU B 80 -3.10 -7.14 -2.82
N ILE B 81 -3.77 -6.05 -3.19
CA ILE B 81 -4.11 -5.00 -2.23
C ILE B 81 -5.59 -5.10 -1.87
N ARG B 82 -5.87 -5.09 -0.57
CA ARG B 82 -7.23 -5.23 -0.05
C ARG B 82 -7.42 -4.39 1.21
N MET B 83 -8.66 -4.14 1.58
CA MET B 83 -8.96 -3.47 2.84
C MET B 83 -8.93 -4.48 3.98
N SER B 84 -8.45 -4.06 5.14
CA SER B 84 -8.29 -4.97 6.25
C SER B 84 -9.58 -5.11 7.07
N THR B 85 -9.92 -6.36 7.31
CA THR B 85 -11.09 -6.71 8.10
C THR B 85 -10.72 -6.83 9.58
N ARG B 86 -9.42 -6.85 9.86
CA ARG B 86 -8.95 -7.16 11.21
C ARG B 86 -8.54 -5.92 12.00
N TYR B 87 -8.08 -4.89 11.31
CA TYR B 87 -7.57 -3.69 11.98
C TYR B 87 -8.21 -2.40 11.48
N LYS B 88 -8.26 -1.42 12.37
CA LYS B 88 -8.86 -0.13 12.05
C LYS B 88 -7.81 0.97 11.92
N GLU B 89 -6.62 0.75 12.46
CA GLU B 89 -5.61 1.81 12.45
C GLU B 89 -4.21 1.24 12.21
N LEU B 90 -3.36 2.07 11.62
CA LEU B 90 -1.97 1.72 11.35
C LEU B 90 -1.04 2.65 12.12
N GLN B 91 -0.22 2.08 12.97
CA GLN B 91 0.74 2.87 13.73
C GLN B 91 2.16 2.52 13.30
N LEU B 92 3.01 3.53 13.16
CA LEU B 92 4.37 3.31 12.71
C LEU B 92 5.30 2.98 13.88
N LYS B 93 5.44 1.69 14.15
CA LYS B 93 6.33 1.22 15.20
C LYS B 93 7.78 1.25 14.72
N LYS B 94 7.95 1.41 13.41
CA LYS B 94 9.27 1.50 12.81
C LYS B 94 9.40 2.82 12.06
N PRO B 95 10.57 3.46 12.12
CA PRO B 95 10.83 4.70 11.38
C PRO B 95 10.85 4.47 9.88
N GLY B 96 10.45 5.48 9.12
CA GLY B 96 10.39 5.35 7.69
C GLY B 96 11.03 6.51 6.98
N LYS B 97 11.01 6.45 5.67
CA LYS B 97 11.57 7.50 4.83
C LYS B 97 10.47 8.49 4.49
N ASN B 98 10.84 9.73 4.17
CA ASN B 98 9.87 10.72 3.73
C ASN B 98 9.20 10.27 2.45
N VAL B 99 7.87 10.17 2.49
CA VAL B 99 7.10 9.59 1.41
C VAL B 99 6.95 10.54 0.22
N ALA B 100 7.01 11.85 0.47
CA ALA B 100 6.93 12.84 -0.60
C ALA B 100 8.08 12.65 -1.58
N ALA B 101 9.24 12.30 -1.05
CA ALA B 101 10.40 12.03 -1.87
C ALA B 101 10.18 10.80 -2.74
N ILE B 102 9.33 9.89 -2.25
CA ILE B 102 8.99 8.69 -2.99
C ILE B 102 8.10 9.06 -4.18
N ILE B 103 7.32 10.12 -4.03
CA ILE B 103 6.52 10.66 -5.14
C ILE B 103 7.44 11.08 -6.27
N GLN B 104 8.51 11.76 -5.90
CA GLN B 104 9.50 12.21 -6.88
C GLN B 104 10.22 11.01 -7.49
N ASP B 105 10.32 9.95 -6.70
CA ASP B 105 10.91 8.70 -7.14
C ASP B 105 10.05 8.06 -8.23
N ILE B 106 8.75 8.03 -8.02
CA ILE B 106 7.81 7.47 -8.99
C ILE B 106 7.80 8.29 -10.27
N HIS B 107 7.82 9.60 -10.11
CA HIS B 107 7.84 10.51 -11.26
C HIS B 107 9.16 10.39 -12.03
N SER B 108 10.21 9.99 -11.32
CA SER B 108 11.49 9.69 -11.96
C SER B 108 11.31 8.45 -12.84
N GLN B 109 10.31 7.64 -12.47
CA GLN B 109 9.86 6.48 -13.25
C GLN B 109 10.72 5.25 -12.98
N ARG B 110 10.16 4.34 -12.20
CA ARG B 110 10.84 3.11 -11.80
C ARG B 110 10.45 1.97 -12.73
N GLU B 111 10.16 2.29 -13.97
CA GLU B 111 9.77 1.30 -14.95
C GLU B 111 10.57 1.48 -16.23
N ARG B 112 11.53 0.58 -16.44
CA ARG B 112 12.43 0.64 -17.59
C ARG B 112 13.31 1.89 -17.52
O5' ADN A 1 -9.65 -14.96 -0.12
C5' ADN A 1 -9.76 -15.12 1.30
C4' ADN A 1 -9.13 -16.40 1.77
O4' ADN A 1 -8.64 -17.14 0.60
C3' ADN A 1 -7.92 -16.25 2.68
O3' ADN A 1 -7.81 -17.32 3.61
C2' ADN A 1 -6.75 -16.23 1.70
O2' ADN A 1 -5.55 -16.70 2.29
C1' ADN A 1 -7.24 -17.24 0.66
N9 ADN A 1 -6.70 -16.99 -0.68
C8 ADN A 1 -7.37 -16.53 -1.78
N7 ADN A 1 -6.62 -16.40 -2.84
C5 ADN A 1 -5.36 -16.80 -2.41
C6 ADN A 1 -4.12 -16.90 -3.07
N6 ADN A 1 -3.94 -16.58 -4.35
N1 ADN A 1 -3.07 -17.34 -2.35
C2 ADN A 1 -3.25 -17.66 -1.07
N3 ADN A 1 -4.36 -17.61 -0.34
C4 ADN A 1 -5.40 -17.17 -1.08
HO5' ADN A 1 -9.75 -15.84 -0.51
H5'1 ADN A 1 -10.82 -15.11 1.59
H5'2 ADN A 1 -9.27 -14.28 1.80
H4' ADN A 1 -9.88 -16.95 2.34
H3' ADN A 1 -7.98 -15.34 3.27
H2' ADN A 1 -6.64 -15.24 1.25
HO2' ADN A 1 -5.70 -17.60 2.56
H1' ADN A 1 -7.00 -18.27 0.94
H8 ADN A 1 -8.41 -16.29 -1.76
HN61 ADN A 1 -4.72 -16.24 -4.90
HN62 ADN A 1 -3.03 -16.67 -4.77
H2 ADN A 1 -2.36 -18.01 -0.54
N GLY B 1 -18.29 -13.80 8.30
CA GLY B 1 -17.87 -12.92 9.41
C GLY B 1 -17.60 -11.51 8.95
N ALA B 2 -18.63 -10.67 8.98
CA ALA B 2 -18.50 -9.28 8.56
C ALA B 2 -18.45 -8.36 9.78
N MET B 3 -17.97 -7.15 9.59
CA MET B 3 -17.88 -6.18 10.68
C MET B 3 -18.02 -4.77 10.14
N ALA B 4 -18.49 -3.85 10.97
CA ALA B 4 -18.62 -2.44 10.59
C ALA B 4 -17.26 -1.76 10.65
N GLN B 5 -16.45 -1.99 9.63
CA GLN B 5 -15.09 -1.46 9.57
C GLN B 5 -15.10 0.06 9.51
N ARG B 6 -14.20 0.68 10.26
CA ARG B 6 -14.06 2.13 10.24
C ARG B 6 -13.12 2.54 9.13
N LYS B 7 -13.40 3.69 8.52
CA LYS B 7 -12.52 4.26 7.51
C LYS B 7 -12.37 5.76 7.74
N GLY B 8 -12.50 6.19 8.99
CA GLY B 8 -12.40 7.59 9.31
C GLY B 8 -10.96 8.03 9.45
N ALA B 9 -10.50 8.13 10.69
CA ALA B 9 -9.11 8.45 10.96
C ALA B 9 -8.30 7.17 10.95
N GLY B 10 -9.01 6.08 11.05
CA GLY B 10 -8.41 4.77 11.00
C GLY B 10 -8.76 4.07 9.71
N ARG B 11 -7.78 3.89 8.85
CA ARG B 11 -8.00 3.10 7.65
C ARG B 11 -6.88 2.10 7.48
N VAL B 12 -7.24 0.86 7.21
CA VAL B 12 -6.27 -0.17 6.93
C VAL B 12 -6.43 -0.72 5.51
N VAL B 13 -5.39 -0.60 4.72
CA VAL B 13 -5.35 -1.21 3.41
C VAL B 13 -4.17 -2.16 3.37
N HIS B 14 -4.41 -3.43 3.09
CA HIS B 14 -3.37 -4.45 3.18
C HIS B 14 -2.88 -4.85 1.80
N ILE B 15 -1.57 -4.91 1.67
CA ILE B 15 -0.93 -5.33 0.44
C ILE B 15 -0.21 -6.64 0.69
N CYS B 16 -0.44 -7.63 -0.14
CA CYS B 16 0.12 -8.94 0.10
C CYS B 16 0.72 -9.53 -1.15
N ASN B 17 1.51 -10.59 -0.95
CA ASN B 17 2.18 -11.35 -2.01
C ASN B 17 3.50 -10.71 -2.35
N LEU B 18 4.09 -10.07 -1.36
CA LEU B 18 5.39 -9.44 -1.51
C LEU B 18 6.46 -10.43 -1.06
N PRO B 19 7.44 -10.76 -1.92
CA PRO B 19 8.50 -11.71 -1.56
C PRO B 19 9.51 -11.08 -0.61
N GLU B 20 9.86 -11.82 0.44
CA GLU B 20 10.87 -11.37 1.38
C GLU B 20 12.22 -11.27 0.70
N GLY B 21 12.89 -10.14 0.88
CA GLY B 21 14.11 -9.89 0.13
C GLY B 21 13.81 -9.08 -1.11
N SER B 22 12.54 -8.72 -1.26
CA SER B 22 12.09 -7.97 -2.41
C SER B 22 10.97 -7.01 -2.02
N CYS B 23 10.73 -6.90 -0.71
CA CYS B 23 9.70 -6.02 -0.19
C CYS B 23 10.33 -4.69 0.17
N THR B 24 10.36 -3.77 -0.76
CA THR B 24 10.97 -2.49 -0.48
C THR B 24 9.88 -1.47 -0.21
N GLU B 25 10.19 -0.48 0.60
CA GLU B 25 9.23 0.57 0.91
C GLU B 25 8.92 1.35 -0.34
N ASN B 26 9.94 1.46 -1.18
CA ASN B 26 9.82 2.19 -2.42
C ASN B 26 8.77 1.58 -3.34
N ASP B 27 8.79 0.26 -3.55
CA ASP B 27 7.89 -0.37 -4.52
C ASP B 27 6.45 -0.35 -4.03
N VAL B 28 6.29 -0.71 -2.77
CA VAL B 28 4.97 -0.79 -2.16
C VAL B 28 4.29 0.58 -2.16
N ILE B 29 5.04 1.59 -1.74
CA ILE B 29 4.55 2.95 -1.77
C ILE B 29 4.38 3.46 -3.21
N ASN B 30 5.25 3.00 -4.13
CA ASN B 30 5.11 3.37 -5.54
C ASN B 30 3.76 2.94 -6.07
N LEU B 31 3.18 1.91 -5.46
CA LEU B 31 1.83 1.51 -5.82
C LEU B 31 0.82 2.47 -5.21
N GLY B 32 1.06 2.87 -3.97
CA GLY B 32 0.15 3.78 -3.28
C GLY B 32 0.07 5.21 -3.83
N LEU B 33 1.21 5.85 -3.99
CA LEU B 33 1.23 7.29 -4.27
C LEU B 33 0.54 7.74 -5.58
N PRO B 34 0.66 7.00 -6.70
CA PRO B 34 0.03 7.42 -7.96
C PRO B 34 -1.48 7.52 -7.86
N PHE B 35 -2.09 6.77 -6.93
CA PHE B 35 -3.54 6.79 -6.77
C PHE B 35 -3.98 7.63 -5.57
N GLY B 36 -3.02 8.13 -4.80
CA GLY B 36 -3.37 8.91 -3.63
C GLY B 36 -2.17 9.26 -2.77
N LYS B 37 -2.44 9.81 -1.60
CA LYS B 37 -1.37 10.23 -0.71
C LYS B 37 -1.07 9.14 0.32
N VAL B 38 0.16 8.68 0.34
CA VAL B 38 0.60 7.73 1.35
C VAL B 38 1.10 8.47 2.59
N THR B 39 0.40 8.31 3.68
CA THR B 39 0.79 8.91 4.95
C THR B 39 1.55 7.92 5.82
N ASN B 40 1.16 6.66 5.75
CA ASN B 40 1.82 5.60 6.51
C ASN B 40 1.90 4.34 5.68
N TYR B 41 2.80 3.47 6.10
CA TYR B 41 3.02 2.22 5.42
C TYR B 41 3.74 1.27 6.37
N ILE B 42 3.52 -0.03 6.22
CA ILE B 42 4.17 -1.02 7.05
C ILE B 42 4.55 -2.18 6.17
N LEU B 43 5.82 -2.52 6.11
CA LEU B 43 6.22 -3.64 5.29
C LEU B 43 6.69 -4.77 6.18
N MET B 44 5.97 -5.87 6.26
CA MET B 44 6.37 -6.92 7.17
C MET B 44 7.07 -7.98 6.36
N LYS B 45 8.36 -7.75 6.15
CA LYS B 45 9.21 -8.66 5.38
C LYS B 45 9.13 -10.08 5.90
N SER B 46 8.87 -10.25 7.18
CA SER B 46 8.86 -11.55 7.81
C SER B 46 7.66 -12.38 7.33
N THR B 47 6.52 -11.72 7.18
CA THR B 47 5.29 -12.41 6.80
C THR B 47 5.03 -12.29 5.30
N ASN B 48 5.97 -11.66 4.59
CA ASN B 48 5.86 -11.44 3.15
C ASN B 48 4.57 -10.69 2.81
N GLN B 49 4.22 -9.74 3.67
CA GLN B 49 2.99 -8.97 3.54
C GLN B 49 3.23 -7.54 4.00
N ALA B 50 2.30 -6.65 3.71
CA ALA B 50 2.49 -5.25 4.04
C ALA B 50 1.18 -4.48 4.17
N PHE B 51 1.26 -3.32 4.78
CA PHE B 51 0.12 -2.40 4.93
C PHE B 51 0.40 -1.06 4.27
N LEU B 52 -0.66 -0.41 3.82
CA LEU B 52 -0.54 0.88 3.16
C LEU B 52 -1.65 1.82 3.66
N GLU B 53 -1.24 2.95 4.23
CA GLU B 53 -2.21 3.92 4.72
C GLU B 53 -2.39 5.04 3.70
N MET B 54 -3.65 5.36 3.44
CA MET B 54 -4.01 6.31 2.41
C MET B 54 -4.81 7.45 3.02
N ALA B 55 -4.47 8.67 2.64
CA ALA B 55 -5.01 9.86 3.30
C ALA B 55 -6.46 10.14 2.91
N TYR B 56 -6.92 9.53 1.84
CA TYR B 56 -8.26 9.78 1.33
C TYR B 56 -8.92 8.47 0.91
N THR B 57 -10.25 8.41 1.06
CA THR B 57 -11.02 7.23 0.72
C THR B 57 -10.94 6.96 -0.78
N GLU B 58 -10.72 8.02 -1.55
CA GLU B 58 -10.57 7.92 -3.00
C GLU B 58 -9.41 6.97 -3.35
N ALA B 59 -8.38 6.97 -2.50
CA ALA B 59 -7.16 6.25 -2.79
C ALA B 59 -7.35 4.75 -2.62
N ALA B 60 -7.98 4.35 -1.52
CA ALA B 60 -8.15 2.94 -1.21
C ALA B 60 -9.04 2.25 -2.23
N GLN B 61 -10.15 2.89 -2.59
CA GLN B 61 -11.07 2.32 -3.54
C GLN B 61 -10.45 2.27 -4.94
N ALA B 62 -9.67 3.29 -5.29
CA ALA B 62 -9.03 3.35 -6.60
C ALA B 62 -8.02 2.23 -6.78
N MET B 63 -7.20 2.02 -5.78
CA MET B 63 -6.15 1.02 -5.86
C MET B 63 -6.73 -0.39 -5.87
N VAL B 64 -7.64 -0.67 -4.95
CA VAL B 64 -8.21 -2.00 -4.84
C VAL B 64 -8.88 -2.40 -6.15
N GLN B 65 -9.70 -1.52 -6.72
CA GLN B 65 -10.38 -1.81 -7.98
C GLN B 65 -9.36 -2.05 -9.10
N TYR B 66 -8.28 -1.28 -9.09
CA TYR B 66 -7.26 -1.41 -10.11
C TYR B 66 -6.51 -2.74 -9.97
N TYR B 67 -5.99 -3.01 -8.78
CA TYR B 67 -5.16 -4.19 -8.55
C TYR B 67 -5.98 -5.49 -8.47
N GLN B 68 -7.29 -5.37 -8.31
CA GLN B 68 -8.16 -6.55 -8.39
C GLN B 68 -8.19 -7.08 -9.82
N GLU B 69 -8.32 -6.16 -10.77
CA GLU B 69 -8.34 -6.54 -12.18
C GLU B 69 -6.95 -6.59 -12.78
N LYS B 70 -6.09 -5.67 -12.38
CA LYS B 70 -4.74 -5.58 -12.91
C LYS B 70 -3.75 -5.48 -11.76
N PRO B 71 -3.39 -6.61 -11.17
CA PRO B 71 -2.50 -6.65 -10.01
C PRO B 71 -1.08 -6.22 -10.37
N ALA B 72 -0.30 -5.86 -9.37
CA ALA B 72 1.05 -5.37 -9.60
C ALA B 72 2.04 -6.51 -9.58
N ILE B 73 2.97 -6.51 -10.52
CA ILE B 73 3.91 -7.60 -10.66
C ILE B 73 5.26 -7.24 -10.03
N ILE B 74 5.66 -8.05 -9.07
CA ILE B 74 7.02 -7.97 -8.54
C ILE B 74 7.68 -9.33 -8.59
N ASN B 75 8.69 -9.46 -9.45
CA ASN B 75 9.41 -10.72 -9.62
C ASN B 75 8.46 -11.82 -10.04
N GLY B 76 7.45 -11.44 -10.82
CA GLY B 76 6.50 -12.40 -11.33
C GLY B 76 5.36 -12.69 -10.38
N GLU B 77 5.32 -11.99 -9.24
CA GLU B 77 4.26 -12.19 -8.27
C GLU B 77 3.19 -11.11 -8.38
N LYS B 78 1.95 -11.54 -8.52
CA LYS B 78 0.81 -10.64 -8.52
C LYS B 78 0.53 -10.13 -7.12
N LEU B 79 0.73 -8.84 -6.89
CA LEU B 79 0.49 -8.23 -5.60
C LEU B 79 -1.00 -7.97 -5.41
N LEU B 80 -1.50 -8.30 -4.24
CA LEU B 80 -2.92 -8.15 -3.95
C LEU B 80 -3.16 -7.06 -2.92
N ILE B 81 -3.79 -5.97 -3.34
CA ILE B 81 -4.13 -4.89 -2.41
C ILE B 81 -5.63 -4.95 -2.09
N ARG B 82 -5.95 -5.15 -0.82
CA ARG B 82 -7.33 -5.25 -0.36
C ARG B 82 -7.46 -4.66 1.05
N MET B 83 -8.69 -4.41 1.47
CA MET B 83 -8.93 -3.82 2.78
C MET B 83 -8.92 -4.91 3.85
N SER B 84 -8.39 -4.58 5.02
CA SER B 84 -8.26 -5.56 6.09
C SER B 84 -9.52 -5.65 6.95
N THR B 85 -9.84 -6.87 7.35
CA THR B 85 -11.02 -7.14 8.15
C THR B 85 -10.73 -7.11 9.66
N ARG B 86 -9.45 -7.20 10.02
CA ARG B 86 -9.10 -7.38 11.43
C ARG B 86 -8.64 -6.08 12.07
N TYR B 87 -8.02 -5.22 11.29
CA TYR B 87 -7.46 -3.98 11.82
C TYR B 87 -8.15 -2.77 11.25
N LYS B 88 -8.39 -1.79 12.12
CA LYS B 88 -9.00 -0.54 11.73
C LYS B 88 -7.98 0.59 11.78
N GLU B 89 -6.81 0.29 12.31
CA GLU B 89 -5.80 1.33 12.50
C GLU B 89 -4.41 0.76 12.23
N LEU B 90 -3.51 1.64 11.81
CA LEU B 90 -2.14 1.26 11.50
C LEU B 90 -1.17 1.94 12.44
N GLN B 91 -0.43 1.15 13.19
CA GLN B 91 0.54 1.67 14.15
C GLN B 91 1.96 1.52 13.61
N LEU B 92 2.69 2.63 13.59
CA LEU B 92 4.06 2.62 13.10
C LEU B 92 5.04 2.20 14.19
N LYS B 93 5.31 0.90 14.28
CA LYS B 93 6.34 0.40 15.18
C LYS B 93 7.72 0.68 14.61
N LYS B 94 7.78 0.90 13.31
CA LYS B 94 9.02 1.24 12.64
C LYS B 94 8.93 2.67 12.12
N PRO B 95 10.08 3.35 11.98
CA PRO B 95 10.12 4.76 11.54
C PRO B 95 9.61 4.94 10.12
N GLY B 96 9.18 6.15 9.82
CA GLY B 96 8.66 6.46 8.52
C GLY B 96 9.56 7.43 7.80
N LYS B 97 9.97 7.08 6.60
CA LYS B 97 10.85 7.91 5.81
C LYS B 97 10.02 8.81 4.91
N ASN B 98 10.63 9.84 4.34
CA ASN B 98 9.94 10.76 3.46
C ASN B 98 9.25 10.01 2.31
N VAL B 99 7.95 10.17 2.24
CA VAL B 99 7.14 9.52 1.24
C VAL B 99 6.90 10.44 0.03
N ALA B 100 6.93 11.74 0.27
CA ALA B 100 6.80 12.72 -0.82
C ALA B 100 7.96 12.57 -1.81
N ALA B 101 9.13 12.23 -1.28
CA ALA B 101 10.30 11.96 -2.10
C ALA B 101 10.08 10.72 -2.96
N ILE B 102 9.22 9.84 -2.48
CA ILE B 102 8.86 8.64 -3.21
C ILE B 102 7.98 9.01 -4.40
N ILE B 103 7.17 10.07 -4.25
CA ILE B 103 6.39 10.61 -5.37
C ILE B 103 7.32 11.06 -6.48
N GLN B 104 8.42 11.72 -6.10
CA GLN B 104 9.44 12.14 -7.07
C GLN B 104 10.01 10.92 -7.77
N ASP B 105 10.17 9.87 -6.99
CA ASP B 105 10.77 8.62 -7.46
C ASP B 105 9.89 7.96 -8.53
N ILE B 106 8.58 7.90 -8.26
CA ILE B 106 7.63 7.33 -9.19
C ILE B 106 7.67 8.05 -10.54
N HIS B 107 7.63 9.38 -10.48
CA HIS B 107 7.66 10.19 -11.69
C HIS B 107 9.03 10.17 -12.35
N SER B 108 10.06 9.94 -11.54
CA SER B 108 11.41 9.86 -12.05
C SER B 108 11.56 8.64 -12.94
N GLN B 109 10.83 7.57 -12.61
CA GLN B 109 10.85 6.30 -13.36
C GLN B 109 12.16 5.57 -13.12
N ARG B 110 13.26 6.18 -13.51
CA ARG B 110 14.59 5.64 -13.27
C ARG B 110 15.42 6.64 -12.48
N GLU B 111 16.25 6.16 -11.58
CA GLU B 111 17.05 7.05 -10.74
C GLU B 111 18.50 7.05 -11.18
N ARG B 112 18.71 6.87 -12.47
CA ARG B 112 20.04 6.85 -13.07
C ARG B 112 19.93 6.76 -14.58
O5' ADN A 1 -4.28 -18.70 1.37
C5' ADN A 1 -5.07 -18.54 2.56
C4' ADN A 1 -5.72 -17.19 2.62
O4' ADN A 1 -4.90 -16.23 1.90
C3' ADN A 1 -7.10 -17.10 1.95
O3' ADN A 1 -7.92 -16.13 2.58
C2' ADN A 1 -6.76 -16.70 0.52
O2' ADN A 1 -7.82 -15.99 -0.09
C1' ADN A 1 -5.60 -15.74 0.77
N9 ADN A 1 -4.66 -15.66 -0.36
C8 ADN A 1 -3.39 -16.14 -0.42
N7 ADN A 1 -2.78 -15.90 -1.57
C5 ADN A 1 -3.75 -15.21 -2.30
C6 ADN A 1 -3.73 -14.68 -3.61
N6 ADN A 1 -2.67 -14.74 -4.42
N1 ADN A 1 -4.85 -14.06 -4.04
C2 ADN A 1 -5.90 -13.99 -3.21
N3 ADN A 1 -6.03 -14.45 -1.98
C4 ADN A 1 -4.90 -15.06 -1.57
HO5' ADN A 1 -3.45 -18.23 1.52
H5'1 ADN A 1 -4.43 -18.67 3.44
H5'2 ADN A 1 -5.84 -19.31 2.58
H4' ADN A 1 -5.86 -16.94 3.67
H3' ADN A 1 -7.63 -18.04 2.02
H2' ADN A 1 -6.44 -17.57 -0.05
HO2' ADN A 1 -8.15 -15.37 0.57
H1' ADN A 1 -5.93 -14.74 1.01
H8 ADN A 1 -2.92 -16.67 0.38
HN61 ADN A 1 -1.82 -15.19 -4.11
HN62 ADN A 1 -2.73 -14.33 -5.34
H2 ADN A 1 -6.77 -13.48 -3.62
N GLY B 1 -23.63 3.85 0.67
CA GLY B 1 -23.71 4.08 2.13
C GLY B 1 -22.62 3.35 2.88
N ALA B 2 -22.82 3.16 4.17
CA ALA B 2 -21.84 2.48 5.00
C ALA B 2 -21.99 0.97 4.88
N MET B 3 -20.89 0.30 4.54
CA MET B 3 -20.90 -1.15 4.38
C MET B 3 -19.55 -1.73 4.78
N ALA B 4 -19.58 -2.93 5.37
CA ALA B 4 -18.38 -3.64 5.81
C ALA B 4 -17.71 -2.95 6.99
N GLN B 5 -16.99 -1.90 6.69
CA GLN B 5 -16.27 -1.13 7.69
C GLN B 5 -16.42 0.37 7.45
N ARG B 6 -15.86 1.16 8.35
CA ARG B 6 -15.91 2.61 8.24
C ARG B 6 -14.97 3.11 7.15
N LYS B 7 -13.67 2.92 7.39
CA LYS B 7 -12.62 3.38 6.45
C LYS B 7 -12.77 4.88 6.18
N GLY B 8 -12.38 5.69 7.15
CA GLY B 8 -12.45 7.13 7.00
C GLY B 8 -11.56 7.84 8.00
N ALA B 9 -12.02 7.88 9.25
CA ALA B 9 -11.20 8.40 10.33
C ALA B 9 -10.34 7.27 10.89
N GLY B 10 -9.63 6.61 9.97
CA GLY B 10 -8.90 5.41 10.31
C GLY B 10 -9.03 4.39 9.20
N ARG B 11 -7.98 4.20 8.42
CA ARG B 11 -8.00 3.23 7.34
C ARG B 11 -6.83 2.26 7.46
N VAL B 12 -7.12 0.99 7.30
CA VAL B 12 -6.09 0.01 7.07
C VAL B 12 -6.29 -0.64 5.71
N VAL B 13 -5.29 -0.52 4.86
CA VAL B 13 -5.32 -1.15 3.56
C VAL B 13 -4.14 -2.11 3.48
N HIS B 14 -4.42 -3.37 3.22
CA HIS B 14 -3.40 -4.40 3.30
C HIS B 14 -2.96 -4.84 1.92
N ILE B 15 -1.65 -4.90 1.74
CA ILE B 15 -1.07 -5.37 0.49
C ILE B 15 -0.34 -6.67 0.76
N CYS B 16 -0.42 -7.60 -0.16
CA CYS B 16 0.17 -8.91 0.05
C CYS B 16 0.77 -9.48 -1.21
N ASN B 17 1.57 -10.53 -1.03
CA ASN B 17 2.23 -11.27 -2.11
C ASN B 17 3.53 -10.61 -2.49
N LEU B 18 4.11 -9.91 -1.53
CA LEU B 18 5.38 -9.24 -1.74
C LEU B 18 6.50 -10.23 -1.47
N PRO B 19 7.42 -10.43 -2.42
CA PRO B 19 8.51 -11.38 -2.26
C PRO B 19 9.53 -10.91 -1.24
N GLU B 20 9.93 -11.81 -0.36
CA GLU B 20 10.93 -11.52 0.66
C GLU B 20 12.26 -11.23 0.00
N GLY B 21 12.90 -10.14 0.39
CA GLY B 21 14.11 -9.73 -0.29
C GLY B 21 13.79 -8.79 -1.44
N SER B 22 12.52 -8.45 -1.57
CA SER B 22 12.04 -7.63 -2.66
C SER B 22 10.92 -6.70 -2.17
N CYS B 23 10.68 -6.73 -0.86
CA CYS B 23 9.65 -5.91 -0.26
C CYS B 23 10.25 -4.59 0.18
N THR B 24 10.26 -3.62 -0.71
CA THR B 24 10.84 -2.34 -0.35
C THR B 24 9.72 -1.38 0.02
N GLU B 25 10.02 -0.42 0.87
CA GLU B 25 9.04 0.57 1.27
C GLU B 25 8.69 1.42 0.06
N ASN B 26 9.70 1.64 -0.77
CA ASN B 26 9.53 2.45 -1.97
C ASN B 26 8.56 1.81 -2.94
N ASP B 27 8.68 0.52 -3.22
CA ASP B 27 7.86 -0.12 -4.25
C ASP B 27 6.39 -0.21 -3.84
N VAL B 28 6.19 -0.60 -2.60
CA VAL B 28 4.85 -0.75 -2.04
C VAL B 28 4.12 0.59 -2.07
N ILE B 29 4.82 1.61 -1.61
CA ILE B 29 4.30 2.97 -1.65
C ILE B 29 4.19 3.49 -3.09
N ASN B 30 5.10 3.07 -3.96
CA ASN B 30 5.04 3.45 -5.37
C ASN B 30 3.74 2.99 -5.99
N LEU B 31 3.15 1.93 -5.43
CA LEU B 31 1.85 1.50 -5.87
C LEU B 31 0.78 2.45 -5.32
N GLY B 32 0.96 2.85 -4.06
CA GLY B 32 0.01 3.76 -3.43
C GLY B 32 -0.03 5.16 -4.00
N LEU B 33 1.13 5.81 -4.08
CA LEU B 33 1.20 7.25 -4.35
C LEU B 33 0.50 7.71 -5.64
N PRO B 34 0.67 7.02 -6.78
CA PRO B 34 0.06 7.43 -8.05
C PRO B 34 -1.46 7.48 -7.98
N PHE B 35 -2.07 6.68 -7.10
CA PHE B 35 -3.52 6.70 -6.94
C PHE B 35 -3.95 7.52 -5.72
N GLY B 36 -3.00 7.80 -4.83
CA GLY B 36 -3.31 8.59 -3.66
C GLY B 36 -2.09 8.81 -2.79
N LYS B 37 -2.08 9.92 -2.05
CA LYS B 37 -0.95 10.25 -1.20
C LYS B 37 -0.83 9.25 -0.05
N VAL B 38 0.36 8.69 0.11
CA VAL B 38 0.63 7.72 1.14
C VAL B 38 1.11 8.39 2.42
N THR B 39 0.32 8.25 3.47
CA THR B 39 0.64 8.85 4.75
C THR B 39 1.38 7.88 5.68
N ASN B 40 1.02 6.61 5.59
CA ASN B 40 1.62 5.59 6.45
C ASN B 40 1.80 4.29 5.68
N TYR B 41 2.72 3.48 6.15
CA TYR B 41 3.04 2.22 5.48
C TYR B 41 3.76 1.28 6.45
N ILE B 42 3.62 -0.02 6.25
CA ILE B 42 4.21 -1.02 7.13
C ILE B 42 4.63 -2.21 6.29
N LEU B 43 5.87 -2.64 6.40
CA LEU B 43 6.33 -3.76 5.60
C LEU B 43 6.49 -5.00 6.45
N MET B 44 5.82 -6.08 6.07
CA MET B 44 5.94 -7.32 6.81
C MET B 44 6.69 -8.33 5.95
N LYS B 45 8.01 -8.18 5.93
CA LYS B 45 8.89 -9.13 5.23
C LYS B 45 8.69 -10.56 5.70
N SER B 46 8.27 -10.74 6.95
CA SER B 46 8.20 -12.06 7.53
C SER B 46 7.07 -12.89 6.88
N THR B 47 5.93 -12.26 6.67
CA THR B 47 4.76 -12.95 6.14
C THR B 47 4.57 -12.68 4.65
N ASN B 48 5.51 -11.95 4.05
CA ASN B 48 5.41 -11.53 2.65
C ASN B 48 4.17 -10.68 2.44
N GLN B 49 3.94 -9.78 3.39
CA GLN B 49 2.75 -8.92 3.39
C GLN B 49 3.15 -7.50 3.76
N ALA B 50 2.26 -6.54 3.57
CA ALA B 50 2.52 -5.17 3.95
C ALA B 50 1.23 -4.37 4.13
N PHE B 51 1.32 -3.22 4.76
CA PHE B 51 0.18 -2.32 4.92
C PHE B 51 0.45 -0.97 4.27
N LEU B 52 -0.60 -0.36 3.74
CA LEU B 52 -0.49 0.91 3.05
C LEU B 52 -1.64 1.84 3.46
N GLU B 53 -1.28 2.97 4.04
CA GLU B 53 -2.27 3.98 4.42
C GLU B 53 -2.27 5.13 3.41
N MET B 54 -3.46 5.56 3.04
CA MET B 54 -3.63 6.52 1.97
C MET B 54 -4.33 7.75 2.51
N ALA B 55 -4.29 8.87 1.79
CA ALA B 55 -4.84 10.12 2.30
C ALA B 55 -6.34 10.01 2.57
N TYR B 56 -7.05 9.39 1.64
CA TYR B 56 -8.50 9.26 1.75
C TYR B 56 -8.94 7.85 1.38
N THR B 57 -10.14 7.47 1.84
CA THR B 57 -10.68 6.15 1.57
C THR B 57 -10.97 5.98 0.08
N GLU B 58 -11.24 7.10 -0.60
CA GLU B 58 -11.47 7.10 -2.04
C GLU B 58 -10.27 6.49 -2.77
N ALA B 59 -9.09 6.67 -2.20
CA ALA B 59 -7.87 6.16 -2.80
C ALA B 59 -7.79 4.65 -2.62
N ALA B 60 -8.17 4.19 -1.42
CA ALA B 60 -8.07 2.78 -1.07
C ALA B 60 -8.98 1.94 -1.93
N GLN B 61 -10.22 2.39 -2.10
CA GLN B 61 -11.20 1.67 -2.89
C GLN B 61 -10.78 1.64 -4.35
N ALA B 62 -10.19 2.73 -4.80
CA ALA B 62 -9.74 2.85 -6.19
C ALA B 62 -8.59 1.90 -6.47
N MET B 63 -7.63 1.82 -5.54
CA MET B 63 -6.46 0.96 -5.73
C MET B 63 -6.86 -0.50 -5.70
N VAL B 64 -7.74 -0.86 -4.76
CA VAL B 64 -8.18 -2.25 -4.64
C VAL B 64 -8.83 -2.69 -5.95
N GLN B 65 -9.72 -1.86 -6.48
CA GLN B 65 -10.40 -2.16 -7.74
C GLN B 65 -9.39 -2.30 -8.89
N TYR B 66 -8.37 -1.46 -8.87
CA TYR B 66 -7.37 -1.46 -9.94
C TYR B 66 -6.53 -2.74 -9.88
N TYR B 67 -5.95 -3.02 -8.72
CA TYR B 67 -5.03 -4.14 -8.56
C TYR B 67 -5.74 -5.49 -8.56
N GLN B 68 -7.06 -5.49 -8.42
CA GLN B 68 -7.82 -6.72 -8.57
C GLN B 68 -7.86 -7.14 -10.04
N GLU B 69 -8.05 -6.16 -10.92
CA GLU B 69 -8.12 -6.44 -12.34
C GLU B 69 -6.74 -6.38 -12.98
N LYS B 70 -5.91 -5.44 -12.54
CA LYS B 70 -4.55 -5.33 -13.02
C LYS B 70 -3.58 -5.25 -11.85
N PRO B 71 -3.13 -6.41 -11.34
CA PRO B 71 -2.20 -6.47 -10.22
C PRO B 71 -0.80 -5.99 -10.60
N ALA B 72 -0.01 -5.67 -9.59
CA ALA B 72 1.36 -5.25 -9.82
C ALA B 72 2.27 -6.46 -9.72
N ILE B 73 3.22 -6.56 -10.63
CA ILE B 73 4.09 -7.71 -10.67
C ILE B 73 5.47 -7.37 -10.11
N ILE B 74 5.89 -8.13 -9.12
CA ILE B 74 7.24 -8.00 -8.58
C ILE B 74 7.91 -9.37 -8.62
N ASN B 75 8.92 -9.52 -9.47
CA ASN B 75 9.63 -10.79 -9.62
C ASN B 75 8.65 -11.90 -10.01
N GLY B 76 7.65 -11.54 -10.79
CA GLY B 76 6.69 -12.50 -11.27
C GLY B 76 5.57 -12.78 -10.28
N GLU B 77 5.54 -12.03 -9.19
CA GLU B 77 4.46 -12.18 -8.22
C GLU B 77 3.42 -11.08 -8.38
N LYS B 78 2.17 -11.48 -8.57
CA LYS B 78 1.06 -10.55 -8.61
C LYS B 78 0.69 -10.07 -7.20
N LEU B 79 0.79 -8.77 -6.99
CA LEU B 79 0.50 -8.18 -5.69
C LEU B 79 -0.99 -7.94 -5.51
N LEU B 80 -1.49 -8.24 -4.33
CA LEU B 80 -2.91 -8.07 -4.01
C LEU B 80 -3.11 -6.97 -2.99
N ILE B 81 -3.77 -5.89 -3.39
CA ILE B 81 -4.12 -4.82 -2.46
C ILE B 81 -5.60 -4.91 -2.10
N ARG B 82 -5.89 -4.97 -0.80
CA ARG B 82 -7.25 -5.12 -0.30
C ARG B 82 -7.39 -4.38 1.04
N MET B 83 -8.62 -4.17 1.47
CA MET B 83 -8.86 -3.52 2.76
C MET B 83 -8.74 -4.54 3.88
N SER B 84 -8.21 -4.12 5.02
CA SER B 84 -7.98 -5.05 6.12
C SER B 84 -9.23 -5.20 6.98
N THR B 85 -9.49 -6.45 7.36
CA THR B 85 -10.64 -6.79 8.18
C THR B 85 -10.32 -6.77 9.67
N ARG B 86 -9.03 -6.78 10.01
CA ARG B 86 -8.61 -6.99 11.39
C ARG B 86 -8.24 -5.70 12.10
N TYR B 87 -7.79 -4.70 11.34
CA TYR B 87 -7.36 -3.45 11.95
C TYR B 87 -8.05 -2.25 11.32
N LYS B 88 -8.28 -1.22 12.13
CA LYS B 88 -8.91 0.00 11.66
C LYS B 88 -7.92 1.15 11.57
N GLU B 89 -6.75 1.00 12.17
CA GLU B 89 -5.74 2.05 12.11
C GLU B 89 -4.34 1.45 12.01
N LEU B 90 -3.45 2.19 11.36
CA LEU B 90 -2.05 1.78 11.25
C LEU B 90 -1.16 2.54 12.21
N GLN B 91 -0.46 1.79 13.05
CA GLN B 91 0.45 2.36 14.03
C GLN B 91 1.90 2.18 13.56
N LEU B 92 2.64 3.28 13.46
CA LEU B 92 4.02 3.23 13.04
C LEU B 92 4.95 2.89 14.20
N LYS B 93 5.32 1.62 14.31
CA LYS B 93 6.31 1.20 15.30
C LYS B 93 7.71 1.45 14.79
N LYS B 94 7.83 1.67 13.48
CA LYS B 94 9.12 1.89 12.86
C LYS B 94 9.16 3.27 12.22
N PRO B 95 10.36 3.87 12.10
CA PRO B 95 10.53 5.20 11.51
C PRO B 95 10.11 5.25 10.05
N GLY B 96 9.62 6.39 9.63
CA GLY B 96 9.14 6.55 8.28
C GLY B 96 9.94 7.56 7.50
N LYS B 97 10.39 7.16 6.33
CA LYS B 97 11.07 8.07 5.42
C LYS B 97 10.05 9.02 4.83
N ASN B 98 10.50 10.19 4.37
CA ASN B 98 9.60 11.09 3.66
C ASN B 98 9.02 10.40 2.44
N VAL B 99 7.70 10.29 2.42
CA VAL B 99 7.02 9.56 1.37
C VAL B 99 6.82 10.44 0.14
N ALA B 100 6.89 11.75 0.33
CA ALA B 100 6.87 12.69 -0.79
C ALA B 100 8.09 12.46 -1.69
N ALA B 101 9.20 12.06 -1.06
CA ALA B 101 10.41 11.73 -1.81
C ALA B 101 10.17 10.49 -2.66
N ILE B 102 9.28 9.62 -2.18
CA ILE B 102 8.93 8.41 -2.90
C ILE B 102 8.12 8.77 -4.15
N ILE B 103 7.37 9.87 -4.06
CA ILE B 103 6.68 10.43 -5.23
C ILE B 103 7.72 10.82 -6.29
N GLN B 104 8.83 11.38 -5.83
CA GLN B 104 9.92 11.74 -6.73
C GLN B 104 10.50 10.49 -7.40
N ASP B 105 10.46 9.38 -6.67
CA ASP B 105 10.92 8.10 -7.20
C ASP B 105 10.03 7.64 -8.35
N ILE B 106 8.72 7.75 -8.15
CA ILE B 106 7.74 7.39 -9.18
C ILE B 106 7.90 8.25 -10.41
N HIS B 107 8.04 9.55 -10.20
CA HIS B 107 8.20 10.51 -11.30
C HIS B 107 9.48 10.24 -12.07
N SER B 108 10.52 9.81 -11.35
CA SER B 108 11.78 9.44 -11.97
C SER B 108 11.63 8.17 -12.80
N GLN B 109 10.65 7.35 -12.42
CA GLN B 109 10.33 6.10 -13.12
C GLN B 109 11.41 5.05 -12.87
N ARG B 110 12.56 5.22 -13.51
CA ARG B 110 13.68 4.30 -13.36
C ARG B 110 13.27 2.89 -13.80
N GLU B 111 12.49 2.82 -14.88
CA GLU B 111 12.05 1.55 -15.42
C GLU B 111 13.22 0.86 -16.12
N ARG B 112 13.38 -0.42 -15.85
CA ARG B 112 14.49 -1.18 -16.41
C ARG B 112 14.08 -1.82 -17.73
O5' ADN A 1 -6.57 -14.63 -0.56
C5' ADN A 1 -5.82 -13.54 -0.02
C4' ADN A 1 -6.70 -12.32 0.22
O4' ADN A 1 -8.09 -12.72 0.04
C3' ADN A 1 -6.62 -11.73 1.62
O3' ADN A 1 -6.84 -10.33 1.59
C2' ADN A 1 -7.73 -12.48 2.36
O2' ADN A 1 -8.25 -11.71 3.43
C1' ADN A 1 -8.78 -12.58 1.26
N9 ADN A 1 -9.67 -13.72 1.41
C8 ADN A 1 -9.64 -14.91 0.73
N7 ADN A 1 -10.58 -15.76 1.07
C5 ADN A 1 -11.29 -15.08 2.06
C6 ADN A 1 -12.40 -15.43 2.83
N6 ADN A 1 -13.03 -16.60 2.73
N1 ADN A 1 -12.86 -14.52 3.73
C2 ADN A 1 -12.23 -13.34 3.82
N3 ADN A 1 -11.17 -12.90 3.15
C4 ADN A 1 -10.73 -13.82 2.27
HO5' ADN A 1 -7.35 -14.25 -0.98
H5'1 ADN A 1 -5.02 -13.27 -0.71
H5'2 ADN A 1 -5.38 -13.84 0.93
H4' ADN A 1 -6.37 -11.55 -0.47
H3' ADN A 1 -5.63 -11.88 2.07
H2' ADN A 1 -7.38 -13.46 2.68
HO2' ADN A 1 -9.17 -11.95 3.53
H1' ADN A 1 -9.39 -11.68 1.18
H8 ADN A 1 -8.91 -15.13 -0.04
HN61 ADN A 1 -12.71 -17.29 2.07
HN62 ADN A 1 -13.84 -16.79 3.31
H2 ADN A 1 -12.64 -12.65 4.56
N GLY B 1 -18.36 -10.47 5.08
CA GLY B 1 -17.45 -9.60 5.86
C GLY B 1 -16.97 -8.41 5.04
N ALA B 2 -16.14 -7.57 5.65
CA ALA B 2 -15.57 -6.40 4.99
C ALA B 2 -16.67 -5.42 4.56
N MET B 3 -17.72 -5.33 5.37
CA MET B 3 -18.82 -4.43 5.07
C MET B 3 -18.76 -3.20 5.97
N ALA B 4 -18.91 -3.42 7.27
CA ALA B 4 -18.84 -2.34 8.24
C ALA B 4 -17.49 -2.35 8.94
N GLN B 5 -16.51 -1.72 8.31
CA GLN B 5 -15.15 -1.73 8.83
C GLN B 5 -14.83 -0.44 9.58
N ARG B 6 -15.66 0.58 9.37
CA ARG B 6 -15.45 1.91 9.95
C ARG B 6 -14.19 2.58 9.39
N LYS B 7 -14.32 3.13 8.19
CA LYS B 7 -13.20 3.78 7.52
C LYS B 7 -13.03 5.22 7.99
N GLY B 8 -13.99 5.69 8.77
CA GLY B 8 -13.98 7.07 9.24
C GLY B 8 -12.75 7.39 10.07
N ALA B 9 -11.87 8.20 9.50
CA ALA B 9 -10.63 8.63 10.16
C ALA B 9 -9.76 7.44 10.56
N GLY B 10 -9.88 6.35 9.83
CA GLY B 10 -9.09 5.18 10.12
C GLY B 10 -9.24 4.11 9.07
N ARG B 11 -8.32 4.10 8.11
CA ARG B 11 -8.36 3.09 7.07
C ARG B 11 -7.14 2.20 7.14
N VAL B 12 -7.37 0.91 7.01
CA VAL B 12 -6.28 -0.03 6.83
C VAL B 12 -6.40 -0.71 5.48
N VAL B 13 -5.36 -0.57 4.69
CA VAL B 13 -5.32 -1.20 3.39
C VAL B 13 -4.12 -2.13 3.36
N HIS B 14 -4.35 -3.40 3.13
CA HIS B 14 -3.30 -4.39 3.22
C HIS B 14 -2.86 -4.85 1.85
N ILE B 15 -1.55 -4.92 1.66
CA ILE B 15 -0.97 -5.39 0.43
C ILE B 15 -0.25 -6.69 0.71
N CYS B 16 -0.35 -7.64 -0.20
CA CYS B 16 0.24 -8.94 0.03
C CYS B 16 0.89 -9.49 -1.23
N ASN B 17 1.69 -10.54 -1.02
CA ASN B 17 2.38 -11.27 -2.09
C ASN B 17 3.70 -10.61 -2.42
N LEU B 18 4.26 -9.95 -1.42
CA LEU B 18 5.54 -9.29 -1.56
C LEU B 18 6.64 -10.28 -1.17
N PRO B 19 7.61 -10.53 -2.07
CA PRO B 19 8.70 -11.45 -1.77
C PRO B 19 9.70 -10.86 -0.79
N GLU B 20 10.08 -11.66 0.20
CA GLU B 20 11.06 -11.24 1.19
C GLU B 20 12.41 -11.03 0.52
N GLY B 21 13.03 -9.89 0.76
CA GLY B 21 14.24 -9.54 0.03
C GLY B 21 13.92 -8.69 -1.17
N SER B 22 12.65 -8.33 -1.30
CA SER B 22 12.17 -7.54 -2.42
C SER B 22 10.97 -6.69 -1.99
N CYS B 23 10.70 -6.66 -0.69
CA CYS B 23 9.64 -5.85 -0.15
C CYS B 23 10.20 -4.50 0.24
N THR B 24 10.27 -3.59 -0.70
CA THR B 24 10.84 -2.29 -0.40
C THR B 24 9.72 -1.34 -0.06
N GLU B 25 10.03 -0.33 0.74
CA GLU B 25 9.06 0.69 1.08
C GLU B 25 8.72 1.45 -0.18
N ASN B 26 9.73 1.60 -1.03
CA ASN B 26 9.60 2.38 -2.24
C ASN B 26 8.58 1.75 -3.19
N ASP B 27 8.67 0.44 -3.45
CA ASP B 27 7.82 -0.20 -4.45
C ASP B 27 6.36 -0.26 -4.00
N VAL B 28 6.18 -0.66 -2.75
CA VAL B 28 4.85 -0.78 -2.15
C VAL B 28 4.14 0.57 -2.17
N ILE B 29 4.86 1.58 -1.74
CA ILE B 29 4.36 2.94 -1.77
C ILE B 29 4.23 3.45 -3.22
N ASN B 30 5.11 2.99 -4.11
CA ASN B 30 5.02 3.35 -5.53
C ASN B 30 3.67 2.93 -6.08
N LEU B 31 3.08 1.91 -5.48
CA LEU B 31 1.75 1.49 -5.86
C LEU B 31 0.73 2.47 -5.30
N GLY B 32 0.95 2.88 -4.04
CA GLY B 32 0.02 3.79 -3.38
C GLY B 32 -0.04 5.21 -3.95
N LEU B 33 1.10 5.85 -4.09
CA LEU B 33 1.15 7.29 -4.36
C LEU B 33 0.44 7.74 -5.67
N PRO B 34 0.57 7.01 -6.78
CA PRO B 34 -0.07 7.43 -8.04
C PRO B 34 -1.59 7.54 -7.97
N PHE B 35 -2.21 6.84 -7.01
CA PHE B 35 -3.66 6.89 -6.85
C PHE B 35 -4.08 7.75 -5.66
N GLY B 36 -3.13 8.10 -4.80
CA GLY B 36 -3.46 8.86 -3.61
C GLY B 36 -2.22 9.17 -2.78
N LYS B 37 -2.42 9.77 -1.63
CA LYS B 37 -1.30 10.16 -0.80
C LYS B 37 -1.02 9.10 0.25
N VAL B 38 0.19 8.57 0.25
CA VAL B 38 0.59 7.61 1.26
C VAL B 38 1.08 8.33 2.51
N THR B 39 0.34 8.18 3.59
CA THR B 39 0.71 8.80 4.85
C THR B 39 1.43 7.84 5.77
N ASN B 40 1.04 6.58 5.72
CA ASN B 40 1.65 5.55 6.56
C ASN B 40 1.79 4.26 5.77
N TYR B 41 2.76 3.44 6.16
CA TYR B 41 3.02 2.19 5.49
C TYR B 41 3.74 1.24 6.44
N ILE B 42 3.56 -0.05 6.25
CA ILE B 42 4.16 -1.05 7.12
C ILE B 42 4.62 -2.21 6.27
N LEU B 43 5.89 -2.57 6.35
CA LEU B 43 6.40 -3.63 5.52
C LEU B 43 6.66 -4.88 6.32
N MET B 44 5.98 -5.97 5.98
CA MET B 44 6.13 -7.20 6.72
C MET B 44 6.87 -8.21 5.85
N LYS B 45 8.18 -8.04 5.81
CA LYS B 45 9.06 -8.96 5.08
C LYS B 45 8.87 -10.42 5.52
N SER B 46 8.52 -10.63 6.77
CA SER B 46 8.47 -11.97 7.34
C SER B 46 7.32 -12.78 6.75
N THR B 47 6.15 -12.17 6.67
CA THR B 47 4.95 -12.87 6.24
C THR B 47 4.64 -12.62 4.77
N ASN B 48 5.56 -11.94 4.08
CA ASN B 48 5.38 -11.58 2.67
C ASN B 48 4.14 -10.71 2.51
N GLN B 49 3.95 -9.81 3.46
CA GLN B 49 2.78 -8.95 3.50
C GLN B 49 3.18 -7.52 3.81
N ALA B 50 2.29 -6.57 3.61
CA ALA B 50 2.54 -5.18 3.97
C ALA B 50 1.23 -4.41 4.15
N PHE B 51 1.31 -3.25 4.78
CA PHE B 51 0.16 -2.37 4.94
C PHE B 51 0.43 -1.02 4.29
N LEU B 52 -0.63 -0.40 3.78
CA LEU B 52 -0.54 0.88 3.11
C LEU B 52 -1.67 1.79 3.55
N GLU B 53 -1.33 2.91 4.15
CA GLU B 53 -2.33 3.89 4.59
C GLU B 53 -2.38 5.03 3.59
N MET B 54 -3.60 5.43 3.26
CA MET B 54 -3.86 6.40 2.22
C MET B 54 -4.67 7.54 2.80
N ALA B 55 -4.37 8.75 2.36
CA ALA B 55 -4.89 9.97 2.99
C ALA B 55 -6.40 10.03 2.98
N TYR B 56 -7.03 9.38 2.01
CA TYR B 56 -8.48 9.37 1.91
C TYR B 56 -8.98 7.99 1.48
N THR B 57 -10.22 7.71 1.83
CA THR B 57 -10.86 6.43 1.51
C THR B 57 -11.02 6.27 0.00
N GLU B 58 -11.11 7.41 -0.71
CA GLU B 58 -11.20 7.42 -2.16
C GLU B 58 -9.99 6.73 -2.80
N ALA B 59 -8.84 6.84 -2.14
CA ALA B 59 -7.61 6.27 -2.64
C ALA B 59 -7.63 4.77 -2.48
N ALA B 60 -8.07 4.31 -1.32
CA ALA B 60 -8.06 2.90 -0.98
C ALA B 60 -8.94 2.10 -1.93
N GLN B 61 -10.13 2.61 -2.19
CA GLN B 61 -11.06 1.91 -3.06
C GLN B 61 -10.55 1.88 -4.50
N ALA B 62 -9.94 2.98 -4.92
CA ALA B 62 -9.45 3.10 -6.29
C ALA B 62 -8.33 2.09 -6.56
N MET B 63 -7.41 1.98 -5.61
CA MET B 63 -6.27 1.10 -5.76
C MET B 63 -6.71 -0.36 -5.73
N VAL B 64 -7.61 -0.69 -4.80
CA VAL B 64 -8.12 -2.05 -4.71
C VAL B 64 -8.79 -2.44 -6.03
N GLN B 65 -9.63 -1.56 -6.55
CA GLN B 65 -10.32 -1.81 -7.81
C GLN B 65 -9.32 -2.00 -8.95
N TYR B 66 -8.24 -1.23 -8.91
CA TYR B 66 -7.24 -1.29 -9.96
C TYR B 66 -6.47 -2.61 -9.92
N TYR B 67 -5.92 -2.92 -8.75
CA TYR B 67 -5.05 -4.09 -8.61
C TYR B 67 -5.81 -5.41 -8.55
N GLN B 68 -7.12 -5.36 -8.37
CA GLN B 68 -7.94 -6.56 -8.49
C GLN B 68 -7.95 -7.02 -9.94
N GLU B 69 -8.08 -6.07 -10.85
CA GLU B 69 -8.08 -6.37 -12.27
C GLU B 69 -6.66 -6.37 -12.84
N LYS B 70 -5.83 -5.44 -12.38
CA LYS B 70 -4.44 -5.35 -12.85
C LYS B 70 -3.48 -5.25 -11.67
N PRO B 71 -3.10 -6.40 -11.08
CA PRO B 71 -2.16 -6.45 -9.95
C PRO B 71 -0.75 -6.06 -10.36
N ALA B 72 0.07 -5.71 -9.38
CA ALA B 72 1.43 -5.27 -9.65
C ALA B 72 2.38 -6.46 -9.57
N ILE B 73 3.34 -6.53 -10.46
CA ILE B 73 4.23 -7.67 -10.53
C ILE B 73 5.56 -7.39 -9.85
N ILE B 74 5.92 -8.24 -8.90
CA ILE B 74 7.22 -8.21 -8.25
C ILE B 74 7.81 -9.61 -8.22
N ASN B 75 8.93 -9.79 -8.92
CA ASN B 75 9.59 -11.10 -9.02
C ASN B 75 8.64 -12.16 -9.55
N GLY B 76 7.74 -11.73 -10.43
CA GLY B 76 6.83 -12.65 -11.07
C GLY B 76 5.60 -12.95 -10.22
N GLU B 77 5.47 -12.27 -9.10
CA GLU B 77 4.32 -12.48 -8.22
C GLU B 77 3.40 -11.27 -8.22
N LYS B 78 2.12 -11.53 -8.47
CA LYS B 78 1.09 -10.50 -8.50
C LYS B 78 0.78 -9.99 -7.09
N LEU B 79 0.93 -8.69 -6.89
CA LEU B 79 0.64 -8.08 -5.60
C LEU B 79 -0.86 -7.83 -5.45
N LEU B 80 -1.38 -8.19 -4.29
CA LEU B 80 -2.81 -8.07 -4.04
C LEU B 80 -3.09 -7.01 -2.98
N ILE B 81 -3.74 -5.91 -3.38
CA ILE B 81 -4.11 -4.86 -2.46
C ILE B 81 -5.59 -4.98 -2.08
N ARG B 82 -5.88 -5.00 -0.78
CA ARG B 82 -7.24 -5.16 -0.28
C ARG B 82 -7.43 -4.39 1.03
N MET B 83 -8.69 -4.16 1.39
CA MET B 83 -9.00 -3.50 2.66
C MET B 83 -9.00 -4.52 3.79
N SER B 84 -8.34 -4.18 4.89
CA SER B 84 -8.19 -5.12 6.00
C SER B 84 -9.46 -5.24 6.84
N THR B 85 -9.79 -6.48 7.16
CA THR B 85 -10.97 -6.80 7.93
C THR B 85 -10.66 -6.82 9.44
N ARG B 86 -9.38 -6.87 9.78
CA ARG B 86 -8.97 -7.09 11.16
C ARG B 86 -8.52 -5.81 11.86
N TYR B 87 -8.02 -4.85 11.11
CA TYR B 87 -7.49 -3.63 11.71
C TYR B 87 -8.12 -2.37 11.12
N LYS B 88 -8.34 -1.40 11.98
CA LYS B 88 -8.90 -0.11 11.59
C LYS B 88 -7.85 1.00 11.71
N GLU B 89 -6.68 0.69 12.25
CA GLU B 89 -5.66 1.70 12.47
C GLU B 89 -4.27 1.14 12.20
N LEU B 90 -3.38 2.04 11.78
CA LEU B 90 -1.99 1.67 11.52
C LEU B 90 -1.06 2.54 12.36
N GLN B 91 -0.26 1.90 13.19
CA GLN B 91 0.71 2.60 13.99
C GLN B 91 2.11 2.27 13.53
N LEU B 92 2.89 3.29 13.20
CA LEU B 92 4.24 3.10 12.73
C LEU B 92 5.18 2.76 13.89
N LYS B 93 5.31 1.47 14.17
CA LYS B 93 6.19 0.99 15.23
C LYS B 93 7.65 1.09 14.79
N LYS B 94 7.86 1.32 13.51
CA LYS B 94 9.20 1.44 12.95
C LYS B 94 9.35 2.79 12.25
N PRO B 95 10.60 3.29 12.13
CA PRO B 95 10.87 4.58 11.47
C PRO B 95 10.40 4.62 10.02
N GLY B 96 9.88 5.76 9.62
CA GLY B 96 9.36 5.91 8.27
C GLY B 96 9.92 7.14 7.60
N LYS B 97 10.65 6.94 6.51
CA LYS B 97 11.26 8.04 5.77
C LYS B 97 10.19 8.82 5.01
N ASN B 98 10.57 9.99 4.52
CA ASN B 98 9.64 10.84 3.76
C ASN B 98 9.08 10.10 2.56
N VAL B 99 7.77 10.15 2.42
CA VAL B 99 7.07 9.41 1.38
C VAL B 99 6.90 10.27 0.11
N ALA B 100 6.93 11.59 0.27
CA ALA B 100 6.85 12.49 -0.87
C ALA B 100 8.02 12.27 -1.83
N ALA B 101 9.17 11.90 -1.27
CA ALA B 101 10.35 11.57 -2.06
C ALA B 101 10.08 10.36 -2.93
N ILE B 102 9.19 9.49 -2.47
CA ILE B 102 8.80 8.30 -3.20
C ILE B 102 7.94 8.69 -4.40
N ILE B 103 7.21 9.81 -4.27
CA ILE B 103 6.48 10.37 -5.40
C ILE B 103 7.46 10.73 -6.51
N GLN B 104 8.57 11.35 -6.11
CA GLN B 104 9.62 11.71 -7.05
C GLN B 104 10.24 10.44 -7.64
N ASP B 105 10.25 9.38 -6.84
CA ASP B 105 10.78 8.09 -7.26
C ASP B 105 9.91 7.49 -8.37
N ILE B 106 8.59 7.58 -8.19
CA ILE B 106 7.64 7.11 -9.18
C ILE B 106 7.78 7.89 -10.48
N HIS B 107 7.83 9.21 -10.35
CA HIS B 107 7.93 10.09 -11.50
C HIS B 107 9.27 9.89 -12.23
N SER B 108 10.32 9.60 -11.49
CA SER B 108 11.62 9.37 -12.07
C SER B 108 11.69 8.01 -12.74
N GLN B 109 11.02 7.02 -12.14
CA GLN B 109 10.96 5.65 -12.65
C GLN B 109 12.32 4.97 -12.59
N ARG B 110 13.23 5.55 -11.83
CA ARG B 110 14.56 4.98 -11.65
C ARG B 110 14.69 4.44 -10.24
N GLU B 111 14.49 3.14 -10.10
CA GLU B 111 14.55 2.49 -8.80
C GLU B 111 16.00 2.26 -8.38
N ARG B 112 16.70 3.36 -8.13
CA ARG B 112 18.10 3.31 -7.76
C ARG B 112 18.29 3.85 -6.36
O5' ADN A 1 -9.77 -16.73 -1.49
C5' ADN A 1 -8.48 -17.13 -1.03
C4' ADN A 1 -7.81 -16.05 -0.21
O4' ADN A 1 -8.38 -14.76 -0.59
C3' ADN A 1 -8.02 -16.17 1.30
O3' ADN A 1 -6.87 -15.77 2.02
C2' ADN A 1 -9.21 -15.25 1.57
O2' ADN A 1 -9.15 -14.68 2.86
C1' ADN A 1 -8.98 -14.15 0.53
N9 ADN A 1 -10.22 -13.49 0.10
C8 ADN A 1 -10.90 -13.67 -1.07
N7 ADN A 1 -12.01 -12.99 -1.15
C5 ADN A 1 -12.06 -12.31 0.06
C6 ADN A 1 -13.00 -11.41 0.60
N6 ADN A 1 -14.12 -11.04 -0.03
N1 ADN A 1 -12.74 -10.91 1.83
C2 ADN A 1 -11.63 -11.29 2.46
N3 ADN A 1 -10.68 -12.13 2.06
C4 ADN A 1 -10.96 -12.61 0.84
HO5' ADN A 1 -9.63 -16.12 -2.21
H5'1 ADN A 1 -7.85 -17.36 -1.90
H5'2 ADN A 1 -8.57 -18.03 -0.42
H4' ADN A 1 -6.74 -16.13 -0.37
H3' ADN A 1 -8.23 -17.20 1.59
H2' ADN A 1 -10.15 -15.77 1.39
HO2' ADN A 1 -8.47 -14.00 2.84
H1' ADN A 1 -8.29 -13.38 0.88
H8 ADN A 1 -10.55 -14.32 -1.86
HN61 ADN A 1 -14.33 -11.40 -0.94
HN62 ADN A 1 -14.76 -10.39 0.42
H2 ADN A 1 -11.49 -10.85 3.45
N GLY B 1 -18.16 4.79 0.67
CA GLY B 1 -18.28 3.78 -0.42
C GLY B 1 -18.29 2.36 0.10
N ALA B 2 -17.73 2.14 1.29
CA ALA B 2 -17.67 0.81 1.87
C ALA B 2 -18.95 0.48 2.63
N MET B 3 -19.60 -0.60 2.23
CA MET B 3 -20.83 -1.04 2.87
C MET B 3 -20.51 -1.81 4.15
N ALA B 4 -19.29 -2.29 4.24
CA ALA B 4 -18.82 -3.01 5.40
C ALA B 4 -17.39 -2.59 5.73
N GLN B 5 -17.00 -2.76 6.99
CA GLN B 5 -15.68 -2.33 7.46
C GLN B 5 -15.53 -0.82 7.42
N ARG B 6 -15.43 -0.21 8.59
CA ARG B 6 -15.28 1.24 8.69
C ARG B 6 -13.91 1.68 8.20
N LYS B 7 -13.90 2.54 7.20
CA LYS B 7 -12.66 3.03 6.62
C LYS B 7 -12.74 4.53 6.37
N GLY B 8 -13.24 5.26 7.35
CA GLY B 8 -13.28 6.71 7.25
C GLY B 8 -12.19 7.34 8.10
N ALA B 9 -12.49 7.57 9.36
CA ALA B 9 -11.50 8.03 10.32
C ALA B 9 -10.80 6.82 10.95
N GLY B 10 -9.71 6.42 10.33
CA GLY B 10 -9.04 5.20 10.72
C GLY B 10 -9.21 4.16 9.64
N ARG B 11 -8.16 3.92 8.85
CA ARG B 11 -8.25 2.98 7.75
C ARG B 11 -7.04 2.07 7.72
N VAL B 12 -7.30 0.79 7.48
CA VAL B 12 -6.24 -0.16 7.19
C VAL B 12 -6.39 -0.74 5.79
N VAL B 13 -5.36 -0.60 4.99
CA VAL B 13 -5.32 -1.22 3.68
C VAL B 13 -4.12 -2.17 3.64
N HIS B 14 -4.37 -3.44 3.37
CA HIS B 14 -3.33 -4.44 3.44
C HIS B 14 -2.90 -4.87 2.05
N ILE B 15 -1.60 -4.91 1.85
CA ILE B 15 -1.03 -5.38 0.61
C ILE B 15 -0.33 -6.70 0.89
N CYS B 16 -0.42 -7.64 -0.02
CA CYS B 16 0.16 -8.93 0.20
C CYS B 16 0.73 -9.53 -1.06
N ASN B 17 1.53 -10.59 -0.87
CA ASN B 17 2.14 -11.36 -1.95
C ASN B 17 3.42 -10.68 -2.41
N LEU B 18 4.08 -10.02 -1.48
CA LEU B 18 5.37 -9.39 -1.73
C LEU B 18 6.46 -10.42 -1.53
N PRO B 19 7.43 -10.52 -2.46
CA PRO B 19 8.48 -11.51 -2.34
C PRO B 19 9.49 -11.14 -1.26
N GLU B 20 9.85 -12.12 -0.43
CA GLU B 20 10.81 -11.91 0.64
C GLU B 20 12.17 -11.59 0.04
N GLY B 21 12.86 -10.61 0.59
CA GLY B 21 14.11 -10.15 0.00
C GLY B 21 13.86 -9.18 -1.13
N SER B 22 12.59 -8.86 -1.37
CA SER B 22 12.20 -8.01 -2.48
C SER B 22 11.06 -7.09 -2.06
N CYS B 23 10.85 -7.00 -0.77
CA CYS B 23 9.81 -6.14 -0.22
C CYS B 23 10.40 -4.78 0.09
N THR B 24 10.35 -3.87 -0.87
CA THR B 24 10.90 -2.56 -0.64
C THR B 24 9.77 -1.61 -0.28
N GLU B 25 10.06 -0.62 0.54
CA GLU B 25 9.08 0.38 0.89
C GLU B 25 8.76 1.21 -0.34
N ASN B 26 9.79 1.40 -1.14
CA ASN B 26 9.70 2.25 -2.31
C ASN B 26 8.69 1.70 -3.32
N ASP B 27 8.76 0.41 -3.66
CA ASP B 27 7.88 -0.15 -4.70
C ASP B 27 6.44 -0.22 -4.21
N VAL B 28 6.29 -0.64 -2.96
CA VAL B 28 4.97 -0.76 -2.34
C VAL B 28 4.27 0.60 -2.32
N ILE B 29 5.00 1.60 -1.88
CA ILE B 29 4.50 2.96 -1.88
C ILE B 29 4.34 3.50 -3.31
N ASN B 30 5.22 3.10 -4.22
CA ASN B 30 5.12 3.53 -5.63
C ASN B 30 3.78 3.10 -6.21
N LEU B 31 3.21 2.04 -5.67
CA LEU B 31 1.87 1.64 -6.06
C LEU B 31 0.83 2.56 -5.42
N GLY B 32 1.06 2.91 -4.15
CA GLY B 32 0.15 3.79 -3.44
C GLY B 32 0.05 5.21 -4.00
N LEU B 33 1.18 5.87 -4.15
CA LEU B 33 1.21 7.32 -4.41
C LEU B 33 0.46 7.76 -5.67
N PRO B 34 0.60 7.07 -6.82
CA PRO B 34 -0.08 7.47 -8.05
C PRO B 34 -1.60 7.50 -7.94
N PHE B 35 -2.16 6.71 -7.02
CA PHE B 35 -3.61 6.70 -6.83
C PHE B 35 -4.00 7.52 -5.60
N GLY B 36 -3.02 7.87 -4.78
CA GLY B 36 -3.30 8.64 -3.59
C GLY B 36 -2.07 8.84 -2.73
N LYS B 37 -2.04 9.94 -1.99
CA LYS B 37 -0.89 10.25 -1.15
C LYS B 37 -0.74 9.23 -0.03
N VAL B 38 0.45 8.66 0.09
CA VAL B 38 0.76 7.68 1.10
C VAL B 38 1.23 8.36 2.37
N THR B 39 0.47 8.20 3.43
CA THR B 39 0.79 8.80 4.71
C THR B 39 1.49 7.81 5.63
N ASN B 40 1.12 6.54 5.53
CA ASN B 40 1.69 5.52 6.39
C ASN B 40 1.86 4.23 5.61
N TYR B 41 2.87 3.46 5.98
CA TYR B 41 3.15 2.20 5.31
C TYR B 41 3.93 1.28 6.25
N ILE B 42 3.76 -0.02 6.07
CA ILE B 42 4.35 -1.01 6.95
C ILE B 42 4.72 -2.21 6.11
N LEU B 43 5.96 -2.63 6.13
CA LEU B 43 6.34 -3.78 5.33
C LEU B 43 6.56 -4.98 6.21
N MET B 44 5.76 -6.02 6.00
CA MET B 44 5.85 -7.19 6.86
C MET B 44 6.68 -8.23 6.13
N LYS B 45 7.99 -8.06 6.22
CA LYS B 45 8.94 -9.00 5.63
C LYS B 45 8.72 -10.43 6.08
N SER B 46 8.19 -10.62 7.28
CA SER B 46 8.06 -11.95 7.84
C SER B 46 7.00 -12.78 7.11
N THR B 47 5.85 -12.18 6.85
CA THR B 47 4.71 -12.90 6.28
C THR B 47 4.53 -12.65 4.79
N ASN B 48 5.50 -11.97 4.17
CA ASN B 48 5.41 -11.59 2.74
C ASN B 48 4.19 -10.71 2.51
N GLN B 49 3.97 -9.79 3.44
CA GLN B 49 2.79 -8.93 3.44
C GLN B 49 3.20 -7.51 3.77
N ALA B 50 2.30 -6.55 3.58
CA ALA B 50 2.57 -5.17 3.92
C ALA B 50 1.28 -4.37 4.11
N PHE B 51 1.40 -3.19 4.68
CA PHE B 51 0.26 -2.29 4.86
C PHE B 51 0.52 -0.96 4.16
N LEU B 52 -0.53 -0.36 3.64
CA LEU B 52 -0.44 0.91 2.95
C LEU B 52 -1.59 1.82 3.34
N GLU B 53 -1.27 2.96 3.95
CA GLU B 53 -2.27 3.94 4.33
C GLU B 53 -2.25 5.14 3.39
N MET B 54 -3.44 5.58 3.03
CA MET B 54 -3.61 6.59 1.99
C MET B 54 -4.41 7.76 2.56
N ALA B 55 -4.17 8.94 2.02
CA ALA B 55 -4.68 10.18 2.60
C ALA B 55 -6.19 10.30 2.44
N TYR B 56 -6.74 9.52 1.52
CA TYR B 56 -8.16 9.51 1.26
C TYR B 56 -8.63 8.07 1.06
N THR B 57 -9.83 7.78 1.53
CA THR B 57 -10.38 6.43 1.42
C THR B 57 -10.66 6.09 -0.04
N GLU B 58 -10.93 7.13 -0.83
CA GLU B 58 -11.13 6.99 -2.26
C GLU B 58 -9.91 6.33 -2.92
N ALA B 59 -8.74 6.57 -2.36
CA ALA B 59 -7.51 6.05 -2.92
C ALA B 59 -7.46 4.54 -2.79
N ALA B 60 -7.87 4.04 -1.63
CA ALA B 60 -7.80 2.62 -1.35
C ALA B 60 -8.73 1.81 -2.24
N GLN B 61 -9.94 2.30 -2.38
CA GLN B 61 -10.93 1.61 -3.20
C GLN B 61 -10.53 1.65 -4.67
N ALA B 62 -9.94 2.77 -5.09
CA ALA B 62 -9.44 2.90 -6.44
C ALA B 62 -8.32 1.91 -6.70
N MET B 63 -7.41 1.78 -5.73
CA MET B 63 -6.31 0.82 -5.85
C MET B 63 -6.84 -0.61 -5.83
N VAL B 64 -7.77 -0.89 -4.93
CA VAL B 64 -8.34 -2.24 -4.84
C VAL B 64 -9.01 -2.62 -6.16
N GLN B 65 -9.81 -1.72 -6.71
CA GLN B 65 -10.46 -1.97 -7.99
C GLN B 65 -9.42 -2.17 -9.09
N TYR B 66 -8.36 -1.38 -9.02
CA TYR B 66 -7.31 -1.45 -10.04
C TYR B 66 -6.52 -2.75 -9.93
N TYR B 67 -6.00 -3.04 -8.74
CA TYR B 67 -5.14 -4.19 -8.53
C TYR B 67 -5.91 -5.51 -8.48
N GLN B 68 -7.23 -5.44 -8.34
CA GLN B 68 -8.05 -6.63 -8.48
C GLN B 68 -8.21 -6.98 -9.95
N GLU B 69 -8.43 -5.97 -10.78
CA GLU B 69 -8.55 -6.19 -12.22
C GLU B 69 -7.17 -6.40 -12.83
N LYS B 70 -6.19 -5.65 -12.33
CA LYS B 70 -4.80 -5.77 -12.78
C LYS B 70 -3.86 -5.71 -11.58
N PRO B 71 -3.44 -6.87 -11.06
CA PRO B 71 -2.52 -6.91 -9.93
C PRO B 71 -1.14 -6.38 -10.29
N ALA B 72 -0.38 -5.98 -9.28
CA ALA B 72 0.93 -5.40 -9.51
C ALA B 72 2.00 -6.47 -9.49
N ILE B 73 2.93 -6.40 -10.42
CA ILE B 73 3.94 -7.43 -10.55
C ILE B 73 5.25 -6.99 -9.92
N ILE B 74 5.69 -7.72 -8.90
CA ILE B 74 7.00 -7.52 -8.30
C ILE B 74 7.76 -8.83 -8.27
N ASN B 75 8.85 -8.89 -9.03
CA ASN B 75 9.67 -10.11 -9.13
C ASN B 75 8.81 -11.25 -9.68
N GLY B 76 7.88 -10.91 -10.53
CA GLY B 76 6.99 -11.89 -11.13
C GLY B 76 5.84 -12.27 -10.23
N GLU B 77 5.75 -11.62 -9.07
CA GLU B 77 4.69 -11.92 -8.13
C GLU B 77 3.58 -10.89 -8.21
N LYS B 78 2.36 -11.38 -8.39
CA LYS B 78 1.17 -10.55 -8.42
C LYS B 78 0.76 -10.12 -7.02
N LEU B 79 0.77 -8.82 -6.79
CA LEU B 79 0.46 -8.26 -5.48
C LEU B 79 -1.04 -8.06 -5.31
N LEU B 80 -1.54 -8.34 -4.12
CA LEU B 80 -2.94 -8.18 -3.81
C LEU B 80 -3.16 -7.07 -2.78
N ILE B 81 -3.78 -5.97 -3.19
CA ILE B 81 -4.11 -4.88 -2.29
C ILE B 81 -5.60 -4.93 -1.93
N ARG B 82 -5.90 -5.04 -0.63
CA ARG B 82 -7.28 -5.17 -0.16
C ARG B 82 -7.44 -4.50 1.21
N MET B 83 -8.67 -4.29 1.62
CA MET B 83 -8.94 -3.68 2.93
C MET B 83 -8.88 -4.74 4.02
N SER B 84 -8.35 -4.37 5.19
CA SER B 84 -8.19 -5.32 6.28
C SER B 84 -9.45 -5.44 7.14
N THR B 85 -9.75 -6.67 7.51
CA THR B 85 -10.92 -7.01 8.29
C THR B 85 -10.65 -6.98 9.80
N ARG B 86 -9.37 -6.99 10.19
CA ARG B 86 -9.03 -7.20 11.59
C ARG B 86 -8.64 -5.89 12.29
N TYR B 87 -8.09 -4.95 11.54
CA TYR B 87 -7.59 -3.71 12.13
C TYR B 87 -8.30 -2.49 11.58
N LYS B 88 -8.39 -1.46 12.40
CA LYS B 88 -9.07 -0.24 12.01
C LYS B 88 -8.09 0.90 11.76
N GLU B 89 -6.88 0.78 12.28
CA GLU B 89 -5.90 1.84 12.11
C GLU B 89 -4.50 1.27 11.90
N LEU B 90 -3.68 2.01 11.16
CA LEU B 90 -2.29 1.63 10.96
C LEU B 90 -1.38 2.46 11.85
N GLN B 91 -0.63 1.77 12.69
CA GLN B 91 0.26 2.42 13.63
C GLN B 91 1.72 2.20 13.23
N LEU B 92 2.43 3.30 12.98
CA LEU B 92 3.85 3.21 12.63
C LEU B 92 4.69 3.01 13.87
N LYS B 93 4.94 1.74 14.20
CA LYS B 93 5.72 1.40 15.37
C LYS B 93 7.20 1.31 15.00
N LYS B 94 7.47 1.33 13.70
CA LYS B 94 8.83 1.31 13.20
C LYS B 94 9.10 2.58 12.39
N PRO B 95 10.34 3.08 12.45
CA PRO B 95 10.73 4.31 11.74
C PRO B 95 10.44 4.25 10.25
N GLY B 96 10.00 5.36 9.69
CA GLY B 96 9.70 5.44 8.29
C GLY B 96 10.32 6.67 7.65
N LYS B 97 10.81 6.52 6.44
CA LYS B 97 11.43 7.64 5.74
C LYS B 97 10.36 8.50 5.08
N ASN B 98 10.75 9.70 4.65
CA ASN B 98 9.83 10.62 3.98
C ASN B 98 9.23 10.00 2.73
N VAL B 99 7.91 10.04 2.65
CA VAL B 99 7.18 9.44 1.54
C VAL B 99 7.05 10.42 0.36
N ALA B 100 7.13 11.71 0.65
CA ALA B 100 7.06 12.73 -0.40
C ALA B 100 8.21 12.56 -1.37
N ALA B 101 9.36 12.15 -0.85
CA ALA B 101 10.52 11.85 -1.67
C ALA B 101 10.20 10.73 -2.65
N ILE B 102 9.33 9.82 -2.22
CA ILE B 102 8.97 8.66 -3.02
C ILE B 102 8.10 9.12 -4.20
N ILE B 103 7.31 10.18 -3.99
CA ILE B 103 6.52 10.77 -5.07
C ILE B 103 7.44 11.26 -6.17
N GLN B 104 8.52 11.92 -5.76
CA GLN B 104 9.51 12.43 -6.70
C GLN B 104 10.19 11.26 -7.42
N ASP B 105 10.41 10.20 -6.67
CA ASP B 105 11.03 8.99 -7.21
C ASP B 105 10.15 8.33 -8.26
N ILE B 106 8.84 8.33 -8.03
CA ILE B 106 7.89 7.76 -8.99
C ILE B 106 7.93 8.53 -10.30
N HIS B 107 7.84 9.85 -10.21
CA HIS B 107 7.82 10.70 -11.40
C HIS B 107 9.16 10.64 -12.12
N SER B 108 10.22 10.37 -11.37
CA SER B 108 11.55 10.24 -11.95
C SER B 108 11.70 8.92 -12.70
N GLN B 109 10.91 7.92 -12.32
CA GLN B 109 11.07 6.58 -12.89
C GLN B 109 9.82 6.12 -13.63
N ARG B 110 8.82 5.67 -12.88
CA ARG B 110 7.63 5.07 -13.47
C ARG B 110 6.37 5.56 -12.76
N GLU B 111 5.81 6.65 -13.27
CA GLU B 111 4.59 7.22 -12.71
C GLU B 111 3.37 6.60 -13.38
N ARG B 112 2.27 6.53 -12.65
CA ARG B 112 1.06 5.94 -13.17
C ARG B 112 -0.02 7.00 -13.29
O5' ADN A 1 -11.21 -16.02 0.72
C5' ADN A 1 -9.95 -15.38 0.90
C4' ADN A 1 -8.82 -16.39 0.94
O4' ADN A 1 -8.30 -16.55 -0.41
C3' ADN A 1 -7.62 -16.00 1.80
O3' ADN A 1 -7.06 -17.14 2.44
C2' ADN A 1 -6.65 -15.38 0.81
O2' ADN A 1 -5.31 -15.59 1.20
C1' ADN A 1 -6.94 -16.17 -0.45
N9 ADN A 1 -6.71 -15.41 -1.69
C8 ADN A 1 -7.65 -14.78 -2.46
N7 ADN A 1 -7.14 -14.15 -3.49
C5 ADN A 1 -5.77 -14.39 -3.39
C6 ADN A 1 -4.68 -13.99 -4.18
N6 ADN A 1 -4.81 -13.24 -5.28
N1 ADN A 1 -3.46 -14.40 -3.81
C2 ADN A 1 -3.34 -15.15 -2.71
N3 ADN A 1 -4.28 -15.59 -1.87
C4 ADN A 1 -5.49 -15.17 -2.28
HO5' ADN A 1 -11.27 -16.73 1.36
H5'1 ADN A 1 -9.95 -14.82 1.84
H5'2 ADN A 1 -9.77 -14.68 0.08
H4' ADN A 1 -9.22 -17.31 1.36
H3' ADN A 1 -7.91 -15.32 2.59
H2' ADN A 1 -6.87 -14.32 0.67
HO2' ADN A 1 -5.03 -16.43 0.82
H1' ADN A 1 -6.35 -17.09 -0.51
H8 ADN A 1 -8.69 -14.80 -2.23
HN61 ADN A 1 -5.73 -12.92 -5.57
HN62 ADN A 1 -3.99 -12.98 -5.81
H2 ADN A 1 -2.32 -15.45 -2.45
N GLY B 1 -15.90 -9.54 -0.23
CA GLY B 1 -16.78 -9.02 0.84
C GLY B 1 -16.29 -7.69 1.37
N ALA B 2 -17.22 -6.89 1.88
CA ALA B 2 -16.88 -5.58 2.42
C ALA B 2 -17.63 -5.30 3.72
N MET B 3 -17.92 -6.36 4.46
CA MET B 3 -18.65 -6.24 5.71
C MET B 3 -17.70 -5.93 6.86
N ALA B 4 -18.19 -5.16 7.83
CA ALA B 4 -17.39 -4.75 8.99
C ALA B 4 -16.18 -3.96 8.56
N GLN B 5 -16.41 -2.96 7.72
CA GLN B 5 -15.34 -2.14 7.19
C GLN B 5 -15.57 -0.67 7.49
N ARG B 6 -14.65 -0.09 8.23
CA ARG B 6 -14.64 1.35 8.45
C ARG B 6 -13.46 1.96 7.70
N LYS B 7 -13.74 2.96 6.87
CA LYS B 7 -12.71 3.58 6.05
C LYS B 7 -12.90 5.09 5.97
N GLY B 8 -13.13 5.71 7.12
CA GLY B 8 -13.30 7.16 7.15
C GLY B 8 -12.17 7.85 7.89
N ALA B 9 -12.25 7.89 9.21
CA ALA B 9 -11.23 8.50 10.03
C ALA B 9 -10.10 7.52 10.34
N GLY B 10 -10.34 6.28 9.98
CA GLY B 10 -9.38 5.22 10.17
C GLY B 10 -9.44 4.24 9.04
N ARG B 11 -8.36 4.12 8.27
CA ARG B 11 -8.35 3.20 7.16
C ARG B 11 -7.16 2.25 7.26
N VAL B 12 -7.43 0.98 7.05
CA VAL B 12 -6.38 -0.01 6.87
C VAL B 12 -6.48 -0.65 5.50
N VAL B 13 -5.42 -0.55 4.72
CA VAL B 13 -5.35 -1.21 3.44
C VAL B 13 -4.18 -2.17 3.47
N HIS B 14 -4.43 -3.45 3.23
CA HIS B 14 -3.40 -4.46 3.39
C HIS B 14 -2.89 -4.91 2.04
N ILE B 15 -1.58 -4.95 1.91
CA ILE B 15 -0.95 -5.39 0.69
C ILE B 15 -0.26 -6.71 0.95
N CYS B 16 -0.40 -7.65 0.04
CA CYS B 16 0.16 -8.97 0.24
C CYS B 16 0.71 -9.54 -1.06
N ASN B 17 1.52 -10.59 -0.89
CA ASN B 17 2.15 -11.32 -2.01
C ASN B 17 3.43 -10.62 -2.44
N LEU B 18 4.00 -9.86 -1.52
CA LEU B 18 5.25 -9.18 -1.76
C LEU B 18 6.38 -10.18 -1.54
N PRO B 19 7.25 -10.40 -2.53
CA PRO B 19 8.32 -11.38 -2.39
C PRO B 19 9.38 -10.92 -1.41
N GLU B 20 9.77 -11.79 -0.50
CA GLU B 20 10.82 -11.51 0.46
C GLU B 20 12.14 -11.33 -0.28
N GLY B 21 12.84 -10.25 0.02
CA GLY B 21 14.03 -9.93 -0.74
C GLY B 21 13.72 -8.95 -1.85
N SER B 22 12.48 -8.50 -1.90
CA SER B 22 12.04 -7.56 -2.92
C SER B 22 10.94 -6.66 -2.34
N CYS B 23 10.78 -6.73 -1.02
CA CYS B 23 9.77 -5.93 -0.35
C CYS B 23 10.40 -4.62 0.10
N THR B 24 10.38 -3.62 -0.76
CA THR B 24 10.97 -2.35 -0.39
C THR B 24 9.86 -1.37 -0.09
N GLU B 25 10.16 -0.39 0.75
CA GLU B 25 9.20 0.65 1.08
C GLU B 25 8.88 1.45 -0.16
N ASN B 26 9.89 1.58 -1.02
CA ASN B 26 9.73 2.30 -2.27
C ASN B 26 8.68 1.64 -3.16
N ASP B 27 8.77 0.33 -3.36
CA ASP B 27 7.90 -0.35 -4.35
C ASP B 27 6.45 -0.36 -3.88
N VAL B 28 6.28 -0.71 -2.62
CA VAL B 28 4.95 -0.81 -2.02
C VAL B 28 4.25 0.55 -2.07
N ILE B 29 4.96 1.59 -1.67
CA ILE B 29 4.45 2.93 -1.74
C ILE B 29 4.31 3.42 -3.18
N ASN B 30 5.21 2.99 -4.07
CA ASN B 30 5.11 3.35 -5.49
C ASN B 30 3.78 2.89 -6.05
N LEU B 31 3.22 1.85 -5.47
CA LEU B 31 1.89 1.41 -5.84
C LEU B 31 0.85 2.35 -5.26
N GLY B 32 1.06 2.76 -4.01
CA GLY B 32 0.11 3.63 -3.34
C GLY B 32 0.04 5.06 -3.88
N LEU B 33 1.17 5.72 -3.99
CA LEU B 33 1.19 7.17 -4.26
C LEU B 33 0.42 7.60 -5.51
N PRO B 34 0.60 6.95 -6.67
CA PRO B 34 -0.06 7.37 -7.91
C PRO B 34 -1.59 7.40 -7.83
N PHE B 35 -2.17 6.63 -6.90
CA PHE B 35 -3.63 6.63 -6.74
C PHE B 35 -4.05 7.47 -5.53
N GLY B 36 -3.08 7.90 -4.74
CA GLY B 36 -3.37 8.69 -3.55
C GLY B 36 -2.15 8.86 -2.68
N LYS B 37 -2.12 9.95 -1.91
CA LYS B 37 -0.99 10.24 -1.04
C LYS B 37 -0.86 9.19 0.06
N VAL B 38 0.34 8.64 0.18
CA VAL B 38 0.66 7.68 1.21
C VAL B 38 1.13 8.40 2.47
N THR B 39 0.38 8.24 3.55
CA THR B 39 0.73 8.85 4.82
C THR B 39 1.41 7.86 5.75
N ASN B 40 1.01 6.61 5.70
CA ASN B 40 1.56 5.58 6.57
C ASN B 40 1.69 4.27 5.82
N TYR B 41 2.65 3.46 6.23
CA TYR B 41 2.92 2.19 5.58
C TYR B 41 3.70 1.30 6.53
N ILE B 42 3.53 -0.02 6.39
CA ILE B 42 4.20 -0.99 7.26
C ILE B 42 4.57 -2.19 6.42
N LEU B 43 5.84 -2.55 6.35
CA LEU B 43 6.24 -3.65 5.50
C LEU B 43 6.71 -4.84 6.32
N MET B 44 6.11 -6.00 6.10
CA MET B 44 6.59 -7.20 6.76
C MET B 44 7.19 -8.12 5.72
N LYS B 45 8.44 -7.88 5.39
CA LYS B 45 9.20 -8.73 4.49
C LYS B 45 9.17 -10.20 4.93
N SER B 46 9.05 -10.44 6.22
CA SER B 46 9.14 -11.79 6.76
C SER B 46 7.95 -12.66 6.34
N THR B 47 6.76 -12.07 6.32
CA THR B 47 5.55 -12.83 6.03
C THR B 47 5.01 -12.55 4.63
N ASN B 48 5.78 -11.81 3.83
CA ASN B 48 5.37 -11.42 2.47
C ASN B 48 4.07 -10.63 2.52
N GLN B 49 3.95 -9.77 3.53
CA GLN B 49 2.74 -9.01 3.80
C GLN B 49 3.09 -7.58 4.15
N ALA B 50 2.17 -6.65 3.91
CA ALA B 50 2.42 -5.25 4.22
C ALA B 50 1.12 -4.47 4.41
N PHE B 51 1.25 -3.29 4.99
CA PHE B 51 0.12 -2.38 5.18
C PHE B 51 0.39 -1.04 4.49
N LEU B 52 -0.67 -0.43 3.97
CA LEU B 52 -0.57 0.85 3.29
C LEU B 52 -1.72 1.75 3.68
N GLU B 53 -1.41 2.89 4.28
CA GLU B 53 -2.41 3.88 4.63
C GLU B 53 -2.39 5.02 3.63
N MET B 54 -3.57 5.43 3.21
CA MET B 54 -3.73 6.39 2.14
C MET B 54 -4.51 7.58 2.66
N ALA B 55 -4.14 8.78 2.24
CA ALA B 55 -4.64 10.00 2.84
C ALA B 55 -6.14 10.20 2.60
N TYR B 56 -6.67 9.46 1.63
CA TYR B 56 -8.08 9.56 1.29
C TYR B 56 -8.64 8.17 1.03
N THR B 57 -9.89 7.98 1.46
CA THR B 57 -10.59 6.72 1.29
C THR B 57 -10.77 6.40 -0.20
N GLU B 58 -10.82 7.46 -1.01
CA GLU B 58 -10.89 7.34 -2.46
C GLU B 58 -9.74 6.50 -2.99
N ALA B 59 -8.59 6.61 -2.35
CA ALA B 59 -7.38 5.96 -2.81
C ALA B 59 -7.46 4.46 -2.56
N ALA B 60 -7.97 4.10 -1.38
CA ALA B 60 -8.01 2.70 -0.97
C ALA B 60 -8.91 1.89 -1.88
N GLN B 61 -10.10 2.41 -2.16
CA GLN B 61 -11.04 1.71 -3.01
C GLN B 61 -10.55 1.68 -4.45
N ALA B 62 -9.92 2.78 -4.88
CA ALA B 62 -9.40 2.88 -6.23
C ALA B 62 -8.31 1.84 -6.50
N MET B 63 -7.39 1.71 -5.55
CA MET B 63 -6.28 0.79 -5.70
C MET B 63 -6.77 -0.65 -5.69
N VAL B 64 -7.66 -0.97 -4.75
CA VAL B 64 -8.18 -2.34 -4.66
C VAL B 64 -8.85 -2.73 -5.96
N GLN B 65 -9.71 -1.86 -6.47
CA GLN B 65 -10.41 -2.12 -7.73
C GLN B 65 -9.42 -2.24 -8.89
N TYR B 66 -8.39 -1.42 -8.86
CA TYR B 66 -7.39 -1.43 -9.92
C TYR B 66 -6.58 -2.72 -9.90
N TYR B 67 -6.00 -3.05 -8.74
CA TYR B 67 -5.14 -4.22 -8.60
C TYR B 67 -5.93 -5.53 -8.62
N GLN B 68 -7.24 -5.45 -8.49
CA GLN B 68 -8.09 -6.62 -8.69
C GLN B 68 -8.14 -6.99 -10.16
N GLU B 69 -8.26 -5.98 -11.02
CA GLU B 69 -8.32 -6.22 -12.46
C GLU B 69 -6.92 -6.25 -13.06
N LYS B 70 -6.05 -5.36 -12.58
CA LYS B 70 -4.66 -5.33 -13.02
C LYS B 70 -3.74 -5.34 -11.80
N PRO B 71 -3.29 -6.52 -11.37
CA PRO B 71 -2.41 -6.65 -10.21
C PRO B 71 -1.01 -6.12 -10.50
N ALA B 72 -0.27 -5.80 -9.44
CA ALA B 72 1.08 -5.30 -9.59
C ALA B 72 2.06 -6.45 -9.57
N ILE B 73 2.99 -6.46 -10.51
CA ILE B 73 3.91 -7.56 -10.64
C ILE B 73 5.29 -7.20 -10.10
N ILE B 74 5.72 -7.96 -9.10
CA ILE B 74 7.05 -7.83 -8.55
C ILE B 74 7.73 -9.19 -8.52
N ASN B 75 8.81 -9.33 -9.30
CA ASN B 75 9.58 -10.58 -9.35
C ASN B 75 8.69 -11.73 -9.78
N GLY B 76 7.73 -11.42 -10.64
CA GLY B 76 6.85 -12.42 -11.19
C GLY B 76 5.65 -12.72 -10.31
N GLU B 77 5.57 -12.07 -9.15
CA GLU B 77 4.46 -12.33 -8.24
C GLU B 77 3.45 -11.19 -8.28
N LYS B 78 2.19 -11.57 -8.49
CA LYS B 78 1.08 -10.63 -8.54
C LYS B 78 0.68 -10.17 -7.14
N LEU B 79 0.82 -8.88 -6.90
CA LEU B 79 0.56 -8.30 -5.59
C LEU B 79 -0.94 -8.07 -5.39
N LEU B 80 -1.42 -8.35 -4.19
CA LEU B 80 -2.82 -8.18 -3.86
C LEU B 80 -3.02 -7.07 -2.83
N ILE B 81 -3.67 -5.99 -3.24
CA ILE B 81 -4.01 -4.91 -2.33
C ILE B 81 -5.50 -4.94 -2.02
N ARG B 82 -5.85 -5.11 -0.74
CA ARG B 82 -7.25 -5.20 -0.31
C ARG B 82 -7.42 -4.58 1.06
N MET B 83 -8.66 -4.33 1.45
CA MET B 83 -8.96 -3.68 2.72
C MET B 83 -8.94 -4.69 3.85
N SER B 84 -8.43 -4.28 5.01
CA SER B 84 -8.26 -5.18 6.15
C SER B 84 -9.53 -5.26 7.00
N THR B 85 -9.84 -6.49 7.39
CA THR B 85 -10.99 -6.77 8.23
C THR B 85 -10.66 -6.72 9.72
N ARG B 86 -9.36 -6.71 10.05
CA ARG B 86 -8.95 -6.87 11.44
C ARG B 86 -8.59 -5.54 12.09
N TYR B 87 -8.07 -4.61 11.30
CA TYR B 87 -7.63 -3.33 11.85
C TYR B 87 -8.42 -2.18 11.27
N LYS B 88 -8.65 -1.18 12.11
CA LYS B 88 -9.32 0.04 11.68
C LYS B 88 -8.33 1.20 11.65
N GLU B 89 -7.14 0.97 12.20
CA GLU B 89 -6.12 2.00 12.24
C GLU B 89 -4.73 1.40 12.06
N LEU B 90 -3.84 2.19 11.48
CA LEU B 90 -2.44 1.81 11.35
C LEU B 90 -1.55 2.68 12.22
N GLN B 91 -0.83 2.03 13.12
CA GLN B 91 0.06 2.73 14.03
C GLN B 91 1.51 2.37 13.73
N LEU B 92 2.32 3.38 13.44
CA LEU B 92 3.71 3.16 13.12
C LEU B 92 4.53 2.84 14.37
N LYS B 93 4.62 1.56 14.70
CA LYS B 93 5.52 1.11 15.76
C LYS B 93 6.96 1.38 15.35
N LYS B 94 7.20 1.23 14.05
CA LYS B 94 8.47 1.58 13.46
C LYS B 94 8.25 2.68 12.45
N PRO B 95 8.96 3.81 12.60
CA PRO B 95 8.78 4.99 11.74
C PRO B 95 9.16 4.76 10.29
N GLY B 96 8.98 5.79 9.48
CA GLY B 96 9.24 5.71 8.07
C GLY B 96 9.78 7.01 7.53
N LYS B 97 10.52 6.93 6.44
CA LYS B 97 11.13 8.10 5.82
C LYS B 97 10.09 8.95 5.09
N ASN B 98 10.52 10.09 4.57
CA ASN B 98 9.65 10.98 3.79
C ASN B 98 9.05 10.25 2.59
N VAL B 99 7.73 10.26 2.52
CA VAL B 99 7.01 9.56 1.47
C VAL B 99 6.88 10.46 0.22
N ALA B 100 7.02 11.77 0.41
CA ALA B 100 6.97 12.70 -0.71
C ALA B 100 8.13 12.47 -1.68
N ALA B 101 9.27 12.08 -1.12
CA ALA B 101 10.44 11.77 -1.91
C ALA B 101 10.17 10.54 -2.77
N ILE B 102 9.28 9.68 -2.29
CA ILE B 102 8.89 8.50 -3.03
C ILE B 102 8.03 8.88 -4.23
N ILE B 103 7.29 10.00 -4.11
CA ILE B 103 6.55 10.55 -5.24
C ILE B 103 7.51 10.91 -6.36
N GLN B 104 8.62 11.54 -5.98
CA GLN B 104 9.66 11.88 -6.95
C GLN B 104 10.31 10.61 -7.49
N ASP B 105 10.33 9.59 -6.65
CA ASP B 105 10.92 8.30 -6.99
C ASP B 105 10.11 7.62 -8.09
N ILE B 106 8.79 7.73 -8.01
CA ILE B 106 7.90 7.20 -9.04
C ILE B 106 8.12 7.93 -10.36
N HIS B 107 8.25 9.24 -10.29
CA HIS B 107 8.49 10.05 -11.48
C HIS B 107 9.85 9.75 -12.09
N SER B 108 10.79 9.31 -11.26
CA SER B 108 12.10 8.89 -11.74
C SER B 108 12.00 7.55 -12.44
N GLN B 109 11.06 6.73 -11.99
CA GLN B 109 10.78 5.44 -12.61
C GLN B 109 9.82 5.63 -13.78
N ARG B 110 10.38 5.72 -14.96
CA ARG B 110 9.58 5.99 -16.14
C ARG B 110 9.18 4.70 -16.85
N GLU B 111 8.07 4.13 -16.43
CA GLU B 111 7.57 2.88 -17.01
C GLU B 111 6.86 3.13 -18.33
N ARG B 112 7.51 3.84 -19.24
CA ARG B 112 6.93 4.13 -20.52
C ARG B 112 7.95 3.87 -21.62
O5' ADN A 1 -10.34 -15.50 0.90
C5' ADN A 1 -9.31 -16.35 1.42
C4' ADN A 1 -7.96 -15.67 1.37
O4' ADN A 1 -8.12 -14.38 0.71
C3' ADN A 1 -7.32 -15.37 2.71
O3' ADN A 1 -5.91 -15.55 2.67
C2' ADN A 1 -7.70 -13.92 2.98
O2' ADN A 1 -6.72 -13.25 3.76
C1' ADN A 1 -7.67 -13.34 1.56
N9 ADN A 1 -8.53 -12.18 1.39
C8 ADN A 1 -9.73 -12.10 0.73
N7 ADN A 1 -10.29 -10.92 0.76
C5 ADN A 1 -9.39 -10.16 1.50
C6 ADN A 1 -9.40 -8.81 1.90
N6 ADN A 1 -10.37 -7.95 1.60
N1 ADN A 1 -8.35 -8.36 2.63
C2 ADN A 1 -7.37 -9.22 2.93
N3 ADN A 1 -7.25 -10.51 2.61
C4 ADN A 1 -8.31 -10.92 1.89
HO5' ADN A 1 -10.02 -15.14 0.07
H5'1 ADN A 1 -9.27 -17.27 0.83
H5'2 ADN A 1 -9.53 -16.61 2.45
H4' ADN A 1 -7.28 -16.33 0.84
H3' ADN A 1 -7.69 -16.04 3.50
H2' ADN A 1 -8.70 -13.85 3.41
HO2' ADN A 1 -6.86 -12.31 3.63
H1' ADN A 1 -6.67 -13.08 1.24
H8 ADN A 1 -10.18 -12.95 0.22
HN61 ADN A 1 -11.17 -8.27 1.06
HN62 ADN A 1 -10.32 -7.00 1.91
H2 ADN A 1 -6.56 -8.81 3.52
N GLY B 1 -17.13 4.97 2.00
CA GLY B 1 -16.95 3.62 2.58
C GLY B 1 -17.86 3.41 3.77
N ALA B 2 -19.13 3.10 3.50
CA ALA B 2 -20.08 2.80 4.56
C ALA B 2 -20.44 1.32 4.53
N MET B 3 -20.81 0.82 3.36
CA MET B 3 -21.10 -0.60 3.21
C MET B 3 -19.88 -1.32 2.66
N ALA B 4 -18.99 -0.56 2.03
CA ALA B 4 -17.71 -1.08 1.57
C ALA B 4 -16.69 -0.97 2.69
N GLN B 5 -16.94 -1.72 3.77
CA GLN B 5 -16.14 -1.68 4.98
C GLN B 5 -16.35 -0.36 5.72
N ARG B 6 -16.16 -0.37 7.02
CA ARG B 6 -16.31 0.83 7.83
C ARG B 6 -15.04 1.67 7.81
N LYS B 7 -14.68 2.14 6.63
CA LYS B 7 -13.46 2.90 6.45
C LYS B 7 -13.68 4.39 6.76
N GLY B 8 -14.07 4.66 7.99
CA GLY B 8 -14.26 6.02 8.42
C GLY B 8 -13.51 6.30 9.70
N ALA B 9 -12.87 7.47 9.76
CA ALA B 9 -12.06 7.87 10.92
C ALA B 9 -10.93 6.88 11.16
N GLY B 10 -10.28 6.48 10.08
CA GLY B 10 -9.22 5.49 10.16
C GLY B 10 -9.34 4.45 9.08
N ARG B 11 -8.26 4.20 8.36
CA ARG B 11 -8.31 3.20 7.30
C ARG B 11 -7.09 2.29 7.35
N VAL B 12 -7.34 1.01 7.22
CA VAL B 12 -6.28 0.03 7.06
C VAL B 12 -6.38 -0.67 5.72
N VAL B 13 -5.33 -0.57 4.92
CA VAL B 13 -5.29 -1.22 3.62
C VAL B 13 -4.09 -2.15 3.59
N HIS B 14 -4.31 -3.43 3.33
CA HIS B 14 -3.24 -4.41 3.38
C HIS B 14 -2.83 -4.83 1.98
N ILE B 15 -1.53 -4.90 1.76
CA ILE B 15 -0.98 -5.35 0.49
C ILE B 15 -0.31 -6.70 0.70
N CYS B 16 -0.49 -7.60 -0.25
CA CYS B 16 -0.03 -8.97 -0.06
C CYS B 16 0.72 -9.46 -1.28
N ASN B 17 1.54 -10.49 -1.05
CA ASN B 17 2.26 -11.22 -2.10
C ASN B 17 3.59 -10.56 -2.39
N LEU B 18 4.17 -9.93 -1.37
CA LEU B 18 5.47 -9.30 -1.49
C LEU B 18 6.55 -10.29 -1.07
N PRO B 19 7.54 -10.54 -1.95
CA PRO B 19 8.60 -11.47 -1.63
C PRO B 19 9.59 -10.88 -0.63
N GLU B 20 9.95 -11.65 0.38
CA GLU B 20 10.93 -11.22 1.37
C GLU B 20 12.29 -11.08 0.70
N GLY B 21 12.98 -9.97 0.96
CA GLY B 21 14.19 -9.67 0.22
C GLY B 21 13.86 -8.87 -1.02
N SER B 22 12.59 -8.53 -1.15
CA SER B 22 12.09 -7.79 -2.29
C SER B 22 10.89 -6.93 -1.89
N CYS B 23 10.66 -6.85 -0.58
CA CYS B 23 9.60 -6.00 -0.05
C CYS B 23 10.20 -4.63 0.22
N THR B 24 10.21 -3.77 -0.77
CA THR B 24 10.82 -2.48 -0.59
C THR B 24 9.76 -1.47 -0.22
N GLU B 25 10.15 -0.48 0.54
CA GLU B 25 9.25 0.60 0.92
C GLU B 25 8.89 1.38 -0.32
N ASN B 26 9.86 1.48 -1.22
CA ASN B 26 9.69 2.23 -2.45
C ASN B 26 8.61 1.62 -3.35
N ASP B 27 8.65 0.31 -3.60
CA ASP B 27 7.74 -0.29 -4.58
C ASP B 27 6.30 -0.27 -4.08
N VAL B 28 6.15 -0.63 -2.82
CA VAL B 28 4.83 -0.71 -2.19
C VAL B 28 4.18 0.67 -2.19
N ILE B 29 4.92 1.68 -1.77
CA ILE B 29 4.44 3.04 -1.81
C ILE B 29 4.29 3.56 -3.24
N ASN B 30 5.17 3.13 -4.14
CA ASN B 30 5.10 3.54 -5.55
C ASN B 30 3.75 3.16 -6.13
N LEU B 31 3.14 2.11 -5.60
CA LEU B 31 1.79 1.76 -6.01
C LEU B 31 0.78 2.68 -5.34
N GLY B 32 1.00 2.96 -4.06
CA GLY B 32 0.10 3.82 -3.31
C GLY B 32 -0.04 5.25 -3.83
N LEU B 33 1.09 5.92 -4.00
CA LEU B 33 1.08 7.37 -4.28
C LEU B 33 0.28 7.77 -5.53
N PRO B 34 0.40 7.06 -6.67
CA PRO B 34 -0.29 7.45 -7.91
C PRO B 34 -1.81 7.51 -7.77
N PHE B 35 -2.40 6.76 -6.85
CA PHE B 35 -3.84 6.80 -6.65
C PHE B 35 -4.22 7.61 -5.40
N GLY B 36 -3.22 8.02 -4.63
CA GLY B 36 -3.46 8.77 -3.42
C GLY B 36 -2.22 8.91 -2.57
N LYS B 37 -2.13 9.98 -1.80
CA LYS B 37 -0.95 10.24 -0.99
C LYS B 37 -0.81 9.20 0.12
N VAL B 38 0.39 8.64 0.24
CA VAL B 38 0.70 7.67 1.26
C VAL B 38 1.16 8.34 2.54
N THR B 39 0.39 8.17 3.60
CA THR B 39 0.72 8.75 4.90
C THR B 39 1.49 7.77 5.77
N ASN B 40 1.16 6.49 5.66
CA ASN B 40 1.84 5.45 6.41
C ASN B 40 2.00 4.20 5.57
N TYR B 41 2.93 3.35 5.99
CA TYR B 41 3.21 2.11 5.30
C TYR B 41 3.96 1.18 6.25
N ILE B 42 3.80 -0.13 6.06
CA ILE B 42 4.39 -1.12 6.95
C ILE B 42 4.80 -2.32 6.12
N LEU B 43 6.05 -2.70 6.18
CA LEU B 43 6.51 -3.81 5.37
C LEU B 43 6.74 -5.05 6.23
N MET B 44 5.96 -6.10 6.01
CA MET B 44 6.08 -7.29 6.83
C MET B 44 6.80 -8.35 6.03
N LYS B 45 8.12 -8.24 6.01
CA LYS B 45 8.98 -9.21 5.34
C LYS B 45 8.72 -10.64 5.82
N SER B 46 8.29 -10.80 7.06
CA SER B 46 8.17 -12.11 7.66
C SER B 46 7.05 -12.93 7.03
N THR B 47 5.90 -12.31 6.84
CA THR B 47 4.74 -13.01 6.31
C THR B 47 4.53 -12.78 4.82
N ASN B 48 5.50 -12.10 4.20
CA ASN B 48 5.41 -11.74 2.78
C ASN B 48 4.19 -10.85 2.54
N GLN B 49 3.98 -9.91 3.46
CA GLN B 49 2.81 -9.05 3.44
C GLN B 49 3.21 -7.62 3.80
N ALA B 50 2.32 -6.66 3.59
CA ALA B 50 2.60 -5.28 3.96
C ALA B 50 1.31 -4.47 4.10
N PHE B 51 1.42 -3.29 4.71
CA PHE B 51 0.30 -2.37 4.83
C PHE B 51 0.58 -1.05 4.15
N LEU B 52 -0.47 -0.41 3.68
CA LEU B 52 -0.37 0.87 3.00
C LEU B 52 -1.48 1.81 3.48
N GLU B 53 -1.09 2.92 4.07
CA GLU B 53 -2.06 3.90 4.54
C GLU B 53 -2.18 5.03 3.55
N MET B 54 -3.40 5.27 3.12
CA MET B 54 -3.68 6.27 2.09
C MET B 54 -4.44 7.43 2.71
N ALA B 55 -4.18 8.62 2.19
CA ALA B 55 -4.67 9.86 2.78
C ALA B 55 -6.19 9.98 2.72
N TYR B 56 -6.81 9.27 1.78
CA TYR B 56 -8.25 9.31 1.63
C TYR B 56 -8.80 7.95 1.25
N THR B 57 -10.07 7.73 1.55
CA THR B 57 -10.73 6.46 1.27
C THR B 57 -10.88 6.24 -0.24
N GLU B 58 -10.93 7.35 -0.99
CA GLU B 58 -11.00 7.31 -2.45
C GLU B 58 -9.82 6.52 -3.02
N ALA B 59 -8.69 6.62 -2.34
CA ALA B 59 -7.46 5.99 -2.80
C ALA B 59 -7.52 4.48 -2.61
N ALA B 60 -8.00 4.04 -1.45
CA ALA B 60 -8.02 2.63 -1.10
C ALA B 60 -8.91 1.83 -2.03
N GLN B 61 -10.10 2.36 -2.28
CA GLN B 61 -11.06 1.68 -3.15
C GLN B 61 -10.56 1.66 -4.59
N ALA B 62 -9.90 2.73 -5.00
CA ALA B 62 -9.37 2.84 -6.35
C ALA B 62 -8.29 1.79 -6.59
N MET B 63 -7.38 1.65 -5.64
CA MET B 63 -6.28 0.70 -5.79
C MET B 63 -6.76 -0.72 -5.75
N VAL B 64 -7.67 -1.03 -4.82
CA VAL B 64 -8.18 -2.39 -4.68
C VAL B 64 -8.84 -2.84 -5.98
N GLN B 65 -9.70 -1.99 -6.54
CA GLN B 65 -10.38 -2.31 -7.78
C GLN B 65 -9.39 -2.38 -8.94
N TYR B 66 -8.41 -1.50 -8.94
CA TYR B 66 -7.42 -1.45 -10.00
C TYR B 66 -6.54 -2.69 -9.99
N TYR B 67 -5.94 -2.99 -8.84
CA TYR B 67 -5.01 -4.11 -8.72
C TYR B 67 -5.70 -5.47 -8.72
N GLN B 68 -7.02 -5.47 -8.57
CA GLN B 68 -7.77 -6.71 -8.73
C GLN B 68 -7.97 -7.03 -10.21
N GLU B 69 -8.12 -5.99 -11.03
CA GLU B 69 -8.25 -6.17 -12.47
C GLU B 69 -6.87 -6.18 -13.15
N LYS B 70 -5.98 -5.32 -12.67
CA LYS B 70 -4.60 -5.27 -13.16
C LYS B 70 -3.64 -5.25 -11.99
N PRO B 71 -3.17 -6.42 -11.56
CA PRO B 71 -2.28 -6.53 -10.40
C PRO B 71 -0.87 -6.03 -10.69
N ALA B 72 -0.13 -5.72 -9.63
CA ALA B 72 1.25 -5.29 -9.75
C ALA B 72 2.16 -6.50 -9.62
N ILE B 73 3.12 -6.61 -10.52
CA ILE B 73 4.00 -7.77 -10.55
C ILE B 73 5.33 -7.44 -9.87
N ILE B 74 5.65 -8.18 -8.83
CA ILE B 74 6.92 -8.02 -8.14
C ILE B 74 7.66 -9.36 -8.13
N ASN B 75 8.77 -9.43 -8.86
CA ASN B 75 9.57 -10.65 -8.98
C ASN B 75 8.70 -11.80 -9.45
N GLY B 76 7.77 -11.48 -10.34
CA GLY B 76 6.91 -12.49 -10.94
C GLY B 76 5.69 -12.83 -10.10
N GLU B 77 5.52 -12.16 -8.99
CA GLU B 77 4.37 -12.41 -8.13
C GLU B 77 3.41 -11.23 -8.14
N LYS B 78 2.15 -11.51 -8.44
CA LYS B 78 1.11 -10.49 -8.49
C LYS B 78 0.70 -10.04 -7.09
N LEU B 79 0.75 -8.73 -6.86
CA LEU B 79 0.40 -8.17 -5.56
C LEU B 79 -1.11 -8.05 -5.41
N LEU B 80 -1.58 -8.32 -4.20
CA LEU B 80 -2.99 -8.19 -3.89
C LEU B 80 -3.20 -7.05 -2.88
N ILE B 81 -3.81 -5.97 -3.33
CA ILE B 81 -4.15 -4.87 -2.43
C ILE B 81 -5.63 -4.91 -2.07
N ARG B 82 -5.92 -5.04 -0.79
CA ARG B 82 -7.31 -5.14 -0.33
C ARG B 82 -7.45 -4.51 1.05
N MET B 83 -8.68 -4.26 1.45
CA MET B 83 -8.97 -3.63 2.73
C MET B 83 -8.93 -4.64 3.86
N SER B 84 -8.32 -4.26 4.98
CA SER B 84 -8.16 -5.17 6.10
C SER B 84 -9.42 -5.21 6.96
N THR B 85 -9.76 -6.41 7.39
CA THR B 85 -10.96 -6.64 8.19
C THR B 85 -10.71 -6.59 9.70
N ARG B 86 -9.45 -6.61 10.12
CA ARG B 86 -9.14 -6.76 11.55
C ARG B 86 -8.72 -5.44 12.20
N TYR B 87 -8.11 -4.54 11.45
CA TYR B 87 -7.60 -3.30 12.04
C TYR B 87 -8.28 -2.06 11.46
N LYS B 88 -8.43 -1.05 12.30
CA LYS B 88 -9.03 0.22 11.91
C LYS B 88 -7.98 1.33 11.82
N GLU B 89 -6.79 1.09 12.35
CA GLU B 89 -5.74 2.09 12.29
C GLU B 89 -4.37 1.43 12.16
N LEU B 90 -3.46 2.13 11.50
CA LEU B 90 -2.10 1.67 11.32
C LEU B 90 -1.13 2.43 12.21
N GLN B 91 -0.36 1.71 13.00
CA GLN B 91 0.61 2.31 13.90
C GLN B 91 2.03 2.02 13.42
N LEU B 92 2.83 3.06 13.27
CA LEU B 92 4.21 2.90 12.80
C LEU B 92 5.12 2.49 13.95
N LYS B 93 5.33 1.20 14.12
CA LYS B 93 6.24 0.68 15.13
C LYS B 93 7.70 0.87 14.69
N LYS B 94 7.88 1.14 13.42
CA LYS B 94 9.21 1.37 12.85
C LYS B 94 9.29 2.78 12.26
N PRO B 95 10.51 3.34 12.17
CA PRO B 95 10.72 4.67 11.60
C PRO B 95 10.29 4.76 10.14
N GLY B 96 9.93 5.97 9.72
CA GLY B 96 9.51 6.17 8.37
C GLY B 96 10.44 7.09 7.61
N LYS B 97 10.29 7.07 6.31
CA LYS B 97 11.06 7.92 5.41
C LYS B 97 10.10 8.86 4.70
N ASN B 98 10.58 10.03 4.29
CA ASN B 98 9.74 10.99 3.59
C ASN B 98 9.13 10.36 2.34
N VAL B 99 7.81 10.35 2.30
CA VAL B 99 7.06 9.70 1.25
C VAL B 99 6.81 10.64 0.08
N ALA B 100 6.90 11.94 0.33
CA ALA B 100 6.81 12.94 -0.74
C ALA B 100 7.98 12.77 -1.71
N ALA B 101 9.13 12.39 -1.14
CA ALA B 101 10.32 12.11 -1.95
C ALA B 101 10.07 10.87 -2.82
N ILE B 102 9.18 10.00 -2.34
CA ILE B 102 8.82 8.81 -3.09
C ILE B 102 7.96 9.18 -4.29
N ILE B 103 7.20 10.28 -4.17
CA ILE B 103 6.47 10.83 -5.30
C ILE B 103 7.46 11.23 -6.39
N GLN B 104 8.54 11.88 -5.98
CA GLN B 104 9.62 12.23 -6.90
C GLN B 104 10.25 10.96 -7.48
N ASP B 105 10.27 9.93 -6.66
CA ASP B 105 10.83 8.64 -7.03
C ASP B 105 10.00 8.00 -8.16
N ILE B 106 8.68 8.05 -8.00
CA ILE B 106 7.75 7.53 -9.00
C ILE B 106 7.90 8.29 -10.32
N HIS B 107 7.95 9.62 -10.22
CA HIS B 107 8.08 10.46 -11.41
C HIS B 107 9.41 10.23 -12.11
N SER B 108 10.44 9.93 -11.34
CA SER B 108 11.75 9.68 -11.88
C SER B 108 11.77 8.34 -12.62
N GLN B 109 11.05 7.36 -12.09
CA GLN B 109 11.02 6.03 -12.67
C GLN B 109 9.86 5.89 -13.66
N ARG B 110 9.08 6.96 -13.78
CA ARG B 110 7.96 7.03 -14.72
C ARG B 110 6.89 5.98 -14.43
N GLU B 111 6.66 5.73 -13.14
CA GLU B 111 5.65 4.76 -12.68
C GLU B 111 6.00 3.32 -13.06
N ARG B 112 5.62 2.39 -12.18
CA ARG B 112 5.75 0.96 -12.43
C ARG B 112 7.21 0.55 -12.68
O5' ADN A 1 -9.13 -14.26 -0.90
C5' ADN A 1 -9.06 -14.63 0.48
C4' ADN A 1 -8.61 -16.05 0.65
O4' ADN A 1 -8.91 -16.79 -0.56
C3' ADN A 1 -7.11 -16.24 0.89
O3' ADN A 1 -6.85 -17.27 1.83
C2' ADN A 1 -6.57 -16.61 -0.49
O2' ADN A 1 -5.43 -17.44 -0.41
C1' ADN A 1 -7.74 -17.41 -1.06
N9 ADN A 1 -7.78 -17.42 -2.52
C8 ADN A 1 -8.58 -16.66 -3.34
N7 ADN A 1 -8.40 -16.89 -4.62
C5 ADN A 1 -7.41 -17.86 -4.64
C6 ADN A 1 -6.77 -18.53 -5.70
N6 ADN A 1 -7.05 -18.32 -6.99
N1 ADN A 1 -5.84 -19.45 -5.39
C2 ADN A 1 -5.57 -19.68 -4.09
N3 ADN A 1 -6.11 -19.12 -3.01
C4 ADN A 1 -7.03 -18.20 -3.36
HO5' ADN A 1 -9.35 -15.05 -1.40
H5'1 ADN A 1 -10.05 -14.51 0.93
H5'2 ADN A 1 -8.36 -13.98 0.99
H4' ADN A 1 -9.11 -16.45 1.53
H3' ADN A 1 -6.65 -15.34 1.29
H2' ADN A 1 -6.38 -15.71 -1.08
HO2' ADN A 1 -5.07 -17.53 -1.29
H1' ADN A 1 -7.74 -18.44 -0.71
H8 ADN A 1 -9.29 -15.95 -2.96
HN61 ADN A 1 -7.75 -17.63 -7.24
HN62 ADN A 1 -6.56 -18.82 -7.71
H2 ADN A 1 -4.81 -20.43 -3.90
N GLY B 1 -25.81 -0.87 4.74
CA GLY B 1 -24.68 -1.82 4.80
C GLY B 1 -23.35 -1.11 4.96
N ALA B 2 -22.38 -1.79 5.56
CA ALA B 2 -21.08 -1.22 5.79
C ALA B 2 -20.11 -1.61 4.68
N MET B 3 -19.91 -0.70 3.75
CA MET B 3 -19.00 -0.94 2.63
C MET B 3 -17.57 -0.65 3.05
N ALA B 4 -16.62 -1.35 2.43
CA ALA B 4 -15.20 -1.16 2.70
C ALA B 4 -14.89 -1.42 4.17
N GLN B 5 -15.62 -2.37 4.77
CA GLN B 5 -15.55 -2.66 6.20
C GLN B 5 -16.08 -1.46 6.99
N ARG B 6 -15.25 -0.42 7.09
CA ARG B 6 -15.61 0.85 7.72
C ARG B 6 -14.71 1.94 7.17
N LYS B 7 -13.43 1.87 7.53
CA LYS B 7 -12.42 2.82 7.08
C LYS B 7 -12.86 4.25 7.39
N GLY B 8 -13.31 4.43 8.63
CA GLY B 8 -13.68 5.74 9.12
C GLY B 8 -13.05 5.98 10.46
N ALA B 9 -12.38 7.13 10.61
CA ALA B 9 -11.56 7.40 11.79
C ALA B 9 -10.51 6.32 11.95
N GLY B 10 -10.01 5.85 10.82
CA GLY B 10 -9.07 4.76 10.80
C GLY B 10 -9.18 3.95 9.53
N ARG B 11 -8.15 3.98 8.69
CA ARG B 11 -8.16 3.18 7.49
C ARG B 11 -6.96 2.23 7.46
N VAL B 12 -7.23 0.97 7.14
CA VAL B 12 -6.18 0.02 6.83
C VAL B 12 -6.35 -0.53 5.42
N VAL B 13 -5.30 -0.43 4.62
CA VAL B 13 -5.29 -1.06 3.31
C VAL B 13 -4.13 -2.04 3.30
N HIS B 14 -4.42 -3.31 3.05
CA HIS B 14 -3.41 -4.35 3.19
C HIS B 14 -2.95 -4.84 1.82
N ILE B 15 -1.65 -4.88 1.64
CA ILE B 15 -1.06 -5.33 0.40
C ILE B 15 -0.36 -6.66 0.65
N CYS B 16 -0.46 -7.58 -0.27
CA CYS B 16 0.10 -8.91 -0.07
C CYS B 16 0.75 -9.45 -1.33
N ASN B 17 1.59 -10.47 -1.13
CA ASN B 17 2.30 -11.19 -2.20
C ASN B 17 3.61 -10.50 -2.52
N LEU B 18 4.17 -9.84 -1.53
CA LEU B 18 5.45 -9.20 -1.68
C LEU B 18 6.55 -10.23 -1.44
N PRO B 19 7.48 -10.42 -2.38
CA PRO B 19 8.53 -11.41 -2.21
C PRO B 19 9.58 -10.97 -1.20
N GLU B 20 9.95 -11.88 -0.31
CA GLU B 20 10.97 -11.61 0.69
C GLU B 20 12.30 -11.37 0.01
N GLY B 21 13.04 -10.38 0.49
CA GLY B 21 14.26 -10.00 -0.20
C GLY B 21 13.98 -9.02 -1.31
N SER B 22 12.73 -8.60 -1.41
CA SER B 22 12.29 -7.73 -2.47
C SER B 22 11.12 -6.87 -2.01
N CYS B 23 10.86 -6.91 -0.71
CA CYS B 23 9.79 -6.10 -0.13
C CYS B 23 10.37 -4.76 0.28
N THR B 24 10.35 -3.81 -0.63
CA THR B 24 10.92 -2.51 -0.33
C THR B 24 9.79 -1.54 -0.02
N GLU B 25 10.07 -0.56 0.80
CA GLU B 25 9.10 0.46 1.13
C GLU B 25 8.78 1.26 -0.11
N ASN B 26 9.79 1.43 -0.94
CA ASN B 26 9.69 2.24 -2.14
C ASN B 26 8.65 1.65 -3.09
N ASP B 27 8.72 0.36 -3.38
CA ASP B 27 7.85 -0.25 -4.39
C ASP B 27 6.40 -0.32 -3.94
N VAL B 28 6.22 -0.70 -2.69
CA VAL B 28 4.89 -0.83 -2.11
C VAL B 28 4.17 0.52 -2.14
N ILE B 29 4.89 1.55 -1.72
CA ILE B 29 4.40 2.90 -1.77
C ILE B 29 4.27 3.40 -3.22
N ASN B 30 5.17 2.93 -4.11
CA ASN B 30 5.11 3.30 -5.52
C ASN B 30 3.77 2.88 -6.10
N LEU B 31 3.16 1.86 -5.54
CA LEU B 31 1.83 1.48 -5.95
C LEU B 31 0.79 2.43 -5.36
N GLY B 32 1.00 2.79 -4.08
CA GLY B 32 0.07 3.68 -3.40
C GLY B 32 0.01 5.10 -3.95
N LEU B 33 1.15 5.75 -4.07
CA LEU B 33 1.19 7.20 -4.34
C LEU B 33 0.44 7.63 -5.60
N PRO B 34 0.60 6.96 -6.76
CA PRO B 34 -0.02 7.39 -8.02
C PRO B 34 -1.56 7.49 -7.96
N PHE B 35 -2.19 6.75 -7.04
CA PHE B 35 -3.65 6.83 -6.91
C PHE B 35 -4.04 7.70 -5.71
N GLY B 36 -3.09 7.95 -4.83
CA GLY B 36 -3.36 8.75 -3.65
C GLY B 36 -2.14 8.91 -2.78
N LYS B 37 -2.08 10.01 -2.04
CA LYS B 37 -0.93 10.29 -1.19
C LYS B 37 -0.84 9.27 -0.06
N VAL B 38 0.34 8.70 0.09
CA VAL B 38 0.62 7.75 1.14
C VAL B 38 1.02 8.47 2.42
N THR B 39 0.19 8.36 3.43
CA THR B 39 0.46 9.02 4.70
C THR B 39 1.24 8.10 5.65
N ASN B 40 0.91 6.82 5.60
CA ASN B 40 1.59 5.84 6.44
C ASN B 40 1.71 4.51 5.71
N TYR B 41 2.68 3.72 6.11
CA TYR B 41 2.91 2.43 5.47
C TYR B 41 3.65 1.52 6.45
N ILE B 42 3.45 0.21 6.31
CA ILE B 42 4.09 -0.77 7.18
C ILE B 42 4.40 -1.99 6.34
N LEU B 43 5.64 -2.42 6.28
CA LEU B 43 5.94 -3.59 5.48
C LEU B 43 6.24 -4.77 6.38
N MET B 44 5.62 -5.91 6.12
CA MET B 44 5.89 -7.07 6.94
C MET B 44 6.68 -8.07 6.12
N LYS B 45 7.97 -7.86 6.07
CA LYS B 45 8.90 -8.75 5.40
C LYS B 45 8.74 -10.19 5.88
N SER B 46 8.31 -10.38 7.11
CA SER B 46 8.22 -11.70 7.70
C SER B 46 7.10 -12.53 7.04
N THR B 47 5.94 -11.91 6.83
CA THR B 47 4.78 -12.62 6.31
C THR B 47 4.60 -12.43 4.81
N ASN B 48 5.56 -11.73 4.18
CA ASN B 48 5.49 -11.40 2.75
C ASN B 48 4.22 -10.59 2.45
N GLN B 49 3.88 -9.71 3.38
CA GLN B 49 2.67 -8.91 3.30
C GLN B 49 2.94 -7.53 3.85
N ALA B 50 2.04 -6.58 3.63
CA ALA B 50 2.29 -5.20 4.05
C ALA B 50 1.00 -4.40 4.21
N PHE B 51 1.13 -3.25 4.85
CA PHE B 51 0.02 -2.32 5.05
C PHE B 51 0.32 -0.97 4.42
N LEU B 52 -0.70 -0.35 3.85
CA LEU B 52 -0.56 0.92 3.18
C LEU B 52 -1.70 1.86 3.57
N GLU B 53 -1.35 2.99 4.18
CA GLU B 53 -2.34 3.99 4.54
C GLU B 53 -2.33 5.15 3.55
N MET B 54 -3.52 5.58 3.16
CA MET B 54 -3.67 6.56 2.10
C MET B 54 -4.38 7.79 2.64
N ALA B 55 -4.32 8.91 1.93
CA ALA B 55 -4.82 10.16 2.46
C ALA B 55 -6.33 10.10 2.71
N TYR B 56 -7.06 9.53 1.78
CA TYR B 56 -8.52 9.41 1.90
C TYR B 56 -8.99 8.02 1.51
N THR B 57 -10.21 7.69 1.94
CA THR B 57 -10.79 6.38 1.67
C THR B 57 -11.00 6.17 0.17
N GLU B 58 -11.21 7.28 -0.55
CA GLU B 58 -11.40 7.25 -1.99
C GLU B 58 -10.20 6.61 -2.69
N ALA B 59 -9.02 6.81 -2.12
CA ALA B 59 -7.80 6.29 -2.70
C ALA B 59 -7.72 4.78 -2.49
N ALA B 60 -8.11 4.35 -1.30
CA ALA B 60 -8.02 2.94 -0.93
C ALA B 60 -8.90 2.08 -1.81
N GLN B 61 -10.14 2.52 -2.00
CA GLN B 61 -11.09 1.77 -2.79
C GLN B 61 -10.69 1.76 -4.26
N ALA B 62 -10.13 2.87 -4.72
CA ALA B 62 -9.69 2.98 -6.11
C ALA B 62 -8.55 2.01 -6.41
N MET B 63 -7.58 1.93 -5.50
CA MET B 63 -6.43 1.06 -5.70
C MET B 63 -6.85 -0.40 -5.60
N VAL B 64 -7.69 -0.72 -4.62
CA VAL B 64 -8.17 -2.09 -4.46
C VAL B 64 -8.89 -2.55 -5.71
N GLN B 65 -9.77 -1.72 -6.24
CA GLN B 65 -10.51 -2.04 -7.47
C GLN B 65 -9.54 -2.22 -8.63
N TYR B 66 -8.50 -1.40 -8.64
CA TYR B 66 -7.53 -1.44 -9.73
C TYR B 66 -6.68 -2.70 -9.66
N TYR B 67 -6.08 -2.98 -8.52
CA TYR B 67 -5.15 -4.10 -8.36
C TYR B 67 -5.86 -5.45 -8.26
N GLN B 68 -7.17 -5.44 -8.03
CA GLN B 68 -7.93 -6.67 -8.09
C GLN B 68 -8.13 -7.08 -9.55
N GLU B 69 -8.22 -6.08 -10.42
CA GLU B 69 -8.33 -6.32 -11.85
C GLU B 69 -6.95 -6.38 -12.52
N LYS B 70 -6.04 -5.50 -12.08
CA LYS B 70 -4.69 -5.45 -12.63
C LYS B 70 -3.65 -5.36 -11.52
N PRO B 71 -3.23 -6.50 -10.98
CA PRO B 71 -2.21 -6.56 -9.91
C PRO B 71 -0.84 -6.08 -10.40
N ALA B 72 0.01 -5.71 -9.47
CA ALA B 72 1.35 -5.24 -9.80
C ALA B 72 2.34 -6.40 -9.76
N ILE B 73 3.32 -6.38 -10.66
CA ILE B 73 4.27 -7.47 -10.75
C ILE B 73 5.60 -7.12 -10.07
N ILE B 74 5.99 -7.93 -9.09
CA ILE B 74 7.32 -7.84 -8.51
C ILE B 74 7.98 -9.21 -8.56
N ASN B 75 9.01 -9.35 -9.39
CA ASN B 75 9.73 -10.61 -9.55
C ASN B 75 8.78 -11.72 -9.95
N GLY B 76 7.78 -11.36 -10.75
CA GLY B 76 6.83 -12.33 -11.25
C GLY B 76 5.71 -12.63 -10.28
N GLU B 77 5.63 -11.88 -9.19
CA GLU B 77 4.54 -12.05 -8.23
C GLU B 77 3.48 -10.97 -8.43
N LYS B 78 2.24 -11.41 -8.63
CA LYS B 78 1.11 -10.50 -8.71
C LYS B 78 0.73 -9.97 -7.33
N LEU B 79 0.95 -8.70 -7.09
CA LEU B 79 0.66 -8.08 -5.81
C LEU B 79 -0.83 -7.80 -5.67
N LEU B 80 -1.38 -8.15 -4.52
CA LEU B 80 -2.80 -7.97 -4.26
C LEU B 80 -3.04 -6.92 -3.19
N ILE B 81 -3.65 -5.80 -3.59
CA ILE B 81 -4.02 -4.76 -2.64
C ILE B 81 -5.49 -4.86 -2.29
N ARG B 82 -5.79 -5.05 -1.01
CA ARG B 82 -7.16 -5.21 -0.53
C ARG B 82 -7.30 -4.60 0.86
N MET B 83 -8.52 -4.41 1.30
CA MET B 83 -8.75 -3.79 2.60
C MET B 83 -8.64 -4.83 3.71
N SER B 84 -8.05 -4.43 4.84
CA SER B 84 -7.86 -5.35 5.95
C SER B 84 -9.13 -5.53 6.75
N THR B 85 -9.44 -6.79 7.02
CA THR B 85 -10.61 -7.17 7.78
C THR B 85 -10.30 -7.22 9.28
N ARG B 86 -9.02 -7.24 9.63
CA ARG B 86 -8.62 -7.45 11.02
C ARG B 86 -8.25 -6.13 11.71
N TYR B 87 -7.76 -5.17 10.93
CA TYR B 87 -7.29 -3.92 11.51
C TYR B 87 -8.07 -2.73 10.99
N LYS B 88 -8.30 -1.77 11.88
CA LYS B 88 -9.02 -0.56 11.55
C LYS B 88 -8.06 0.61 11.48
N GLU B 89 -6.91 0.48 12.13
CA GLU B 89 -5.97 1.58 12.20
C GLU B 89 -4.53 1.06 12.10
N LEU B 90 -3.65 1.91 11.56
CA LEU B 90 -2.24 1.57 11.45
C LEU B 90 -1.41 2.43 12.38
N GLN B 91 -0.68 1.78 13.28
CA GLN B 91 0.16 2.49 14.23
C GLN B 91 1.63 2.21 13.92
N LEU B 92 2.35 3.25 13.53
CA LEU B 92 3.78 3.10 13.23
C LEU B 92 4.58 2.92 14.50
N LYS B 93 5.04 1.70 14.74
CA LYS B 93 5.94 1.42 15.85
C LYS B 93 7.39 1.57 15.40
N LYS B 94 7.57 1.69 14.10
CA LYS B 94 8.90 1.90 13.53
C LYS B 94 8.92 3.21 12.77
N PRO B 95 10.09 3.89 12.73
CA PRO B 95 10.23 5.17 12.04
C PRO B 95 10.12 5.02 10.53
N GLY B 96 9.61 6.07 9.89
CA GLY B 96 9.40 6.04 8.47
C GLY B 96 10.30 7.01 7.76
N LYS B 97 10.22 6.99 6.45
CA LYS B 97 11.01 7.87 5.61
C LYS B 97 10.07 8.81 4.88
N ASN B 98 10.58 9.94 4.41
CA ASN B 98 9.79 10.88 3.64
C ASN B 98 9.22 10.20 2.40
N VAL B 99 7.90 10.20 2.30
CA VAL B 99 7.19 9.52 1.23
C VAL B 99 7.07 10.42 -0.01
N ALA B 100 7.25 11.72 0.18
CA ALA B 100 7.25 12.66 -0.94
C ALA B 100 8.40 12.35 -1.89
N ALA B 101 9.52 11.92 -1.32
CA ALA B 101 10.68 11.53 -2.11
C ALA B 101 10.36 10.31 -2.95
N ILE B 102 9.43 9.50 -2.46
CA ILE B 102 8.99 8.31 -3.17
C ILE B 102 8.15 8.72 -4.39
N ILE B 103 7.43 9.83 -4.29
CA ILE B 103 6.71 10.39 -5.43
C ILE B 103 7.69 10.74 -6.54
N GLN B 104 8.78 11.39 -6.15
CA GLN B 104 9.85 11.73 -7.08
C GLN B 104 10.47 10.47 -7.66
N ASP B 105 10.43 9.42 -6.85
CA ASP B 105 11.00 8.12 -7.23
C ASP B 105 10.15 7.48 -8.32
N ILE B 106 8.83 7.54 -8.14
CA ILE B 106 7.89 6.99 -9.12
C ILE B 106 8.03 7.69 -10.45
N HIS B 107 8.06 9.02 -10.40
CA HIS B 107 8.14 9.84 -11.61
C HIS B 107 9.46 9.61 -12.34
N SER B 108 10.48 9.26 -11.59
CA SER B 108 11.79 8.97 -12.16
C SER B 108 11.75 7.68 -12.96
N GLN B 109 10.94 6.72 -12.49
CA GLN B 109 10.78 5.45 -13.17
C GLN B 109 9.74 5.55 -14.28
N ARG B 110 8.52 5.92 -13.91
CA ARG B 110 7.43 6.05 -14.87
C ARG B 110 6.84 7.45 -14.80
N GLU B 111 7.14 8.27 -15.80
CA GLU B 111 6.54 9.58 -15.88
C GLU B 111 5.22 9.51 -16.65
N ARG B 112 4.23 10.26 -16.19
CA ARG B 112 2.93 10.29 -16.82
C ARG B 112 2.92 11.30 -17.95
O5' ADN A 1 -7.22 -12.21 1.66
C5' ADN A 1 -7.92 -13.31 1.07
C4' ADN A 1 -8.17 -14.41 2.07
O4' ADN A 1 -9.34 -15.16 1.65
C3' ADN A 1 -7.05 -15.44 2.19
O3' ADN A 1 -7.00 -15.97 3.52
C2' ADN A 1 -7.46 -16.50 1.17
O2' ADN A 1 -6.96 -17.79 1.50
C1' ADN A 1 -8.98 -16.49 1.33
N9 ADN A 1 -9.70 -16.89 0.12
C8 ADN A 1 -10.43 -16.09 -0.73
N7 ADN A 1 -10.95 -16.72 -1.74
C5 ADN A 1 -10.54 -18.04 -1.55
C6 ADN A 1 -10.76 -19.21 -2.30
N6 ADN A 1 -11.50 -19.25 -3.41
N1 ADN A 1 -10.21 -20.36 -1.84
C2 ADN A 1 -9.48 -20.32 -0.71
N3 ADN A 1 -9.20 -19.28 0.07
C4 ADN A 1 -9.76 -18.15 -0.42
HO5' ADN A 1 -7.69 -11.98 2.47
H5'1 ADN A 1 -7.33 -13.71 0.24
H5'2 ADN A 1 -8.88 -12.96 0.69
H4' ADN A 1 -8.28 -13.95 3.05
H3' ADN A 1 -6.08 -15.01 1.99
H2' ADN A 1 -7.17 -16.19 0.17
HO2' ADN A 1 -7.47 -18.43 0.99
H1' ADN A 1 -9.31 -17.12 2.16
H8 ADN A 1 -10.55 -15.03 -0.57
HN61 ADN A 1 -11.92 -18.41 -3.76
HN62 ADN A 1 -11.62 -20.13 -3.90
H2 ADN A 1 -9.06 -21.27 -0.39
N GLY B 1 -19.90 0.60 4.21
CA GLY B 1 -18.95 1.30 5.09
C GLY B 1 -19.43 1.40 6.53
N ALA B 2 -20.73 1.21 6.73
CA ALA B 2 -21.31 1.28 8.07
C ALA B 2 -21.22 -0.08 8.77
N MET B 3 -21.39 -1.15 8.00
CA MET B 3 -21.32 -2.49 8.57
C MET B 3 -19.88 -3.01 8.55
N ALA B 4 -19.17 -2.78 9.66
CA ALA B 4 -17.77 -3.18 9.81
C ALA B 4 -16.87 -2.36 8.88
N GLN B 5 -15.58 -2.70 8.87
CA GLN B 5 -14.57 -2.01 8.07
C GLN B 5 -14.26 -0.63 8.62
N ARG B 6 -15.27 0.25 8.65
CA ARG B 6 -15.15 1.58 9.26
C ARG B 6 -13.92 2.33 8.75
N LYS B 7 -13.76 2.36 7.44
CA LYS B 7 -12.58 2.96 6.82
C LYS B 7 -12.81 4.44 6.51
N GLY B 8 -13.58 5.10 7.36
CA GLY B 8 -13.78 6.54 7.21
C GLY B 8 -13.40 7.28 8.47
N ALA B 9 -12.61 6.61 9.27
CA ALA B 9 -12.10 7.14 10.54
C ALA B 9 -10.91 6.29 10.94
N GLY B 10 -9.86 6.40 10.15
CA GLY B 10 -8.79 5.44 10.19
C GLY B 10 -8.92 4.49 9.03
N ARG B 11 -7.84 4.21 8.33
CA ARG B 11 -7.92 3.30 7.20
C ARG B 11 -6.75 2.32 7.21
N VAL B 12 -7.06 1.05 7.02
CA VAL B 12 -6.06 0.03 6.84
C VAL B 12 -6.18 -0.61 5.45
N VAL B 13 -5.12 -0.51 4.68
CA VAL B 13 -5.08 -1.14 3.37
C VAL B 13 -3.90 -2.10 3.35
N HIS B 14 -4.15 -3.37 3.09
CA HIS B 14 -3.10 -4.37 3.16
C HIS B 14 -2.67 -4.80 1.77
N ILE B 15 -1.37 -4.87 1.56
CA ILE B 15 -0.80 -5.30 0.31
C ILE B 15 -0.12 -6.65 0.54
N CYS B 16 -0.29 -7.57 -0.39
CA CYS B 16 0.15 -8.94 -0.15
C CYS B 16 0.94 -9.47 -1.34
N ASN B 17 1.73 -10.52 -1.05
CA ASN B 17 2.46 -11.29 -2.06
C ASN B 17 3.78 -10.64 -2.41
N LEU B 18 4.36 -9.95 -1.43
CA LEU B 18 5.63 -9.29 -1.63
C LEU B 18 6.77 -10.27 -1.40
N PRO B 19 7.68 -10.41 -2.39
CA PRO B 19 8.78 -11.36 -2.27
C PRO B 19 9.81 -10.90 -1.24
N GLU B 20 10.24 -11.84 -0.39
CA GLU B 20 11.27 -11.55 0.59
C GLU B 20 12.59 -11.28 -0.11
N GLY B 21 13.34 -10.28 0.34
CA GLY B 21 14.51 -9.86 -0.38
C GLY B 21 14.15 -8.88 -1.46
N SER B 22 12.88 -8.50 -1.50
CA SER B 22 12.35 -7.63 -2.54
C SER B 22 11.19 -6.80 -1.99
N CYS B 23 11.00 -6.85 -0.67
CA CYS B 23 9.97 -6.06 -0.02
C CYS B 23 10.53 -4.71 0.36
N THR B 24 10.47 -3.76 -0.56
CA THR B 24 11.00 -2.44 -0.28
C THR B 24 9.85 -1.48 -0.03
N GLU B 25 10.10 -0.50 0.83
CA GLU B 25 9.10 0.50 1.17
C GLU B 25 8.80 1.36 -0.04
N ASN B 26 9.84 1.62 -0.82
CA ASN B 26 9.73 2.48 -1.99
C ASN B 26 8.72 1.93 -2.97
N ASP B 27 8.84 0.65 -3.33
CA ASP B 27 8.01 0.07 -4.39
C ASP B 27 6.56 -0.11 -3.96
N VAL B 28 6.38 -0.53 -2.72
CA VAL B 28 5.04 -0.73 -2.16
C VAL B 28 4.28 0.60 -2.18
N ILE B 29 4.95 1.64 -1.72
CA ILE B 29 4.40 2.98 -1.78
C ILE B 29 4.31 3.48 -3.22
N ASN B 30 5.24 3.06 -4.08
CA ASN B 30 5.21 3.41 -5.50
C ASN B 30 3.88 2.99 -6.11
N LEU B 31 3.29 1.94 -5.57
CA LEU B 31 1.98 1.54 -6.01
C LEU B 31 0.91 2.46 -5.43
N GLY B 32 1.09 2.82 -4.16
CA GLY B 32 0.12 3.68 -3.49
C GLY B 32 0.03 5.12 -4.00
N LEU B 33 1.15 5.79 -4.08
CA LEU B 33 1.16 7.25 -4.33
C LEU B 33 0.44 7.70 -5.61
N PRO B 34 0.62 7.02 -6.76
CA PRO B 34 -0.01 7.43 -8.02
C PRO B 34 -1.54 7.46 -7.95
N PHE B 35 -2.14 6.67 -7.07
CA PHE B 35 -3.59 6.68 -6.92
C PHE B 35 -4.02 7.52 -5.72
N GLY B 36 -3.07 7.86 -4.85
CA GLY B 36 -3.40 8.63 -3.66
C GLY B 36 -2.21 8.84 -2.76
N LYS B 37 -2.26 9.90 -1.96
CA LYS B 37 -1.19 10.23 -1.03
C LYS B 37 -1.04 9.16 0.06
N VAL B 38 0.19 8.67 0.21
CA VAL B 38 0.52 7.71 1.25
C VAL B 38 0.98 8.42 2.51
N THR B 39 0.22 8.27 3.58
CA THR B 39 0.57 8.87 4.86
C THR B 39 1.39 7.92 5.73
N ASN B 40 1.09 6.63 5.65
CA ASN B 40 1.81 5.62 6.43
C ASN B 40 1.99 4.35 5.63
N TYR B 41 2.92 3.51 6.08
CA TYR B 41 3.21 2.26 5.43
C TYR B 41 3.93 1.33 6.39
N ILE B 42 3.75 0.03 6.20
CA ILE B 42 4.34 -0.98 7.07
C ILE B 42 4.73 -2.17 6.22
N LEU B 43 5.96 -2.62 6.29
CA LEU B 43 6.36 -3.76 5.51
C LEU B 43 6.51 -4.97 6.39
N MET B 44 5.82 -6.05 6.06
CA MET B 44 5.90 -7.25 6.88
C MET B 44 6.75 -8.26 6.13
N LYS B 45 8.06 -8.07 6.23
CA LYS B 45 9.04 -9.00 5.67
C LYS B 45 8.82 -10.44 6.14
N SER B 46 8.26 -10.61 7.32
CA SER B 46 8.13 -11.93 7.91
C SER B 46 7.11 -12.78 7.15
N THR B 47 5.97 -12.20 6.83
CA THR B 47 4.88 -12.95 6.22
C THR B 47 4.73 -12.68 4.72
N ASN B 48 5.70 -11.96 4.15
CA ASN B 48 5.64 -11.56 2.73
C ASN B 48 4.41 -10.71 2.47
N GLN B 49 4.12 -9.83 3.41
CA GLN B 49 2.92 -9.00 3.37
C GLN B 49 3.30 -7.57 3.74
N ALA B 50 2.40 -6.61 3.52
CA ALA B 50 2.67 -5.23 3.92
C ALA B 50 1.38 -4.43 4.06
N PHE B 51 1.49 -3.28 4.69
CA PHE B 51 0.37 -2.35 4.85
C PHE B 51 0.68 -1.01 4.19
N LEU B 52 -0.36 -0.37 3.70
CA LEU B 52 -0.24 0.92 3.05
C LEU B 52 -1.38 1.84 3.49
N GLU B 53 -1.04 2.96 4.10
CA GLU B 53 -2.04 3.91 4.56
C GLU B 53 -2.17 5.05 3.57
N MET B 54 -3.40 5.30 3.17
CA MET B 54 -3.70 6.31 2.17
C MET B 54 -4.47 7.44 2.82
N ALA B 55 -4.34 8.64 2.26
CA ALA B 55 -4.86 9.85 2.89
C ALA B 55 -6.37 9.94 2.80
N TYR B 56 -6.95 9.16 1.90
CA TYR B 56 -8.39 9.17 1.69
C TYR B 56 -8.89 7.75 1.41
N THR B 57 -10.11 7.47 1.83
CA THR B 57 -10.72 6.16 1.61
C THR B 57 -10.98 5.94 0.11
N GLU B 58 -11.18 7.05 -0.61
CA GLU B 58 -11.36 7.03 -2.06
C GLU B 58 -10.14 6.41 -2.73
N ALA B 59 -8.98 6.62 -2.14
CA ALA B 59 -7.73 6.13 -2.70
C ALA B 59 -7.64 4.62 -2.50
N ALA B 60 -8.02 4.18 -1.30
CA ALA B 60 -7.90 2.79 -0.93
C ALA B 60 -8.77 1.91 -1.81
N GLN B 61 -10.01 2.33 -2.02
CA GLN B 61 -10.94 1.54 -2.80
C GLN B 61 -10.53 1.54 -4.28
N ALA B 62 -10.02 2.67 -4.75
CA ALA B 62 -9.61 2.80 -6.13
C ALA B 62 -8.46 1.87 -6.47
N MET B 63 -7.48 1.79 -5.58
CA MET B 63 -6.32 0.93 -5.80
C MET B 63 -6.74 -0.53 -5.73
N VAL B 64 -7.60 -0.86 -4.78
CA VAL B 64 -8.09 -2.23 -4.65
C VAL B 64 -8.80 -2.64 -5.92
N GLN B 65 -9.70 -1.79 -6.41
CA GLN B 65 -10.46 -2.09 -7.62
C GLN B 65 -9.55 -2.25 -8.82
N TYR B 66 -8.50 -1.44 -8.86
CA TYR B 66 -7.56 -1.48 -9.97
C TYR B 66 -6.78 -2.80 -9.96
N TYR B 67 -6.20 -3.12 -8.81
CA TYR B 67 -5.37 -4.31 -8.69
C TYR B 67 -6.19 -5.59 -8.60
N GLN B 68 -7.50 -5.47 -8.36
CA GLN B 68 -8.38 -6.64 -8.45
C GLN B 68 -8.40 -7.14 -9.89
N GLU B 69 -8.51 -6.19 -10.82
CA GLU B 69 -8.55 -6.51 -12.23
C GLU B 69 -7.15 -6.56 -12.84
N LYS B 70 -6.29 -5.64 -12.43
CA LYS B 70 -4.91 -5.58 -12.90
C LYS B 70 -3.95 -5.48 -11.72
N PRO B 71 -3.48 -6.61 -11.20
CA PRO B 71 -2.57 -6.65 -10.04
C PRO B 71 -1.20 -6.05 -10.37
N ALA B 72 -0.46 -5.67 -9.34
CA ALA B 72 0.87 -5.11 -9.52
C ALA B 72 1.91 -6.20 -9.50
N ILE B 73 2.87 -6.14 -10.40
CA ILE B 73 3.84 -7.21 -10.55
C ILE B 73 5.20 -6.82 -9.99
N ILE B 74 5.66 -7.58 -9.01
CA ILE B 74 7.02 -7.44 -8.49
C ILE B 74 7.73 -8.79 -8.55
N ASN B 75 8.73 -8.87 -9.42
CA ASN B 75 9.51 -10.10 -9.60
C ASN B 75 8.59 -11.27 -9.93
N GLY B 76 7.61 -10.99 -10.76
CA GLY B 76 6.70 -12.01 -11.24
C GLY B 76 5.58 -12.32 -10.27
N GLU B 77 5.51 -11.63 -9.15
CA GLU B 77 4.47 -11.87 -8.17
C GLU B 77 3.35 -10.84 -8.31
N LYS B 78 2.13 -11.35 -8.45
CA LYS B 78 0.95 -10.51 -8.50
C LYS B 78 0.60 -10.00 -7.09
N LEU B 79 0.78 -8.72 -6.87
CA LEU B 79 0.51 -8.12 -5.57
C LEU B 79 -0.97 -7.84 -5.42
N LEU B 80 -1.49 -8.15 -4.25
CA LEU B 80 -2.91 -7.97 -3.97
C LEU B 80 -3.12 -6.88 -2.93
N ILE B 81 -3.71 -5.76 -3.35
CA ILE B 81 -4.03 -4.68 -2.44
C ILE B 81 -5.52 -4.70 -2.09
N ARG B 82 -5.84 -4.83 -0.81
CA ARG B 82 -7.22 -4.92 -0.36
C ARG B 82 -7.39 -4.28 1.02
N MET B 83 -8.62 -4.02 1.40
CA MET B 83 -8.91 -3.41 2.69
C MET B 83 -8.92 -4.48 3.77
N SER B 84 -8.34 -4.16 4.92
CA SER B 84 -8.22 -5.13 6.00
C SER B 84 -9.48 -5.18 6.87
N THR B 85 -9.84 -6.39 7.24
CA THR B 85 -11.07 -6.66 7.98
C THR B 85 -10.84 -6.65 9.50
N ARG B 86 -9.60 -6.72 9.94
CA ARG B 86 -9.30 -6.87 11.36
C ARG B 86 -8.85 -5.56 12.01
N TYR B 87 -8.23 -4.70 11.22
CA TYR B 87 -7.73 -3.43 11.75
C TYR B 87 -8.41 -2.24 11.08
N LYS B 88 -8.52 -1.16 11.83
CA LYS B 88 -9.17 0.06 11.34
C LYS B 88 -8.16 1.15 11.07
N GLU B 89 -7.02 1.11 11.74
CA GLU B 89 -5.98 2.13 11.54
C GLU B 89 -4.60 1.50 11.62
N LEU B 90 -3.66 2.10 10.90
CA LEU B 90 -2.29 1.62 10.88
C LEU B 90 -1.42 2.35 11.88
N GLN B 91 -0.80 1.58 12.76
CA GLN B 91 0.08 2.11 13.78
C GLN B 91 1.54 1.91 13.41
N LEU B 92 2.30 2.99 13.39
CA LEU B 92 3.72 2.92 13.08
C LEU B 92 4.53 2.53 14.31
N LYS B 93 4.82 1.25 14.46
CA LYS B 93 5.76 0.81 15.49
C LYS B 93 7.18 1.03 14.97
N LYS B 94 7.29 1.17 13.66
CA LYS B 94 8.54 1.51 13.01
C LYS B 94 8.36 2.83 12.27
N PRO B 95 9.28 3.78 12.47
CA PRO B 95 9.18 5.10 11.83
C PRO B 95 9.33 5.03 10.31
N GLY B 96 9.06 6.14 9.65
CA GLY B 96 9.11 6.19 8.21
C GLY B 96 9.75 7.47 7.74
N LYS B 97 10.22 7.48 6.51
CA LYS B 97 10.87 8.65 5.95
C LYS B 97 9.85 9.49 5.19
N ASN B 98 10.31 10.61 4.63
CA ASN B 98 9.46 11.43 3.78
C ASN B 98 8.96 10.62 2.59
N VAL B 99 7.65 10.51 2.47
CA VAL B 99 7.04 9.70 1.43
C VAL B 99 6.90 10.50 0.13
N ALA B 100 6.96 11.83 0.26
CA ALA B 100 6.94 12.71 -0.91
C ALA B 100 8.15 12.46 -1.81
N ALA B 101 9.26 12.07 -1.18
CA ALA B 101 10.46 11.73 -1.91
C ALA B 101 10.20 10.51 -2.79
N ILE B 102 9.30 9.66 -2.31
CA ILE B 102 8.91 8.46 -3.04
C ILE B 102 8.10 8.83 -4.29
N ILE B 103 7.37 9.94 -4.19
CA ILE B 103 6.66 10.48 -5.35
C ILE B 103 7.65 10.83 -6.45
N GLN B 104 8.77 11.42 -6.05
CA GLN B 104 9.84 11.73 -7.00
C GLN B 104 10.46 10.44 -7.55
N ASP B 105 10.46 9.40 -6.75
CA ASP B 105 10.96 8.09 -7.17
C ASP B 105 10.07 7.49 -8.25
N ILE B 106 8.76 7.58 -8.03
CA ILE B 106 7.79 7.05 -8.99
C ILE B 106 7.94 7.73 -10.34
N HIS B 107 7.99 9.06 -10.31
CA HIS B 107 8.13 9.84 -11.53
C HIS B 107 9.48 9.61 -12.18
N SER B 108 10.48 9.24 -11.39
CA SER B 108 11.79 8.92 -11.91
C SER B 108 11.78 7.56 -12.59
N GLN B 109 11.00 6.62 -12.04
CA GLN B 109 10.89 5.28 -12.60
C GLN B 109 9.88 5.25 -13.74
N ARG B 110 9.18 6.37 -13.93
CA ARG B 110 8.18 6.48 -14.98
C ARG B 110 8.52 7.62 -15.93
N GLU B 111 7.62 7.91 -16.85
CA GLU B 111 7.78 9.02 -17.78
C GLU B 111 6.49 9.81 -17.86
N ARG B 112 6.54 10.97 -18.51
CA ARG B 112 5.37 11.79 -18.71
C ARG B 112 5.56 12.68 -19.93
O5' ADN A 1 -8.72 -11.86 6.90
C5' ADN A 1 -10.07 -11.90 6.45
C4' ADN A 1 -10.49 -13.30 6.06
O4' ADN A 1 -11.92 -13.33 5.86
C3' ADN A 1 -9.88 -13.83 4.76
O3' ADN A 1 -9.52 -15.20 4.88
C2' ADN A 1 -10.98 -13.63 3.73
O2' ADN A 1 -10.93 -14.58 2.69
C1' ADN A 1 -12.21 -13.89 4.59
N9 ADN A 1 -13.44 -13.29 4.06
C8 ADN A 1 -14.12 -12.20 4.55
N7 ADN A 1 -15.20 -11.90 3.85
C5 ADN A 1 -15.21 -12.86 2.85
C6 ADN A 1 -16.10 -13.09 1.78
N6 ADN A 1 -17.18 -12.35 1.54
N1 ADN A 1 -15.84 -14.14 0.96
C2 ADN A 1 -14.76 -14.88 1.20
N3 ADN A 1 -13.85 -14.76 2.17
C4 ADN A 1 -14.14 -13.73 2.97
HO5' ADN A 1 -8.66 -12.43 7.68
H5'1 ADN A 1 -10.19 -11.24 5.59
H5'2 ADN A 1 -10.73 -11.55 7.24
H4' ADN A 1 -10.15 -13.97 6.85
H3' ADN A 1 -8.96 -13.30 4.50
H2' ADN A 1 -10.97 -12.60 3.35
HO2' ADN A 1 -11.80 -15.00 2.64
H1' ADN A 1 -12.39 -14.95 4.74
H8 ADN A 1 -13.81 -11.65 5.41
HN61 ADN A 1 -17.39 -11.56 2.13
HN62 ADN A 1 -17.78 -12.57 0.75
H2 ADN A 1 -14.59 -15.70 0.51
N GLY B 1 -21.50 7.45 5.26
CA GLY B 1 -22.08 6.09 5.14
C GLY B 1 -21.12 5.01 5.57
N ALA B 2 -20.92 4.01 4.70
CA ALA B 2 -20.02 2.90 4.98
C ALA B 2 -20.46 2.13 6.22
N MET B 3 -21.47 1.28 6.05
CA MET B 3 -21.99 0.50 7.17
C MET B 3 -21.03 -0.63 7.53
N ALA B 4 -20.26 -1.08 6.54
CA ALA B 4 -19.26 -2.11 6.75
C ALA B 4 -17.88 -1.55 6.45
N GLN B 5 -16.88 -2.08 7.14
CA GLN B 5 -15.49 -1.65 6.99
C GLN B 5 -15.27 -0.25 7.53
N ARG B 6 -14.51 -0.16 8.61
CA ARG B 6 -14.15 1.12 9.19
C ARG B 6 -13.05 1.76 8.37
N LYS B 7 -13.43 2.67 7.48
CA LYS B 7 -12.48 3.34 6.62
C LYS B 7 -12.75 4.85 6.59
N GLY B 8 -12.93 5.42 7.76
CA GLY B 8 -13.12 6.86 7.87
C GLY B 8 -11.82 7.59 8.08
N ALA B 9 -11.60 8.08 9.29
CA ALA B 9 -10.34 8.74 9.63
C ALA B 9 -9.27 7.69 9.90
N GLY B 10 -9.73 6.51 10.26
CA GLY B 10 -8.86 5.38 10.45
C GLY B 10 -9.03 4.39 9.31
N ARG B 11 -7.98 4.17 8.53
CA ARG B 11 -8.08 3.24 7.42
C ARG B 11 -6.89 2.30 7.37
N VAL B 12 -7.18 1.03 7.18
CA VAL B 12 -6.14 0.03 6.92
C VAL B 12 -6.31 -0.59 5.56
N VAL B 13 -5.29 -0.50 4.73
CA VAL B 13 -5.29 -1.15 3.43
C VAL B 13 -4.14 -2.13 3.39
N HIS B 14 -4.41 -3.40 3.15
CA HIS B 14 -3.40 -4.44 3.27
C HIS B 14 -2.93 -4.90 1.90
N ILE B 15 -1.63 -5.00 1.75
CA ILE B 15 -1.02 -5.48 0.53
C ILE B 15 -0.33 -6.80 0.81
N CYS B 16 -0.39 -7.73 -0.12
CA CYS B 16 0.22 -9.03 0.08
C CYS B 16 0.86 -9.56 -1.18
N ASN B 17 1.71 -10.56 -0.99
CA ASN B 17 2.41 -11.29 -2.07
C ASN B 17 3.72 -10.60 -2.40
N LEU B 18 4.29 -9.94 -1.40
CA LEU B 18 5.58 -9.30 -1.56
C LEU B 18 6.67 -10.30 -1.18
N PRO B 19 7.63 -10.55 -2.07
CA PRO B 19 8.67 -11.53 -1.81
C PRO B 19 9.64 -11.04 -0.75
N GLU B 20 9.95 -11.88 0.22
CA GLU B 20 10.91 -11.54 1.25
C GLU B 20 12.30 -11.39 0.64
N GLY B 21 12.96 -10.28 0.94
CA GLY B 21 14.20 -9.96 0.27
C GLY B 21 13.94 -9.10 -0.95
N SER B 22 12.68 -8.77 -1.14
CA SER B 22 12.24 -7.99 -2.29
C SER B 22 11.12 -7.04 -1.85
N CYS B 23 10.87 -6.96 -0.55
CA CYS B 23 9.84 -6.09 -0.02
C CYS B 23 10.44 -4.73 0.27
N THR B 24 10.39 -3.84 -0.70
CA THR B 24 10.98 -2.53 -0.52
C THR B 24 9.90 -1.50 -0.20
N GLU B 25 10.27 -0.50 0.59
CA GLU B 25 9.33 0.53 1.01
C GLU B 25 8.93 1.39 -0.17
N ASN B 26 9.88 1.61 -1.05
CA ASN B 26 9.69 2.51 -2.18
C ASN B 26 8.62 1.97 -3.13
N ASP B 27 8.73 0.69 -3.52
CA ASP B 27 7.90 0.14 -4.59
C ASP B 27 6.45 -0.03 -4.13
N VAL B 28 6.29 -0.47 -2.89
CA VAL B 28 4.97 -0.64 -2.30
C VAL B 28 4.22 0.69 -2.30
N ILE B 29 4.91 1.73 -1.86
CA ILE B 29 4.37 3.08 -1.90
C ILE B 29 4.26 3.60 -3.34
N ASN B 30 5.18 3.19 -4.21
CA ASN B 30 5.11 3.59 -5.62
C ASN B 30 3.80 3.17 -6.24
N LEU B 31 3.21 2.12 -5.71
CA LEU B 31 1.88 1.72 -6.14
C LEU B 31 0.84 2.63 -5.52
N GLY B 32 1.03 2.93 -4.23
CA GLY B 32 0.08 3.78 -3.51
C GLY B 32 -0.02 5.21 -4.00
N LEU B 33 1.11 5.90 -4.11
CA LEU B 33 1.11 7.35 -4.35
C LEU B 33 0.35 7.80 -5.61
N PRO B 34 0.51 7.12 -6.77
CA PRO B 34 -0.15 7.53 -8.02
C PRO B 34 -1.67 7.52 -7.93
N PHE B 35 -2.24 6.66 -7.07
CA PHE B 35 -3.68 6.60 -6.92
C PHE B 35 -4.14 7.41 -5.71
N GLY B 36 -3.20 7.86 -4.90
CA GLY B 36 -3.53 8.60 -3.71
C GLY B 36 -2.33 8.79 -2.81
N LYS B 37 -2.33 9.85 -2.04
CA LYS B 37 -1.21 10.17 -1.16
C LYS B 37 -1.05 9.13 -0.05
N VAL B 38 0.17 8.65 0.11
CA VAL B 38 0.50 7.70 1.15
C VAL B 38 0.93 8.41 2.43
N THR B 39 0.17 8.24 3.48
CA THR B 39 0.50 8.82 4.77
C THR B 39 1.27 7.85 5.66
N ASN B 40 0.93 6.57 5.57
CA ASN B 40 1.59 5.54 6.37
C ASN B 40 1.72 4.24 5.58
N TYR B 41 2.67 3.42 6.01
CA TYR B 41 2.96 2.16 5.34
C TYR B 41 3.74 1.24 6.26
N ILE B 42 3.62 -0.06 6.09
CA ILE B 42 4.29 -1.03 6.93
C ILE B 42 4.72 -2.21 6.08
N LEU B 43 5.97 -2.62 6.17
CA LEU B 43 6.43 -3.74 5.37
C LEU B 43 6.63 -4.96 6.25
N MET B 44 5.91 -6.04 6.00
CA MET B 44 6.05 -7.22 6.83
C MET B 44 6.75 -8.30 6.03
N LYS B 45 8.08 -8.18 6.02
CA LYS B 45 8.96 -9.15 5.38
C LYS B 45 8.71 -10.57 5.86
N SER B 46 8.22 -10.72 7.08
CA SER B 46 8.08 -12.03 7.67
C SER B 46 6.97 -12.84 6.98
N THR B 47 5.83 -12.21 6.76
CA THR B 47 4.67 -12.89 6.19
C THR B 47 4.53 -12.63 4.69
N ASN B 48 5.54 -11.99 4.10
CA ASN B 48 5.51 -11.65 2.67
C ASN B 48 4.32 -10.73 2.38
N GLN B 49 4.07 -9.81 3.29
CA GLN B 49 2.91 -8.95 3.24
C GLN B 49 3.26 -7.55 3.70
N ALA B 50 2.37 -6.60 3.48
CA ALA B 50 2.63 -5.22 3.87
C ALA B 50 1.33 -4.43 4.03
N PHE B 51 1.44 -3.27 4.66
CA PHE B 51 0.29 -2.39 4.85
C PHE B 51 0.54 -1.04 4.19
N LEU B 52 -0.54 -0.42 3.73
CA LEU B 52 -0.45 0.87 3.07
C LEU B 52 -1.63 1.76 3.49
N GLU B 53 -1.30 2.89 4.09
CA GLU B 53 -2.33 3.85 4.48
C GLU B 53 -2.39 4.98 3.47
N MET B 54 -3.57 5.17 2.91
CA MET B 54 -3.79 6.18 1.91
C MET B 54 -4.61 7.31 2.53
N ALA B 55 -4.37 8.53 2.05
CA ALA B 55 -4.87 9.75 2.70
C ALA B 55 -6.39 9.78 2.79
N TYR B 56 -7.06 9.08 1.89
CA TYR B 56 -8.52 9.03 1.90
C TYR B 56 -9.01 7.64 1.50
N THR B 57 -10.25 7.33 1.83
CA THR B 57 -10.82 6.02 1.51
C THR B 57 -11.00 5.89 0.01
N GLU B 58 -11.17 7.02 -0.67
CA GLU B 58 -11.31 7.06 -2.12
C GLU B 58 -10.09 6.47 -2.80
N ALA B 59 -8.93 6.66 -2.18
CA ALA B 59 -7.69 6.15 -2.72
C ALA B 59 -7.62 4.65 -2.53
N ALA B 60 -8.06 4.19 -1.36
CA ALA B 60 -7.99 2.79 -1.00
C ALA B 60 -8.85 1.93 -1.92
N GLN B 61 -10.07 2.38 -2.16
CA GLN B 61 -11.00 1.64 -2.98
C GLN B 61 -10.53 1.63 -4.44
N ALA B 62 -9.96 2.74 -4.88
CA ALA B 62 -9.50 2.87 -6.25
C ALA B 62 -8.37 1.89 -6.53
N MET B 63 -7.44 1.77 -5.60
CA MET B 63 -6.30 0.87 -5.77
C MET B 63 -6.74 -0.59 -5.70
N VAL B 64 -7.61 -0.90 -4.74
CA VAL B 64 -8.08 -2.28 -4.58
C VAL B 64 -8.80 -2.76 -5.84
N GLN B 65 -9.69 -1.93 -6.34
CA GLN B 65 -10.43 -2.27 -7.56
C GLN B 65 -9.48 -2.36 -8.75
N TYR B 66 -8.47 -1.52 -8.77
CA TYR B 66 -7.52 -1.51 -9.86
C TYR B 66 -6.69 -2.79 -9.87
N TYR B 67 -6.09 -3.12 -8.74
CA TYR B 67 -5.19 -4.28 -8.66
C TYR B 67 -5.93 -5.62 -8.60
N GLN B 68 -7.23 -5.59 -8.35
CA GLN B 68 -8.01 -6.82 -8.45
C GLN B 68 -8.19 -7.19 -9.91
N GLU B 69 -8.38 -6.18 -10.75
CA GLU B 69 -8.51 -6.40 -12.19
C GLU B 69 -7.13 -6.42 -12.86
N LYS B 70 -6.23 -5.55 -12.41
CA LYS B 70 -4.87 -5.50 -12.91
C LYS B 70 -3.87 -5.45 -11.75
N PRO B 71 -3.42 -6.62 -11.28
CA PRO B 71 -2.53 -6.70 -10.12
C PRO B 71 -1.15 -6.09 -10.40
N ALA B 72 -0.45 -5.74 -9.32
CA ALA B 72 0.88 -5.15 -9.45
C ALA B 72 1.93 -6.25 -9.39
N ILE B 73 2.91 -6.16 -10.28
CA ILE B 73 3.91 -7.20 -10.39
C ILE B 73 5.21 -6.82 -9.66
N ILE B 74 5.58 -7.64 -8.69
CA ILE B 74 6.88 -7.51 -8.04
C ILE B 74 7.64 -8.83 -8.12
N ASN B 75 8.72 -8.85 -8.89
CA ASN B 75 9.59 -10.01 -9.01
C ASN B 75 8.80 -11.24 -9.46
N GLY B 76 7.83 -11.00 -10.32
CA GLY B 76 6.99 -12.08 -10.83
C GLY B 76 5.80 -12.39 -9.95
N GLU B 77 5.66 -11.68 -8.84
CA GLU B 77 4.55 -11.91 -7.93
C GLU B 77 3.45 -10.87 -8.12
N LYS B 78 2.24 -11.34 -8.35
CA LYS B 78 1.07 -10.48 -8.45
C LYS B 78 0.61 -10.02 -7.08
N LEU B 79 0.77 -8.75 -6.79
CA LEU B 79 0.40 -8.20 -5.49
C LEU B 79 -1.10 -8.05 -5.37
N LEU B 80 -1.61 -8.34 -4.19
CA LEU B 80 -3.01 -8.16 -3.90
C LEU B 80 -3.19 -7.04 -2.87
N ILE B 81 -3.77 -5.92 -3.31
CA ILE B 81 -4.08 -4.82 -2.42
C ILE B 81 -5.58 -4.83 -2.11
N ARG B 82 -5.92 -4.98 -0.84
CA ARG B 82 -7.31 -5.05 -0.41
C ARG B 82 -7.49 -4.37 0.94
N MET B 83 -8.73 -4.10 1.31
CA MET B 83 -9.03 -3.45 2.57
C MET B 83 -8.99 -4.45 3.71
N SER B 84 -8.47 -4.03 4.85
CA SER B 84 -8.29 -4.92 5.98
C SER B 84 -9.56 -5.01 6.81
N THR B 85 -9.92 -6.24 7.12
CA THR B 85 -11.08 -6.54 7.93
C THR B 85 -10.72 -6.62 9.41
N ARG B 86 -9.42 -6.67 9.71
CA ARG B 86 -8.95 -6.95 11.06
C ARG B 86 -8.51 -5.68 11.81
N TYR B 87 -8.03 -4.70 11.08
CA TYR B 87 -7.50 -3.49 11.73
C TYR B 87 -8.19 -2.23 11.22
N LYS B 88 -8.23 -1.22 12.10
CA LYS B 88 -8.90 0.04 11.81
C LYS B 88 -7.89 1.17 11.61
N GLU B 89 -6.69 1.01 12.15
CA GLU B 89 -5.67 2.05 12.01
C GLU B 89 -4.27 1.44 11.94
N LEU B 90 -3.39 2.13 11.24
CA LEU B 90 -2.01 1.70 11.12
C LEU B 90 -1.09 2.56 11.99
N GLN B 91 -0.30 1.87 12.82
CA GLN B 91 0.65 2.51 13.71
C GLN B 91 2.07 2.16 13.29
N LEU B 92 2.95 3.17 13.23
CA LEU B 92 4.34 2.94 12.82
C LEU B 92 5.21 2.58 14.01
N LYS B 93 5.41 1.30 14.22
CA LYS B 93 6.32 0.82 15.25
C LYS B 93 7.76 0.86 14.75
N LYS B 94 7.91 1.10 13.45
CA LYS B 94 9.22 1.15 12.81
C LYS B 94 9.35 2.46 12.02
N PRO B 95 10.57 2.99 11.91
CA PRO B 95 10.83 4.23 11.17
C PRO B 95 10.82 4.01 9.65
N GLY B 96 10.50 5.06 8.92
CA GLY B 96 10.46 4.97 7.47
C GLY B 96 11.11 6.16 6.81
N LYS B 97 11.02 6.18 5.49
CA LYS B 97 11.59 7.25 4.67
C LYS B 97 10.51 8.27 4.36
N ASN B 98 10.90 9.48 3.98
CA ASN B 98 9.95 10.50 3.55
C ASN B 98 9.20 10.04 2.30
N VAL B 99 7.89 9.98 2.41
CA VAL B 99 7.03 9.48 1.34
C VAL B 99 6.96 10.48 0.18
N ALA B 100 7.23 11.75 0.47
CA ALA B 100 7.28 12.77 -0.57
C ALA B 100 8.45 12.51 -1.53
N ALA B 101 9.55 12.03 -0.97
CA ALA B 101 10.70 11.66 -1.76
C ALA B 101 10.36 10.50 -2.69
N ILE B 102 9.42 9.68 -2.24
CA ILE B 102 8.96 8.53 -3.02
C ILE B 102 8.19 9.01 -4.24
N ILE B 103 7.47 10.13 -4.09
CA ILE B 103 6.81 10.76 -5.22
C ILE B 103 7.83 11.15 -6.28
N GLN B 104 8.96 11.68 -5.82
CA GLN B 104 10.06 12.05 -6.71
C GLN B 104 10.59 10.80 -7.42
N ASP B 105 10.65 9.72 -6.66
CA ASP B 105 11.14 8.44 -7.17
C ASP B 105 10.20 7.90 -8.25
N ILE B 106 8.89 8.01 -8.01
CA ILE B 106 7.90 7.56 -8.98
C ILE B 106 8.04 8.31 -10.30
N HIS B 107 8.28 9.62 -10.21
CA HIS B 107 8.45 10.43 -11.39
C HIS B 107 9.70 10.03 -12.16
N SER B 108 10.69 9.51 -11.44
CA SER B 108 11.90 8.98 -12.07
C SER B 108 11.62 7.62 -12.71
N GLN B 109 10.79 6.83 -12.03
CA GLN B 109 10.47 5.47 -12.48
C GLN B 109 9.48 5.47 -13.64
N ARG B 110 8.28 6.03 -13.40
CA ARG B 110 7.22 6.07 -14.39
C ARG B 110 6.68 4.67 -14.70
N GLU B 111 5.41 4.45 -14.38
CA GLU B 111 4.75 3.16 -14.61
C GLU B 111 4.76 2.80 -16.10
N ARG B 112 4.64 1.51 -16.38
CA ARG B 112 4.60 1.01 -17.75
C ARG B 112 3.50 1.69 -18.54
O5' ADN A 1 -6.90 -17.93 1.36
C5' ADN A 1 -6.76 -16.79 2.21
C4' ADN A 1 -6.47 -15.53 1.41
O4' ADN A 1 -5.47 -15.85 0.42
C3' ADN A 1 -7.66 -14.96 0.63
O3' ADN A 1 -7.57 -13.54 0.51
C2' ADN A 1 -7.52 -15.66 -0.72
O2' ADN A 1 -8.08 -14.88 -1.77
C1' ADN A 1 -6.01 -15.70 -0.88
N9 ADN A 1 -5.54 -16.83 -1.69
C8 ADN A 1 -5.74 -18.16 -1.43
N7 ADN A 1 -5.16 -18.96 -2.30
C5 ADN A 1 -4.54 -18.08 -3.19
C6 ADN A 1 -3.76 -18.31 -4.33
N6 ADN A 1 -3.47 -19.51 -4.80
N1 ADN A 1 -3.30 -17.22 -4.99
C2 ADN A 1 -3.59 -16.00 -4.52
N3 ADN A 1 -4.31 -15.67 -3.45
C4 ADN A 1 -4.76 -16.77 -2.82
HO5' ADN A 1 -6.07 -18.42 1.43
H5'1 ADN A 1 -5.95 -16.94 2.93
H5'2 ADN A 1 -7.69 -16.63 2.77
H4' ADN A 1 -6.16 -14.76 2.12
H3' ADN A 1 -8.60 -15.17 1.12
H2' ADN A 1 -7.95 -16.66 -0.68
HO2' ADN A 1 -8.62 -14.20 -1.35
H1' ADN A 1 -5.60 -14.79 -1.30
H8 ADN A 1 -6.31 -18.50 -0.59
HN61 ADN A 1 -3.81 -20.34 -4.32
HN62 ADN A 1 -2.91 -19.61 -5.63
H2 ADN A 1 -3.19 -15.17 -5.09
N GLY B 1 -22.50 7.28 4.95
CA GLY B 1 -21.38 6.62 5.65
C GLY B 1 -21.27 5.16 5.28
N ALA B 2 -20.40 4.43 6.01
CA ALA B 2 -20.19 3.00 5.79
C ALA B 2 -19.82 2.72 4.33
N MET B 3 -18.98 3.57 3.76
CA MET B 3 -18.58 3.45 2.37
C MET B 3 -17.69 2.22 2.16
N ALA B 4 -16.59 2.18 2.90
CA ALA B 4 -15.64 1.08 2.77
C ALA B 4 -15.37 0.44 4.13
N GLN B 5 -16.43 -0.10 4.73
CA GLN B 5 -16.36 -0.70 6.06
C GLN B 5 -15.98 0.34 7.12
N ARG B 6 -14.68 0.57 7.29
CA ARG B 6 -14.19 1.54 8.26
C ARG B 6 -12.93 2.22 7.72
N LYS B 7 -13.07 2.98 6.64
CA LYS B 7 -11.94 3.69 6.06
C LYS B 7 -12.20 5.19 6.07
N GLY B 8 -12.56 5.71 7.24
CA GLY B 8 -12.78 7.13 7.38
C GLY B 8 -11.66 7.79 8.15
N ALA B 9 -11.87 7.95 9.45
CA ALA B 9 -10.82 8.47 10.32
C ALA B 9 -9.91 7.33 10.75
N GLY B 10 -9.07 6.90 9.82
CA GLY B 10 -8.26 5.72 10.05
C GLY B 10 -8.50 4.69 8.98
N ARG B 11 -7.53 4.52 8.08
CA ARG B 11 -7.70 3.55 7.03
C ARG B 11 -6.53 2.59 7.00
N VAL B 12 -6.83 1.32 6.93
CA VAL B 12 -5.81 0.33 6.66
C VAL B 12 -6.12 -0.38 5.34
N VAL B 13 -5.16 -0.36 4.45
CA VAL B 13 -5.25 -1.09 3.20
C VAL B 13 -4.09 -2.07 3.17
N HIS B 14 -4.36 -3.35 3.03
CA HIS B 14 -3.32 -4.34 3.23
C HIS B 14 -2.85 -4.87 1.88
N ILE B 15 -1.54 -4.95 1.74
CA ILE B 15 -0.93 -5.42 0.52
C ILE B 15 -0.26 -6.76 0.78
N CYS B 16 -0.43 -7.68 -0.13
CA CYS B 16 0.07 -9.04 0.07
C CYS B 16 0.79 -9.53 -1.17
N ASN B 17 1.62 -10.55 -0.96
CA ASN B 17 2.31 -11.28 -2.03
C ASN B 17 3.62 -10.59 -2.39
N LEU B 18 4.20 -9.92 -1.40
CA LEU B 18 5.48 -9.25 -1.60
C LEU B 18 6.61 -10.25 -1.39
N PRO B 19 7.51 -10.41 -2.36
CA PRO B 19 8.61 -11.36 -2.25
C PRO B 19 9.63 -10.93 -1.20
N GLU B 20 10.04 -11.87 -0.37
CA GLU B 20 11.04 -11.61 0.66
C GLU B 20 12.36 -11.28 0.01
N GLY B 21 13.04 -10.25 0.51
CA GLY B 21 14.27 -9.82 -0.13
C GLY B 21 14.00 -8.82 -1.23
N SER B 22 12.73 -8.45 -1.38
CA SER B 22 12.31 -7.55 -2.44
C SER B 22 11.10 -6.74 -1.99
N CYS B 23 10.84 -6.76 -0.69
CA CYS B 23 9.76 -5.99 -0.10
C CYS B 23 10.28 -4.61 0.27
N THR B 24 10.31 -3.70 -0.67
CA THR B 24 10.82 -2.38 -0.38
C THR B 24 9.65 -1.43 -0.12
N GLU B 25 9.87 -0.46 0.74
CA GLU B 25 8.85 0.51 1.09
C GLU B 25 8.55 1.37 -0.12
N ASN B 26 9.60 1.62 -0.87
CA ASN B 26 9.52 2.49 -2.03
C ASN B 26 8.55 1.93 -3.07
N ASP B 27 8.67 0.64 -3.41
CA ASP B 27 7.83 0.06 -4.46
C ASP B 27 6.38 -0.09 -4.00
N VAL B 28 6.23 -0.51 -2.75
CA VAL B 28 4.90 -0.69 -2.15
C VAL B 28 4.15 0.65 -2.16
N ILE B 29 4.83 1.69 -1.72
CA ILE B 29 4.29 3.03 -1.77
C ILE B 29 4.17 3.55 -3.21
N ASN B 30 5.08 3.12 -4.09
CA ASN B 30 4.99 3.50 -5.51
C ASN B 30 3.68 3.05 -6.09
N LEU B 31 3.09 2.00 -5.51
CA LEU B 31 1.76 1.57 -5.91
C LEU B 31 0.72 2.52 -5.33
N GLY B 32 0.91 2.88 -4.05
CA GLY B 32 -0.02 3.76 -3.38
C GLY B 32 -0.10 5.19 -3.93
N LEU B 33 1.06 5.83 -4.06
CA LEU B 33 1.10 7.27 -4.34
C LEU B 33 0.36 7.72 -5.61
N PRO B 34 0.53 7.04 -6.76
CA PRO B 34 -0.11 7.46 -8.01
C PRO B 34 -1.63 7.53 -7.94
N PHE B 35 -2.24 6.73 -7.06
CA PHE B 35 -3.69 6.76 -6.91
C PHE B 35 -4.10 7.64 -5.72
N GLY B 36 -3.14 7.94 -4.85
CA GLY B 36 -3.43 8.79 -3.70
C GLY B 36 -2.25 8.89 -2.76
N LYS B 37 -2.25 9.91 -1.91
CA LYS B 37 -1.15 10.14 -0.99
C LYS B 37 -1.07 9.04 0.06
N VAL B 38 0.14 8.53 0.28
CA VAL B 38 0.41 7.56 1.31
C VAL B 38 0.73 8.25 2.62
N THR B 39 -0.11 8.05 3.62
CA THR B 39 0.11 8.65 4.93
C THR B 39 0.91 7.73 5.84
N ASN B 40 0.67 6.42 5.72
CA ASN B 40 1.39 5.43 6.52
C ASN B 40 1.66 4.16 5.71
N TYR B 41 2.72 3.47 6.07
CA TYR B 41 3.06 2.20 5.45
C TYR B 41 3.82 1.32 6.43
N ILE B 42 3.67 0.01 6.29
CA ILE B 42 4.30 -0.95 7.17
C ILE B 42 4.64 -2.17 6.35
N LEU B 43 5.89 -2.60 6.33
CA LEU B 43 6.24 -3.75 5.54
C LEU B 43 6.55 -4.93 6.44
N MET B 44 5.89 -6.04 6.22
CA MET B 44 6.19 -7.23 7.02
C MET B 44 6.91 -8.22 6.13
N LYS B 45 8.22 -8.00 6.00
CA LYS B 45 9.08 -8.87 5.22
C LYS B 45 8.98 -10.34 5.65
N SER B 46 8.67 -10.58 6.92
CA SER B 46 8.65 -11.93 7.44
C SER B 46 7.48 -12.74 6.87
N THR B 47 6.31 -12.11 6.78
CA THR B 47 5.11 -12.80 6.36
C THR B 47 4.80 -12.56 4.88
N ASN B 48 5.71 -11.86 4.19
CA ASN B 48 5.54 -11.51 2.78
C ASN B 48 4.27 -10.68 2.59
N GLN B 49 4.03 -9.79 3.53
CA GLN B 49 2.83 -8.96 3.54
C GLN B 49 3.16 -7.54 3.96
N ALA B 50 2.24 -6.61 3.75
CA ALA B 50 2.48 -5.21 4.10
C ALA B 50 1.18 -4.44 4.30
N PHE B 51 1.31 -3.27 4.92
CA PHE B 51 0.19 -2.38 5.17
C PHE B 51 0.42 -1.04 4.48
N LEU B 52 -0.64 -0.47 3.94
CA LEU B 52 -0.58 0.80 3.24
C LEU B 52 -1.77 1.66 3.61
N GLU B 53 -1.53 2.82 4.19
CA GLU B 53 -2.61 3.76 4.45
C GLU B 53 -2.64 4.85 3.40
N MET B 54 -3.83 5.06 2.88
CA MET B 54 -4.05 6.06 1.85
C MET B 54 -4.88 7.17 2.44
N ALA B 55 -4.61 8.40 2.00
CA ALA B 55 -5.11 9.61 2.66
C ALA B 55 -6.63 9.65 2.75
N TYR B 56 -7.30 9.02 1.80
CA TYR B 56 -8.75 9.01 1.78
C TYR B 56 -9.27 7.62 1.40
N THR B 57 -10.53 7.36 1.70
CA THR B 57 -11.15 6.08 1.37
C THR B 57 -11.29 5.94 -0.15
N GLU B 58 -11.41 7.08 -0.83
CA GLU B 58 -11.50 7.12 -2.29
C GLU B 58 -10.27 6.49 -2.92
N ALA B 59 -9.13 6.64 -2.27
CA ALA B 59 -7.88 6.11 -2.78
C ALA B 59 -7.84 4.60 -2.61
N ALA B 60 -8.27 4.14 -1.44
CA ALA B 60 -8.22 2.73 -1.10
C ALA B 60 -9.11 1.91 -2.02
N GLN B 61 -10.32 2.39 -2.26
CA GLN B 61 -11.26 1.69 -3.11
C GLN B 61 -10.78 1.67 -4.55
N ALA B 62 -10.16 2.77 -4.98
CA ALA B 62 -9.67 2.88 -6.35
C ALA B 62 -8.53 1.89 -6.62
N MET B 63 -7.59 1.81 -5.70
CA MET B 63 -6.43 0.96 -5.88
C MET B 63 -6.82 -0.52 -5.84
N VAL B 64 -7.67 -0.88 -4.90
CA VAL B 64 -8.12 -2.27 -4.79
C VAL B 64 -8.81 -2.71 -6.08
N GLN B 65 -9.69 -1.86 -6.58
CA GLN B 65 -10.41 -2.14 -7.83
C GLN B 65 -9.43 -2.23 -9.00
N TYR B 66 -8.40 -1.42 -8.96
CA TYR B 66 -7.40 -1.41 -10.03
C TYR B 66 -6.65 -2.74 -10.07
N TYR B 67 -6.13 -3.18 -8.93
CA TYR B 67 -5.33 -4.40 -8.86
C TYR B 67 -6.18 -5.66 -9.01
N GLN B 68 -7.50 -5.53 -8.87
CA GLN B 68 -8.38 -6.66 -9.14
C GLN B 68 -8.36 -6.99 -10.63
N GLU B 69 -8.39 -5.96 -11.45
CA GLU B 69 -8.35 -6.14 -12.90
C GLU B 69 -6.92 -6.15 -13.42
N LYS B 70 -6.08 -5.27 -12.87
CA LYS B 70 -4.67 -5.23 -13.25
C LYS B 70 -3.80 -5.20 -11.99
N PRO B 71 -3.34 -6.37 -11.53
CA PRO B 71 -2.51 -6.48 -10.32
C PRO B 71 -1.10 -5.93 -10.53
N ALA B 72 -0.42 -5.63 -9.44
CA ALA B 72 0.94 -5.12 -9.52
C ALA B 72 1.92 -6.28 -9.48
N ILE B 73 2.83 -6.32 -10.42
CA ILE B 73 3.76 -7.42 -10.54
C ILE B 73 5.13 -7.06 -10.00
N ILE B 74 5.56 -7.79 -8.97
CA ILE B 74 6.89 -7.60 -8.40
C ILE B 74 7.63 -8.93 -8.42
N ASN B 75 8.74 -8.96 -9.15
CA ASN B 75 9.56 -10.18 -9.27
C ASN B 75 8.74 -11.30 -9.88
N GLY B 76 7.83 -10.92 -10.78
CA GLY B 76 6.99 -11.90 -11.45
C GLY B 76 5.84 -12.38 -10.59
N GLU B 77 5.69 -11.81 -9.41
CA GLU B 77 4.61 -12.20 -8.51
C GLU B 77 3.58 -11.08 -8.40
N LYS B 78 2.33 -11.45 -8.63
CA LYS B 78 1.21 -10.51 -8.60
C LYS B 78 0.84 -10.14 -7.16
N LEU B 79 0.85 -8.84 -6.88
CA LEU B 79 0.51 -8.34 -5.56
C LEU B 79 -1.01 -8.22 -5.40
N LEU B 80 -1.47 -8.56 -4.21
CA LEU B 80 -2.90 -8.48 -3.91
C LEU B 80 -3.14 -7.40 -2.87
N ILE B 81 -3.79 -6.32 -3.28
CA ILE B 81 -4.14 -5.25 -2.35
C ILE B 81 -5.62 -5.33 -1.98
N ARG B 82 -5.89 -5.33 -0.69
CA ARG B 82 -7.25 -5.49 -0.19
C ARG B 82 -7.43 -4.67 1.08
N MET B 83 -8.67 -4.45 1.48
CA MET B 83 -8.96 -3.69 2.69
C MET B 83 -8.84 -4.57 3.91
N SER B 84 -8.44 -3.97 5.03
CA SER B 84 -8.18 -4.71 6.25
C SER B 84 -9.47 -4.97 7.01
N THR B 85 -9.63 -6.20 7.44
CA THR B 85 -10.77 -6.59 8.25
C THR B 85 -10.45 -6.46 9.75
N ARG B 86 -9.16 -6.49 10.09
CA ARG B 86 -8.76 -6.64 11.49
C ARG B 86 -8.29 -5.33 12.13
N TYR B 87 -7.69 -4.43 11.36
CA TYR B 87 -7.15 -3.19 11.92
C TYR B 87 -7.73 -1.96 11.23
N LYS B 88 -7.96 -0.92 12.01
CA LYS B 88 -8.51 0.34 11.49
C LYS B 88 -7.48 1.47 11.50
N GLU B 89 -6.31 1.24 12.08
CA GLU B 89 -5.30 2.29 12.16
C GLU B 89 -3.91 1.70 12.02
N LEU B 90 -3.00 2.51 11.47
CA LEU B 90 -1.60 2.11 11.33
C LEU B 90 -0.73 2.88 12.31
N GLN B 91 -0.03 2.12 13.14
CA GLN B 91 0.88 2.69 14.12
C GLN B 91 2.32 2.44 13.69
N LEU B 92 3.13 3.48 13.63
CA LEU B 92 4.50 3.36 13.14
C LEU B 92 5.47 3.08 14.28
N LYS B 93 5.66 1.80 14.58
CA LYS B 93 6.60 1.40 15.61
C LYS B 93 8.02 1.44 15.07
N LYS B 94 8.13 1.43 13.75
CA LYS B 94 9.42 1.47 13.08
C LYS B 94 9.54 2.76 12.27
N PRO B 95 10.77 3.25 12.06
CA PRO B 95 11.04 4.46 11.29
C PRO B 95 10.45 4.38 9.89
N GLY B 96 9.75 5.43 9.50
CA GLY B 96 9.10 5.47 8.21
C GLY B 96 8.24 6.70 8.06
N LYS B 97 8.87 7.84 7.83
CA LYS B 97 8.15 9.10 7.79
C LYS B 97 8.24 9.75 6.41
N ASN B 98 9.34 9.54 5.69
CA ASN B 98 9.48 10.16 4.39
C ASN B 98 8.72 9.36 3.34
N VAL B 99 7.75 10.01 2.74
CA VAL B 99 7.00 9.43 1.63
C VAL B 99 7.04 10.40 0.44
N ALA B 100 7.62 11.57 0.68
CA ALA B 100 7.80 12.58 -0.35
C ALA B 100 8.82 12.14 -1.38
N ALA B 101 9.93 11.59 -0.88
CA ALA B 101 11.01 11.12 -1.72
C ALA B 101 10.53 10.02 -2.65
N ILE B 102 9.54 9.28 -2.19
CA ILE B 102 9.00 8.16 -2.95
C ILE B 102 8.19 8.70 -4.15
N ILE B 103 7.53 9.84 -3.96
CA ILE B 103 6.84 10.51 -5.05
C ILE B 103 7.83 10.89 -6.13
N GLN B 104 8.98 11.40 -5.72
CA GLN B 104 10.03 11.80 -6.65
C GLN B 104 10.59 10.57 -7.36
N ASP B 105 10.65 9.48 -6.61
CA ASP B 105 11.17 8.21 -7.13
C ASP B 105 10.24 7.67 -8.22
N ILE B 106 8.93 7.80 -8.01
CA ILE B 106 7.96 7.38 -9.01
C ILE B 106 8.16 8.15 -10.30
N HIS B 107 8.42 9.45 -10.19
CA HIS B 107 8.66 10.28 -11.36
C HIS B 107 9.96 9.86 -12.06
N SER B 108 10.88 9.29 -11.30
CA SER B 108 12.11 8.78 -11.85
C SER B 108 11.87 7.47 -12.60
N GLN B 109 10.86 6.72 -12.16
CA GLN B 109 10.53 5.42 -12.75
C GLN B 109 9.50 5.55 -13.85
N ARG B 110 8.28 5.91 -13.47
CA ARG B 110 7.15 6.05 -14.39
C ARG B 110 6.85 4.73 -15.08
N GLU B 111 6.14 3.85 -14.39
CA GLU B 111 5.75 2.58 -14.98
C GLU B 111 4.63 2.79 -16.00
N ARG B 112 5.03 3.03 -17.24
CA ARG B 112 4.07 3.20 -18.33
C ARG B 112 4.36 2.20 -19.42
O5' ADN A 1 -9.81 -14.40 1.29
C5' ADN A 1 -9.31 -15.18 2.38
C4' ADN A 1 -8.49 -16.34 1.90
O4' ADN A 1 -8.44 -16.32 0.44
C3' ADN A 1 -7.03 -16.34 2.35
O3' ADN A 1 -6.55 -17.66 2.55
C2' ADN A 1 -6.31 -15.65 1.19
O2' ADN A 1 -4.96 -16.06 1.08
C1' ADN A 1 -7.10 -16.21 0.01
N9 ADN A 1 -7.05 -15.35 -1.18
C8 ADN A 1 -8.06 -14.56 -1.68
N7 ADN A 1 -7.71 -13.89 -2.75
C5 ADN A 1 -6.39 -14.27 -2.97
C6 ADN A 1 -5.46 -13.90 -3.95
N6 ADN A 1 -5.71 -13.05 -4.95
N1 ADN A 1 -4.22 -14.45 -3.88
C2 ADN A 1 -3.96 -15.31 -2.89
N3 ADN A 1 -4.77 -15.73 -1.91
C4 ADN A 1 -5.98 -15.16 -2.00
HO5' ADN A 1 -9.85 -14.97 0.52
H5'1 ADN A 1 -10.15 -15.56 2.96
H5'2 ADN A 1 -8.70 -14.54 3.02
H4' ADN A 1 -8.93 -17.25 2.30
H3' ADN A 1 -6.90 -15.81 3.29
H2' ADN A 1 -6.42 -14.57 1.27
HO2' ADN A 1 -4.82 -16.39 0.19
H1' ADN A 1 -6.77 -17.20 -0.29
H8 ADN A 1 -9.04 -14.49 -1.24
HN61 ADN A 1 -6.62 -12.63 -5.03
HN62 ADN A 1 -5.00 -12.83 -5.63
H2 ADN A 1 -2.95 -15.72 -2.88
N GLY B 1 -19.66 -10.61 8.17
CA GLY B 1 -18.24 -10.78 7.77
C GLY B 1 -17.47 -9.49 7.90
N ALA B 2 -17.40 -8.73 6.81
CA ALA B 2 -16.69 -7.46 6.80
C ALA B 2 -17.55 -6.38 6.15
N MET B 3 -18.79 -6.29 6.58
CA MET B 3 -19.73 -5.33 6.03
C MET B 3 -19.71 -4.03 6.84
N ALA B 4 -19.38 -4.14 8.12
CA ALA B 4 -19.38 -3.00 9.02
C ALA B 4 -17.96 -2.47 9.23
N GLN B 5 -17.22 -2.32 8.14
CA GLN B 5 -15.86 -1.82 8.22
C GLN B 5 -15.85 -0.32 8.48
N ARG B 6 -15.37 0.07 9.65
CA ARG B 6 -15.32 1.46 10.03
C ARG B 6 -14.09 2.13 9.43
N LYS B 7 -14.25 2.69 8.23
CA LYS B 7 -13.14 3.30 7.51
C LYS B 7 -13.11 4.80 7.75
N GLY B 8 -13.94 5.25 8.69
CA GLY B 8 -13.99 6.66 9.01
C GLY B 8 -13.03 7.03 10.11
N ALA B 9 -12.20 8.03 9.85
CA ALA B 9 -11.17 8.47 10.79
C ALA B 9 -10.26 7.31 11.16
N GLY B 10 -9.90 6.53 10.17
CA GLY B 10 -9.09 5.35 10.37
C GLY B 10 -9.25 4.37 9.24
N ARG B 11 -8.18 4.15 8.49
CA ARG B 11 -8.22 3.20 7.39
C ARG B 11 -7.04 2.28 7.41
N VAL B 12 -7.31 1.00 7.20
CA VAL B 12 -6.27 0.02 6.99
C VAL B 12 -6.38 -0.56 5.60
N VAL B 13 -5.31 -0.45 4.84
CA VAL B 13 -5.22 -1.07 3.54
C VAL B 13 -4.04 -2.02 3.55
N HIS B 14 -4.29 -3.30 3.30
CA HIS B 14 -3.26 -4.31 3.42
C HIS B 14 -2.81 -4.76 2.03
N ILE B 15 -1.51 -4.77 1.83
CA ILE B 15 -0.94 -5.21 0.58
C ILE B 15 -0.21 -6.53 0.80
N CYS B 16 -0.40 -7.45 -0.10
CA CYS B 16 0.14 -8.78 0.10
C CYS B 16 0.72 -9.33 -1.20
N ASN B 17 1.47 -10.42 -1.03
CA ASN B 17 2.10 -11.15 -2.15
C ASN B 17 3.45 -10.55 -2.49
N LEU B 18 4.07 -9.96 -1.48
CA LEU B 18 5.40 -9.39 -1.61
C LEU B 18 6.43 -10.47 -1.34
N PRO B 19 7.36 -10.70 -2.27
CA PRO B 19 8.37 -11.75 -2.11
C PRO B 19 9.38 -11.38 -1.02
N GLU B 20 9.68 -12.32 -0.16
CA GLU B 20 10.65 -12.13 0.91
C GLU B 20 12.03 -11.92 0.31
N GLY B 21 12.74 -10.92 0.78
CA GLY B 21 14.01 -10.55 0.18
C GLY B 21 13.82 -9.57 -0.96
N SER B 22 12.57 -9.17 -1.15
CA SER B 22 12.21 -8.27 -2.23
C SER B 22 11.03 -7.38 -1.84
N CYS B 23 10.78 -7.28 -0.54
CA CYS B 23 9.73 -6.42 -0.02
C CYS B 23 10.33 -5.06 0.30
N THR B 24 10.23 -4.13 -0.63
CA THR B 24 10.81 -2.82 -0.42
C THR B 24 9.73 -1.80 -0.16
N GLU B 25 10.06 -0.78 0.61
CA GLU B 25 9.11 0.26 0.96
C GLU B 25 8.75 1.07 -0.26
N ASN B 26 9.74 1.25 -1.12
CA ASN B 26 9.60 2.11 -2.28
C ASN B 26 8.54 1.59 -3.23
N ASP B 27 8.59 0.30 -3.56
CA ASP B 27 7.69 -0.26 -4.58
C ASP B 27 6.26 -0.34 -4.08
N VAL B 28 6.12 -0.73 -2.82
CA VAL B 28 4.81 -0.83 -2.18
C VAL B 28 4.12 0.54 -2.20
N ILE B 29 4.87 1.54 -1.79
CA ILE B 29 4.41 2.92 -1.82
C ILE B 29 4.26 3.42 -3.26
N ASN B 30 5.12 2.94 -4.17
CA ASN B 30 5.01 3.31 -5.58
C ASN B 30 3.65 2.94 -6.13
N LEU B 31 3.04 1.93 -5.54
CA LEU B 31 1.68 1.58 -5.90
C LEU B 31 0.69 2.55 -5.27
N GLY B 32 0.95 2.91 -4.01
CA GLY B 32 0.08 3.83 -3.30
C GLY B 32 0.01 5.25 -3.85
N LEU B 33 1.16 5.86 -4.06
CA LEU B 33 1.22 7.30 -4.35
C LEU B 33 0.51 7.75 -5.64
N PRO B 34 0.63 7.03 -6.77
CA PRO B 34 -0.01 7.46 -8.02
C PRO B 34 -1.53 7.57 -7.92
N PHE B 35 -2.14 6.81 -7.03
CA PHE B 35 -3.60 6.84 -6.87
C PHE B 35 -4.03 7.65 -5.66
N GLY B 36 -3.10 7.93 -4.75
CA GLY B 36 -3.45 8.65 -3.54
C GLY B 36 -2.24 9.06 -2.73
N LYS B 37 -2.47 9.63 -1.57
CA LYS B 37 -1.38 10.10 -0.73
C LYS B 37 -1.02 9.03 0.29
N VAL B 38 0.24 8.61 0.28
CA VAL B 38 0.71 7.67 1.27
C VAL B 38 1.24 8.42 2.50
N THR B 39 0.54 8.25 3.61
CA THR B 39 0.94 8.86 4.85
C THR B 39 1.70 7.89 5.73
N ASN B 40 1.30 6.62 5.68
CA ASN B 40 1.91 5.57 6.48
C ASN B 40 2.06 4.30 5.68
N TYR B 41 3.07 3.52 6.02
CA TYR B 41 3.34 2.27 5.36
C TYR B 41 4.04 1.33 6.34
N ILE B 42 3.85 0.04 6.18
CA ILE B 42 4.40 -0.94 7.09
C ILE B 42 4.79 -2.16 6.29
N LEU B 43 6.03 -2.59 6.36
CA LEU B 43 6.46 -3.75 5.60
C LEU B 43 6.69 -4.91 6.52
N MET B 44 5.99 -6.01 6.30
CA MET B 44 6.18 -7.17 7.16
C MET B 44 6.91 -8.24 6.38
N LYS B 45 8.23 -8.09 6.34
CA LYS B 45 9.10 -9.04 5.66
C LYS B 45 8.89 -10.47 6.15
N SER B 46 8.50 -10.63 7.39
CA SER B 46 8.39 -11.95 7.98
C SER B 46 7.22 -12.72 7.36
N THR B 47 6.10 -12.04 7.16
CA THR B 47 4.90 -12.67 6.64
C THR B 47 4.74 -12.45 5.14
N ASN B 48 5.74 -11.81 4.52
CA ASN B 48 5.71 -11.51 3.08
C ASN B 48 4.49 -10.65 2.74
N GLN B 49 4.16 -9.74 3.63
CA GLN B 49 2.99 -8.89 3.50
C GLN B 49 3.30 -7.48 3.98
N ALA B 50 2.42 -6.54 3.70
CA ALA B 50 2.67 -5.16 4.07
C ALA B 50 1.36 -4.36 4.18
N PHE B 51 1.45 -3.19 4.80
CA PHE B 51 0.32 -2.28 4.93
C PHE B 51 0.60 -0.94 4.29
N LEU B 52 -0.45 -0.31 3.80
CA LEU B 52 -0.35 0.98 3.12
C LEU B 52 -1.49 1.89 3.58
N GLU B 53 -1.14 3.03 4.16
CA GLU B 53 -2.13 3.98 4.62
C GLU B 53 -2.31 5.10 3.60
N MET B 54 -3.57 5.39 3.31
CA MET B 54 -3.94 6.39 2.32
C MET B 54 -4.73 7.49 3.00
N ALA B 55 -4.68 8.69 2.43
CA ALA B 55 -5.20 9.87 3.10
C ALA B 55 -6.72 9.95 3.02
N TYR B 56 -7.30 9.22 2.07
CA TYR B 56 -8.74 9.21 1.90
C TYR B 56 -9.21 7.80 1.53
N THR B 57 -10.45 7.49 1.90
CA THR B 57 -11.03 6.18 1.65
C THR B 57 -11.24 5.96 0.14
N GLU B 58 -11.43 7.06 -0.58
CA GLU B 58 -11.55 7.02 -2.03
C GLU B 58 -10.32 6.41 -2.68
N ALA B 59 -9.17 6.62 -2.05
CA ALA B 59 -7.92 6.13 -2.60
C ALA B 59 -7.82 4.62 -2.45
N ALA B 60 -8.23 4.13 -1.28
CA ALA B 60 -8.13 2.73 -0.96
C ALA B 60 -8.99 1.87 -1.88
N GLN B 61 -10.23 2.30 -2.08
CA GLN B 61 -11.14 1.53 -2.92
C GLN B 61 -10.71 1.58 -4.38
N ALA B 62 -10.18 2.73 -4.79
CA ALA B 62 -9.73 2.91 -6.17
C ALA B 62 -8.56 1.99 -6.48
N MET B 63 -7.61 1.90 -5.56
CA MET B 63 -6.44 1.06 -5.77
C MET B 63 -6.83 -0.41 -5.77
N VAL B 64 -7.72 -0.79 -4.85
CA VAL B 64 -8.20 -2.17 -4.80
C VAL B 64 -8.84 -2.55 -6.13
N GLN B 65 -9.69 -1.67 -6.65
CA GLN B 65 -10.34 -1.90 -7.94
C GLN B 65 -9.32 -2.04 -9.05
N TYR B 66 -8.28 -1.20 -9.01
CA TYR B 66 -7.27 -1.20 -10.04
C TYR B 66 -6.45 -2.49 -10.01
N TYR B 67 -5.91 -2.82 -8.83
CA TYR B 67 -5.02 -3.97 -8.69
C TYR B 67 -5.76 -5.30 -8.73
N GLN B 68 -7.08 -5.27 -8.61
CA GLN B 68 -7.87 -6.48 -8.82
C GLN B 68 -7.93 -6.81 -10.30
N GLU B 69 -8.12 -5.79 -11.12
CA GLU B 69 -8.18 -5.99 -12.57
C GLU B 69 -6.79 -5.96 -13.20
N LYS B 70 -5.93 -5.08 -12.71
CA LYS B 70 -4.55 -4.99 -13.16
C LYS B 70 -3.59 -4.93 -11.98
N PRO B 71 -3.20 -6.09 -11.43
CA PRO B 71 -2.28 -6.19 -10.29
C PRO B 71 -0.85 -5.79 -10.64
N ALA B 72 -0.06 -5.48 -9.61
CA ALA B 72 1.31 -5.06 -9.81
C ALA B 72 2.25 -6.26 -9.73
N ILE B 73 3.22 -6.30 -10.63
CA ILE B 73 4.13 -7.43 -10.69
C ILE B 73 5.45 -7.11 -9.97
N ILE B 74 5.78 -7.92 -8.98
CA ILE B 74 7.05 -7.79 -8.28
C ILE B 74 7.77 -9.14 -8.27
N ASN B 75 8.90 -9.21 -8.99
CA ASN B 75 9.70 -10.43 -9.09
C ASN B 75 8.84 -11.60 -9.56
N GLY B 76 7.95 -11.31 -10.50
CA GLY B 76 7.14 -12.33 -11.11
C GLY B 76 5.88 -12.67 -10.33
N GLU B 77 5.67 -12.01 -9.20
CA GLU B 77 4.50 -12.28 -8.38
C GLU B 77 3.58 -11.07 -8.32
N LYS B 78 2.31 -11.28 -8.64
CA LYS B 78 1.30 -10.23 -8.64
C LYS B 78 0.93 -9.83 -7.20
N LEU B 79 0.95 -8.52 -6.95
CA LEU B 79 0.62 -8.00 -5.63
C LEU B 79 -0.88 -7.79 -5.50
N LEU B 80 -1.40 -8.09 -4.32
CA LEU B 80 -2.81 -7.91 -4.04
C LEU B 80 -3.01 -6.81 -3.00
N ILE B 81 -3.60 -5.69 -3.43
CA ILE B 81 -3.95 -4.62 -2.51
C ILE B 81 -5.42 -4.69 -2.15
N ARG B 82 -5.70 -4.84 -0.86
CA ARG B 82 -7.07 -4.99 -0.38
C ARG B 82 -7.22 -4.37 1.01
N MET B 83 -8.45 -4.17 1.43
CA MET B 83 -8.71 -3.59 2.74
C MET B 83 -8.64 -4.67 3.81
N SER B 84 -8.05 -4.35 4.94
CA SER B 84 -7.91 -5.34 6.02
C SER B 84 -9.21 -5.50 6.78
N THR B 85 -9.51 -6.74 7.12
CA THR B 85 -10.72 -7.08 7.83
C THR B 85 -10.51 -7.03 9.35
N ARG B 86 -9.24 -6.97 9.76
CA ARG B 86 -8.90 -7.15 11.17
C ARG B 86 -8.63 -5.83 11.89
N TYR B 87 -8.18 -4.82 11.17
CA TYR B 87 -7.78 -3.56 11.80
C TYR B 87 -8.43 -2.35 11.14
N LYS B 88 -8.70 -1.33 11.96
CA LYS B 88 -9.25 -0.07 11.48
C LYS B 88 -8.23 1.04 11.52
N GLU B 89 -7.07 0.80 12.13
CA GLU B 89 -6.06 1.83 12.25
C GLU B 89 -4.65 1.26 12.10
N LEU B 90 -3.75 2.09 11.60
CA LEU B 90 -2.35 1.72 11.46
C LEU B 90 -1.48 2.59 12.35
N GLN B 91 -0.70 1.95 13.21
CA GLN B 91 0.18 2.67 14.10
C GLN B 91 1.65 2.37 13.76
N LEU B 92 2.40 3.42 13.45
CA LEU B 92 3.82 3.27 13.13
C LEU B 92 4.63 2.93 14.37
N LYS B 93 4.96 1.66 14.53
CA LYS B 93 5.89 1.24 15.58
C LYS B 93 7.31 1.43 15.08
N LYS B 94 7.44 1.61 13.77
CA LYS B 94 8.72 1.89 13.16
C LYS B 94 8.61 3.20 12.39
N PRO B 95 9.61 4.09 12.52
CA PRO B 95 9.59 5.40 11.88
C PRO B 95 9.54 5.30 10.35
N GLY B 96 9.09 6.37 9.72
CA GLY B 96 8.93 6.37 8.29
C GLY B 96 9.72 7.48 7.65
N LYS B 97 10.27 7.19 6.49
CA LYS B 97 11.04 8.17 5.74
C LYS B 97 10.07 9.06 4.96
N ASN B 98 10.55 10.18 4.45
CA ASN B 98 9.73 11.05 3.62
C ASN B 98 9.20 10.29 2.41
N VAL B 99 7.88 10.23 2.31
CA VAL B 99 7.22 9.48 1.27
C VAL B 99 7.05 10.33 0.00
N ALA B 100 7.12 11.65 0.16
CA ALA B 100 7.03 12.57 -0.98
C ALA B 100 8.18 12.32 -1.97
N ALA B 101 9.33 11.93 -1.43
CA ALA B 101 10.48 11.60 -2.26
C ALA B 101 10.19 10.38 -3.13
N ILE B 102 9.30 9.54 -2.64
CA ILE B 102 8.89 8.35 -3.37
C ILE B 102 8.03 8.73 -4.57
N ILE B 103 7.28 9.84 -4.43
CA ILE B 103 6.54 10.39 -5.57
C ILE B 103 7.53 10.78 -6.67
N GLN B 104 8.62 11.41 -6.27
CA GLN B 104 9.68 11.79 -7.20
C GLN B 104 10.28 10.55 -7.84
N ASP B 105 10.33 9.47 -7.07
CA ASP B 105 10.87 8.20 -7.54
C ASP B 105 9.99 7.61 -8.63
N ILE B 106 8.68 7.66 -8.41
CA ILE B 106 7.70 7.14 -9.36
C ILE B 106 7.77 7.90 -10.68
N HIS B 107 7.80 9.23 -10.59
CA HIS B 107 7.87 10.07 -11.77
C HIS B 107 9.16 9.85 -12.55
N SER B 108 10.23 9.51 -11.84
CA SER B 108 11.49 9.20 -12.47
C SER B 108 11.45 7.80 -13.10
N GLN B 109 10.57 6.94 -12.55
CA GLN B 109 10.45 5.54 -12.95
C GLN B 109 11.69 4.76 -12.54
N ARG B 110 12.81 5.06 -13.19
CA ARG B 110 14.08 4.47 -12.83
C ARG B 110 15.08 5.58 -12.55
N GLU B 111 15.98 5.32 -11.60
CA GLU B 111 17.00 6.29 -11.22
C GLU B 111 16.38 7.57 -10.66
N ARG B 112 15.94 7.50 -9.41
CA ARG B 112 15.36 8.65 -8.73
C ARG B 112 16.38 9.77 -8.62
#